data_8DDQ
#
_entry.id   8DDQ
#
_cell.length_a   1.00
_cell.length_b   1.00
_cell.length_c   1.00
_cell.angle_alpha   90.00
_cell.angle_beta   90.00
_cell.angle_gamma   90.00
#
_symmetry.space_group_name_H-M   'P 1'
#
loop_
_entity.id
_entity.type
_entity.pdbx_description
1 polymer 'Transient receptor potential cation channel, subfamily M, member 3'
2 polymer 'Unidentified segment at the N-terminus of TRPM3'
3 non-polymer 1,2-DIACYL-GLYCEROL-3-SN-PHOSPHATE
4 non-polymer (3beta,14beta,17beta,25R)-3-[4-methoxy-3-(methoxymethyl)butoxy]spirost-5-en
5 non-polymer 'SODIUM ION'
#
loop_
_entity_poly.entity_id
_entity_poly.type
_entity_poly.pdbx_seq_one_letter_code
_entity_poly.pdbx_strand_id
1 'polypeptide(L)'
;MGKKWRDAGELERGCSDREDSAESRRRSRSASRGRFAESWKRLSSKQGSTKRSGLPAQQTPAQKSWIERAFYKRECVHII
PSTKDPHRCCCGRLIGQHVGLTPSISVLQNEKNESRLSRNDIQSEKWSISKHTQLSPTDAFGTIEFQGGGHSNKAMYVRV
SFDTKPDLLLHLMTKEWQLELPKLLISVHGGLQNFELQPKLKQVFGKGLIKAAMTTGAWIFTGGVNTGVIRHVGDALKDH
ASKSRGKICTIGIAPWGIVENQEDLIGRDVVRPYQTMSNPMSKLTVLNSMHSHFILADNGTTGKYGAEVKLRRQLEKHIS
LQKINTRIGQGVPVVALIVEGGPNVISIVLEYLRDTPPVPVVVCDGSGRASDILAFGHKYSEEGGLINESLRDQLLVTIQ
KTFTYTRTQAQHLFIILMECMKKKELITVFRMGSEGHQDIDLAILTALLKGANASAPDQLSLALAWNRVDIARSQIFIYG
QQWPVGSLEQAMLDALVLDRVDFVKLLIENGVSMHRFLTISRLEELYNTRHGPSNTLYHLVRDVKKGNLPPDYRISLIDI
GLVIEYLMGGAYRCNYTRKRFRTLYHNLFGPKRPKALKLLGMEDDIPLRRGRKTTKKREEEVDIDLDDPEINHFPFPFHE
LMVWAVLMKRQKMALFFWQHGEEAMAKALVACKLCKAMAHEASENDMVDDISQELNHNSRDFGQLAVELLDQSYKQDEQL
AMKLLTYELKNWSNATCLQLAVAAKHRDFIAHTCSQMLLTDMWMGRLRMRKNSGLKVILGILLPPSILSLEFKNKDDMPY
MTQAQEIHLQEKEPEEPEKPTKEKDEEDMELTAMLGRSNGESSRKKDEEEVQSRHRLIPVGRKIYEFYNAPIVKFWFYTL
AYIGYLMLFNYIVLVKMERWPSTQEWIVISYIFTLGIEKMREILMSEPGKLLQKVKVWLQEYWNVTDLIAILLFSVGMIL
RLQDQPFRSDGRVIYCVNIIYWYIRLLDIFGVNKYLGPYVMMIGKMMIDMMYFVIIMLVVLMSFGVARQAILFPNEEPSW
KLAKNIFYMPYWMIYGEVFADQIDPPCGQNETREDGKTIQLPPCKTGAWIVPAIMACYLLVANILLVNLLIAVFNNTFFE
VKSISNQVWKFQRYQLIMTFHERPVLPPPLIIFSHMTMIFQHVCCRWRKHESDQDERDYGLKLFITDDELKKVHDFEEQC
IEEYFREKDDRFNSSNDERIRVTSERVENMSMRLEEVNEREHSMKASLQTVDIRLAQLEDLIGRMATALERLTGLERAES
NKIRSRTSSDCTDAAYIVRQSSFNSQEGNTFKLQESIDPAGEETISPTSPTLMPRMRSHSFYSV
;
A,B,C,D
2 'polypeptide(L)'
;(UNK)(UNK)(UNK)(UNK)(UNK)(UNK)(UNK)(UNK)(UNK)(UNK)(UNK)(UNK)(UNK)(UNK)(UNK)(UNK)
(UNK)
;
E,F,G,H
#
# COMPACT_ATOMS: atom_id res chain seq x y z
N ILE A 129 -69.00 -9.30 -44.18
CA ILE A 129 -69.64 -8.64 -43.05
C ILE A 129 -68.74 -7.54 -42.49
N SER A 130 -69.31 -6.34 -42.34
CA SER A 130 -68.55 -5.16 -41.90
C SER A 130 -68.36 -5.22 -40.39
N LYS A 131 -67.46 -6.13 -39.98
CA LYS A 131 -67.15 -6.37 -38.57
C LYS A 131 -68.41 -6.69 -37.78
N HIS A 132 -69.10 -7.75 -38.19
CA HIS A 132 -70.32 -8.20 -37.52
C HIS A 132 -69.92 -8.91 -36.22
N THR A 133 -69.51 -8.11 -35.25
CA THR A 133 -69.04 -8.59 -33.97
C THR A 133 -69.74 -7.85 -32.84
N GLN A 134 -70.05 -8.55 -31.77
CA GLN A 134 -70.63 -7.92 -30.59
C GLN A 134 -69.58 -7.10 -29.86
N LEU A 135 -70.04 -6.29 -28.91
CA LEU A 135 -69.17 -5.48 -28.07
C LEU A 135 -69.38 -5.90 -26.62
N SER A 136 -68.65 -6.90 -26.20
CA SER A 136 -68.66 -7.30 -24.80
C SER A 136 -67.56 -6.57 -24.04
N PRO A 137 -67.72 -6.36 -22.73
CA PRO A 137 -66.68 -5.68 -21.96
C PRO A 137 -65.37 -6.47 -21.97
N THR A 138 -64.31 -5.81 -21.52
CA THR A 138 -62.98 -6.38 -21.61
C THR A 138 -62.89 -7.70 -20.84
N ASP A 139 -62.27 -8.69 -21.47
CA ASP A 139 -62.15 -10.03 -20.89
C ASP A 139 -60.73 -10.42 -20.53
N ALA A 140 -59.71 -9.78 -21.10
CA ALA A 140 -58.32 -10.15 -20.90
C ALA A 140 -57.51 -8.93 -20.53
N PHE A 141 -57.09 -8.84 -19.28
CA PHE A 141 -56.21 -7.76 -18.84
C PHE A 141 -55.58 -8.16 -17.51
N GLY A 142 -54.52 -7.46 -17.15
CA GLY A 142 -53.84 -7.73 -15.90
C GLY A 142 -52.33 -7.63 -15.98
N THR A 143 -51.64 -8.72 -15.60
CA THR A 143 -50.18 -8.74 -15.60
C THR A 143 -49.72 -10.09 -16.14
N ILE A 144 -48.55 -10.09 -16.77
CA ILE A 144 -47.93 -11.31 -17.28
C ILE A 144 -46.46 -11.30 -16.90
N GLU A 145 -45.97 -12.48 -16.52
CA GLU A 145 -44.54 -12.70 -16.32
C GLU A 145 -44.03 -13.59 -17.44
N PHE A 146 -42.89 -13.24 -18.01
CA PHE A 146 -42.33 -13.97 -19.14
C PHE A 146 -41.39 -15.05 -18.62
N GLN A 147 -41.69 -16.30 -18.97
CA GLN A 147 -40.88 -17.45 -18.59
C GLN A 147 -40.23 -18.03 -19.83
N GLY A 148 -38.91 -18.19 -19.80
CA GLY A 148 -38.20 -18.76 -20.92
C GLY A 148 -36.90 -18.05 -21.23
N GLY A 149 -36.83 -16.75 -20.96
CA GLY A 149 -35.62 -15.98 -21.17
C GLY A 149 -34.72 -15.97 -19.96
N GLY A 150 -33.65 -15.20 -20.07
CA GLY A 150 -32.73 -15.03 -18.97
C GLY A 150 -33.09 -13.95 -17.98
N HIS A 151 -34.24 -13.29 -18.16
CA HIS A 151 -34.66 -12.19 -17.32
C HIS A 151 -36.00 -12.50 -16.68
N SER A 152 -36.30 -11.78 -15.60
CA SER A 152 -37.58 -11.86 -14.92
C SER A 152 -38.25 -10.50 -15.09
N ASN A 153 -39.10 -10.40 -16.11
CA ASN A 153 -39.73 -9.14 -16.48
C ASN A 153 -41.24 -9.28 -16.42
N LYS A 154 -41.90 -8.28 -15.87
CA LYS A 154 -43.35 -8.24 -15.74
C LYS A 154 -43.92 -7.15 -16.64
N ALA A 155 -45.04 -7.43 -17.27
CA ALA A 155 -45.67 -6.50 -18.20
C ALA A 155 -47.16 -6.39 -17.91
N MET A 156 -47.71 -5.19 -18.06
CA MET A 156 -49.13 -4.95 -17.91
C MET A 156 -49.78 -4.93 -19.28
N TYR A 157 -51.02 -5.39 -19.36
CA TYR A 157 -51.68 -5.48 -20.65
C TYR A 157 -53.18 -5.32 -20.47
N VAL A 158 -53.85 -4.89 -21.54
CA VAL A 158 -55.30 -4.80 -21.63
C VAL A 158 -55.70 -5.17 -23.05
N ARG A 159 -56.81 -5.88 -23.19
CA ARG A 159 -57.37 -6.21 -24.49
C ARG A 159 -58.55 -5.29 -24.76
N VAL A 160 -58.41 -4.43 -25.77
CA VAL A 160 -59.40 -3.40 -26.06
C VAL A 160 -59.69 -3.37 -27.55
N SER A 161 -60.83 -2.79 -27.90
CA SER A 161 -61.21 -2.63 -29.29
C SER A 161 -60.41 -1.49 -29.92
N PHE A 162 -60.57 -1.34 -31.23
CA PHE A 162 -59.84 -0.34 -31.99
C PHE A 162 -60.59 0.99 -32.09
N ASP A 163 -61.70 1.14 -31.36
CA ASP A 163 -62.46 2.37 -31.34
C ASP A 163 -62.37 3.09 -29.99
N THR A 164 -61.45 2.67 -29.12
CA THR A 164 -61.32 3.32 -27.83
C THR A 164 -60.75 4.73 -28.00
N LYS A 165 -61.37 5.69 -27.32
CA LYS A 165 -60.93 7.07 -27.44
C LYS A 165 -59.58 7.27 -26.76
N PRO A 166 -58.71 8.11 -27.31
CA PRO A 166 -57.37 8.26 -26.72
C PRO A 166 -57.38 8.80 -25.30
N ASP A 167 -58.39 9.59 -24.92
CA ASP A 167 -58.44 10.12 -23.56
C ASP A 167 -58.61 9.01 -22.54
N LEU A 168 -59.43 8.00 -22.85
CA LEU A 168 -59.61 6.87 -21.95
C LEU A 168 -58.30 6.11 -21.78
N LEU A 169 -57.57 5.91 -22.88
CA LEU A 169 -56.27 5.23 -22.81
C LEU A 169 -55.28 6.03 -21.99
N LEU A 170 -55.28 7.36 -22.16
CA LEU A 170 -54.37 8.20 -21.38
C LEU A 170 -54.71 8.14 -19.90
N HIS A 171 -56.00 8.12 -19.56
CA HIS A 171 -56.41 7.96 -18.17
C HIS A 171 -55.95 6.62 -17.62
N LEU A 172 -56.09 5.56 -18.40
CA LEU A 172 -55.62 4.23 -17.99
C LEU A 172 -54.12 4.23 -17.75
N MET A 173 -53.36 4.87 -18.63
CA MET A 173 -51.90 4.83 -18.51
C MET A 173 -51.40 5.69 -17.37
N THR A 174 -52.04 6.83 -17.13
CA THR A 174 -51.57 7.77 -16.12
C THR A 174 -52.14 7.51 -14.74
N LYS A 175 -53.21 6.73 -14.61
CA LYS A 175 -53.79 6.43 -13.31
C LYS A 175 -53.72 4.95 -12.96
N GLU A 176 -54.20 4.07 -13.83
CA GLU A 176 -54.16 2.65 -13.54
C GLU A 176 -52.73 2.11 -13.60
N TRP A 177 -51.98 2.46 -14.64
CA TRP A 177 -50.60 2.05 -14.76
C TRP A 177 -49.63 2.99 -14.06
N GLN A 178 -50.10 4.17 -13.63
CA GLN A 178 -49.30 5.12 -12.85
C GLN A 178 -48.05 5.55 -13.59
N LEU A 179 -48.25 6.15 -14.76
CA LEU A 179 -47.17 6.64 -15.61
C LEU A 179 -47.24 8.16 -15.70
N GLU A 180 -46.14 8.82 -15.36
CA GLU A 180 -46.06 10.26 -15.53
C GLU A 180 -46.00 10.62 -17.01
N LEU A 181 -46.59 11.76 -17.35
CA LEU A 181 -46.60 12.21 -18.74
C LEU A 181 -45.17 12.35 -19.25
N PRO A 182 -44.90 11.95 -20.48
CA PRO A 182 -43.53 11.99 -20.98
C PRO A 182 -43.15 13.37 -21.49
N LYS A 183 -41.86 13.67 -21.39
CA LYS A 183 -41.29 14.87 -21.98
C LYS A 183 -40.86 14.64 -23.42
N LEU A 184 -41.04 13.43 -23.94
CA LEU A 184 -40.63 13.05 -25.28
C LEU A 184 -41.38 11.78 -25.65
N LEU A 185 -41.67 11.63 -26.94
CA LEU A 185 -42.41 10.47 -27.45
C LEU A 185 -41.73 9.98 -28.72
N ILE A 186 -40.92 8.93 -28.60
CA ILE A 186 -40.31 8.28 -29.74
C ILE A 186 -41.26 7.22 -30.28
N SER A 187 -41.50 7.25 -31.59
CA SER A 187 -42.43 6.32 -32.24
C SER A 187 -41.66 5.56 -33.31
N VAL A 188 -41.17 4.37 -32.96
CA VAL A 188 -40.34 3.59 -33.87
C VAL A 188 -41.22 2.84 -34.87
N HIS A 189 -40.87 2.95 -36.15
CA HIS A 189 -41.52 2.24 -37.23
C HIS A 189 -40.49 1.45 -38.01
N GLY A 190 -40.97 0.65 -38.95
CA GLY A 190 -40.07 -0.15 -39.76
C GLY A 190 -40.83 -1.28 -40.46
N GLY A 191 -40.06 -2.29 -40.85
CA GLY A 191 -40.61 -3.44 -41.57
C GLY A 191 -40.80 -4.62 -40.63
N LEU A 192 -41.98 -5.23 -40.71
CA LEU A 192 -42.33 -6.34 -39.83
C LEU A 192 -41.59 -7.62 -40.18
N GLN A 193 -41.03 -7.71 -41.38
CA GLN A 193 -40.31 -8.92 -41.75
C GLN A 193 -39.05 -9.08 -40.91
N ASN A 194 -38.75 -10.32 -40.53
CA ASN A 194 -37.65 -10.62 -39.61
C ASN A 194 -36.34 -10.46 -40.36
N PHE A 195 -35.88 -9.21 -40.46
CA PHE A 195 -34.66 -8.88 -41.19
C PHE A 195 -33.46 -8.98 -40.25
N GLU A 196 -32.29 -8.54 -40.73
CA GLU A 196 -31.06 -8.58 -39.95
C GLU A 196 -30.29 -7.30 -40.16
N LEU A 197 -29.71 -6.77 -39.08
CA LEU A 197 -28.90 -5.57 -39.13
C LEU A 197 -27.42 -5.93 -39.15
N GLN A 198 -26.66 -5.23 -39.98
CA GLN A 198 -25.22 -5.44 -40.04
C GLN A 198 -24.60 -5.04 -38.70
N PRO A 199 -23.65 -5.81 -38.17
CA PRO A 199 -23.00 -5.43 -36.92
C PRO A 199 -22.27 -4.11 -37.04
N LYS A 200 -21.92 -3.55 -35.87
CA LYS A 200 -21.27 -2.25 -35.73
C LYS A 200 -22.25 -1.12 -36.04
N LEU A 201 -23.45 -1.49 -36.50
CA LEU A 201 -24.57 -0.57 -36.66
C LEU A 201 -25.71 -0.87 -35.70
N LYS A 202 -25.98 -2.16 -35.45
CA LYS A 202 -27.00 -2.53 -34.48
C LYS A 202 -26.63 -2.05 -33.09
N GLN A 203 -25.35 -2.19 -32.73
CA GLN A 203 -24.91 -1.73 -31.41
C GLN A 203 -25.04 -0.22 -31.27
N VAL A 204 -24.64 0.53 -32.30
CA VAL A 204 -24.75 1.99 -32.24
C VAL A 204 -26.21 2.41 -32.15
N PHE A 205 -27.07 1.80 -32.96
CA PHE A 205 -28.50 2.11 -32.92
C PHE A 205 -29.08 1.83 -31.54
N GLY A 206 -28.75 0.67 -30.97
CA GLY A 206 -29.27 0.34 -29.65
C GLY A 206 -28.79 1.29 -28.58
N LYS A 207 -27.49 1.58 -28.57
CA LYS A 207 -26.95 2.49 -27.57
C LYS A 207 -27.57 3.88 -27.67
N GLY A 208 -27.70 4.39 -28.90
CA GLY A 208 -28.29 5.70 -29.08
C GLY A 208 -29.74 5.76 -28.65
N LEU A 209 -30.53 4.76 -29.04
CA LEU A 209 -31.94 4.74 -28.65
C LEU A 209 -32.09 4.63 -27.14
N ILE A 210 -31.30 3.77 -26.51
CA ILE A 210 -31.39 3.60 -25.06
C ILE A 210 -30.99 4.88 -24.34
N LYS A 211 -29.91 5.52 -24.78
CA LYS A 211 -29.49 6.77 -24.14
C LYS A 211 -30.53 7.86 -24.31
N ALA A 212 -31.08 8.00 -25.52
CA ALA A 212 -32.08 9.03 -25.76
C ALA A 212 -33.36 8.78 -24.97
N ALA A 213 -33.70 7.51 -24.72
CA ALA A 213 -34.89 7.22 -23.93
C ALA A 213 -34.63 7.31 -22.42
N MET A 214 -33.39 7.12 -21.99
CA MET A 214 -33.08 7.05 -20.57
C MET A 214 -32.70 8.40 -19.98
N THR A 215 -31.91 9.21 -20.70
CA THR A 215 -31.47 10.49 -20.15
C THR A 215 -32.66 11.38 -19.83
N THR A 216 -33.61 11.50 -20.76
CA THR A 216 -34.84 12.20 -20.52
C THR A 216 -35.94 11.20 -20.14
N GLY A 217 -37.13 11.72 -19.87
CA GLY A 217 -38.27 10.86 -19.61
C GLY A 217 -39.14 10.72 -20.83
N ALA A 218 -39.01 9.59 -21.52
CA ALA A 218 -39.65 9.40 -22.82
C ALA A 218 -40.41 8.09 -22.85
N TRP A 219 -41.44 8.06 -23.70
CA TRP A 219 -42.20 6.85 -24.00
C TRP A 219 -41.84 6.38 -25.39
N ILE A 220 -41.56 5.08 -25.52
CA ILE A 220 -41.27 4.46 -26.81
C ILE A 220 -42.50 3.69 -27.26
N PHE A 221 -42.92 3.90 -28.49
CA PHE A 221 -44.03 3.18 -29.09
C PHE A 221 -43.48 2.21 -30.14
N THR A 222 -43.79 0.93 -29.98
CA THR A 222 -43.35 -0.08 -30.93
C THR A 222 -44.51 -0.96 -31.37
N GLY A 223 -44.20 -2.03 -32.11
CA GLY A 223 -45.25 -2.93 -32.55
C GLY A 223 -45.58 -4.02 -31.56
N GLY A 224 -44.68 -4.30 -30.62
CA GLY A 224 -44.96 -5.24 -29.55
C GLY A 224 -44.57 -6.68 -29.83
N VAL A 225 -44.92 -7.18 -31.02
CA VAL A 225 -44.62 -8.55 -31.39
C VAL A 225 -43.12 -8.69 -31.64
N ASN A 226 -42.62 -9.92 -31.63
CA ASN A 226 -41.18 -10.16 -31.71
C ASN A 226 -40.77 -10.46 -33.15
N THR A 227 -40.77 -9.41 -33.96
CA THR A 227 -40.43 -9.53 -35.37
C THR A 227 -39.78 -8.26 -35.88
N GLY A 228 -38.71 -8.41 -36.65
CA GLY A 228 -38.15 -7.27 -37.37
C GLY A 228 -37.47 -6.29 -36.45
N VAL A 229 -37.85 -5.02 -36.58
CA VAL A 229 -37.22 -3.94 -35.82
C VAL A 229 -37.53 -4.07 -34.33
N ILE A 230 -38.72 -4.58 -33.99
CA ILE A 230 -39.09 -4.74 -32.59
C ILE A 230 -38.15 -5.73 -31.89
N ARG A 231 -37.73 -6.76 -32.62
CA ARG A 231 -36.74 -7.68 -32.06
C ARG A 231 -35.43 -6.95 -31.78
N HIS A 232 -35.03 -6.04 -32.66
CA HIS A 232 -33.79 -5.30 -32.44
C HIS A 232 -33.91 -4.36 -31.24
N VAL A 233 -35.05 -3.69 -31.08
CA VAL A 233 -35.20 -2.83 -29.90
C VAL A 233 -35.26 -3.67 -28.63
N GLY A 234 -35.84 -4.88 -28.70
CA GLY A 234 -35.79 -5.78 -27.56
C GLY A 234 -34.38 -6.19 -27.21
N ASP A 235 -33.55 -6.46 -28.22
CA ASP A 235 -32.15 -6.76 -27.97
C ASP A 235 -31.43 -5.57 -27.34
N ALA A 236 -31.74 -4.36 -27.82
CA ALA A 236 -31.14 -3.15 -27.25
C ALA A 236 -31.54 -2.98 -25.79
N LEU A 237 -32.81 -3.23 -25.46
CA LEU A 237 -33.24 -3.19 -24.07
C LEU A 237 -32.52 -4.26 -23.24
N LYS A 238 -32.35 -5.45 -23.82
CA LYS A 238 -31.68 -6.54 -23.12
C LYS A 238 -30.24 -6.19 -22.78
N ASP A 239 -29.53 -5.56 -23.73
CA ASP A 239 -28.15 -5.16 -23.48
C ASP A 239 -28.07 -4.13 -22.36
N HIS A 240 -29.01 -3.16 -22.36
CA HIS A 240 -28.98 -2.10 -21.36
C HIS A 240 -29.32 -2.61 -19.96
N ALA A 241 -30.17 -3.63 -19.86
CA ALA A 241 -30.64 -4.08 -18.55
C ALA A 241 -29.48 -4.57 -17.69
N SER A 242 -28.53 -5.28 -18.29
CA SER A 242 -27.38 -5.76 -17.53
C SER A 242 -26.51 -4.60 -17.06
N LYS A 243 -26.33 -3.58 -17.91
CA LYS A 243 -25.39 -2.51 -17.58
C LYS A 243 -25.89 -1.63 -16.45
N SER A 244 -27.14 -1.18 -16.51
CA SER A 244 -27.65 -0.20 -15.57
C SER A 244 -29.01 -0.65 -15.05
N ARG A 245 -29.51 0.11 -14.06
CA ARG A 245 -30.75 -0.20 -13.37
C ARG A 245 -31.90 0.73 -13.76
N GLY A 246 -31.68 1.62 -14.73
CA GLY A 246 -32.73 2.53 -15.14
C GLY A 246 -33.90 1.80 -15.78
N LYS A 247 -35.11 2.30 -15.52
CA LYS A 247 -36.32 1.71 -16.05
C LYS A 247 -36.84 2.57 -17.20
N ILE A 248 -37.09 1.93 -18.34
CA ILE A 248 -37.54 2.61 -19.55
C ILE A 248 -38.97 2.16 -19.85
N CYS A 249 -39.84 3.11 -20.14
CA CYS A 249 -41.24 2.83 -20.43
C CYS A 249 -41.39 2.54 -21.91
N THR A 250 -41.34 1.25 -22.26
CA THR A 250 -41.56 0.80 -23.63
C THR A 250 -42.98 0.29 -23.73
N ILE A 251 -43.74 0.82 -24.68
CA ILE A 251 -45.15 0.51 -24.84
C ILE A 251 -45.33 -0.17 -26.20
N GLY A 252 -45.89 -1.36 -26.20
CA GLY A 252 -46.17 -2.11 -27.41
C GLY A 252 -47.66 -2.13 -27.69
N ILE A 253 -48.02 -1.67 -28.88
CA ILE A 253 -49.42 -1.68 -29.34
C ILE A 253 -49.49 -2.65 -30.50
N ALA A 254 -50.06 -3.82 -30.26
CA ALA A 254 -50.13 -4.90 -31.23
C ALA A 254 -51.56 -5.38 -31.39
N PRO A 255 -51.91 -5.91 -32.55
CA PRO A 255 -53.24 -6.52 -32.70
C PRO A 255 -53.38 -7.77 -31.86
N TRP A 256 -54.61 -8.02 -31.41
CA TRP A 256 -54.87 -9.15 -30.53
C TRP A 256 -54.87 -10.48 -31.28
N GLY A 257 -55.11 -10.47 -32.58
CA GLY A 257 -55.27 -11.70 -33.34
C GLY A 257 -54.00 -12.40 -33.76
N ILE A 258 -52.83 -11.88 -33.40
CA ILE A 258 -51.55 -12.46 -33.80
C ILE A 258 -50.76 -13.01 -32.63
N VAL A 259 -51.25 -12.82 -31.39
CA VAL A 259 -50.56 -13.36 -30.24
C VAL A 259 -50.66 -14.88 -30.27
N GLU A 260 -49.53 -15.56 -30.08
CA GLU A 260 -49.49 -17.01 -30.26
C GLU A 260 -50.39 -17.72 -29.26
N ASN A 261 -50.38 -17.27 -28.01
CA ASN A 261 -51.24 -17.83 -26.96
C ASN A 261 -52.25 -16.76 -26.58
N GLN A 262 -53.38 -16.72 -27.29
CA GLN A 262 -54.45 -15.80 -26.91
C GLN A 262 -55.05 -16.19 -25.58
N GLU A 263 -55.18 -17.50 -25.33
CA GLU A 263 -55.45 -17.98 -23.98
C GLU A 263 -54.23 -17.71 -23.10
N ASP A 264 -54.33 -18.11 -21.84
CA ASP A 264 -53.31 -17.82 -20.82
C ASP A 264 -53.17 -16.32 -20.58
N LEU A 265 -54.08 -15.52 -21.12
CA LEU A 265 -54.09 -14.08 -20.90
C LEU A 265 -55.45 -13.57 -20.45
N ILE A 266 -56.44 -14.45 -20.28
CA ILE A 266 -57.80 -14.02 -19.99
C ILE A 266 -58.00 -13.67 -18.53
N GLY A 267 -57.15 -14.15 -17.63
CA GLY A 267 -57.31 -13.90 -16.21
C GLY A 267 -57.30 -12.43 -15.84
N ARG A 268 -58.46 -11.92 -15.44
CA ARG A 268 -58.58 -10.50 -15.11
C ARG A 268 -57.88 -10.19 -13.79
N ASP A 269 -57.00 -9.19 -13.81
CA ASP A 269 -56.32 -8.71 -12.62
C ASP A 269 -55.59 -9.83 -11.88
N VAL A 270 -54.92 -10.68 -12.64
CA VAL A 270 -54.14 -11.77 -12.05
C VAL A 270 -52.94 -12.05 -12.96
N VAL A 271 -51.80 -12.35 -12.33
CA VAL A 271 -50.59 -12.64 -13.09
C VAL A 271 -50.77 -13.92 -13.88
N ARG A 272 -50.18 -13.96 -15.08
CA ARG A 272 -50.27 -15.12 -15.96
C ARG A 272 -48.89 -15.38 -16.56
N PRO A 273 -48.29 -16.54 -16.32
CA PRO A 273 -46.99 -16.84 -16.94
C PRO A 273 -47.13 -16.98 -18.45
N TYR A 274 -46.05 -16.61 -19.15
CA TYR A 274 -46.03 -16.61 -20.60
C TYR A 274 -44.74 -17.23 -21.09
N GLN A 275 -44.83 -18.02 -22.16
CA GLN A 275 -43.68 -18.75 -22.68
C GLN A 275 -43.03 -17.95 -23.81
N THR A 276 -41.77 -17.56 -23.60
CA THR A 276 -41.07 -16.80 -24.63
C THR A 276 -40.66 -17.68 -25.80
N MET A 277 -40.44 -18.97 -25.56
CA MET A 277 -40.11 -19.88 -26.65
C MET A 277 -41.30 -20.00 -27.61
N SER A 278 -41.00 -20.03 -28.90
CA SER A 278 -42.03 -20.15 -29.93
C SER A 278 -41.66 -21.27 -30.89
N ASN A 279 -42.55 -21.48 -31.86
CA ASN A 279 -42.37 -22.48 -32.90
C ASN A 279 -42.67 -21.83 -34.24
N PRO A 280 -41.77 -21.93 -35.22
CA PRO A 280 -41.99 -21.21 -36.50
C PRO A 280 -43.22 -21.65 -37.28
N MET A 281 -43.73 -22.85 -37.02
CA MET A 281 -44.85 -23.38 -37.81
C MET A 281 -46.19 -22.79 -37.42
N SER A 282 -46.28 -22.03 -36.33
CA SER A 282 -47.56 -21.56 -35.81
C SER A 282 -48.09 -20.34 -36.54
N LYS A 283 -47.27 -19.65 -37.33
CA LYS A 283 -47.59 -18.46 -38.12
C LYS A 283 -47.91 -17.25 -37.25
N LEU A 284 -47.97 -17.40 -35.93
CA LEU A 284 -48.21 -16.29 -35.01
C LEU A 284 -46.91 -15.93 -34.31
N THR A 285 -46.84 -14.68 -33.85
CA THR A 285 -45.64 -14.16 -33.20
C THR A 285 -45.94 -13.91 -31.72
N VAL A 286 -44.96 -14.24 -30.88
CA VAL A 286 -45.10 -14.03 -29.44
C VAL A 286 -44.81 -12.57 -29.11
N LEU A 287 -45.49 -12.07 -28.08
CA LEU A 287 -45.20 -10.73 -27.59
C LEU A 287 -43.76 -10.66 -27.11
N ASN A 288 -43.04 -9.63 -27.54
CA ASN A 288 -41.65 -9.48 -27.15
C ASN A 288 -41.55 -9.16 -25.67
N SER A 289 -40.68 -9.88 -24.96
CA SER A 289 -40.36 -9.52 -23.60
C SER A 289 -39.58 -8.21 -23.58
N MET A 290 -39.19 -7.78 -22.38
CA MET A 290 -38.50 -6.52 -22.13
C MET A 290 -39.38 -5.31 -22.40
N HIS A 291 -40.60 -5.49 -22.90
CA HIS A 291 -41.56 -4.40 -23.03
C HIS A 291 -42.28 -4.20 -21.71
N SER A 292 -42.43 -2.93 -21.31
CA SER A 292 -43.03 -2.63 -20.02
C SER A 292 -44.53 -2.82 -20.03
N HIS A 293 -45.20 -2.38 -21.09
CA HIS A 293 -46.66 -2.42 -21.15
C HIS A 293 -47.10 -2.87 -22.53
N PHE A 294 -48.35 -3.33 -22.60
CA PHE A 294 -48.95 -3.76 -23.86
C PHE A 294 -50.37 -3.26 -23.97
N ILE A 295 -50.75 -2.85 -25.16
CA ILE A 295 -52.14 -2.53 -25.50
C ILE A 295 -52.52 -3.39 -26.69
N LEU A 296 -53.50 -4.26 -26.52
CA LEU A 296 -53.90 -5.21 -27.55
C LEU A 296 -55.15 -4.70 -28.25
N ALA A 297 -55.06 -4.55 -29.57
CA ALA A 297 -56.15 -3.99 -30.37
C ALA A 297 -56.98 -5.12 -30.94
N ASP A 298 -58.30 -5.02 -30.78
CA ASP A 298 -59.23 -6.05 -31.23
C ASP A 298 -60.22 -5.42 -32.20
N ASN A 299 -60.49 -6.12 -33.29
CA ASN A 299 -61.48 -5.67 -34.27
C ASN A 299 -62.53 -6.76 -34.51
N GLY A 300 -62.11 -8.02 -34.42
CA GLY A 300 -62.98 -9.15 -34.66
C GLY A 300 -62.31 -10.21 -35.49
N THR A 301 -61.46 -9.81 -36.42
CA THR A 301 -60.70 -10.77 -37.21
C THR A 301 -59.56 -11.34 -36.39
N THR A 302 -59.15 -12.55 -36.75
CA THR A 302 -58.03 -13.22 -36.11
C THR A 302 -57.03 -13.65 -37.16
N GLY A 303 -55.75 -13.69 -36.76
CA GLY A 303 -54.70 -14.05 -37.69
C GLY A 303 -54.38 -13.00 -38.73
N LYS A 304 -54.90 -11.78 -38.57
CA LYS A 304 -54.71 -10.71 -39.54
C LYS A 304 -54.16 -9.48 -38.85
N TYR A 305 -53.37 -8.71 -39.60
CA TYR A 305 -52.77 -7.48 -39.11
C TYR A 305 -53.71 -6.30 -39.39
N GLY A 306 -53.17 -5.09 -39.30
CA GLY A 306 -53.89 -3.88 -39.67
C GLY A 306 -55.07 -3.54 -38.78
N ALA A 307 -54.94 -3.76 -37.47
CA ALA A 307 -56.02 -3.48 -36.53
C ALA A 307 -55.59 -2.56 -35.40
N GLU A 308 -54.38 -2.02 -35.45
CA GLU A 308 -53.86 -1.18 -34.37
C GLU A 308 -53.20 0.11 -34.85
N VAL A 309 -53.04 0.30 -36.16
CA VAL A 309 -52.29 1.45 -36.66
C VAL A 309 -53.05 2.75 -36.39
N LYS A 310 -54.35 2.77 -36.67
CA LYS A 310 -55.13 3.99 -36.50
C LYS A 310 -55.18 4.41 -35.03
N LEU A 311 -55.39 3.45 -34.13
CA LEU A 311 -55.41 3.77 -32.71
C LEU A 311 -54.06 4.30 -32.25
N ARG A 312 -52.96 3.71 -32.74
CA ARG A 312 -51.63 4.18 -32.38
C ARG A 312 -51.43 5.63 -32.83
N ARG A 313 -51.79 5.93 -34.07
CA ARG A 313 -51.59 7.28 -34.58
C ARG A 313 -52.46 8.28 -33.83
N GLN A 314 -53.71 7.92 -33.54
CA GLN A 314 -54.60 8.81 -32.81
C GLN A 314 -54.09 9.06 -31.40
N LEU A 315 -53.57 8.03 -30.73
CA LEU A 315 -53.02 8.21 -29.39
C LEU A 315 -51.78 9.10 -29.44
N GLU A 316 -50.93 8.92 -30.45
CA GLU A 316 -49.76 9.78 -30.58
C GLU A 316 -50.16 11.24 -30.77
N LYS A 317 -51.14 11.49 -31.65
CA LYS A 317 -51.58 12.86 -31.89
C LYS A 317 -52.20 13.46 -30.64
N HIS A 318 -52.99 12.67 -29.89
CA HIS A 318 -53.59 13.18 -28.67
C HIS A 318 -52.54 13.50 -27.62
N ILE A 319 -51.51 12.65 -27.49
CA ILE A 319 -50.45 12.90 -26.52
C ILE A 319 -49.68 14.16 -26.90
N SER A 320 -49.40 14.35 -28.19
CA SER A 320 -48.65 15.52 -28.62
C SER A 320 -49.37 16.82 -28.28
N LEU A 321 -50.70 16.77 -28.15
CA LEU A 321 -51.46 17.97 -27.84
C LEU A 321 -51.49 18.28 -26.34
N GLN A 322 -51.03 17.37 -25.50
CA GLN A 322 -51.03 17.63 -24.06
C GLN A 322 -49.98 18.67 -23.72
N LYS A 323 -50.27 19.44 -22.67
CA LYS A 323 -49.40 20.53 -22.25
C LYS A 323 -48.36 20.01 -21.27
N ILE A 324 -47.09 20.09 -21.66
CA ILE A 324 -45.98 19.71 -20.80
C ILE A 324 -45.91 20.70 -19.64
N ASN A 325 -45.15 20.37 -18.60
CA ASN A 325 -45.11 21.20 -17.40
C ASN A 325 -44.66 22.63 -17.67
N THR A 326 -43.92 22.87 -18.75
CA THR A 326 -43.50 24.22 -19.08
C THR A 326 -44.70 25.08 -19.44
N ARG A 327 -44.70 26.32 -18.94
CA ARG A 327 -45.78 27.27 -19.20
C ARG A 327 -45.50 28.16 -20.40
N ILE A 328 -44.50 27.82 -21.21
CA ILE A 328 -44.28 28.53 -22.47
C ILE A 328 -45.49 28.35 -23.38
N GLY A 329 -46.04 27.15 -23.42
CA GLY A 329 -47.07 26.80 -24.38
C GLY A 329 -46.62 25.62 -25.21
N GLN A 330 -45.46 25.07 -24.85
CA GLN A 330 -44.91 23.93 -25.56
C GLN A 330 -45.72 22.67 -25.30
N GLY A 331 -45.97 21.90 -26.36
CA GLY A 331 -46.57 20.60 -26.23
C GLY A 331 -45.51 19.52 -26.14
N VAL A 332 -45.98 18.28 -25.98
CA VAL A 332 -45.06 17.14 -25.91
C VAL A 332 -44.44 16.92 -27.29
N PRO A 333 -43.12 16.88 -27.41
CA PRO A 333 -42.50 16.66 -28.72
C PRO A 333 -42.59 15.20 -29.14
N VAL A 334 -42.79 15.00 -30.44
CA VAL A 334 -42.91 13.67 -31.03
C VAL A 334 -41.92 13.55 -32.18
N VAL A 335 -41.15 12.47 -32.18
CA VAL A 335 -40.21 12.18 -33.25
C VAL A 335 -40.45 10.75 -33.71
N ALA A 336 -40.17 10.49 -34.99
CA ALA A 336 -40.37 9.19 -35.61
C ALA A 336 -39.02 8.62 -36.03
N LEU A 337 -38.79 7.36 -35.69
CA LEU A 337 -37.57 6.65 -36.05
C LEU A 337 -37.91 5.55 -37.04
N ILE A 338 -37.12 5.43 -38.10
CA ILE A 338 -37.38 4.50 -39.20
C ILE A 338 -36.17 3.61 -39.39
N VAL A 339 -36.39 2.30 -39.41
CA VAL A 339 -35.35 1.31 -39.71
C VAL A 339 -35.95 0.29 -40.66
N GLU A 340 -35.19 -0.06 -41.71
CA GLU A 340 -35.61 -1.03 -42.71
C GLU A 340 -36.88 -0.55 -43.42
N GLY A 341 -37.99 -1.26 -43.24
CA GLY A 341 -39.26 -0.79 -43.78
C GLY A 341 -39.73 -1.48 -45.04
N GLY A 342 -40.47 -0.75 -45.87
CA GLY A 342 -41.04 -1.28 -47.08
C GLY A 342 -41.94 -0.28 -47.78
N PRO A 343 -42.99 -0.77 -48.42
CA PRO A 343 -43.88 0.12 -49.18
C PRO A 343 -44.67 1.10 -48.32
N ASN A 344 -45.26 0.61 -47.23
CA ASN A 344 -46.13 1.45 -46.42
C ASN A 344 -45.36 2.47 -45.58
N VAL A 345 -44.05 2.26 -45.40
CA VAL A 345 -43.26 3.21 -44.63
C VAL A 345 -43.19 4.56 -45.33
N ILE A 346 -43.19 4.56 -46.66
CA ILE A 346 -43.22 5.82 -47.40
C ILE A 346 -44.51 6.57 -47.13
N SER A 347 -45.64 5.87 -47.13
CA SER A 347 -46.90 6.51 -46.81
C SER A 347 -46.92 7.03 -45.38
N ILE A 348 -46.33 6.26 -44.45
CA ILE A 348 -46.29 6.68 -43.05
C ILE A 348 -45.48 7.95 -42.90
N VAL A 349 -44.31 8.02 -43.54
CA VAL A 349 -43.47 9.20 -43.41
C VAL A 349 -44.12 10.38 -44.12
N LEU A 350 -44.83 10.15 -45.23
CA LEU A 350 -45.57 11.23 -45.87
C LEU A 350 -46.64 11.78 -44.94
N GLU A 351 -47.40 10.91 -44.28
CA GLU A 351 -48.45 11.38 -43.39
C GLU A 351 -47.87 12.06 -42.16
N TYR A 352 -46.67 11.67 -41.74
CA TYR A 352 -45.99 12.39 -40.66
C TYR A 352 -45.61 13.80 -41.12
N LEU A 353 -45.00 13.90 -42.30
CA LEU A 353 -44.62 15.22 -42.82
C LEU A 353 -45.84 16.08 -43.10
N ARG A 354 -46.90 15.49 -43.65
CA ARG A 354 -48.11 16.23 -43.98
C ARG A 354 -49.02 16.46 -42.78
N ASP A 355 -48.59 16.11 -41.57
CA ASP A 355 -49.41 16.31 -40.40
C ASP A 355 -49.61 17.79 -40.13
N THR A 356 -50.73 18.13 -39.50
CA THR A 356 -51.01 19.55 -39.21
C THR A 356 -49.91 20.17 -38.36
N PRO A 357 -49.49 19.58 -37.24
CA PRO A 357 -48.16 19.88 -36.72
C PRO A 357 -47.15 18.89 -37.30
N PRO A 358 -46.18 19.38 -38.07
CA PRO A 358 -45.21 18.45 -38.68
C PRO A 358 -44.41 17.70 -37.62
N VAL A 359 -44.06 16.46 -37.96
CA VAL A 359 -43.31 15.58 -37.08
C VAL A 359 -41.97 15.29 -37.74
N PRO A 360 -40.85 15.58 -37.09
CA PRO A 360 -39.55 15.23 -37.68
C PRO A 360 -39.38 13.71 -37.77
N VAL A 361 -38.65 13.29 -38.80
CA VAL A 361 -38.43 11.88 -39.08
C VAL A 361 -36.93 11.63 -39.17
N VAL A 362 -36.43 10.68 -38.39
CA VAL A 362 -35.04 10.24 -38.44
C VAL A 362 -34.98 8.92 -39.19
N VAL A 363 -34.12 8.84 -40.20
CA VAL A 363 -34.00 7.67 -41.05
C VAL A 363 -32.57 7.13 -40.95
N CYS A 364 -32.44 5.81 -40.92
CA CYS A 364 -31.14 5.15 -40.92
C CYS A 364 -30.79 4.72 -42.33
N ASP A 365 -29.60 5.12 -42.79
CA ASP A 365 -29.19 4.86 -44.16
C ASP A 365 -28.74 3.42 -44.38
N GLY A 366 -28.14 2.79 -43.39
CA GLY A 366 -27.56 1.46 -43.52
C GLY A 366 -28.53 0.31 -43.39
N SER A 367 -29.82 0.58 -43.26
CA SER A 367 -30.80 -0.49 -43.14
C SER A 367 -30.86 -1.32 -44.41
N GLY A 368 -30.85 -0.67 -45.58
CA GLY A 368 -30.81 -1.33 -46.87
C GLY A 368 -32.17 -1.47 -47.53
N ARG A 369 -33.24 -1.38 -46.76
CA ARG A 369 -34.59 -1.53 -47.29
C ARG A 369 -35.10 -0.16 -47.74
N ALA A 370 -36.42 -0.04 -47.91
CA ALA A 370 -37.02 1.19 -48.44
C ALA A 370 -36.67 2.44 -47.63
N SER A 371 -36.03 2.30 -46.46
CA SER A 371 -35.41 3.46 -45.83
C SER A 371 -34.19 3.91 -46.61
N ASP A 372 -33.47 2.96 -47.22
CA ASP A 372 -32.30 3.32 -48.02
C ASP A 372 -32.69 4.08 -49.28
N ILE A 373 -33.88 3.82 -49.83
CA ILE A 373 -34.33 4.65 -50.95
C ILE A 373 -34.61 6.07 -50.48
N LEU A 374 -35.11 6.24 -49.25
CA LEU A 374 -35.28 7.57 -48.69
C LEU A 374 -33.94 8.26 -48.51
N ALA A 375 -32.93 7.52 -48.02
CA ALA A 375 -31.60 8.10 -47.88
C ALA A 375 -31.03 8.49 -49.25
N PHE A 376 -31.22 7.65 -50.26
CA PHE A 376 -30.70 7.95 -51.59
C PHE A 376 -31.39 9.17 -52.19
N GLY A 377 -32.71 9.25 -52.03
CA GLY A 377 -33.43 10.44 -52.47
C GLY A 377 -33.08 11.69 -51.70
N HIS A 378 -32.60 11.54 -50.47
CA HIS A 378 -32.15 12.69 -49.69
C HIS A 378 -30.85 13.27 -50.23
N LYS A 379 -30.15 12.53 -51.10
CA LYS A 379 -28.86 12.97 -51.62
C LYS A 379 -29.02 13.62 -53.00
N TYR A 380 -28.40 14.78 -53.17
CA TYR A 380 -28.37 15.54 -54.41
C TYR A 380 -29.74 15.58 -55.09
N SER A 381 -30.72 16.12 -54.38
CA SER A 381 -32.06 16.32 -54.88
C SER A 381 -32.43 17.80 -54.83
N GLU A 382 -33.67 18.11 -55.17
CA GLU A 382 -34.15 19.48 -55.22
C GLU A 382 -34.33 20.05 -53.81
N VAL A 397 -33.13 12.09 -62.73
CA VAL A 397 -32.66 10.86 -62.13
C VAL A 397 -33.83 9.94 -61.81
N THR A 398 -34.14 9.02 -62.73
CA THR A 398 -35.23 8.07 -62.56
C THR A 398 -34.73 6.63 -62.59
N ILE A 399 -33.85 6.28 -63.52
CA ILE A 399 -33.32 4.92 -63.57
C ILE A 399 -32.51 4.62 -62.30
N GLN A 400 -31.69 5.58 -61.87
CA GLN A 400 -31.01 5.43 -60.59
C GLN A 400 -31.99 5.52 -59.43
N LYS A 401 -33.06 6.30 -59.60
CA LYS A 401 -34.11 6.35 -58.57
C LYS A 401 -34.84 5.03 -58.43
N THR A 402 -34.84 4.22 -59.49
CA THR A 402 -35.53 2.93 -59.44
C THR A 402 -34.95 2.07 -58.32
N PHE A 403 -35.83 1.51 -57.51
CA PHE A 403 -35.47 0.75 -56.32
C PHE A 403 -35.18 -0.71 -56.60
N THR A 404 -35.94 -1.33 -57.51
CA THR A 404 -35.84 -2.76 -57.82
C THR A 404 -36.04 -3.63 -56.58
N TYR A 405 -36.66 -3.08 -55.54
CA TYR A 405 -36.84 -3.79 -54.27
C TYR A 405 -38.23 -4.41 -54.19
N THR A 406 -39.27 -3.59 -54.33
CA THR A 406 -40.64 -4.10 -54.21
C THR A 406 -41.02 -4.93 -55.42
N ARG A 407 -41.19 -4.28 -56.57
CA ARG A 407 -41.63 -4.94 -57.79
C ARG A 407 -40.84 -4.44 -58.99
N THR A 408 -39.52 -4.31 -58.82
CA THR A 408 -38.60 -3.87 -59.87
C THR A 408 -39.01 -2.53 -60.46
N GLN A 409 -38.93 -2.41 -61.78
CA GLN A 409 -39.23 -1.16 -62.47
C GLN A 409 -40.61 -1.15 -63.11
N ALA A 410 -41.46 -2.12 -62.80
CA ALA A 410 -42.81 -2.14 -63.36
C ALA A 410 -43.61 -0.92 -62.91
N GLN A 411 -43.47 -0.54 -61.64
CA GLN A 411 -44.16 0.61 -61.08
C GLN A 411 -43.21 1.36 -60.16
N HIS A 412 -43.64 2.54 -59.72
CA HIS A 412 -42.86 3.34 -58.79
C HIS A 412 -43.79 4.11 -57.88
N LEU A 413 -43.43 4.16 -56.59
CA LEU A 413 -44.10 5.05 -55.64
C LEU A 413 -43.48 6.44 -55.71
N PHE A 414 -43.40 6.94 -56.95
CA PHE A 414 -42.65 8.15 -57.22
C PHE A 414 -43.38 9.39 -56.70
N ILE A 415 -44.71 9.44 -56.79
CA ILE A 415 -45.44 10.59 -56.27
C ILE A 415 -45.22 10.70 -54.76
N ILE A 416 -45.32 9.58 -54.05
CA ILE A 416 -45.16 9.59 -52.60
C ILE A 416 -43.73 9.96 -52.23
N LEU A 417 -42.74 9.34 -52.88
CA LEU A 417 -41.34 9.67 -52.57
C LEU A 417 -41.02 11.10 -52.93
N MET A 418 -41.58 11.62 -54.02
CA MET A 418 -41.30 12.99 -54.43
C MET A 418 -41.92 13.99 -53.46
N GLU A 419 -43.12 13.70 -52.95
CA GLU A 419 -43.69 14.56 -51.92
C GLU A 419 -42.83 14.55 -50.65
N CYS A 420 -42.41 13.34 -50.23
CA CYS A 420 -41.59 13.23 -49.02
C CYS A 420 -40.29 13.99 -49.16
N MET A 421 -39.62 13.87 -50.32
CA MET A 421 -38.38 14.59 -50.54
C MET A 421 -38.61 16.06 -50.85
N LYS A 422 -39.82 16.44 -51.24
CA LYS A 422 -40.19 17.84 -51.32
C LYS A 422 -40.20 18.46 -49.94
N LYS A 423 -40.72 17.75 -48.95
CA LYS A 423 -40.68 18.22 -47.57
C LYS A 423 -39.48 17.62 -46.83
N LYS A 424 -38.28 17.98 -47.30
CA LYS A 424 -37.04 17.36 -46.84
C LYS A 424 -36.33 18.14 -45.75
N GLU A 425 -36.89 19.26 -45.29
CA GLU A 425 -36.24 20.00 -44.22
C GLU A 425 -36.42 19.31 -42.88
N LEU A 426 -37.51 18.55 -42.70
CA LEU A 426 -37.78 17.82 -41.48
C LEU A 426 -37.17 16.43 -41.46
N ILE A 427 -36.57 15.99 -42.56
CA ILE A 427 -36.03 14.64 -42.67
C ILE A 427 -34.56 14.66 -42.27
N THR A 428 -34.18 13.75 -41.38
CA THR A 428 -32.81 13.62 -40.92
C THR A 428 -32.34 12.19 -41.18
N VAL A 429 -31.17 12.04 -41.78
CA VAL A 429 -30.61 10.74 -42.12
C VAL A 429 -29.34 10.54 -41.32
N PHE A 430 -29.27 9.42 -40.61
CA PHE A 430 -28.10 9.09 -39.79
C PHE A 430 -27.12 8.27 -40.61
N ARG A 431 -25.87 8.72 -40.64
CA ARG A 431 -24.80 8.01 -41.34
C ARG A 431 -23.63 7.84 -40.37
N MET A 432 -23.02 6.66 -40.41
CA MET A 432 -21.92 6.33 -39.50
C MET A 432 -20.62 6.88 -40.07
N GLY A 433 -20.28 8.10 -39.68
CA GLY A 433 -19.03 8.73 -40.05
C GLY A 433 -19.06 9.48 -41.38
N SER A 434 -20.07 9.25 -42.21
CA SER A 434 -20.13 9.94 -43.49
C SER A 434 -20.31 11.44 -43.31
N GLU A 435 -21.17 11.84 -42.36
CA GLU A 435 -21.46 13.24 -42.10
C GLU A 435 -21.55 13.42 -40.59
N GLY A 436 -22.08 14.58 -40.18
CA GLY A 436 -22.24 14.88 -38.77
C GLY A 436 -23.27 13.98 -38.12
N HIS A 437 -23.42 14.17 -36.80
CA HIS A 437 -24.30 13.35 -35.96
C HIS A 437 -23.91 11.87 -36.06
N GLN A 438 -22.71 11.57 -35.56
CA GLN A 438 -22.24 10.19 -35.53
C GLN A 438 -23.00 9.35 -34.51
N ASP A 439 -23.81 9.95 -33.66
CA ASP A 439 -24.56 9.25 -32.63
C ASP A 439 -26.05 9.39 -32.87
N ILE A 440 -26.76 8.26 -32.78
CA ILE A 440 -28.21 8.28 -32.91
C ILE A 440 -28.84 9.13 -31.82
N ASP A 441 -28.28 9.07 -30.61
CA ASP A 441 -28.83 9.84 -29.50
C ASP A 441 -28.79 11.33 -29.78
N LEU A 442 -27.67 11.84 -30.30
CA LEU A 442 -27.60 13.23 -30.68
C LEU A 442 -28.46 13.54 -31.88
N ALA A 443 -28.57 12.60 -32.82
CA ALA A 443 -29.39 12.82 -34.01
C ALA A 443 -30.87 12.95 -33.65
N ILE A 444 -31.34 12.15 -32.68
CA ILE A 444 -32.76 12.16 -32.32
C ILE A 444 -33.13 13.49 -31.69
N LEU A 445 -32.34 13.96 -30.73
CA LEU A 445 -32.70 15.16 -29.98
C LEU A 445 -32.54 16.42 -30.83
N THR A 446 -31.54 16.44 -31.71
CA THR A 446 -31.32 17.62 -32.54
C THR A 446 -32.49 17.86 -33.49
N ALA A 447 -33.11 16.80 -33.99
CA ALA A 447 -34.23 16.95 -34.90
C ALA A 447 -35.42 17.63 -34.22
N LEU A 448 -35.58 17.45 -32.91
CA LEU A 448 -36.66 18.09 -32.19
C LEU A 448 -36.38 19.57 -31.96
N LEU A 449 -35.12 19.92 -31.72
CA LEU A 449 -34.77 21.31 -31.47
C LEU A 449 -35.05 22.19 -32.68
N LYS A 450 -34.72 21.70 -33.87
CA LYS A 450 -35.03 22.40 -35.11
C LYS A 450 -36.38 22.01 -35.69
N GLY A 451 -37.12 21.13 -35.02
CA GLY A 451 -38.38 20.61 -35.52
C GLY A 451 -39.58 21.49 -35.31
N ALA A 452 -39.41 22.67 -34.71
CA ALA A 452 -40.52 23.58 -34.48
C ALA A 452 -40.28 24.98 -35.03
N ASN A 453 -39.05 25.29 -35.45
CA ASN A 453 -38.69 26.64 -35.89
C ASN A 453 -39.05 27.67 -34.82
N ALA A 454 -38.85 27.29 -33.56
CA ALA A 454 -39.22 28.13 -32.44
C ALA A 454 -38.05 29.01 -32.02
N SER A 455 -38.34 29.94 -31.12
CA SER A 455 -37.32 30.84 -30.61
C SER A 455 -36.34 30.08 -29.70
N ALA A 456 -35.20 30.70 -29.47
CA ALA A 456 -34.22 30.13 -28.54
C ALA A 456 -34.77 29.91 -27.14
N PRO A 457 -35.63 30.77 -26.57
CA PRO A 457 -36.22 30.44 -25.26
C PRO A 457 -36.94 29.10 -25.20
N ASP A 458 -37.67 28.71 -26.24
CA ASP A 458 -38.40 27.44 -26.17
C ASP A 458 -37.45 26.26 -26.28
N GLN A 459 -36.41 26.37 -27.10
CA GLN A 459 -35.39 25.33 -27.16
C GLN A 459 -34.69 25.20 -25.81
N LEU A 460 -34.41 26.33 -25.16
CA LEU A 460 -33.79 26.28 -23.83
C LEU A 460 -34.73 25.64 -22.83
N SER A 461 -36.03 25.93 -22.92
CA SER A 461 -37.00 25.30 -22.03
C SER A 461 -37.03 23.78 -22.22
N LEU A 462 -37.01 23.32 -23.48
CA LEU A 462 -36.98 21.90 -23.75
C LEU A 462 -35.71 21.25 -23.21
N ALA A 463 -34.56 21.89 -23.43
CA ALA A 463 -33.31 21.34 -22.92
C ALA A 463 -33.28 21.30 -21.41
N LEU A 464 -33.89 22.30 -20.76
CA LEU A 464 -33.99 22.29 -19.30
C LEU A 464 -34.88 21.15 -18.82
N ALA A 465 -36.00 20.92 -19.52
CA ALA A 465 -36.89 19.83 -19.14
C ALA A 465 -36.21 18.48 -19.30
N TRP A 466 -35.47 18.28 -20.39
CA TRP A 466 -34.77 17.02 -20.62
C TRP A 466 -33.52 16.87 -19.75
N ASN A 467 -33.05 17.95 -19.13
CA ASN A 467 -31.83 17.94 -18.33
C ASN A 467 -30.62 17.52 -19.17
N ARG A 468 -30.49 18.15 -20.33
CA ARG A 468 -29.36 17.93 -21.22
C ARG A 468 -28.66 19.27 -21.43
N VAL A 469 -27.60 19.51 -20.65
CA VAL A 469 -26.92 20.80 -20.73
C VAL A 469 -25.97 20.84 -21.92
N ASP A 470 -25.45 19.69 -22.34
CA ASP A 470 -24.55 19.66 -23.50
C ASP A 470 -25.27 20.07 -24.77
N ILE A 471 -26.53 19.66 -24.92
CA ILE A 471 -27.31 20.03 -26.10
C ILE A 471 -27.49 21.54 -26.16
N ALA A 472 -27.86 22.15 -25.04
CA ALA A 472 -28.03 23.61 -25.01
C ALA A 472 -26.72 24.32 -25.23
N ARG A 473 -25.62 23.79 -24.70
CA ARG A 473 -24.32 24.40 -24.89
C ARG A 473 -23.89 24.35 -26.35
N SER A 474 -24.16 23.24 -27.03
CA SER A 474 -23.68 23.05 -28.40
C SER A 474 -24.67 23.49 -29.47
N GLN A 475 -25.96 23.55 -29.16
CA GLN A 475 -26.97 23.85 -30.17
C GLN A 475 -27.74 25.14 -29.94
N ILE A 476 -27.82 25.63 -28.71
CA ILE A 476 -28.63 26.79 -28.38
C ILE A 476 -27.76 28.02 -28.13
N PHE A 477 -26.68 27.87 -27.39
CA PHE A 477 -25.76 28.99 -27.13
C PHE A 477 -24.64 28.91 -28.17
N ILE A 478 -24.90 29.51 -29.32
CA ILE A 478 -23.98 29.50 -30.45
C ILE A 478 -23.76 30.94 -30.91
N TYR A 479 -22.98 31.08 -31.98
CA TYR A 479 -22.57 32.39 -32.46
C TYR A 479 -23.74 33.14 -33.07
N GLY A 480 -24.03 34.33 -32.53
CA GLY A 480 -25.08 35.17 -33.07
C GLY A 480 -26.48 34.63 -32.85
N GLN A 481 -26.92 34.61 -31.59
CA GLN A 481 -28.22 34.05 -31.25
C GLN A 481 -29.30 35.10 -30.99
N GLN A 482 -28.92 36.38 -30.90
CA GLN A 482 -29.83 37.51 -30.70
C GLN A 482 -30.96 37.18 -29.72
N TRP A 483 -30.57 36.94 -28.48
CA TRP A 483 -31.52 36.59 -27.44
C TRP A 483 -32.49 37.75 -27.20
N PRO A 484 -33.77 37.48 -26.98
CA PRO A 484 -34.71 38.55 -26.62
C PRO A 484 -34.38 39.20 -25.28
N VAL A 485 -35.15 40.20 -24.90
CA VAL A 485 -34.90 40.95 -23.67
C VAL A 485 -35.63 40.28 -22.52
N GLY A 486 -34.89 39.91 -21.48
CA GLY A 486 -35.47 39.39 -20.26
C GLY A 486 -35.81 37.92 -20.27
N SER A 487 -35.50 37.19 -21.35
CA SER A 487 -35.79 35.76 -21.38
C SER A 487 -34.81 34.96 -20.54
N LEU A 488 -33.54 35.37 -20.52
CA LEU A 488 -32.53 34.62 -19.79
C LEU A 488 -32.78 34.67 -18.28
N GLU A 489 -33.33 35.76 -17.76
CA GLU A 489 -33.66 35.80 -16.34
C GLU A 489 -34.77 34.82 -16.00
N GLN A 490 -35.79 34.71 -16.87
CA GLN A 490 -36.83 33.73 -16.65
C GLN A 490 -36.29 32.31 -16.74
N ALA A 491 -35.36 32.08 -17.67
CA ALA A 491 -34.71 30.78 -17.75
C ALA A 491 -33.94 30.47 -16.48
N MET A 492 -33.24 31.46 -15.92
CA MET A 492 -32.53 31.27 -14.66
C MET A 492 -33.49 30.94 -13.53
N LEU A 493 -34.63 31.64 -13.46
CA LEU A 493 -35.60 31.34 -12.43
C LEU A 493 -36.12 29.91 -12.56
N ASP A 494 -36.41 29.48 -13.79
CA ASP A 494 -36.89 28.12 -14.01
C ASP A 494 -35.83 27.09 -13.61
N ALA A 495 -34.56 27.36 -13.95
CA ALA A 495 -33.51 26.42 -13.60
C ALA A 495 -33.31 26.35 -12.09
N LEU A 496 -33.45 27.48 -11.40
CA LEU A 496 -33.33 27.48 -9.95
C LEU A 496 -34.46 26.70 -9.30
N VAL A 497 -35.68 26.85 -9.81
CA VAL A 497 -36.82 26.14 -9.24
C VAL A 497 -36.63 24.63 -9.38
N LEU A 498 -36.17 24.17 -10.54
CA LEU A 498 -36.06 22.74 -10.84
C LEU A 498 -34.78 22.11 -10.32
N ASP A 499 -33.88 22.88 -9.69
CA ASP A 499 -32.62 22.37 -9.16
C ASP A 499 -31.73 21.79 -10.27
N ARG A 500 -31.39 22.66 -11.21
CA ARG A 500 -30.53 22.33 -12.34
C ARG A 500 -29.25 23.14 -12.21
N VAL A 501 -28.27 22.59 -11.50
CA VAL A 501 -27.05 23.34 -11.21
C VAL A 501 -26.27 23.64 -12.48
N ASP A 502 -26.20 22.66 -13.40
CA ASP A 502 -25.45 22.86 -14.64
C ASP A 502 -26.04 23.98 -15.48
N PHE A 503 -27.37 24.06 -15.55
CA PHE A 503 -28.00 25.12 -16.33
C PHE A 503 -27.81 26.48 -15.67
N VAL A 504 -27.82 26.53 -14.34
CA VAL A 504 -27.52 27.78 -13.64
C VAL A 504 -26.11 28.24 -13.96
N LYS A 505 -25.15 27.32 -13.91
CA LYS A 505 -23.77 27.65 -14.24
C LYS A 505 -23.64 28.13 -15.68
N LEU A 506 -24.30 27.46 -16.61
CA LEU A 506 -24.23 27.85 -18.02
C LEU A 506 -24.86 29.22 -18.25
N LEU A 507 -25.99 29.50 -17.59
CA LEU A 507 -26.62 30.80 -17.73
C LEU A 507 -25.75 31.90 -17.14
N ILE A 508 -25.09 31.62 -16.02
CA ILE A 508 -24.17 32.60 -15.44
C ILE A 508 -23.00 32.87 -16.39
N GLU A 509 -22.47 31.82 -17.01
CA GLU A 509 -21.37 32.01 -17.95
C GLU A 509 -21.77 32.80 -19.17
N ASN A 510 -23.07 32.95 -19.45
CA ASN A 510 -23.55 33.56 -20.68
C ASN A 510 -24.22 34.91 -20.43
N GLY A 511 -23.71 35.68 -19.48
CA GLY A 511 -24.09 37.07 -19.31
C GLY A 511 -25.06 37.37 -18.20
N VAL A 512 -25.65 36.37 -17.57
CA VAL A 512 -26.62 36.63 -16.50
C VAL A 512 -25.87 37.08 -15.25
N SER A 513 -26.27 38.24 -14.73
CA SER A 513 -25.68 38.80 -13.52
C SER A 513 -26.63 38.55 -12.35
N MET A 514 -26.13 37.89 -11.31
CA MET A 514 -26.99 37.54 -10.19
C MET A 514 -27.36 38.74 -9.34
N HIS A 515 -26.56 39.80 -9.36
CA HIS A 515 -26.90 41.01 -8.61
C HIS A 515 -28.17 41.66 -9.15
N ARG A 516 -28.31 41.74 -10.47
CA ARG A 516 -29.49 42.33 -11.08
C ARG A 516 -30.69 41.39 -11.01
N PHE A 517 -30.47 40.09 -11.11
CA PHE A 517 -31.57 39.14 -11.20
C PHE A 517 -32.35 39.06 -9.89
N LEU A 518 -31.65 38.90 -8.78
CA LEU A 518 -32.30 38.55 -7.51
C LEU A 518 -33.01 39.76 -6.92
N THR A 519 -34.31 39.62 -6.68
CA THR A 519 -35.11 40.62 -5.99
C THR A 519 -35.86 39.94 -4.85
N ILE A 520 -36.69 40.70 -4.14
CA ILE A 520 -37.42 40.15 -3.02
C ILE A 520 -38.50 39.19 -3.50
N SER A 521 -39.24 39.57 -4.55
CA SER A 521 -40.31 38.74 -5.05
C SER A 521 -39.78 37.41 -5.58
N ARG A 522 -38.65 37.44 -6.29
CA ARG A 522 -38.06 36.22 -6.79
C ARG A 522 -37.63 35.30 -5.65
N LEU A 523 -37.07 35.87 -4.57
CA LEU A 523 -36.67 35.06 -3.43
C LEU A 523 -37.87 34.44 -2.73
N GLU A 524 -38.95 35.20 -2.61
CA GLU A 524 -40.17 34.64 -2.03
C GLU A 524 -40.74 33.53 -2.89
N GLU A 525 -40.67 33.69 -4.22
CA GLU A 525 -41.09 32.61 -5.11
C GLU A 525 -40.21 31.38 -4.91
N LEU A 526 -38.91 31.58 -4.76
CA LEU A 526 -38.00 30.45 -4.55
C LEU A 526 -38.32 29.71 -3.26
N TYR A 527 -38.67 30.44 -2.21
CA TYR A 527 -39.00 29.78 -0.95
C TYR A 527 -40.34 29.06 -0.98
N ASN A 528 -41.26 29.48 -1.84
CA ASN A 528 -42.62 28.94 -1.88
C ASN A 528 -42.83 28.03 -3.10
N THR A 529 -41.82 27.27 -3.48
CA THR A 529 -41.89 26.42 -4.66
C THR A 529 -42.12 24.97 -4.26
N ARG A 530 -42.49 24.16 -5.25
CA ARG A 530 -42.73 22.74 -5.06
C ARG A 530 -41.99 21.84 -6.03
N HIS A 531 -41.40 22.39 -7.10
CA HIS A 531 -40.79 21.59 -8.15
C HIS A 531 -39.35 21.18 -7.78
N GLY A 532 -39.23 20.44 -6.68
CA GLY A 532 -37.94 19.99 -6.23
C GLY A 532 -38.02 18.87 -5.22
N PRO A 533 -36.86 18.42 -4.74
CA PRO A 533 -36.85 17.38 -3.72
C PRO A 533 -37.49 17.86 -2.43
N SER A 534 -38.05 16.91 -1.68
CA SER A 534 -38.76 17.24 -0.46
C SER A 534 -37.79 17.72 0.62
N ASN A 535 -38.23 18.69 1.41
CA ASN A 535 -37.46 19.25 2.51
C ASN A 535 -38.35 19.34 3.74
N THR A 536 -37.79 19.89 4.82
CA THR A 536 -38.48 19.98 6.10
C THR A 536 -38.74 21.43 6.50
N LEU A 537 -38.92 22.31 5.53
CA LEU A 537 -39.06 23.73 5.83
C LEU A 537 -40.43 24.04 6.42
N TYR A 538 -41.49 23.40 5.91
CA TYR A 538 -42.83 23.73 6.37
C TYR A 538 -43.02 23.38 7.84
N HIS A 539 -42.41 22.28 8.29
CA HIS A 539 -42.50 21.92 9.71
C HIS A 539 -41.84 22.99 10.58
N LEU A 540 -40.68 23.50 10.16
CA LEU A 540 -40.01 24.54 10.92
C LEU A 540 -40.84 25.82 10.95
N VAL A 541 -41.43 26.19 9.81
CA VAL A 541 -42.25 27.40 9.76
C VAL A 541 -43.47 27.24 10.66
N ARG A 542 -44.07 26.05 10.67
CA ARG A 542 -45.20 25.79 11.55
C ARG A 542 -44.79 25.88 13.02
N ASP A 543 -43.63 25.34 13.36
CA ASP A 543 -43.15 25.38 14.74
C ASP A 543 -42.88 26.82 15.19
N VAL A 544 -42.25 27.61 14.34
CA VAL A 544 -41.94 28.99 14.72
C VAL A 544 -43.22 29.83 14.80
N LYS A 545 -44.14 29.62 13.88
CA LYS A 545 -45.41 30.35 13.89
C LYS A 545 -46.44 29.76 14.83
N LYS A 546 -46.02 28.87 15.73
CA LYS A 546 -46.88 28.27 16.75
C LYS A 546 -48.01 27.45 16.16
N GLY A 547 -47.87 27.00 14.91
CA GLY A 547 -48.88 26.16 14.29
C GLY A 547 -50.23 26.82 14.14
N ASN A 548 -50.26 28.09 13.73
CA ASN A 548 -51.51 28.83 13.57
C ASN A 548 -51.73 29.29 12.14
N LEU A 549 -50.93 28.81 11.19
CA LEU A 549 -51.05 29.26 9.81
C LEU A 549 -52.28 28.64 9.15
N PRO A 550 -52.91 29.36 8.23
CA PRO A 550 -54.05 28.81 7.49
C PRO A 550 -53.57 27.80 6.45
N PRO A 551 -54.49 27.04 5.84
CA PRO A 551 -54.09 26.14 4.76
C PRO A 551 -53.49 26.91 3.60
N ASP A 552 -52.59 26.24 2.87
CA ASP A 552 -51.81 26.82 1.78
C ASP A 552 -51.34 28.24 2.11
N TYR A 553 -50.74 28.37 3.30
CA TYR A 553 -50.19 29.65 3.72
C TYR A 553 -48.93 29.96 2.92
N ARG A 554 -48.72 31.25 2.62
CA ARG A 554 -47.57 31.70 1.86
C ARG A 554 -46.49 32.18 2.81
N ILE A 555 -45.29 31.60 2.68
CA ILE A 555 -44.18 31.92 3.56
C ILE A 555 -43.52 33.21 3.11
N SER A 556 -43.32 34.14 4.04
CA SER A 556 -42.65 35.40 3.76
C SER A 556 -41.21 35.36 4.29
N LEU A 557 -40.43 36.36 3.90
CA LEU A 557 -39.05 36.45 4.35
C LEU A 557 -38.95 36.70 5.85
N ILE A 558 -39.98 37.30 6.45
CA ILE A 558 -39.98 37.48 7.90
C ILE A 558 -40.00 36.12 8.60
N ASP A 559 -40.82 35.19 8.10
CA ASP A 559 -40.84 33.85 8.67
C ASP A 559 -39.51 33.14 8.49
N ILE A 560 -38.85 33.36 7.36
CA ILE A 560 -37.54 32.77 7.12
C ILE A 560 -36.52 33.32 8.11
N GLY A 561 -36.57 34.64 8.36
CA GLY A 561 -35.70 35.21 9.37
C GLY A 561 -35.96 34.64 10.75
N LEU A 562 -37.24 34.44 11.09
CA LEU A 562 -37.57 33.86 12.39
C LEU A 562 -37.03 32.44 12.51
N VAL A 563 -37.14 31.64 11.44
CA VAL A 563 -36.62 30.28 11.48
C VAL A 563 -35.10 30.28 11.58
N ILE A 564 -34.44 31.21 10.89
CA ILE A 564 -32.99 31.31 10.99
C ILE A 564 -32.57 31.65 12.40
N GLU A 565 -33.26 32.61 13.03
CA GLU A 565 -32.95 32.97 14.40
C GLU A 565 -33.19 31.81 15.35
N TYR A 566 -34.26 31.04 15.12
CA TYR A 566 -34.53 29.88 15.96
C TYR A 566 -33.42 28.83 15.83
N LEU A 567 -32.96 28.58 14.61
CA LEU A 567 -31.99 27.51 14.39
C LEU A 567 -30.59 27.91 14.83
N MET A 568 -30.22 29.18 14.66
CA MET A 568 -28.84 29.58 14.91
C MET A 568 -28.47 29.50 16.39
N GLY A 569 -29.38 29.88 17.26
CA GLY A 569 -29.10 29.80 18.68
C GLY A 569 -29.76 30.94 19.43
N GLY A 570 -29.17 31.29 20.56
CA GLY A 570 -29.77 32.22 21.50
C GLY A 570 -29.83 33.66 21.05
N ALA A 571 -28.68 34.32 20.97
CA ALA A 571 -28.62 35.76 20.76
C ALA A 571 -28.48 36.15 19.30
N TYR A 572 -28.61 35.19 18.38
CA TYR A 572 -28.48 35.50 16.96
C TYR A 572 -29.69 36.31 16.50
N ARG A 573 -29.44 37.24 15.57
CA ARG A 573 -30.48 38.08 14.98
C ARG A 573 -30.30 38.11 13.47
N CYS A 574 -31.38 37.87 12.75
CA CYS A 574 -31.35 37.88 11.30
C CYS A 574 -31.66 39.27 10.76
N ASN A 575 -31.15 39.56 9.56
CA ASN A 575 -31.40 40.85 8.93
C ASN A 575 -32.84 41.01 8.46
N TYR A 576 -33.56 39.89 8.28
CA TYR A 576 -34.94 39.98 7.81
C TYR A 576 -35.87 40.55 8.87
N THR A 577 -35.54 40.34 10.15
CA THR A 577 -36.40 40.76 11.25
C THR A 577 -36.01 42.11 11.84
N ARG A 578 -35.02 42.79 11.26
CA ARG A 578 -34.61 44.09 11.77
C ARG A 578 -35.49 45.19 11.20
N LYS A 579 -35.39 46.38 11.81
CA LYS A 579 -36.31 47.47 11.50
C LYS A 579 -36.19 47.93 10.06
N ARG A 580 -34.97 48.02 9.54
CA ARG A 580 -34.77 48.52 8.18
C ARG A 580 -35.46 47.63 7.16
N PHE A 581 -35.26 46.32 7.27
CA PHE A 581 -35.87 45.41 6.31
C PHE A 581 -37.37 45.37 6.47
N ARG A 582 -37.89 45.45 7.69
CA ARG A 582 -39.33 45.50 7.88
C ARG A 582 -39.94 46.76 7.26
N THR A 583 -39.27 47.89 7.42
CA THR A 583 -39.76 49.14 6.83
C THR A 583 -39.73 49.07 5.31
N LEU A 584 -38.68 48.45 4.74
CA LEU A 584 -38.64 48.24 3.30
C LEU A 584 -39.74 47.28 2.84
N TYR A 585 -40.01 46.26 3.65
CA TYR A 585 -40.95 45.21 3.26
C TYR A 585 -42.40 45.70 3.29
N HIS A 586 -42.78 46.41 4.36
CA HIS A 586 -44.17 46.76 4.59
C HIS A 586 -44.61 48.01 3.84
N ASN A 587 -43.78 48.55 2.95
CA ASN A 587 -44.21 49.65 2.08
C ASN A 587 -43.99 49.32 0.60
N LEU A 588 -43.96 48.04 0.25
CA LEU A 588 -43.87 47.63 -1.15
C LEU A 588 -45.03 46.70 -1.50
N ASN A 632 -36.23 44.52 -3.94
CA ASN A 632 -35.43 45.62 -4.45
C ASN A 632 -34.06 45.13 -4.90
N HIS A 633 -33.12 45.07 -3.95
CA HIS A 633 -31.76 44.72 -4.26
C HIS A 633 -31.13 44.03 -3.06
N PHE A 634 -30.12 43.21 -3.32
CA PHE A 634 -29.34 42.54 -2.28
C PHE A 634 -27.87 42.79 -2.59
N PRO A 635 -27.14 43.50 -1.73
CA PRO A 635 -25.71 43.74 -2.02
C PRO A 635 -24.89 42.46 -2.09
N PHE A 636 -25.31 41.41 -1.39
CA PHE A 636 -24.61 40.12 -1.39
C PHE A 636 -25.64 39.04 -1.70
N PRO A 637 -26.03 38.91 -2.97
CA PRO A 637 -27.08 37.94 -3.30
C PRO A 637 -26.72 36.51 -3.00
N PHE A 638 -25.44 36.14 -3.09
CA PHE A 638 -25.05 34.76 -2.85
C PHE A 638 -25.21 34.35 -1.40
N HIS A 639 -25.18 35.30 -0.46
CA HIS A 639 -25.53 34.98 0.92
C HIS A 639 -26.96 34.44 1.00
N GLU A 640 -27.91 35.17 0.42
CA GLU A 640 -29.30 34.73 0.40
C GLU A 640 -29.45 33.42 -0.35
N LEU A 641 -28.77 33.29 -1.49
CA LEU A 641 -28.89 32.07 -2.28
C LEU A 641 -28.39 30.85 -1.51
N MET A 642 -27.24 30.98 -0.83
CA MET A 642 -26.70 29.86 -0.09
C MET A 642 -27.57 29.51 1.10
N VAL A 643 -28.12 30.52 1.79
CA VAL A 643 -29.02 30.23 2.90
C VAL A 643 -30.26 29.50 2.41
N TRP A 644 -30.82 29.95 1.28
CA TRP A 644 -31.98 29.27 0.70
C TRP A 644 -31.65 27.84 0.32
N ALA A 645 -30.49 27.62 -0.30
CA ALA A 645 -30.13 26.26 -0.71
C ALA A 645 -29.93 25.35 0.49
N VAL A 646 -29.36 25.87 1.58
CA VAL A 646 -29.18 25.05 2.77
C VAL A 646 -30.53 24.73 3.41
N LEU A 647 -31.44 25.70 3.45
CA LEU A 647 -32.73 25.47 4.09
C LEU A 647 -33.61 24.51 3.30
N MET A 648 -33.39 24.37 1.99
CA MET A 648 -34.18 23.47 1.16
C MET A 648 -33.49 22.13 0.94
N LYS A 649 -32.37 21.90 1.63
CA LYS A 649 -31.64 20.63 1.56
C LYS A 649 -31.19 20.31 0.13
N ARG A 650 -30.63 21.31 -0.54
CA ARG A 650 -30.08 21.18 -1.88
C ARG A 650 -28.57 21.36 -1.79
N GLN A 651 -27.85 20.24 -1.64
CA GLN A 651 -26.43 20.33 -1.30
C GLN A 651 -25.59 20.78 -2.48
N LYS A 652 -25.89 20.30 -3.69
CA LYS A 652 -25.12 20.71 -4.86
C LYS A 652 -25.26 22.20 -5.14
N MET A 653 -26.49 22.72 -5.04
CA MET A 653 -26.73 24.14 -5.24
C MET A 653 -26.01 24.97 -4.18
N ALA A 654 -26.06 24.51 -2.92
CA ALA A 654 -25.38 25.22 -1.84
C ALA A 654 -23.88 25.24 -2.04
N LEU A 655 -23.30 24.11 -2.48
CA LEU A 655 -21.87 24.06 -2.72
C LEU A 655 -21.46 24.95 -3.89
N PHE A 656 -22.31 25.05 -4.91
CA PHE A 656 -22.02 25.98 -5.99
C PHE A 656 -22.08 27.43 -5.51
N PHE A 657 -23.08 27.76 -4.71
CA PHE A 657 -23.23 29.12 -4.22
C PHE A 657 -22.15 29.51 -3.21
N TRP A 658 -21.55 28.54 -2.52
CA TRP A 658 -20.55 28.85 -1.51
C TRP A 658 -19.31 29.49 -2.13
N GLN A 659 -18.84 28.98 -3.26
CA GLN A 659 -17.59 29.45 -3.86
C GLN A 659 -17.80 30.67 -4.76
N HIS A 660 -18.89 31.39 -4.60
CA HIS A 660 -19.12 32.65 -5.31
C HIS A 660 -19.45 33.73 -4.30
N GLY A 661 -18.77 34.87 -4.41
CA GLY A 661 -18.99 35.96 -3.49
C GLY A 661 -17.97 36.01 -2.37
N GLU A 662 -18.22 36.93 -1.43
CA GLU A 662 -17.30 37.17 -0.32
C GLU A 662 -17.71 36.35 0.91
N GLU A 663 -16.80 36.31 1.89
CA GLU A 663 -17.04 35.71 3.20
C GLU A 663 -17.34 34.22 3.10
N ALA A 664 -16.38 33.48 2.54
CA ALA A 664 -16.57 32.05 2.35
C ALA A 664 -16.55 31.29 3.67
N MET A 665 -15.65 31.66 4.58
CA MET A 665 -15.51 30.92 5.83
C MET A 665 -16.70 31.15 6.75
N ALA A 666 -17.18 32.39 6.83
CA ALA A 666 -18.37 32.67 7.62
C ALA A 666 -19.57 31.91 7.08
N LYS A 667 -19.73 31.86 5.76
CA LYS A 667 -20.83 31.12 5.16
C LYS A 667 -20.72 29.64 5.44
N ALA A 668 -19.51 29.08 5.38
CA ALA A 668 -19.32 27.67 5.68
C ALA A 668 -19.69 27.35 7.12
N LEU A 669 -19.25 28.19 8.06
CA LEU A 669 -19.58 27.95 9.46
C LEU A 669 -21.08 28.07 9.73
N VAL A 670 -21.72 29.08 9.13
CA VAL A 670 -23.17 29.25 9.31
C VAL A 670 -23.91 28.06 8.73
N ALA A 671 -23.50 27.59 7.55
CA ALA A 671 -24.15 26.43 6.94
C ALA A 671 -23.98 25.19 7.79
N CYS A 672 -22.79 25.00 8.37
CA CYS A 672 -22.57 23.86 9.27
C CYS A 672 -23.51 23.92 10.47
N LYS A 673 -23.61 25.09 11.10
CA LYS A 673 -24.49 25.22 12.26
C LYS A 673 -25.94 24.98 11.90
N LEU A 674 -26.39 25.54 10.76
CA LEU A 674 -27.78 25.37 10.34
C LEU A 674 -28.09 23.91 10.04
N CYS A 675 -27.19 23.21 9.35
CA CYS A 675 -27.43 21.80 9.06
C CYS A 675 -27.46 20.96 10.33
N LYS A 676 -26.59 21.27 11.30
CA LYS A 676 -26.61 20.56 12.57
C LYS A 676 -27.94 20.76 13.29
N ALA A 677 -28.42 22.00 13.34
CA ALA A 677 -29.68 22.27 14.02
C ALA A 677 -30.85 21.61 13.31
N MET A 678 -30.86 21.63 11.97
CA MET A 678 -31.94 20.98 11.23
C MET A 678 -31.94 19.48 11.44
N ALA A 679 -30.75 18.87 11.47
CA ALA A 679 -30.67 17.44 11.75
C ALA A 679 -31.19 17.11 13.14
N HIS A 680 -30.85 17.93 14.13
CA HIS A 680 -31.39 17.70 15.47
C HIS A 680 -32.90 17.82 15.49
N GLU A 681 -33.45 18.83 14.82
CA GLU A 681 -34.90 19.00 14.80
C GLU A 681 -35.60 17.84 14.11
N ALA A 682 -35.03 17.35 13.00
CA ALA A 682 -35.62 16.21 12.32
C ALA A 682 -35.55 14.96 13.19
N SER A 683 -34.44 14.77 13.90
CA SER A 683 -34.32 13.62 14.78
C SER A 683 -35.27 13.70 15.96
N GLU A 684 -35.59 14.91 16.41
CA GLU A 684 -36.45 15.07 17.58
C GLU A 684 -37.93 15.02 17.25
N ASN A 685 -38.31 15.08 15.98
CA ASN A 685 -39.70 14.98 15.57
C ASN A 685 -40.05 13.60 15.03
N ASP A 686 -39.17 12.61 15.21
CA ASP A 686 -39.43 11.23 14.80
C ASP A 686 -39.74 11.13 13.31
N MET A 687 -38.83 11.67 12.49
CA MET A 687 -38.95 11.60 11.05
C MET A 687 -38.34 10.28 10.55
N VAL A 688 -38.14 10.17 9.24
CA VAL A 688 -37.67 8.94 8.63
C VAL A 688 -36.26 8.55 9.08
N ASP A 689 -35.54 9.45 9.75
CA ASP A 689 -34.23 9.24 10.35
C ASP A 689 -33.11 9.08 9.32
N ASP A 690 -33.43 9.06 8.03
CA ASP A 690 -32.38 9.17 7.01
C ASP A 690 -32.15 10.62 6.61
N ILE A 691 -33.16 11.47 6.74
CA ILE A 691 -32.96 12.91 6.58
C ILE A 691 -31.96 13.42 7.61
N SER A 692 -32.02 12.88 8.83
CA SER A 692 -31.09 13.30 9.88
C SER A 692 -29.65 12.98 9.50
N GLN A 693 -29.39 11.77 8.99
CA GLN A 693 -28.02 11.42 8.62
C GLN A 693 -27.57 12.18 7.37
N GLU A 694 -28.49 12.46 6.44
CA GLU A 694 -28.13 13.31 5.30
C GLU A 694 -27.72 14.70 5.76
N LEU A 695 -28.48 15.28 6.69
CA LEU A 695 -28.17 16.61 7.19
C LEU A 695 -26.86 16.62 7.98
N ASN A 696 -26.60 15.55 8.73
CA ASN A 696 -25.31 15.45 9.43
C ASN A 696 -24.15 15.36 8.46
N HIS A 697 -24.33 14.61 7.35
CA HIS A 697 -23.29 14.55 6.33
C HIS A 697 -23.06 15.93 5.72
N ASN A 698 -24.12 16.67 5.45
CA ASN A 698 -23.98 18.03 4.91
C ASN A 698 -23.20 18.92 5.88
N SER A 699 -23.56 18.84 7.17
CA SER A 699 -22.88 19.65 8.17
C SER A 699 -21.39 19.31 8.25
N ARG A 700 -21.06 18.02 8.20
CA ARG A 700 -19.65 17.63 8.24
C ARG A 700 -18.91 18.09 6.99
N ASP A 701 -19.56 18.06 5.83
CA ASP A 701 -18.92 18.56 4.62
C ASP A 701 -18.61 20.05 4.75
N PHE A 702 -19.55 20.84 5.25
CA PHE A 702 -19.29 22.26 5.40
C PHE A 702 -18.20 22.54 6.43
N GLY A 703 -18.20 21.78 7.53
CA GLY A 703 -17.13 21.93 8.51
C GLY A 703 -15.76 21.62 7.94
N GLN A 704 -15.67 20.56 7.13
CA GLN A 704 -14.41 20.22 6.50
C GLN A 704 -13.96 21.31 5.53
N LEU A 705 -14.91 21.89 4.78
CA LEU A 705 -14.57 23.01 3.91
C LEU A 705 -14.01 24.17 4.71
N ALA A 706 -14.64 24.51 5.84
CA ALA A 706 -14.15 25.60 6.65
C ALA A 706 -12.74 25.33 7.17
N VAL A 707 -12.48 24.11 7.63
CA VAL A 707 -11.16 23.77 8.15
C VAL A 707 -10.10 23.86 7.06
N GLU A 708 -10.41 23.34 5.87
CA GLU A 708 -9.44 23.40 4.77
C GLU A 708 -9.16 24.83 4.35
N LEU A 709 -10.21 25.67 4.29
CA LEU A 709 -9.99 27.08 3.95
C LEU A 709 -9.13 27.77 4.99
N LEU A 710 -9.36 27.49 6.28
CA LEU A 710 -8.52 28.07 7.32
C LEU A 710 -7.07 27.63 7.18
N ASP A 711 -6.85 26.36 6.87
CA ASP A 711 -5.50 25.86 6.70
C ASP A 711 -4.80 26.56 5.54
N GLN A 712 -5.51 26.71 4.41
CA GLN A 712 -4.92 27.42 3.27
C GLN A 712 -4.59 28.86 3.62
N SER A 713 -5.50 29.55 4.30
CA SER A 713 -5.27 30.95 4.65
C SER A 713 -4.09 31.09 5.58
N TYR A 714 -3.98 30.21 6.59
CA TYR A 714 -2.85 30.28 7.51
C TYR A 714 -1.53 29.99 6.81
N LYS A 715 -1.53 29.04 5.88
CA LYS A 715 -0.31 28.74 5.15
C LYS A 715 0.10 29.93 4.27
N GLN A 716 -0.86 30.60 3.65
CA GLN A 716 -0.51 31.69 2.73
C GLN A 716 -0.02 32.93 3.47
N ASP A 717 -0.69 33.33 4.54
CA ASP A 717 -0.32 34.55 5.27
C ASP A 717 -0.91 34.47 6.66
N GLU A 718 -0.06 34.46 7.69
CA GLU A 718 -0.51 34.22 9.05
C GLU A 718 -1.22 35.44 9.65
N GLN A 719 -0.70 36.64 9.42
CA GLN A 719 -1.28 37.83 10.03
C GLN A 719 -2.68 38.10 9.49
N LEU A 720 -2.85 38.01 8.17
CA LEU A 720 -4.18 38.18 7.59
C LEU A 720 -5.09 37.02 7.96
N ALA A 721 -4.54 35.83 8.16
CA ALA A 721 -5.35 34.71 8.63
C ALA A 721 -5.92 35.00 10.02
N MET A 722 -5.10 35.54 10.92
CA MET A 722 -5.60 35.90 12.24
C MET A 722 -6.59 37.05 12.17
N LYS A 723 -6.35 38.02 11.28
CA LYS A 723 -7.29 39.12 11.11
C LYS A 723 -8.62 38.63 10.57
N LEU A 724 -8.61 37.55 9.77
CA LEU A 724 -9.83 37.04 9.16
C LEU A 724 -10.73 36.35 10.18
N LEU A 725 -10.17 35.84 11.26
CA LEU A 725 -10.93 35.11 12.27
C LEU A 725 -11.54 36.02 13.34
N THR A 726 -11.25 37.32 13.32
CA THR A 726 -11.69 38.20 14.40
C THR A 726 -12.49 39.41 13.96
N TYR A 727 -12.47 39.78 12.67
CA TYR A 727 -13.18 40.99 12.26
C TYR A 727 -14.68 40.77 12.36
N GLU A 728 -15.39 41.83 12.74
CA GLU A 728 -16.83 41.73 12.98
C GLU A 728 -17.59 41.51 11.69
N LEU A 729 -18.62 40.65 11.75
CA LEU A 729 -19.42 40.29 10.60
C LEU A 729 -20.76 41.02 10.68
N LYS A 730 -20.86 42.14 9.97
CA LYS A 730 -22.10 42.92 9.99
C LYS A 730 -23.26 42.14 9.39
N ASN A 731 -22.99 41.31 8.39
CA ASN A 731 -24.03 40.55 7.71
C ASN A 731 -24.48 39.33 8.48
N TRP A 732 -23.76 38.93 9.52
CA TRP A 732 -24.03 37.70 10.25
C TRP A 732 -24.20 37.98 11.74
N SER A 733 -25.00 38.99 12.06
CA SER A 733 -25.40 39.32 13.43
C SER A 733 -24.23 39.80 14.28
N ASN A 734 -23.28 40.51 13.67
CA ASN A 734 -22.15 41.10 14.39
C ASN A 734 -21.37 40.05 15.18
N ALA A 735 -21.17 38.89 14.58
CA ALA A 735 -20.39 37.82 15.19
C ALA A 735 -19.00 37.80 14.56
N THR A 736 -18.20 36.80 14.92
CA THR A 736 -16.89 36.57 14.32
C THR A 736 -16.80 35.11 13.94
N CYS A 737 -15.76 34.77 13.17
CA CYS A 737 -15.59 33.39 12.74
C CYS A 737 -15.32 32.47 13.92
N LEU A 738 -14.56 32.95 14.91
CA LEU A 738 -14.28 32.15 16.10
C LEU A 738 -15.56 31.86 16.87
N GLN A 739 -16.43 32.86 17.03
CA GLN A 739 -17.69 32.65 17.74
C GLN A 739 -18.57 31.65 17.00
N LEU A 740 -18.61 31.75 15.66
CA LEU A 740 -19.42 30.83 14.88
C LEU A 740 -18.88 29.41 14.96
N ALA A 741 -17.56 29.27 15.03
CA ALA A 741 -16.98 27.93 15.17
C ALA A 741 -17.26 27.35 16.55
N VAL A 742 -17.23 28.19 17.59
CA VAL A 742 -17.53 27.70 18.93
C VAL A 742 -19.00 27.34 19.06
N ALA A 743 -19.89 28.13 18.46
CA ALA A 743 -21.32 27.85 18.55
C ALA A 743 -21.68 26.54 17.85
N ALA A 744 -20.98 26.20 16.78
CA ALA A 744 -21.20 24.93 16.09
C ALA A 744 -20.45 23.77 16.72
N LYS A 745 -19.67 24.02 17.76
CA LYS A 745 -18.87 22.99 18.44
C LYS A 745 -17.95 22.28 17.44
N HIS A 746 -17.28 23.07 16.61
CA HIS A 746 -16.35 22.56 15.62
C HIS A 746 -14.98 22.47 16.28
N ARG A 747 -14.62 21.27 16.74
CA ARG A 747 -13.39 21.10 17.51
C ARG A 747 -12.15 21.12 16.62
N ASP A 748 -12.23 20.59 15.41
CA ASP A 748 -11.07 20.61 14.52
C ASP A 748 -10.71 22.02 14.08
N PHE A 749 -11.67 22.95 14.17
CA PHE A 749 -11.40 24.33 13.80
C PHE A 749 -10.68 25.07 14.93
N ILE A 750 -11.16 24.92 16.16
CA ILE A 750 -10.56 25.60 17.30
C ILE A 750 -9.19 25.01 17.63
N ALA A 751 -9.01 23.71 17.40
CA ALA A 751 -7.75 23.04 17.72
C ALA A 751 -6.68 23.27 16.65
N HIS A 752 -6.96 24.08 15.64
CA HIS A 752 -5.97 24.38 14.61
C HIS A 752 -4.89 25.29 15.19
N THR A 753 -3.73 25.30 14.53
CA THR A 753 -2.59 26.08 15.01
C THR A 753 -2.90 27.57 15.04
N CYS A 754 -3.54 28.07 13.99
CA CYS A 754 -3.85 29.50 13.93
C CYS A 754 -4.80 29.92 15.03
N SER A 755 -5.84 29.12 15.28
CA SER A 755 -6.78 29.43 16.35
C SER A 755 -6.11 29.39 17.71
N GLN A 756 -5.21 28.42 17.92
CA GLN A 756 -4.51 28.32 19.19
C GLN A 756 -3.58 29.51 19.41
N MET A 757 -2.87 29.94 18.37
CA MET A 757 -2.01 31.11 18.52
C MET A 757 -2.82 32.38 18.76
N LEU A 758 -3.97 32.50 18.09
CA LEU A 758 -4.85 33.64 18.35
C LEU A 758 -5.34 33.63 19.80
N LEU A 759 -5.70 32.45 20.31
CA LEU A 759 -6.12 32.34 21.70
C LEU A 759 -5.00 32.71 22.66
N THR A 760 -3.76 32.32 22.33
CA THR A 760 -2.62 32.71 23.15
C THR A 760 -2.43 34.22 23.17
N ASP A 761 -2.53 34.86 22.00
CA ASP A 761 -2.37 36.31 21.94
C ASP A 761 -3.48 37.02 22.71
N MET A 762 -4.71 36.50 22.63
CA MET A 762 -5.79 37.08 23.42
C MET A 762 -5.59 36.85 24.91
N TRP A 763 -4.96 35.72 25.27
CA TRP A 763 -4.67 35.42 26.66
C TRP A 763 -3.63 36.37 27.24
N MET A 764 -2.62 36.72 26.44
CA MET A 764 -1.57 37.60 26.93
C MET A 764 -1.99 39.06 27.04
N GLY A 765 -3.04 39.47 26.34
CA GLY A 765 -3.49 40.84 26.47
C GLY A 765 -2.58 41.81 25.71
N ARG A 766 -2.18 42.88 26.40
CA ARG A 766 -1.30 43.90 25.85
C ARG A 766 0.15 43.70 26.27
N LEU A 767 0.57 42.47 26.49
CA LEU A 767 1.92 42.15 26.94
C LEU A 767 2.65 41.40 25.85
N ARG A 768 3.88 41.83 25.55
CA ARG A 768 4.65 41.24 24.47
C ARG A 768 5.48 40.04 24.89
N MET A 769 5.59 39.76 26.19
CA MET A 769 6.44 38.67 26.65
C MET A 769 5.84 37.33 26.27
N ARG A 770 6.68 36.45 25.73
CA ARG A 770 6.27 35.09 25.39
C ARG A 770 7.26 34.03 25.84
N LYS A 771 8.52 34.36 26.09
CA LYS A 771 9.54 33.34 26.35
C LYS A 771 9.38 32.74 27.74
N ASN A 772 9.08 33.56 28.75
CA ASN A 772 8.99 33.07 30.12
C ASN A 772 7.95 33.91 30.85
N SER A 773 6.71 33.44 30.85
CA SER A 773 5.62 34.09 31.55
C SER A 773 5.37 33.36 32.87
N GLY A 774 4.31 33.77 33.57
CA GLY A 774 4.00 33.17 34.85
C GLY A 774 4.89 33.68 35.96
N LEU A 775 6.21 33.44 35.84
CA LEU A 775 7.15 33.95 36.82
C LEU A 775 7.15 35.48 36.84
N LYS A 776 7.19 36.09 35.65
CA LYS A 776 7.18 37.54 35.58
C LYS A 776 5.83 38.12 35.97
N VAL A 777 4.74 37.43 35.65
CA VAL A 777 3.41 37.89 36.09
C VAL A 777 3.32 37.88 37.62
N ILE A 778 3.78 36.78 38.23
CA ILE A 778 3.76 36.68 39.68
C ILE A 778 4.65 37.75 40.30
N LEU A 779 5.83 37.97 39.71
CA LEU A 779 6.74 39.00 40.21
C LEU A 779 6.10 40.38 40.13
N GLY A 780 5.40 40.67 39.02
CA GLY A 780 4.75 41.95 38.89
C GLY A 780 3.61 42.14 39.88
N ILE A 781 2.85 41.07 40.14
CA ILE A 781 1.79 41.16 41.14
C ILE A 781 2.38 41.39 42.52
N LEU A 782 3.47 40.69 42.84
CA LEU A 782 4.11 40.83 44.15
C LEU A 782 4.90 42.13 44.25
N LEU A 783 5.52 42.58 43.16
CA LEU A 783 6.28 43.82 43.12
C LEU A 783 5.61 44.77 42.13
N PRO A 784 4.70 45.63 42.57
CA PRO A 784 4.07 46.60 41.67
C PRO A 784 5.07 47.50 40.97
N PRO A 785 6.16 47.93 41.63
CA PRO A 785 7.18 48.69 40.89
C PRO A 785 7.85 47.90 39.78
N SER A 786 7.82 46.57 39.82
CA SER A 786 8.45 45.76 38.78
C SER A 786 7.65 45.71 37.49
N ILE A 787 6.44 46.26 37.48
CA ILE A 787 5.60 46.23 36.28
C ILE A 787 6.23 47.04 35.15
N LEU A 788 6.86 48.17 35.49
CA LEU A 788 7.36 49.10 34.49
C LEU A 788 8.53 48.53 33.68
N SER A 789 9.12 47.42 34.11
CA SER A 789 10.23 46.81 33.39
C SER A 789 9.77 45.89 32.26
N LEU A 790 8.46 45.71 32.08
CA LEU A 790 7.93 44.80 31.07
C LEU A 790 7.61 45.57 29.79
N GLU A 791 7.69 44.87 28.67
CA GLU A 791 7.39 45.44 27.36
C GLU A 791 5.90 45.29 27.04
N PHE A 792 5.35 46.30 26.39
CA PHE A 792 3.93 46.36 26.10
C PHE A 792 3.70 46.55 24.60
N LYS A 793 2.56 46.06 24.13
CA LYS A 793 2.17 46.26 22.75
C LYS A 793 1.72 47.71 22.52
N ASN A 794 1.61 48.08 21.26
CA ASN A 794 1.20 49.43 20.88
C ASN A 794 -0.29 49.65 21.13
N GLY A 861 1.42 55.06 35.57
CA GLY A 861 0.82 55.61 34.36
C GLY A 861 -0.30 54.74 33.82
N ARG A 862 -0.17 54.35 32.55
CA ARG A 862 -1.16 53.50 31.90
C ARG A 862 -0.68 52.05 31.76
N LYS A 863 0.57 51.76 32.12
CA LYS A 863 1.03 50.38 32.11
C LYS A 863 0.38 49.58 33.23
N ILE A 864 0.06 50.22 34.35
CA ILE A 864 -0.61 49.53 35.45
C ILE A 864 -1.98 49.04 35.01
N TYR A 865 -2.73 49.90 34.32
CA TYR A 865 -4.07 49.53 33.87
C TYR A 865 -4.02 48.38 32.86
N GLU A 866 -3.09 48.46 31.91
CA GLU A 866 -2.99 47.42 30.89
C GLU A 866 -2.40 46.14 31.44
N PHE A 867 -1.71 46.22 32.59
CA PHE A 867 -1.19 45.01 33.22
C PHE A 867 -2.27 44.32 34.04
N TYR A 868 -2.98 45.06 34.88
CA TYR A 868 -3.98 44.48 35.76
C TYR A 868 -5.28 44.12 35.04
N ASN A 869 -5.31 44.16 33.71
CA ASN A 869 -6.49 43.79 32.95
C ASN A 869 -6.25 42.67 31.95
N ALA A 870 -5.02 42.18 31.82
CA ALA A 870 -4.77 41.01 31.01
C ALA A 870 -5.40 39.79 31.68
N PRO A 871 -5.94 38.85 30.90
CA PRO A 871 -6.56 37.66 31.51
C PRO A 871 -5.59 36.82 32.33
N ILE A 872 -4.32 36.74 31.92
CA ILE A 872 -3.36 35.92 32.64
C ILE A 872 -3.06 36.50 34.02
N VAL A 873 -3.00 37.83 34.13
CA VAL A 873 -2.79 38.46 35.42
C VAL A 873 -3.97 38.20 36.35
N LYS A 874 -5.19 38.30 35.82
CA LYS A 874 -6.36 37.97 36.63
C LYS A 874 -6.33 36.52 37.08
N PHE A 875 -5.92 35.62 36.19
CA PHE A 875 -5.84 34.21 36.55
C PHE A 875 -4.84 33.98 37.67
N TRP A 876 -3.67 34.61 37.60
CA TRP A 876 -2.66 34.38 38.62
C TRP A 876 -3.06 35.01 39.96
N PHE A 877 -3.73 36.17 39.91
CA PHE A 877 -4.26 36.76 41.14
C PHE A 877 -5.28 35.83 41.78
N TYR A 878 -6.18 35.26 40.97
CA TYR A 878 -7.18 34.33 41.46
C TYR A 878 -6.52 33.09 42.07
N THR A 879 -5.48 32.57 41.43
CA THR A 879 -4.79 31.39 41.92
C THR A 879 -4.10 31.66 43.25
N LEU A 880 -3.43 32.80 43.38
CA LEU A 880 -2.77 33.12 44.64
C LEU A 880 -3.78 33.29 45.77
N ALA A 881 -4.92 33.94 45.48
CA ALA A 881 -5.95 34.08 46.50
C ALA A 881 -6.50 32.73 46.93
N TYR A 882 -6.71 31.82 45.96
CA TYR A 882 -7.21 30.49 46.31
C TYR A 882 -6.20 29.73 47.16
N ILE A 883 -4.92 29.84 46.84
CA ILE A 883 -3.88 29.16 47.61
C ILE A 883 -3.86 29.67 49.04
N GLY A 884 -3.94 31.00 49.22
CA GLY A 884 -3.98 31.55 50.57
C GLY A 884 -5.19 31.10 51.34
N TYR A 885 -6.35 31.04 50.67
CA TYR A 885 -7.57 30.57 51.32
C TYR A 885 -7.43 29.12 51.76
N LEU A 886 -6.84 28.27 50.92
CA LEU A 886 -6.66 26.87 51.29
C LEU A 886 -5.70 26.74 52.47
N MET A 887 -4.65 27.57 52.49
CA MET A 887 -3.73 27.57 53.64
C MET A 887 -4.47 27.92 54.92
N LEU A 888 -5.30 28.95 54.89
CA LEU A 888 -6.02 29.35 56.09
C LEU A 888 -7.02 28.27 56.54
N PHE A 889 -7.66 27.61 55.57
CA PHE A 889 -8.58 26.52 55.92
C PHE A 889 -7.84 25.38 56.61
N ASN A 890 -6.68 25.00 56.08
CA ASN A 890 -5.86 23.99 56.73
C ASN A 890 -5.51 24.41 58.15
N TYR A 891 -5.10 25.67 58.32
CA TYR A 891 -4.74 26.15 59.65
C TYR A 891 -5.89 26.02 60.62
N ILE A 892 -7.09 26.45 60.21
CA ILE A 892 -8.20 26.45 61.17
C ILE A 892 -8.65 25.03 61.48
N VAL A 893 -8.53 24.10 60.54
CA VAL A 893 -8.94 22.74 60.89
C VAL A 893 -7.88 22.03 61.73
N LEU A 894 -6.61 22.42 61.61
CA LEU A 894 -5.55 21.72 62.33
C LEU A 894 -5.31 22.26 63.73
N VAL A 895 -5.99 23.31 64.15
CA VAL A 895 -5.80 23.87 65.49
C VAL A 895 -7.12 23.81 66.24
N LYS A 896 -7.05 24.05 67.54
CA LYS A 896 -8.23 23.91 68.40
C LYS A 896 -9.14 25.13 68.27
N MET A 897 -10.44 24.85 68.18
CA MET A 897 -11.45 25.90 68.02
C MET A 897 -11.82 26.50 69.37
N GLU A 898 -12.10 27.80 69.35
CA GLU A 898 -12.63 28.50 70.51
C GLU A 898 -14.15 28.49 70.46
N ARG A 899 -14.80 29.26 71.33
CA ARG A 899 -16.25 29.36 71.28
C ARG A 899 -16.71 30.06 70.00
N TRP A 900 -16.08 31.19 69.67
CA TRP A 900 -16.41 31.98 68.50
C TRP A 900 -15.29 31.91 67.47
N PRO A 901 -15.59 32.14 66.19
CA PRO A 901 -14.56 32.01 65.16
C PRO A 901 -13.42 32.99 65.34
N SER A 902 -12.23 32.56 64.90
CA SER A 902 -11.04 33.39 64.93
C SER A 902 -10.95 34.23 63.66
N THR A 903 -9.87 35.03 63.56
CA THR A 903 -9.71 35.90 62.40
C THR A 903 -9.54 35.08 61.12
N GLN A 904 -8.74 34.02 61.16
CA GLN A 904 -8.56 33.17 59.99
C GLN A 904 -9.87 32.51 59.59
N GLU A 905 -10.66 32.08 60.57
CA GLU A 905 -11.96 31.49 60.27
C GLU A 905 -12.90 32.52 59.64
N TRP A 906 -12.85 33.77 60.11
CA TRP A 906 -13.64 34.81 59.49
C TRP A 906 -13.23 35.03 58.04
N ILE A 907 -11.93 35.01 57.77
CA ILE A 907 -11.46 35.17 56.40
C ILE A 907 -11.94 34.02 55.52
N VAL A 908 -11.90 32.80 56.05
CA VAL A 908 -12.38 31.63 55.29
C VAL A 908 -13.86 31.76 54.99
N ILE A 909 -14.66 32.16 55.99
CA ILE A 909 -16.10 32.33 55.79
C ILE A 909 -16.37 33.42 54.75
N SER A 910 -15.62 34.52 54.81
CA SER A 910 -15.79 35.60 53.86
C SER A 910 -15.46 35.13 52.44
N TYR A 911 -14.38 34.36 52.28
CA TYR A 911 -14.05 33.84 50.95
C TYR A 911 -15.17 32.95 50.43
N ILE A 912 -15.69 32.07 51.29
CA ILE A 912 -16.76 31.17 50.85
C ILE A 912 -17.98 31.96 50.42
N PHE A 913 -18.36 32.97 51.22
CA PHE A 913 -19.54 33.77 50.92
C PHE A 913 -19.37 34.57 49.64
N THR A 914 -18.19 35.17 49.44
CA THR A 914 -17.94 35.96 48.24
C THR A 914 -17.95 35.07 47.00
N LEU A 915 -17.36 33.89 47.08
CA LEU A 915 -17.41 32.95 45.96
C LEU A 915 -18.84 32.53 45.67
N GLY A 916 -19.63 32.28 46.72
CA GLY A 916 -21.02 31.91 46.51
C GLY A 916 -21.83 33.00 45.84
N ILE A 917 -21.68 34.24 46.27
CA ILE A 917 -22.44 35.32 45.65
C ILE A 917 -21.94 35.59 44.23
N GLU A 918 -20.65 35.38 43.97
CA GLU A 918 -20.16 35.52 42.60
C GLU A 918 -20.76 34.46 41.69
N LYS A 919 -20.82 33.21 42.17
CA LYS A 919 -21.45 32.15 41.39
C LYS A 919 -22.92 32.44 41.17
N MET A 920 -23.59 33.00 42.19
CA MET A 920 -25.00 33.35 42.05
C MET A 920 -25.20 34.43 40.99
N ARG A 921 -24.36 35.47 41.01
CA ARG A 921 -24.54 36.57 40.07
C ARG A 921 -24.07 36.24 38.66
N GLU A 922 -23.17 35.28 38.49
CA GLU A 922 -22.80 34.87 37.14
C GLU A 922 -23.89 34.04 36.49
N ILE A 923 -24.88 33.59 37.25
CA ILE A 923 -26.04 32.92 36.66
C ILE A 923 -27.03 33.92 36.08
N LEU A 924 -27.10 35.14 36.64
CA LEU A 924 -28.02 36.16 36.14
C LEU A 924 -27.50 36.86 34.90
N MET A 925 -26.26 36.60 34.49
CA MET A 925 -25.69 37.16 33.27
C MET A 925 -25.63 36.13 32.15
N SER A 926 -26.35 35.02 32.29
CA SER A 926 -26.40 34.02 31.26
C SER A 926 -27.26 34.49 30.09
N GLU A 927 -27.05 33.84 28.93
CA GLU A 927 -27.74 34.27 27.72
C GLU A 927 -29.26 34.15 27.79
N PRO A 928 -29.86 33.03 28.23
CA PRO A 928 -31.32 32.95 28.24
C PRO A 928 -31.95 34.01 29.14
N GLY A 929 -33.13 34.48 28.71
CA GLY A 929 -33.86 35.50 29.45
C GLY A 929 -34.76 35.00 30.54
N LYS A 930 -34.83 33.69 30.75
CA LYS A 930 -35.69 33.11 31.77
C LYS A 930 -34.85 32.73 32.98
N LEU A 931 -35.33 33.08 34.18
CA LEU A 931 -34.59 32.78 35.40
C LEU A 931 -34.43 31.28 35.60
N LEU A 932 -35.50 30.51 35.36
CA LEU A 932 -35.44 29.07 35.53
C LEU A 932 -34.70 28.37 34.40
N GLN A 933 -34.60 28.99 33.23
CA GLN A 933 -33.82 28.39 32.15
C GLN A 933 -32.33 28.55 32.38
N LYS A 934 -31.90 29.69 32.94
CA LYS A 934 -30.48 29.89 33.19
C LYS A 934 -29.93 28.92 34.22
N VAL A 935 -30.76 28.53 35.19
CA VAL A 935 -30.30 27.62 36.24
C VAL A 935 -29.92 26.27 35.66
N LYS A 936 -30.77 25.72 34.80
CA LYS A 936 -30.49 24.40 34.23
C LYS A 936 -29.39 24.45 33.17
N VAL A 937 -29.18 25.61 32.54
CA VAL A 937 -28.02 25.75 31.65
C VAL A 937 -26.73 25.78 32.45
N TRP A 938 -26.74 26.51 33.58
CA TRP A 938 -25.56 26.57 34.44
C TRP A 938 -25.26 25.21 35.06
N LEU A 939 -26.29 24.46 35.43
CA LEU A 939 -26.10 23.15 36.04
C LEU A 939 -25.82 22.08 34.99
N GLN A 940 -24.85 22.34 34.12
CA GLN A 940 -24.40 21.35 33.16
C GLN A 940 -22.90 21.07 33.24
N GLU A 941 -22.13 21.93 33.91
CA GLU A 941 -20.75 21.63 34.23
C GLU A 941 -20.70 21.00 35.61
N TYR A 942 -19.97 19.90 35.72
CA TYR A 942 -19.91 19.18 36.99
C TYR A 942 -19.27 20.01 38.08
N TRP A 943 -18.31 20.86 37.73
CA TRP A 943 -17.65 21.69 38.74
C TRP A 943 -18.63 22.64 39.40
N ASN A 944 -19.59 23.19 38.63
CA ASN A 944 -20.58 24.08 39.22
C ASN A 944 -21.48 23.36 40.21
N VAL A 945 -21.92 22.15 39.87
CA VAL A 945 -22.76 21.38 40.78
C VAL A 945 -22.00 21.03 42.04
N THR A 946 -20.74 20.60 41.90
CA THR A 946 -19.94 20.25 43.06
C THR A 946 -19.68 21.48 43.93
N ASP A 947 -19.44 22.63 43.31
CA ASP A 947 -19.26 23.87 44.07
C ASP A 947 -20.51 24.22 44.85
N LEU A 948 -21.69 24.08 44.23
CA LEU A 948 -22.93 24.37 44.94
C LEU A 948 -23.12 23.43 46.13
N ILE A 949 -22.87 22.13 45.92
CA ILE A 949 -23.03 21.16 47.01
C ILE A 949 -22.06 21.47 48.14
N ALA A 950 -20.81 21.79 47.80
CA ALA A 950 -19.81 22.11 48.81
C ALA A 950 -20.20 23.35 49.60
N ILE A 951 -20.72 24.38 48.92
CA ILE A 951 -21.11 25.60 49.62
C ILE A 951 -22.28 25.34 50.55
N LEU A 952 -23.25 24.53 50.11
CA LEU A 952 -24.36 24.19 51.00
C LEU A 952 -23.87 23.43 52.22
N LEU A 953 -22.97 22.46 52.02
CA LEU A 953 -22.45 21.70 53.14
C LEU A 953 -21.67 22.58 54.11
N PHE A 954 -20.86 23.51 53.58
CA PHE A 954 -20.12 24.42 54.45
C PHE A 954 -21.07 25.32 55.22
N SER A 955 -22.15 25.79 54.58
CA SER A 955 -23.11 26.62 55.28
C SER A 955 -23.77 25.86 56.43
N VAL A 956 -24.14 24.60 56.18
CA VAL A 956 -24.73 23.78 57.24
C VAL A 956 -23.74 23.61 58.39
N GLY A 957 -22.49 23.28 58.07
CA GLY A 957 -21.49 23.10 59.11
C GLY A 957 -21.19 24.37 59.88
N MET A 958 -21.26 25.52 59.21
CA MET A 958 -21.00 26.79 59.90
C MET A 958 -22.15 27.16 60.82
N ILE A 959 -23.40 26.97 60.37
CA ILE A 959 -24.53 27.31 61.23
C ILE A 959 -24.70 26.29 62.34
N LEU A 960 -24.12 25.10 62.20
CA LEU A 960 -24.14 24.13 63.29
C LEU A 960 -22.93 24.25 64.21
N ARG A 961 -21.94 25.07 63.86
CA ARG A 961 -20.74 25.23 64.65
C ARG A 961 -20.89 26.25 65.78
N LEU A 962 -21.81 27.20 65.66
CA LEU A 962 -21.98 28.26 66.64
C LEU A 962 -23.00 27.89 67.72
N GLN A 963 -22.87 26.69 68.29
CA GLN A 963 -23.83 26.15 69.24
C GLN A 963 -23.07 25.44 70.35
N ASP A 964 -23.81 24.65 71.14
CA ASP A 964 -23.21 23.96 72.26
C ASP A 964 -22.30 22.84 71.77
N GLN A 965 -21.55 22.26 72.72
CA GLN A 965 -20.38 21.45 72.35
C GLN A 965 -20.68 20.30 71.39
N PRO A 966 -21.75 19.50 71.54
CA PRO A 966 -21.98 18.43 70.55
C PRO A 966 -22.22 18.95 69.15
N PHE A 967 -23.04 20.01 69.01
CA PHE A 967 -23.27 20.59 67.70
C PHE A 967 -22.01 21.21 67.14
N ARG A 968 -21.19 21.82 68.01
CA ARG A 968 -19.92 22.38 67.57
C ARG A 968 -19.00 21.28 67.04
N SER A 969 -18.97 20.13 67.71
CA SER A 969 -18.15 19.02 67.24
C SER A 969 -18.66 18.50 65.90
N ASP A 970 -19.98 18.40 65.73
CA ASP A 970 -20.53 17.96 64.45
C ASP A 970 -20.17 18.94 63.33
N GLY A 971 -20.26 20.24 63.62
CA GLY A 971 -19.88 21.22 62.62
C GLY A 971 -18.41 21.16 62.26
N ARG A 972 -17.56 20.93 63.27
CA ARG A 972 -16.14 20.78 63.00
C ARG A 972 -15.86 19.57 62.12
N VAL A 973 -16.56 18.46 62.37
CA VAL A 973 -16.40 17.27 61.53
C VAL A 973 -16.86 17.57 60.11
N ILE A 974 -17.92 18.38 59.97
CA ILE A 974 -18.36 18.78 58.64
C ILE A 974 -17.28 19.59 57.94
N TYR A 975 -16.62 20.50 58.67
CA TYR A 975 -15.51 21.25 58.10
C TYR A 975 -14.40 20.32 57.62
N CYS A 976 -14.05 19.33 58.46
CA CYS A 976 -12.98 18.41 58.12
C CYS A 976 -13.30 17.62 56.86
N VAL A 977 -14.55 17.17 56.73
CA VAL A 977 -14.94 16.48 55.51
C VAL A 977 -14.95 17.44 54.31
N ASN A 978 -15.33 18.69 54.53
CA ASN A 978 -15.47 19.64 53.44
C ASN A 978 -14.12 20.05 52.86
N ILE A 979 -13.07 20.06 53.67
CA ILE A 979 -11.76 20.51 53.18
C ILE A 979 -11.21 19.61 52.08
N ILE A 980 -11.68 18.35 52.01
CA ILE A 980 -11.18 17.43 50.99
C ILE A 980 -11.57 17.90 49.59
N TYR A 981 -12.79 18.41 49.43
CA TYR A 981 -13.21 18.90 48.13
C TYR A 981 -12.38 20.10 47.69
N TRP A 982 -12.09 21.02 48.62
CA TRP A 982 -11.30 22.18 48.24
C TRP A 982 -9.86 21.80 47.93
N TYR A 983 -9.36 20.72 48.55
CA TYR A 983 -8.07 20.18 48.11
C TYR A 983 -8.16 19.63 46.69
N ILE A 984 -9.19 18.84 46.41
CA ILE A 984 -9.31 18.18 45.11
C ILE A 984 -9.54 19.20 43.99
N ARG A 985 -10.12 20.36 44.33
CA ARG A 985 -10.43 21.38 43.33
C ARG A 985 -9.20 22.00 42.71
N LEU A 986 -8.00 21.77 43.26
CA LEU A 986 -6.78 22.29 42.65
C LEU A 986 -6.53 21.71 41.26
N LEU A 987 -7.12 20.57 40.93
CA LEU A 987 -6.94 20.01 39.59
C LEU A 987 -7.58 20.90 38.53
N ASP A 988 -8.69 21.56 38.89
CA ASP A 988 -9.31 22.52 37.97
C ASP A 988 -8.36 23.66 37.65
N ILE A 989 -7.61 24.14 38.64
CA ILE A 989 -6.60 25.17 38.40
C ILE A 989 -5.43 24.60 37.59
N PHE A 990 -5.04 23.37 37.89
CA PHE A 990 -3.94 22.74 37.14
C PHE A 990 -4.30 22.55 35.68
N GLY A 991 -5.58 22.46 35.36
CA GLY A 991 -6.02 22.26 33.98
C GLY A 991 -5.57 23.33 33.00
N VAL A 992 -4.98 24.41 33.49
CA VAL A 992 -4.47 25.45 32.58
C VAL A 992 -3.12 25.05 31.99
N ASN A 993 -2.37 24.18 32.68
CA ASN A 993 -1.09 23.73 32.17
C ASN A 993 -1.26 22.90 30.91
N LYS A 994 -0.27 22.99 30.02
CA LYS A 994 -0.34 22.29 28.74
C LYS A 994 -0.33 20.78 28.92
N TYR A 995 0.30 20.29 29.98
CA TYR A 995 0.45 18.86 30.19
C TYR A 995 -0.47 18.30 31.27
N LEU A 996 -0.81 19.07 32.29
CA LEU A 996 -1.61 18.55 33.39
C LEU A 996 -3.09 18.41 33.05
N GLY A 997 -3.62 19.29 32.21
CA GLY A 997 -5.03 19.25 31.86
C GLY A 997 -5.46 17.98 31.16
N PRO A 998 -4.78 17.61 30.07
CA PRO A 998 -5.09 16.35 29.41
C PRO A 998 -4.96 15.13 30.32
N TYR A 999 -4.00 15.14 31.25
CA TYR A 999 -3.87 14.03 32.19
C TYR A 999 -5.09 13.93 33.10
N VAL A 1000 -5.60 15.07 33.57
CA VAL A 1000 -6.80 15.06 34.40
C VAL A 1000 -8.00 14.53 33.62
N MET A 1001 -8.11 14.95 32.36
CA MET A 1001 -9.18 14.43 31.51
C MET A 1001 -9.06 12.91 31.34
N MET A 1002 -7.84 12.41 31.14
CA MET A 1002 -7.64 10.97 31.01
C MET A 1002 -8.03 10.24 32.28
N ILE A 1003 -7.69 10.80 33.44
CA ILE A 1003 -8.09 10.19 34.72
C ILE A 1003 -9.60 10.09 34.80
N GLY A 1004 -10.29 11.18 34.47
CA GLY A 1004 -11.74 11.17 34.49
C GLY A 1004 -12.32 10.12 33.56
N LYS A 1005 -11.70 9.92 32.39
CA LYS A 1005 -12.20 8.93 31.45
C LYS A 1005 -11.92 7.50 31.90
N MET A 1006 -10.82 7.28 32.62
CA MET A 1006 -10.47 5.93 33.07
C MET A 1006 -11.24 5.51 34.32
N MET A 1007 -11.83 6.47 35.04
CA MET A 1007 -12.60 6.11 36.23
C MET A 1007 -13.73 5.14 35.92
N ILE A 1008 -14.34 5.23 34.74
CA ILE A 1008 -15.46 4.34 34.39
C ILE A 1008 -14.98 2.91 34.23
N ASP A 1009 -13.85 2.72 33.55
CA ASP A 1009 -13.28 1.39 33.41
C ASP A 1009 -12.89 0.82 34.77
N MET A 1010 -12.39 1.67 35.67
CA MET A 1010 -12.09 1.19 37.02
C MET A 1010 -13.36 0.76 37.75
N MET A 1011 -14.44 1.52 37.59
N MET A 1011 -14.44 1.52 37.59
CA MET A 1011 -15.69 1.17 38.27
CA MET A 1011 -15.70 1.19 38.25
C MET A 1011 -16.28 -0.13 37.75
C MET A 1011 -16.24 -0.15 37.76
N TYR A 1012 -16.09 -0.43 36.46
CA TYR A 1012 -16.61 -1.69 35.93
C TYR A 1012 -15.90 -2.92 36.50
N PHE A 1013 -14.70 -2.76 37.07
CA PHE A 1013 -14.01 -3.86 37.73
C PHE A 1013 -14.18 -3.87 39.24
N VAL A 1014 -14.46 -2.71 39.83
CA VAL A 1014 -14.74 -2.64 41.27
C VAL A 1014 -15.90 -3.56 41.65
N ILE A 1015 -16.90 -3.70 40.77
CA ILE A 1015 -18.07 -4.51 41.09
C ILE A 1015 -17.70 -5.99 41.20
N ILE A 1016 -16.93 -6.50 40.24
CA ILE A 1016 -16.48 -7.89 40.30
C ILE A 1016 -15.61 -8.13 41.51
N MET A 1017 -14.69 -7.19 41.79
CA MET A 1017 -13.85 -7.33 42.97
C MET A 1017 -14.69 -7.37 44.24
N LEU A 1018 -15.74 -6.54 44.30
CA LEU A 1018 -16.62 -6.53 45.46
C LEU A 1018 -17.34 -7.86 45.63
N VAL A 1019 -17.80 -8.45 44.52
CA VAL A 1019 -18.47 -9.74 44.60
C VAL A 1019 -17.55 -10.79 45.21
N VAL A 1020 -16.32 -10.88 44.70
CA VAL A 1020 -15.38 -11.88 45.21
C VAL A 1020 -15.04 -11.61 46.67
N LEU A 1021 -14.80 -10.35 47.01
CA LEU A 1021 -14.46 -9.98 48.37
C LEU A 1021 -15.57 -10.32 49.34
N MET A 1022 -16.82 -10.02 48.98
CA MET A 1022 -17.94 -10.31 49.86
C MET A 1022 -18.12 -11.81 50.06
N SER A 1023 -17.95 -12.60 48.99
CA SER A 1023 -18.03 -14.04 49.15
C SER A 1023 -17.02 -14.54 50.17
N PHE A 1024 -15.74 -14.13 50.00
CA PHE A 1024 -14.71 -14.59 50.93
C PHE A 1024 -14.99 -14.13 52.36
N GLY A 1025 -15.38 -12.86 52.54
CA GLY A 1025 -15.59 -12.34 53.87
C GLY A 1025 -16.74 -13.01 54.59
N VAL A 1026 -17.85 -13.22 53.89
CA VAL A 1026 -19.00 -13.90 54.49
C VAL A 1026 -18.61 -15.32 54.89
N ALA A 1027 -17.90 -16.04 54.01
CA ALA A 1027 -17.50 -17.40 54.33
C ALA A 1027 -16.62 -17.43 55.58
N ARG A 1028 -15.61 -16.56 55.64
CA ARG A 1028 -14.70 -16.56 56.78
C ARG A 1028 -15.43 -16.24 58.07
N GLN A 1029 -16.26 -15.18 58.05
CA GLN A 1029 -16.96 -14.78 59.27
C GLN A 1029 -17.91 -15.87 59.74
N ALA A 1030 -18.63 -16.50 58.81
CA ALA A 1030 -19.57 -17.54 59.19
C ALA A 1030 -18.86 -18.73 59.79
N ILE A 1031 -17.74 -19.16 59.19
CA ILE A 1031 -17.05 -20.34 59.69
C ILE A 1031 -16.42 -20.08 61.05
N LEU A 1032 -15.71 -18.96 61.20
CA LEU A 1032 -14.91 -18.77 62.41
C LEU A 1032 -15.73 -18.40 63.63
N PHE A 1033 -16.88 -17.76 63.46
CA PHE A 1033 -17.68 -17.25 64.57
C PHE A 1033 -19.11 -17.77 64.46
N PRO A 1034 -19.36 -18.99 64.94
CA PRO A 1034 -20.68 -19.62 64.75
C PRO A 1034 -21.71 -19.37 65.86
N ASN A 1035 -21.48 -18.44 66.77
CA ASN A 1035 -22.39 -18.21 67.90
C ASN A 1035 -22.64 -16.72 68.08
N GLU A 1036 -22.96 -16.03 66.99
CA GLU A 1036 -23.11 -14.58 67.01
C GLU A 1036 -24.58 -14.18 67.02
N GLU A 1037 -24.91 -13.25 67.92
CA GLU A 1037 -26.22 -12.62 67.98
C GLU A 1037 -26.34 -11.58 66.86
N PRO A 1038 -27.55 -11.33 66.37
CA PRO A 1038 -27.72 -10.28 65.35
C PRO A 1038 -27.18 -8.94 65.84
N SER A 1039 -26.33 -8.34 65.03
CA SER A 1039 -25.68 -7.08 65.38
C SER A 1039 -25.21 -6.40 64.10
N TRP A 1040 -25.01 -5.09 64.19
CA TRP A 1040 -24.52 -4.34 63.04
C TRP A 1040 -23.04 -4.53 62.78
N LYS A 1041 -22.29 -5.04 63.76
CA LYS A 1041 -20.87 -5.32 63.56
C LYS A 1041 -20.64 -6.41 62.53
N LEU A 1042 -21.64 -7.27 62.30
CA LEU A 1042 -21.49 -8.33 61.31
C LEU A 1042 -21.33 -7.74 59.91
N ALA A 1043 -22.06 -6.67 59.60
CA ALA A 1043 -21.93 -6.02 58.30
C ALA A 1043 -20.56 -5.37 58.11
N LYS A 1044 -19.86 -5.06 59.20
CA LYS A 1044 -18.55 -4.43 59.08
C LYS A 1044 -17.44 -5.46 58.88
N ASN A 1045 -17.56 -6.61 59.54
CA ASN A 1045 -16.53 -7.65 59.45
C ASN A 1045 -16.47 -8.33 58.09
N ILE A 1046 -17.52 -8.18 57.27
CA ILE A 1046 -17.51 -8.78 55.94
C ILE A 1046 -16.55 -8.05 55.02
N PHE A 1047 -16.49 -6.72 55.13
CA PHE A 1047 -15.78 -5.88 54.17
C PHE A 1047 -14.42 -5.40 54.64
N TYR A 1048 -14.25 -5.18 55.94
CA TYR A 1048 -13.11 -4.47 56.50
C TYR A 1048 -11.78 -5.17 56.22
N MET A 1049 -11.57 -6.32 56.84
CA MET A 1049 -10.31 -7.06 56.76
C MET A 1049 -10.06 -7.65 55.37
N PRO A 1050 -11.07 -8.24 54.70
CA PRO A 1050 -10.83 -8.69 53.32
C PRO A 1050 -10.40 -7.56 52.40
N TYR A 1051 -10.88 -6.34 52.64
CA TYR A 1051 -10.43 -5.22 51.83
C TYR A 1051 -9.01 -4.81 52.18
N TRP A 1052 -8.68 -4.76 53.47
CA TRP A 1052 -7.32 -4.37 53.84
C TRP A 1052 -6.30 -5.40 53.38
N MET A 1053 -6.69 -6.67 53.26
CA MET A 1053 -5.74 -7.72 52.91
C MET A 1053 -5.15 -7.50 51.53
N ILE A 1054 -5.96 -7.10 50.55
CA ILE A 1054 -5.48 -6.99 49.17
C ILE A 1054 -4.56 -5.80 48.96
N TYR A 1055 -4.35 -4.98 49.97
CA TYR A 1055 -3.41 -3.86 49.89
C TYR A 1055 -2.14 -4.12 50.68
N GLY A 1056 -1.81 -5.39 50.93
CA GLY A 1056 -0.58 -5.77 51.58
C GLY A 1056 -0.72 -6.16 53.03
N GLU A 1057 -1.84 -5.82 53.68
CA GLU A 1057 -2.04 -6.13 55.10
C GLU A 1057 -2.56 -7.55 55.23
N VAL A 1058 -1.67 -8.52 55.06
CA VAL A 1058 -1.98 -9.94 55.21
C VAL A 1058 -1.37 -10.42 56.52
N PHE A 1059 -2.20 -11.00 57.38
CA PHE A 1059 -1.75 -11.51 58.68
C PHE A 1059 -2.34 -12.90 58.87
N ALA A 1060 -1.51 -13.92 58.70
CA ALA A 1060 -1.99 -15.30 58.74
C ALA A 1060 -2.48 -15.68 60.14
N ASP A 1061 -1.95 -15.04 61.18
CA ASP A 1061 -2.36 -15.40 62.54
C ASP A 1061 -3.74 -14.87 62.87
N GLN A 1062 -4.26 -13.94 62.08
CA GLN A 1062 -5.60 -13.40 62.29
C GLN A 1062 -6.63 -13.94 61.31
N ILE A 1063 -6.24 -14.20 60.05
CA ILE A 1063 -7.16 -14.79 59.10
C ILE A 1063 -7.55 -16.19 59.53
N ASP A 1064 -6.59 -16.95 60.07
CA ASP A 1064 -6.84 -18.30 60.57
C ASP A 1064 -6.07 -18.48 61.86
N PRO A 1065 -6.69 -18.17 63.01
CA PRO A 1065 -5.98 -18.30 64.27
C PRO A 1065 -5.71 -19.77 64.58
N PRO A 1066 -4.60 -20.07 65.27
CA PRO A 1066 -4.32 -21.45 65.64
C PRO A 1066 -5.34 -21.98 66.65
N CYS A 1067 -5.52 -23.29 66.64
CA CYS A 1067 -6.47 -23.95 67.53
C CYS A 1067 -6.24 -25.46 67.57
N GLN A 1080 -3.76 -25.74 75.66
CA GLN A 1080 -3.58 -24.31 75.89
C GLN A 1080 -4.44 -23.50 74.91
N LEU A 1081 -4.30 -23.80 73.63
CA LEU A 1081 -5.06 -23.10 72.62
C LEU A 1081 -6.54 -23.49 72.69
N PRO A 1082 -7.44 -22.59 72.30
CA PRO A 1082 -8.87 -22.90 72.36
C PRO A 1082 -9.22 -24.03 71.42
N PRO A 1083 -10.31 -24.75 71.69
CA PRO A 1083 -10.69 -25.88 70.82
C PRO A 1083 -10.92 -25.43 69.39
N CYS A 1084 -10.56 -26.32 68.47
CA CYS A 1084 -10.65 -25.99 67.05
C CYS A 1084 -12.10 -25.91 66.60
N LYS A 1085 -12.43 -24.84 65.89
CA LYS A 1085 -13.73 -24.74 65.25
C LYS A 1085 -13.83 -25.75 64.12
N THR A 1086 -15.05 -26.26 63.91
CA THR A 1086 -15.27 -27.22 62.84
C THR A 1086 -15.00 -26.60 61.48
N GLY A 1087 -14.13 -27.22 60.70
CA GLY A 1087 -13.82 -26.72 59.38
C GLY A 1087 -12.95 -25.50 59.34
N ALA A 1088 -12.16 -25.25 60.39
CA ALA A 1088 -11.30 -24.08 60.43
C ALA A 1088 -10.14 -24.15 59.45
N TRP A 1089 -9.85 -25.34 58.90
CA TRP A 1089 -8.75 -25.51 57.96
C TRP A 1089 -9.08 -25.00 56.56
N ILE A 1090 -10.35 -24.69 56.28
CA ILE A 1090 -10.73 -24.23 54.94
C ILE A 1090 -10.43 -22.75 54.74
N VAL A 1091 -10.30 -21.98 55.84
CA VAL A 1091 -10.07 -20.55 55.72
C VAL A 1091 -8.78 -20.23 54.99
N PRO A 1092 -7.63 -20.85 55.31
CA PRO A 1092 -6.43 -20.56 54.53
C PRO A 1092 -6.54 -20.93 53.06
N ALA A 1093 -7.27 -22.00 52.73
CA ALA A 1093 -7.40 -22.40 51.33
C ALA A 1093 -8.23 -21.39 50.54
N ILE A 1094 -9.38 -20.99 51.09
CA ILE A 1094 -10.18 -19.98 50.40
C ILE A 1094 -9.44 -18.64 50.37
N MET A 1095 -8.63 -18.35 51.39
CA MET A 1095 -7.83 -17.13 51.38
C MET A 1095 -6.80 -17.15 50.26
N ALA A 1096 -6.15 -18.30 50.05
CA ALA A 1096 -5.18 -18.42 48.96
C ALA A 1096 -5.85 -18.22 47.61
N CYS A 1097 -7.01 -18.86 47.41
CA CYS A 1097 -7.73 -18.68 46.15
C CYS A 1097 -8.15 -17.23 45.95
N TYR A 1098 -8.63 -16.58 47.02
CA TYR A 1098 -9.06 -15.20 46.94
C TYR A 1098 -7.91 -14.28 46.58
N LEU A 1099 -6.75 -14.45 47.22
CA LEU A 1099 -5.60 -13.63 46.90
C LEU A 1099 -5.16 -13.83 45.45
N LEU A 1100 -5.13 -15.08 44.99
CA LEU A 1100 -4.74 -15.34 43.62
C LEU A 1100 -5.69 -14.69 42.63
N VAL A 1101 -7.00 -14.77 42.89
CA VAL A 1101 -7.98 -14.18 41.97
C VAL A 1101 -7.87 -12.65 41.98
N ALA A 1102 -7.71 -12.05 43.17
CA ALA A 1102 -7.75 -10.60 43.26
C ALA A 1102 -6.46 -9.95 42.76
N ASN A 1103 -5.31 -10.34 43.33
CA ASN A 1103 -4.09 -9.60 43.10
C ASN A 1103 -3.38 -9.97 41.80
N ILE A 1104 -3.74 -11.06 41.15
CA ILE A 1104 -3.06 -11.54 39.96
C ILE A 1104 -3.92 -11.42 38.71
N LEU A 1105 -5.17 -11.87 38.79
CA LEU A 1105 -6.00 -11.93 37.60
C LEU A 1105 -6.64 -10.57 37.28
N LEU A 1106 -7.43 -10.05 38.23
CA LEU A 1106 -8.20 -8.84 37.95
C LEU A 1106 -7.29 -7.62 37.81
N VAL A 1107 -6.24 -7.53 38.63
CA VAL A 1107 -5.34 -6.39 38.56
C VAL A 1107 -4.65 -6.34 37.21
N ASN A 1108 -4.14 -7.49 36.75
CA ASN A 1108 -3.45 -7.53 35.46
C ASN A 1108 -4.42 -7.28 34.31
N LEU A 1109 -5.65 -7.78 34.42
CA LEU A 1109 -6.64 -7.49 33.38
C LEU A 1109 -6.95 -6.00 33.31
N LEU A 1110 -7.08 -5.34 34.46
CA LEU A 1110 -7.30 -3.90 34.46
C LEU A 1110 -6.11 -3.14 33.88
N ILE A 1111 -4.90 -3.62 34.17
CA ILE A 1111 -3.70 -3.01 33.58
C ILE A 1111 -3.75 -3.13 32.06
N ALA A 1112 -4.14 -4.30 31.54
CA ALA A 1112 -4.24 -4.48 30.10
C ALA A 1112 -5.31 -3.58 29.50
N VAL A 1113 -6.43 -3.43 30.20
CA VAL A 1113 -7.51 -2.56 29.71
C VAL A 1113 -7.02 -1.11 29.62
N PHE A 1114 -6.32 -0.64 30.65
CA PHE A 1114 -5.77 0.72 30.61
C PHE A 1114 -4.74 0.86 29.50
N ASN A 1115 -3.91 -0.15 29.31
CA ASN A 1115 -2.84 -0.08 28.33
C ASN A 1115 -3.38 -0.02 26.91
N ASN A 1116 -4.43 -0.78 26.62
CA ASN A 1116 -4.89 -0.94 25.25
C ASN A 1116 -5.91 0.11 24.81
N THR A 1117 -6.25 1.06 25.67
CA THR A 1117 -7.18 2.13 25.32
C THR A 1117 -6.55 3.50 25.52
N PHE A 1118 -5.24 3.56 25.73
CA PHE A 1118 -4.56 4.79 26.09
C PHE A 1118 -4.45 5.77 24.93
N PHE A 1119 -4.22 5.28 23.71
CA PHE A 1119 -3.92 6.16 22.60
C PHE A 1119 -5.12 7.02 22.21
N GLU A 1120 -6.29 6.40 22.03
CA GLU A 1120 -7.47 7.16 21.63
C GLU A 1120 -7.92 8.10 22.74
N VAL A 1121 -7.86 7.65 23.99
CA VAL A 1121 -8.22 8.51 25.11
C VAL A 1121 -7.31 9.73 25.17
N LYS A 1122 -6.01 9.51 24.98
CA LYS A 1122 -5.06 10.63 25.00
C LYS A 1122 -5.34 11.62 23.88
N SER A 1123 -5.58 11.13 22.66
CA SER A 1123 -5.85 12.03 21.55
C SER A 1123 -7.13 12.83 21.77
N ILE A 1124 -8.19 12.16 22.22
CA ILE A 1124 -9.45 12.85 22.47
C ILE A 1124 -9.29 13.90 23.57
N SER A 1125 -8.53 13.56 24.62
CA SER A 1125 -8.32 14.51 25.71
C SER A 1125 -7.56 15.73 25.23
N ASN A 1126 -6.54 15.53 24.39
CA ASN A 1126 -5.81 16.67 23.84
C ASN A 1126 -6.73 17.58 23.04
N GLN A 1127 -7.56 16.99 22.17
CA GLN A 1127 -8.47 17.80 21.36
C GLN A 1127 -9.46 18.56 22.23
N VAL A 1128 -10.00 17.90 23.26
CA VAL A 1128 -10.99 18.56 24.11
C VAL A 1128 -10.36 19.69 24.91
N TRP A 1129 -9.13 19.49 25.40
CA TRP A 1129 -8.46 20.57 26.14
C TRP A 1129 -8.20 21.76 25.25
N LYS A 1130 -7.73 21.51 24.01
CA LYS A 1130 -7.52 22.61 23.08
C LYS A 1130 -8.81 23.34 22.77
N PHE A 1131 -9.91 22.61 22.63
CA PHE A 1131 -11.20 23.28 22.41
C PHE A 1131 -11.62 24.10 23.62
N GLN A 1132 -11.39 23.59 24.82
CA GLN A 1132 -11.89 24.25 26.03
C GLN A 1132 -11.03 25.42 26.50
N ARG A 1133 -9.86 25.62 25.90
CA ARG A 1133 -9.10 26.83 26.21
C ARG A 1133 -9.92 28.11 25.99
N TYR A 1134 -10.78 28.10 24.97
CA TYR A 1134 -11.53 29.31 24.59
C TYR A 1134 -12.43 29.79 25.73
N GLN A 1135 -13.15 28.87 26.37
CA GLN A 1135 -14.05 29.26 27.44
C GLN A 1135 -13.29 29.78 28.65
N LEU A 1136 -12.12 29.21 28.94
CA LEU A 1136 -11.29 29.73 30.03
C LEU A 1136 -10.87 31.17 29.73
N ILE A 1137 -10.44 31.43 28.51
CA ILE A 1137 -10.00 32.79 28.15
C ILE A 1137 -11.17 33.76 28.25
N MET A 1138 -12.35 33.36 27.75
CA MET A 1138 -13.52 34.23 27.85
C MET A 1138 -13.90 34.48 29.30
N THR A 1139 -13.87 33.44 30.13
CA THR A 1139 -14.25 33.59 31.53
C THR A 1139 -13.34 34.56 32.25
N PHE A 1140 -12.04 34.46 32.02
CA PHE A 1140 -11.14 35.39 32.69
C PHE A 1140 -11.08 36.76 32.02
N HIS A 1141 -11.59 36.90 30.79
CA HIS A 1141 -11.78 38.22 30.23
C HIS A 1141 -13.00 38.93 30.83
N GLU A 1142 -14.05 38.17 31.15
CA GLU A 1142 -15.30 38.75 31.65
C GLU A 1142 -15.33 38.89 33.17
N ARG A 1143 -14.20 38.77 33.86
CA ARG A 1143 -14.16 38.77 35.30
C ARG A 1143 -13.58 40.06 35.85
N PRO A 1144 -13.91 40.43 37.09
CA PRO A 1144 -13.32 41.62 37.69
C PRO A 1144 -11.83 41.45 37.91
N VAL A 1145 -11.18 42.58 38.22
CA VAL A 1145 -9.74 42.57 38.47
C VAL A 1145 -9.42 41.88 39.79
N LEU A 1146 -10.22 42.14 40.82
CA LEU A 1146 -9.94 41.62 42.15
C LEU A 1146 -10.37 40.16 42.29
N PRO A 1147 -9.75 39.43 43.21
CA PRO A 1147 -10.15 38.03 43.45
C PRO A 1147 -11.31 37.96 44.43
N PRO A 1148 -11.91 36.78 44.61
CA PRO A 1148 -13.17 36.66 45.37
C PRO A 1148 -13.12 37.31 46.75
N PRO A 1149 -12.08 37.10 47.57
CA PRO A 1149 -12.11 37.71 48.91
C PRO A 1149 -12.12 39.23 48.87
N LEU A 1150 -11.74 39.85 47.76
CA LEU A 1150 -11.69 41.30 47.65
C LEU A 1150 -12.75 41.89 46.73
N ILE A 1151 -13.57 41.06 46.08
CA ILE A 1151 -14.62 41.59 45.20
C ILE A 1151 -15.86 41.92 46.00
N ILE A 1152 -15.73 41.92 47.33
CA ILE A 1152 -16.86 42.30 48.17
C ILE A 1152 -17.27 43.74 47.90
N PHE A 1153 -16.29 44.61 47.65
CA PHE A 1153 -16.59 46.00 47.31
C PHE A 1153 -17.10 46.11 45.88
N SER A 1154 -16.51 45.35 44.95
CA SER A 1154 -16.85 45.49 43.54
C SER A 1154 -18.30 45.13 43.27
N HIS A 1155 -18.90 44.28 44.10
CA HIS A 1155 -20.31 43.96 43.92
C HIS A 1155 -21.20 45.16 44.22
N MET A 1156 -20.81 45.99 45.18
CA MET A 1156 -21.59 47.19 45.50
C MET A 1156 -21.39 48.29 44.46
N THR A 1157 -20.19 48.39 43.88
CA THR A 1157 -19.95 49.44 42.88
C THR A 1157 -20.83 49.25 41.65
N MET A 1158 -20.98 48.00 41.20
CA MET A 1158 -21.86 47.74 40.06
C MET A 1158 -23.30 48.12 40.37
N ARG A 1177 -16.00 45.51 23.13
CA ARG A 1177 -14.69 44.90 23.35
C ARG A 1177 -13.75 45.24 22.20
N ASP A 1178 -12.86 46.20 22.43
CA ASP A 1178 -11.91 46.60 21.39
C ASP A 1178 -11.04 45.42 20.96
N TYR A 1179 -10.72 44.54 21.90
CA TYR A 1179 -10.08 43.26 21.59
C TYR A 1179 -10.36 42.33 22.75
N GLY A 1180 -9.92 41.07 22.59
CA GLY A 1180 -10.29 40.01 23.48
C GLY A 1180 -11.57 39.30 23.08
N LEU A 1181 -12.46 40.00 22.39
CA LEU A 1181 -13.63 39.40 21.76
C LEU A 1181 -13.68 39.63 20.26
N LYS A 1182 -13.59 40.89 19.82
CA LYS A 1182 -13.78 41.20 18.40
C LYS A 1182 -12.64 42.05 17.84
N LEU A 1183 -12.82 42.55 16.62
CA LEU A 1183 -11.82 43.38 15.96
C LEU A 1183 -12.54 44.23 14.93
N PHE A 1184 -12.58 45.54 15.14
CA PHE A 1184 -13.31 46.45 14.27
C PHE A 1184 -12.37 46.97 13.18
N ILE A 1185 -12.77 46.79 11.93
CA ILE A 1185 -11.90 47.02 10.78
C ILE A 1185 -12.50 48.12 9.91
N THR A 1186 -11.63 48.79 9.16
CA THR A 1186 -12.03 49.87 8.28
C THR A 1186 -12.36 49.34 6.88
N ASP A 1187 -12.92 50.22 6.05
CA ASP A 1187 -13.40 49.81 4.73
C ASP A 1187 -12.27 49.31 3.84
N ASP A 1188 -11.15 50.04 3.81
CA ASP A 1188 -10.03 49.63 2.97
C ASP A 1188 -9.42 48.32 3.45
N GLU A 1189 -9.24 48.17 4.76
CA GLU A 1189 -8.74 46.92 5.29
C GLU A 1189 -9.75 45.79 5.12
N LEU A 1190 -11.05 46.12 5.17
CA LEU A 1190 -12.06 45.11 4.89
C LEU A 1190 -11.95 44.61 3.45
N LYS A 1191 -11.75 45.53 2.51
CA LYS A 1191 -11.54 45.13 1.11
C LYS A 1191 -10.28 44.28 0.98
N LYS A 1192 -9.22 44.63 1.70
CA LYS A 1192 -8.00 43.83 1.67
C LYS A 1192 -8.26 42.41 2.16
N VAL A 1193 -9.01 42.27 3.26
CA VAL A 1193 -9.32 40.95 3.81
C VAL A 1193 -10.17 40.16 2.82
N HIS A 1194 -11.15 40.81 2.19
CA HIS A 1194 -11.97 40.12 1.20
C HIS A 1194 -11.15 39.62 0.02
N ASP A 1195 -10.24 40.46 -0.49
CA ASP A 1195 -9.38 40.03 -1.60
C ASP A 1195 -8.48 38.87 -1.20
N PHE A 1196 -7.93 38.93 0.02
CA PHE A 1196 -7.09 37.84 0.50
C PHE A 1196 -7.88 36.54 0.57
N GLU A 1197 -9.11 36.60 1.07
CA GLU A 1197 -9.93 35.40 1.16
C GLU A 1197 -10.27 34.84 -0.22
N GLU A 1198 -10.59 35.71 -1.18
CA GLU A 1198 -10.89 35.24 -2.53
C GLU A 1198 -9.68 34.57 -3.17
N GLN A 1199 -8.50 35.16 -3.01
CA GLN A 1199 -7.29 34.54 -3.53
C GLN A 1199 -7.06 33.18 -2.88
N CYS A 1200 -7.29 33.09 -1.57
CA CYS A 1200 -7.08 31.82 -0.87
C CYS A 1200 -8.02 30.73 -1.39
N ILE A 1201 -9.30 31.07 -1.59
CA ILE A 1201 -10.24 30.05 -2.04
C ILE A 1201 -9.94 29.63 -3.48
N GLU A 1202 -9.53 30.59 -4.32
CA GLU A 1202 -9.13 30.23 -5.68
C GLU A 1202 -7.93 29.30 -5.69
N GLU A 1203 -6.92 29.60 -4.86
CA GLU A 1203 -5.76 28.73 -4.77
C GLU A 1203 -6.12 27.35 -4.25
N TYR A 1204 -7.04 27.29 -3.27
CA TYR A 1204 -7.47 26.00 -2.75
C TYR A 1204 -8.09 25.13 -3.84
N PHE A 1205 -9.02 25.71 -4.61
CA PHE A 1205 -9.66 24.93 -5.66
C PHE A 1205 -8.67 24.51 -6.74
N ARG A 1206 -7.77 25.42 -7.13
CA ARG A 1206 -6.78 25.08 -8.14
C ARG A 1206 -5.87 23.96 -7.68
N GLU A 1207 -5.41 24.01 -6.43
CA GLU A 1207 -4.56 22.96 -5.90
C GLU A 1207 -5.29 21.63 -5.83
N LYS A 1208 -6.57 21.65 -5.43
CA LYS A 1208 -7.33 20.41 -5.37
C LYS A 1208 -7.48 19.78 -6.76
N ASP A 1209 -7.78 20.60 -7.77
CA ASP A 1209 -7.89 20.08 -9.13
C ASP A 1209 -6.56 19.52 -9.62
N ASP A 1210 -5.46 20.22 -9.34
CA ASP A 1210 -4.15 19.73 -9.78
C ASP A 1210 -3.81 18.41 -9.11
N ARG A 1211 -4.12 18.27 -7.82
CA ARG A 1211 -3.85 17.01 -7.13
C ARG A 1211 -4.70 15.88 -7.72
N PHE A 1212 -5.97 16.17 -8.03
CA PHE A 1212 -6.83 15.12 -8.56
C PHE A 1212 -6.38 14.66 -9.94
N ASN A 1213 -6.03 15.60 -10.81
CA ASN A 1213 -5.71 15.23 -12.19
C ASN A 1213 -4.43 14.43 -12.31
N SER A 1214 -3.51 14.53 -11.35
CA SER A 1214 -2.23 13.86 -11.43
C SER A 1214 -2.17 12.57 -10.61
N SER A 1215 -3.32 12.11 -10.09
CA SER A 1215 -3.35 10.87 -9.35
C SER A 1215 -3.16 9.67 -10.29
N ASN A 1216 -2.69 8.56 -9.71
CA ASN A 1216 -2.46 7.36 -10.51
C ASN A 1216 -3.77 6.78 -11.04
N ASP A 1217 -4.82 6.79 -10.22
CA ASP A 1217 -6.10 6.21 -10.64
C ASP A 1217 -6.69 6.95 -11.82
N GLU A 1218 -6.68 8.28 -11.77
CA GLU A 1218 -7.24 9.06 -12.87
C GLU A 1218 -6.44 8.87 -14.15
N ARG A 1219 -5.11 8.84 -14.04
CA ARG A 1219 -4.27 8.61 -15.21
C ARG A 1219 -4.53 7.23 -15.81
N ILE A 1220 -4.67 6.22 -14.96
CA ILE A 1220 -4.95 4.87 -15.46
C ILE A 1220 -6.30 4.82 -16.16
N ARG A 1221 -7.32 5.45 -15.57
CA ARG A 1221 -8.65 5.45 -16.19
C ARG A 1221 -8.63 6.14 -17.55
N VAL A 1222 -8.01 7.32 -17.61
CA VAL A 1222 -7.96 8.08 -18.86
C VAL A 1222 -7.17 7.30 -19.92
N THR A 1223 -6.05 6.70 -19.51
CA THR A 1223 -5.25 5.91 -20.44
C THR A 1223 -6.06 4.74 -20.99
N SER A 1224 -6.81 4.04 -20.13
CA SER A 1224 -7.61 2.92 -20.60
C SER A 1224 -8.68 3.37 -21.60
N GLU A 1225 -9.37 4.47 -21.30
CA GLU A 1225 -10.39 4.97 -22.23
C GLU A 1225 -9.79 5.37 -23.56
N ARG A 1226 -8.66 6.09 -23.53
CA ARG A 1226 -8.02 6.50 -24.78
C ARG A 1226 -7.51 5.31 -25.57
N VAL A 1227 -6.99 4.29 -24.88
CA VAL A 1227 -6.51 3.10 -25.57
C VAL A 1227 -7.67 2.37 -26.24
N GLU A 1228 -8.81 2.27 -25.56
CA GLU A 1228 -9.97 1.63 -26.18
C GLU A 1228 -10.43 2.40 -27.42
N ASN A 1229 -10.55 3.72 -27.32
CA ASN A 1229 -10.97 4.51 -28.47
C ASN A 1229 -9.97 4.42 -29.62
N MET A 1230 -8.68 4.45 -29.30
CA MET A 1230 -7.64 4.34 -30.31
C MET A 1230 -7.68 2.97 -30.99
N SER A 1231 -7.93 1.91 -30.22
CA SER A 1231 -8.04 0.58 -30.81
C SER A 1231 -9.22 0.50 -31.77
N MET A 1232 -10.36 1.06 -31.37
CA MET A 1232 -11.51 1.07 -32.28
C MET A 1232 -11.21 1.86 -33.54
N ARG A 1233 -10.57 3.02 -33.40
CA ARG A 1233 -10.26 3.85 -34.56
C ARG A 1233 -9.28 3.13 -35.49
N LEU A 1234 -8.26 2.48 -34.93
CA LEU A 1234 -7.31 1.76 -35.77
C LEU A 1234 -7.96 0.56 -36.45
N GLU A 1235 -8.89 -0.11 -35.76
CA GLU A 1235 -9.62 -1.20 -36.40
C GLU A 1235 -10.42 -0.68 -37.58
N GLU A 1236 -11.09 0.46 -37.43
CA GLU A 1236 -11.84 1.03 -38.53
C GLU A 1236 -10.91 1.45 -39.67
N VAL A 1237 -9.75 2.01 -39.35
CA VAL A 1237 -8.81 2.42 -40.38
C VAL A 1237 -8.30 1.22 -41.17
N ASN A 1238 -7.96 0.14 -40.47
CA ASN A 1238 -7.52 -1.09 -41.14
C ASN A 1238 -8.66 -1.78 -41.85
N GLU A 1239 -9.91 -1.48 -41.51
CA GLU A 1239 -11.04 -2.12 -42.16
C GLU A 1239 -11.09 -1.79 -43.64
N ARG A 1240 -10.77 -0.55 -44.01
CA ARG A 1240 -10.86 -0.13 -45.40
C ARG A 1240 -9.85 -0.90 -46.26
N GLU A 1241 -10.21 -1.11 -47.52
CA GLU A 1241 -9.38 -1.83 -48.48
C GLU A 1241 -9.26 -0.99 -49.74
N HIS A 1242 -8.25 -0.10 -49.76
CA HIS A 1242 -7.99 0.73 -50.92
C HIS A 1242 -7.00 0.11 -51.90
N SER A 1243 -6.51 -1.09 -51.61
CA SER A 1243 -5.56 -1.77 -52.48
C SER A 1243 -6.24 -2.79 -53.37
N UNK B 1 -64.34 -3.45 -11.73
CA UNK B 1 -63.00 -2.94 -11.98
C UNK B 1 -63.04 -1.53 -12.54
N UNK B 2 -62.02 -0.74 -12.22
CA UNK B 2 -61.92 0.61 -12.74
C UNK B 2 -61.60 0.58 -14.22
N UNK B 3 -60.98 -0.52 -14.66
CA UNK B 3 -60.60 -0.69 -16.06
C UNK B 3 -61.70 -1.38 -16.85
N UNK B 4 -62.92 -1.38 -16.28
CA UNK B 4 -64.07 -1.97 -16.95
C UNK B 4 -64.78 -0.92 -17.81
N UNK B 5 -64.07 0.15 -18.13
CA UNK B 5 -64.58 1.19 -19.01
C UNK B 5 -64.20 0.87 -20.44
N UNK B 6 -63.44 -0.22 -20.60
CA UNK B 6 -63.00 -0.66 -21.92
C UNK B 6 -63.71 -1.95 -22.30
N UNK B 7 -63.91 -2.15 -23.59
CA UNK B 7 -64.63 -3.32 -24.08
C UNK B 7 -63.88 -3.99 -25.23
N UNK B 8 -64.15 -5.28 -25.42
CA UNK B 8 -63.53 -6.03 -26.51
C UNK B 8 -64.58 -6.39 -27.54
N UNK B 9 -64.20 -7.19 -28.54
CA UNK B 9 -65.11 -7.54 -29.62
C UNK B 9 -64.72 -8.85 -30.30
N UNK B 10 -65.62 -9.83 -30.24
CA UNK B 10 -65.39 -11.14 -30.84
C UNK B 10 -66.42 -11.45 -31.92
N UNK B 11 -66.02 -12.24 -32.91
CA UNK B 11 -66.91 -12.59 -34.03
C UNK B 11 -68.15 -13.34 -33.56
N UNK B 12 -69.26 -13.14 -34.26
CA UNK B 12 -70.52 -13.76 -33.88
C UNK B 12 -71.12 -14.52 -35.06
N UNK B 13 -72.18 -13.96 -35.64
CA UNK B 13 -72.81 -14.55 -36.82
C UNK B 13 -71.84 -14.46 -38.00
N UNK B 14 -70.96 -15.44 -38.09
CA UNK B 14 -69.92 -15.46 -39.11
C UNK B 14 -70.33 -16.29 -40.32
N UNK B 15 -70.07 -15.75 -41.50
CA UNK B 15 -70.34 -16.45 -42.75
C UNK B 15 -69.29 -16.09 -43.80
N UNK B 16 -68.34 -16.99 -44.03
CA UNK B 16 -67.24 -16.70 -44.95
C UNK B 16 -66.92 -17.88 -45.85
N UNK B 17 -65.75 -18.48 -45.63
CA UNK B 17 -65.24 -19.59 -46.43
C UNK B 17 -65.19 -19.23 -47.92
N ILE C 129 11.00 -60.94 -54.07
CA ILE C 129 10.27 -61.80 -53.16
C ILE C 129 9.12 -61.05 -52.52
N SER C 130 7.93 -61.66 -52.53
CA SER C 130 6.72 -61.04 -52.02
C SER C 130 6.71 -61.09 -50.49
N LYS C 131 7.57 -60.27 -49.90
CA LYS C 131 7.73 -60.20 -48.44
C LYS C 131 8.04 -61.58 -47.86
N HIS C 132 9.16 -62.16 -48.32
CA HIS C 132 9.61 -63.47 -47.84
C HIS C 132 10.22 -63.29 -46.46
N THR C 133 9.36 -63.02 -45.49
CA THR C 133 9.77 -62.78 -44.11
C THR C 133 8.95 -63.67 -43.18
N GLN C 134 9.59 -64.13 -42.12
CA GLN C 134 8.91 -64.92 -41.10
C GLN C 134 8.04 -64.02 -40.22
N LEU C 135 7.22 -64.64 -39.39
CA LEU C 135 6.36 -63.94 -38.46
C LEU C 135 6.69 -64.44 -37.05
N SER C 136 7.61 -63.77 -36.40
CA SER C 136 7.92 -64.05 -35.02
C SER C 136 7.22 -63.05 -34.11
N PRO C 137 6.93 -63.41 -32.85
CA PRO C 137 6.27 -62.46 -31.94
C PRO C 137 7.14 -61.22 -31.71
N THR C 138 6.48 -60.16 -31.25
CA THR C 138 7.12 -58.86 -31.16
C THR C 138 8.36 -58.90 -30.28
N ASP C 139 9.40 -58.21 -30.72
CA ASP C 139 10.69 -58.20 -30.03
C ASP C 139 11.06 -56.85 -29.42
N ALA C 140 10.46 -55.75 -29.87
CA ALA C 140 10.83 -54.42 -29.43
C ALA C 140 9.58 -53.65 -29.00
N PHE C 141 9.43 -53.43 -27.70
CA PHE C 141 8.33 -52.62 -27.18
C PHE C 141 8.66 -52.23 -25.74
N GLY C 142 7.94 -51.22 -25.25
CA GLY C 142 8.16 -50.77 -23.90
C GLY C 142 8.08 -49.26 -23.73
N THR C 143 9.15 -48.66 -23.21
CA THR C 143 9.19 -47.22 -22.97
C THR C 143 10.56 -46.69 -23.36
N ILE C 144 10.61 -45.44 -23.79
CA ILE C 144 11.86 -44.77 -24.12
C ILE C 144 11.85 -43.36 -23.54
N GLU C 145 13.00 -42.94 -23.01
CA GLU C 145 13.21 -41.57 -22.60
C GLU C 145 14.16 -40.90 -23.58
N PHE C 146 13.83 -39.66 -23.97
CA PHE C 146 14.61 -38.93 -24.95
C PHE C 146 15.69 -38.12 -24.23
N GLN C 147 16.94 -38.32 -24.63
CA GLN C 147 18.08 -37.57 -24.09
C GLN C 147 18.70 -36.75 -25.20
N GLY C 148 18.85 -35.46 -24.96
CA GLY C 148 19.46 -34.58 -25.94
C GLY C 148 18.77 -33.24 -26.06
N GLY C 149 17.46 -33.21 -25.81
CA GLY C 149 16.72 -31.97 -25.84
C GLY C 149 16.66 -31.28 -24.50
N GLY C 150 15.92 -30.17 -24.46
CA GLY C 150 15.73 -29.44 -23.23
C GLY C 150 14.57 -29.92 -22.38
N HIS C 151 13.92 -31.02 -22.77
CA HIS C 151 12.76 -31.54 -22.08
C HIS C 151 13.02 -32.98 -21.63
N SER C 152 12.19 -33.44 -20.70
CA SER C 152 12.20 -34.81 -20.23
C SER C 152 10.85 -35.42 -20.60
N ASN C 153 10.84 -36.25 -21.64
CA ASN C 153 9.60 -36.81 -22.17
C ASN C 153 9.74 -38.31 -22.33
N LYS C 154 8.70 -39.03 -21.95
CA LYS C 154 8.65 -40.48 -22.07
C LYS C 154 7.63 -40.87 -23.13
N ALA C 155 7.96 -41.88 -23.93
CA ALA C 155 7.09 -42.34 -25.00
C ALA C 155 6.97 -43.86 -24.95
N MET C 156 5.75 -44.34 -25.14
CA MET C 156 5.47 -45.77 -25.23
C MET C 156 5.49 -46.19 -26.69
N TYR C 157 6.02 -47.37 -26.95
CA TYR C 157 6.18 -47.83 -28.33
C TYR C 157 5.99 -49.34 -28.41
N VAL C 158 5.59 -49.80 -29.59
CA VAL C 158 5.48 -51.23 -29.91
C VAL C 158 5.90 -51.40 -31.36
N ARG C 159 6.63 -52.48 -31.64
CA ARG C 159 7.01 -52.84 -33.00
C ARG C 159 6.09 -53.97 -33.47
N VAL C 160 5.27 -53.68 -34.48
CA VAL C 160 4.26 -54.62 -34.96
C VAL C 160 4.28 -54.65 -36.48
N SER C 161 3.71 -55.71 -37.03
CA SER C 161 3.62 -55.86 -38.48
C SER C 161 2.55 -54.93 -39.03
N PHE C 162 2.42 -54.91 -40.36
CA PHE C 162 1.45 -54.05 -41.03
C PHE C 162 0.14 -54.76 -41.31
N ASP C 163 -0.03 -55.99 -40.85
CA ASP C 163 -1.27 -56.73 -41.01
C ASP C 163 -2.08 -56.80 -39.72
N THR C 164 -1.68 -56.06 -38.69
CA THR C 164 -2.38 -56.12 -37.41
C THR C 164 -3.78 -55.52 -37.55
N LYS C 165 -4.77 -56.22 -37.01
CA LYS C 165 -6.15 -55.74 -37.10
C LYS C 165 -6.35 -54.54 -36.20
N PRO C 166 -7.14 -53.55 -36.63
CA PRO C 166 -7.31 -52.32 -35.84
C PRO C 166 -7.92 -52.55 -34.46
N ASP C 167 -8.73 -53.59 -34.29
CA ASP C 167 -9.32 -53.84 -32.98
C ASP C 167 -8.27 -54.20 -31.95
N LEU C 168 -7.26 -54.98 -32.34
CA LEU C 168 -6.17 -55.31 -31.42
C LEU C 168 -5.39 -54.06 -31.02
N LEU C 169 -5.14 -53.16 -31.98
CA LEU C 169 -4.46 -51.91 -31.67
C LEU C 169 -5.30 -51.04 -30.74
N LEU C 170 -6.62 -51.00 -30.96
CA LEU C 170 -7.48 -50.23 -30.08
C LEU C 170 -7.48 -50.81 -28.67
N HIS C 171 -7.47 -52.14 -28.55
CA HIS C 171 -7.36 -52.77 -27.25
C HIS C 171 -6.05 -52.41 -26.57
N LEU C 172 -4.95 -52.43 -27.32
CA LEU C 172 -3.65 -52.05 -26.77
C LEU C 172 -3.65 -50.60 -26.29
N MET C 173 -4.25 -49.70 -27.07
CA MET C 173 -4.21 -48.27 -26.72
C MET C 173 -5.12 -47.98 -25.53
N THR C 174 -6.28 -48.63 -25.46
CA THR C 174 -7.26 -48.32 -24.43
C THR C 174 -7.03 -49.08 -23.12
N LYS C 175 -6.31 -50.19 -23.15
CA LYS C 175 -6.06 -50.95 -21.93
C LYS C 175 -4.60 -50.95 -21.50
N GLU C 176 -3.68 -51.30 -22.41
CA GLU C 176 -2.27 -51.32 -22.04
C GLU C 176 -1.72 -49.91 -21.84
N TRP C 177 -2.04 -49.00 -22.76
CA TRP C 177 -1.61 -47.61 -22.64
C TRP C 177 -2.57 -46.76 -21.83
N GLN C 178 -3.77 -47.28 -21.54
CA GLN C 178 -4.75 -46.61 -20.68
C GLN C 178 -5.14 -45.24 -21.25
N LEU C 179 -5.68 -45.26 -22.47
CA LEU C 179 -6.12 -44.06 -23.15
C LEU C 179 -7.64 -44.12 -23.33
N GLU C 180 -8.33 -43.09 -22.86
CA GLU C 180 -9.77 -42.99 -23.06
C GLU C 180 -10.06 -42.67 -24.52
N LEU C 181 -11.19 -43.20 -25.01
CA LEU C 181 -11.58 -42.97 -26.39
C LEU C 181 -11.70 -41.47 -26.65
N PRO C 182 -11.21 -40.98 -27.79
CA PRO C 182 -11.24 -39.54 -28.06
C PRO C 182 -12.60 -39.09 -28.54
N LYS C 183 -12.89 -37.81 -28.28
CA LYS C 183 -14.07 -37.16 -28.83
C LYS C 183 -13.78 -36.50 -30.16
N LEU C 184 -12.55 -36.61 -30.64
CA LEU C 184 -12.12 -35.99 -31.89
C LEU C 184 -10.84 -36.67 -32.33
N LEU C 185 -10.65 -36.77 -33.65
CA LEU C 185 -9.48 -37.42 -34.23
C LEU C 185 -8.92 -36.54 -35.35
N ILE C 186 -7.87 -35.80 -35.05
CA ILE C 186 -7.16 -35.00 -36.04
C ILE C 186 -6.09 -35.86 -36.69
N SER C 187 -6.09 -35.93 -38.01
CA SER C 187 -5.13 -36.73 -38.77
C SER C 187 -4.34 -35.79 -39.67
N VAL C 188 -3.14 -35.41 -39.22
CA VAL C 188 -2.32 -34.45 -39.94
C VAL C 188 -1.54 -35.15 -41.03
N HIS C 189 -1.60 -34.62 -42.24
CA HIS C 189 -0.85 -35.10 -43.39
C HIS C 189 -0.03 -33.96 -43.97
N GLY C 190 0.85 -34.31 -44.91
CA GLY C 190 1.70 -33.30 -45.53
C GLY C 190 2.81 -33.95 -46.32
N GLY C 191 3.86 -33.15 -46.56
CA GLY C 191 5.02 -33.61 -47.31
C GLY C 191 6.15 -34.01 -46.38
N LEU C 192 6.69 -35.21 -46.62
CA LEU C 192 7.77 -35.72 -45.78
C LEU C 192 9.07 -34.97 -45.97
N GLN C 193 9.24 -34.30 -47.10
CA GLN C 193 10.45 -33.51 -47.32
C GLN C 193 10.56 -32.41 -46.27
N ASN C 194 11.73 -32.29 -45.67
CA ASN C 194 11.96 -31.32 -44.60
C ASN C 194 11.93 -29.92 -45.21
N PHE C 195 10.81 -29.23 -45.00
CA PHE C 195 10.58 -27.90 -45.57
C PHE C 195 10.56 -26.85 -44.47
N GLU C 196 10.28 -25.62 -44.87
CA GLU C 196 10.17 -24.50 -43.95
C GLU C 196 9.08 -23.56 -44.46
N LEU C 197 8.31 -23.01 -43.53
CA LEU C 197 7.18 -22.16 -43.87
C LEU C 197 7.34 -20.78 -43.21
N GLN C 198 6.55 -19.84 -43.69
CA GLN C 198 6.73 -18.44 -43.35
C GLN C 198 6.48 -18.20 -41.86
N PRO C 199 7.31 -17.40 -41.20
CA PRO C 199 7.03 -17.02 -39.81
C PRO C 199 5.75 -16.19 -39.72
N LYS C 200 5.20 -16.13 -38.51
CA LYS C 200 3.91 -15.57 -38.16
C LYS C 200 2.76 -16.41 -38.72
N LEU C 201 3.04 -17.46 -39.48
CA LEU C 201 2.08 -18.47 -39.86
C LEU C 201 2.27 -19.76 -39.08
N LYS C 202 3.52 -20.15 -38.82
CA LYS C 202 3.77 -21.32 -38.00
C LYS C 202 3.30 -21.11 -36.57
N GLN C 203 3.36 -19.87 -36.08
CA GLN C 203 2.83 -19.59 -34.75
C GLN C 203 1.32 -19.74 -34.71
N VAL C 204 0.61 -19.21 -35.71
CA VAL C 204 -0.84 -19.37 -35.77
C VAL C 204 -1.21 -20.83 -35.92
N PHE C 205 -0.49 -21.55 -36.77
CA PHE C 205 -0.75 -22.98 -36.95
C PHE C 205 -0.57 -23.74 -35.65
N GLY C 206 0.52 -23.47 -34.94
CA GLY C 206 0.77 -24.17 -33.69
C GLY C 206 -0.28 -23.84 -32.64
N LYS C 207 -0.61 -22.56 -32.50
CA LYS C 207 -1.62 -22.16 -31.51
C LYS C 207 -2.95 -22.82 -31.80
N GLY C 208 -3.39 -22.78 -33.06
CA GLY C 208 -4.67 -23.38 -33.41
C GLY C 208 -4.69 -24.88 -33.18
N LEU C 209 -3.64 -25.58 -33.62
CA LEU C 209 -3.60 -27.03 -33.44
C LEU C 209 -3.59 -27.40 -31.97
N ILE C 210 -2.78 -26.71 -31.16
CA ILE C 210 -2.70 -27.04 -29.75
C ILE C 210 -4.01 -26.75 -29.05
N LYS C 211 -4.64 -25.61 -29.36
CA LYS C 211 -5.91 -25.27 -28.72
C LYS C 211 -6.99 -26.28 -29.08
N ALA C 212 -7.09 -26.64 -30.37
CA ALA C 212 -8.09 -27.60 -30.79
C ALA C 212 -7.86 -28.97 -30.18
N ALA C 213 -6.60 -29.36 -29.99
CA ALA C 213 -6.32 -30.66 -29.38
C ALA C 213 -6.53 -30.66 -27.88
N MET C 214 -6.29 -29.52 -27.22
CA MET C 214 -6.33 -29.46 -25.77
C MET C 214 -7.73 -29.21 -25.23
N THR C 215 -8.45 -28.24 -25.80
CA THR C 215 -9.78 -27.92 -25.30
C THR C 215 -10.70 -29.13 -25.37
N THR C 216 -10.76 -29.78 -26.53
CA THR C 216 -11.48 -31.04 -26.66
C THR C 216 -10.59 -32.19 -26.24
N GLY C 217 -11.17 -33.39 -26.18
CA GLY C 217 -10.39 -34.59 -25.96
C GLY C 217 -10.09 -35.27 -27.27
N ALA C 218 -8.90 -35.04 -27.82
CA ALA C 218 -8.60 -35.44 -29.19
C ALA C 218 -7.29 -36.21 -29.26
N TRP C 219 -7.22 -37.09 -30.25
CA TRP C 219 -6.00 -37.80 -30.60
C TRP C 219 -5.46 -37.23 -31.90
N ILE C 220 -4.16 -36.95 -31.94
CA ILE C 220 -3.48 -36.47 -33.14
C ILE C 220 -2.71 -37.61 -33.74
N PHE C 221 -2.88 -37.84 -35.04
CA PHE C 221 -2.12 -38.83 -35.79
C PHE C 221 -1.13 -38.12 -36.69
N THR C 222 0.15 -38.46 -36.56
CA THR C 222 1.21 -37.89 -37.37
C THR C 222 2.07 -39.01 -37.94
N GLY C 223 3.17 -38.62 -38.59
CA GLY C 223 4.08 -39.62 -39.12
C GLY C 223 5.06 -40.14 -38.08
N GLY C 224 5.47 -39.29 -37.15
CA GLY C 224 6.32 -39.72 -36.06
C GLY C 224 7.78 -39.35 -36.22
N VAL C 225 8.32 -39.49 -37.42
CA VAL C 225 9.71 -39.16 -37.70
C VAL C 225 9.86 -37.65 -37.68
N ASN C 226 11.10 -37.17 -37.54
CA ASN C 226 11.35 -35.74 -37.35
C ASN C 226 11.72 -35.08 -38.69
N THR C 227 10.73 -35.02 -39.57
CA THR C 227 10.92 -34.42 -40.89
C THR C 227 9.63 -33.77 -41.36
N GLY C 228 9.75 -32.60 -41.95
CA GLY C 228 8.63 -31.98 -42.64
C GLY C 228 7.64 -31.37 -41.70
N VAL C 229 6.36 -31.70 -41.90
CA VAL C 229 5.29 -31.14 -41.07
C VAL C 229 5.36 -31.67 -39.65
N ILE C 230 5.86 -32.90 -39.47
CA ILE C 230 5.97 -33.49 -38.14
C ILE C 230 6.93 -32.68 -37.28
N ARG C 231 8.00 -32.15 -37.87
CA ARG C 231 8.90 -31.28 -37.13
C ARG C 231 8.16 -30.02 -36.66
N HIS C 232 7.28 -29.48 -37.50
CA HIS C 232 6.54 -28.28 -37.11
C HIS C 232 5.55 -28.57 -36.01
N VAL C 233 4.88 -29.72 -36.05
CA VAL C 233 3.96 -30.05 -34.96
C VAL C 233 4.73 -30.33 -33.69
N GLY C 234 5.94 -30.90 -33.80
CA GLY C 234 6.79 -31.05 -32.62
C GLY C 234 7.18 -29.71 -32.03
N ASP C 235 7.51 -28.73 -32.88
CA ASP C 235 7.80 -27.39 -32.38
C ASP C 235 6.57 -26.78 -31.71
N ALA C 236 5.39 -26.99 -32.28
CA ALA C 236 4.16 -26.49 -31.69
C ALA C 236 3.91 -27.09 -30.31
N LEU C 237 4.14 -28.40 -30.19
CA LEU C 237 4.05 -29.04 -28.88
C LEU C 237 5.08 -28.47 -27.91
N LYS C 238 6.29 -28.21 -28.41
CA LYS C 238 7.38 -27.76 -27.56
C LYS C 238 7.11 -26.37 -26.99
N ASP C 239 6.60 -25.45 -27.81
CA ASP C 239 6.37 -24.10 -27.30
C ASP C 239 5.17 -24.06 -26.37
N HIS C 240 4.18 -24.93 -26.57
CA HIS C 240 3.02 -24.95 -25.69
C HIS C 240 3.34 -25.58 -24.34
N ALA C 241 4.29 -26.53 -24.30
CA ALA C 241 4.60 -27.22 -23.05
C ALA C 241 5.17 -26.27 -22.01
N SER C 242 5.86 -25.21 -22.44
CA SER C 242 6.45 -24.28 -21.48
C SER C 242 5.40 -23.43 -20.78
N LYS C 243 4.28 -23.15 -21.45
CA LYS C 243 3.29 -22.21 -20.93
C LYS C 243 2.10 -22.88 -20.26
N SER C 244 1.79 -24.14 -20.58
CA SER C 244 0.63 -24.81 -20.01
C SER C 244 1.01 -26.22 -19.56
N ARG C 245 0.24 -26.73 -18.60
CA ARG C 245 0.49 -28.04 -18.00
C ARG C 245 -0.37 -29.14 -18.61
N GLY C 246 -1.19 -28.83 -19.62
CA GLY C 246 -2.03 -29.85 -20.20
C GLY C 246 -1.24 -30.90 -20.95
N LYS C 247 -1.78 -32.12 -20.97
CA LYS C 247 -1.18 -33.24 -21.65
C LYS C 247 -1.98 -33.57 -22.91
N ILE C 248 -1.29 -33.71 -24.03
CA ILE C 248 -1.91 -33.95 -25.33
C ILE C 248 -1.44 -35.31 -25.82
N CYS C 249 -2.40 -36.13 -26.29
CA CYS C 249 -2.10 -37.47 -26.79
C CYS C 249 -1.74 -37.37 -28.26
N THR C 250 -0.45 -37.27 -28.54
CA THR C 250 0.06 -37.27 -29.91
C THR C 250 0.60 -38.67 -30.23
N ILE C 251 0.09 -39.26 -31.30
CA ILE C 251 0.40 -40.64 -31.67
C ILE C 251 1.14 -40.61 -33.00
N GLY C 252 2.33 -41.18 -33.03
CA GLY C 252 3.13 -41.29 -34.24
C GLY C 252 3.13 -42.71 -34.75
N ILE C 253 2.76 -42.87 -36.02
CA ILE C 253 2.76 -44.17 -36.69
C ILE C 253 3.78 -44.07 -37.81
N ALA C 254 4.94 -44.69 -37.62
CA ALA C 254 6.05 -44.62 -38.55
C ALA C 254 6.52 -46.02 -38.91
N PRO C 255 7.10 -46.20 -40.09
CA PRO C 255 7.69 -47.50 -40.42
C PRO C 255 8.91 -47.78 -39.56
N TRP C 256 9.12 -49.07 -39.29
CA TRP C 256 10.23 -49.49 -38.43
C TRP C 256 11.58 -49.39 -39.13
N GLY C 257 11.59 -49.41 -40.46
CA GLY C 257 12.83 -49.45 -41.21
C GLY C 257 13.57 -48.14 -41.38
N ILE C 258 13.02 -47.04 -40.86
CA ILE C 258 13.64 -45.72 -41.02
C ILE C 258 14.15 -45.14 -39.71
N VAL C 259 13.88 -45.78 -38.57
CA VAL C 259 14.37 -45.29 -37.30
C VAL C 259 15.89 -45.43 -37.29
N GLU C 260 16.58 -44.35 -36.92
CA GLU C 260 18.03 -44.31 -37.05
C GLU C 260 18.70 -45.37 -36.18
N ASN C 261 18.21 -45.55 -34.95
CA ASN C 261 18.72 -46.56 -34.03
C ASN C 261 17.63 -47.61 -33.85
N GLN C 262 17.61 -48.62 -34.74
CA GLN C 262 16.68 -49.72 -34.56
C GLN C 262 17.02 -50.51 -33.30
N GLU C 263 18.31 -50.70 -33.04
CA GLU C 263 18.74 -51.15 -31.73
C GLU C 263 18.45 -50.07 -30.69
N ASP C 264 18.81 -50.34 -29.44
CA ASP C 264 18.48 -49.48 -28.31
C ASP C 264 16.98 -49.37 -28.10
N LEU C 265 16.20 -50.20 -28.76
CA LEU C 265 14.75 -50.25 -28.61
C LEU C 265 14.24 -51.66 -28.40
N ILE C 266 15.11 -52.67 -28.40
CA ILE C 266 14.66 -54.06 -28.37
C ILE C 266 14.25 -54.49 -26.96
N GLY C 267 14.68 -53.77 -25.92
CA GLY C 267 14.36 -54.15 -24.56
C GLY C 267 12.87 -54.22 -24.28
N ARG C 268 12.35 -55.44 -24.08
CA ARG C 268 10.94 -55.61 -23.83
C ARG C 268 10.56 -55.10 -22.44
N ASP C 269 9.59 -54.19 -22.39
CA ASP C 269 9.02 -53.68 -21.14
C ASP C 269 10.10 -53.10 -20.23
N VAL C 270 11.01 -52.33 -20.81
CA VAL C 270 12.06 -51.68 -20.05
C VAL C 270 12.41 -50.36 -20.72
N VAL C 271 12.71 -49.34 -19.91
CA VAL C 271 13.04 -48.03 -20.42
C VAL C 271 14.36 -48.08 -21.18
N ARG C 272 14.43 -47.37 -22.30
CA ARG C 272 15.63 -47.33 -23.14
C ARG C 272 15.91 -45.88 -23.52
N PRO C 273 17.05 -45.32 -23.12
CA PRO C 273 17.35 -43.94 -23.51
C PRO C 273 17.56 -43.80 -25.01
N TYR C 274 17.23 -42.63 -25.52
CA TYR C 274 17.28 -42.37 -26.96
C TYR C 274 17.94 -41.01 -27.19
N GLN C 275 18.77 -40.93 -28.22
CA GLN C 275 19.52 -39.71 -28.53
C GLN C 275 18.77 -38.88 -29.56
N THR C 276 18.33 -37.69 -29.17
CA THR C 276 17.61 -36.83 -30.10
C THR C 276 18.54 -36.26 -31.17
N MET C 277 19.80 -36.02 -30.83
CA MET C 277 20.76 -35.52 -31.80
C MET C 277 21.00 -36.56 -32.89
N SER C 278 21.06 -36.10 -34.13
CA SER C 278 21.32 -36.97 -35.27
C SER C 278 22.35 -36.34 -36.19
N ASN C 279 23.08 -37.18 -36.90
CA ASN C 279 23.98 -36.62 -37.89
C ASN C 279 23.33 -36.64 -39.28
N PRO C 280 23.47 -35.57 -40.05
CA PRO C 280 22.81 -35.52 -41.37
C PRO C 280 23.36 -36.54 -42.36
N MET C 281 24.51 -37.16 -42.08
CA MET C 281 25.10 -38.10 -43.02
C MET C 281 24.20 -39.30 -43.26
N SER C 282 23.62 -39.86 -42.19
CA SER C 282 22.78 -41.04 -42.33
C SER C 282 21.45 -40.68 -42.97
N LYS C 283 20.97 -41.56 -43.85
CA LYS C 283 19.69 -41.33 -44.52
C LYS C 283 18.50 -41.66 -43.61
N LEU C 284 18.72 -42.41 -42.54
CA LEU C 284 17.64 -42.67 -41.59
C LEU C 284 17.36 -41.42 -40.76
N THR C 285 16.17 -41.38 -40.18
CA THR C 285 15.73 -40.26 -39.36
C THR C 285 15.33 -40.73 -37.98
N VAL C 286 15.33 -39.79 -37.04
CA VAL C 286 15.05 -40.09 -35.64
C VAL C 286 13.59 -39.82 -35.34
N LEU C 287 13.03 -40.61 -34.44
CA LEU C 287 11.67 -40.37 -33.97
C LEU C 287 11.60 -39.02 -33.26
N ASN C 288 10.61 -38.22 -33.61
CA ASN C 288 10.46 -36.92 -33.01
C ASN C 288 10.08 -37.05 -31.54
N SER C 289 10.77 -36.33 -30.67
CA SER C 289 10.36 -36.23 -29.29
C SER C 289 9.06 -35.45 -29.20
N MET C 290 8.57 -35.26 -27.98
CA MET C 290 7.31 -34.61 -27.66
C MET C 290 6.10 -35.42 -28.12
N HIS C 291 6.29 -36.54 -28.80
CA HIS C 291 5.21 -37.45 -29.13
C HIS C 291 4.95 -38.37 -27.95
N SER C 292 3.67 -38.56 -27.62
CA SER C 292 3.31 -39.35 -26.45
C SER C 292 3.50 -40.84 -26.69
N HIS C 293 3.11 -41.33 -27.86
CA HIS C 293 3.14 -42.75 -28.15
C HIS C 293 3.64 -42.99 -29.56
N PHE C 294 4.10 -44.21 -29.81
CA PHE C 294 4.59 -44.61 -31.12
C PHE C 294 4.09 -46.00 -31.46
N ILE C 295 3.72 -46.19 -32.73
CA ILE C 295 3.42 -47.51 -33.29
C ILE C 295 4.31 -47.69 -34.50
N LEU C 296 5.19 -48.69 -34.45
CA LEU C 296 6.18 -48.91 -35.48
C LEU C 296 5.70 -50.04 -36.39
N ALA C 297 5.53 -49.72 -37.67
CA ALA C 297 5.00 -50.67 -38.64
C ALA C 297 6.15 -51.40 -39.33
N ASP C 298 6.04 -52.73 -39.39
CA ASP C 298 7.07 -53.57 -39.97
C ASP C 298 6.48 -54.40 -41.10
N ASN C 299 7.24 -54.54 -42.18
CA ASN C 299 6.83 -55.39 -43.29
C ASN C 299 7.93 -56.41 -43.60
N GLY C 300 9.18 -56.01 -43.37
CA GLY C 300 10.32 -56.85 -43.65
C GLY C 300 11.44 -56.07 -44.31
N THR C 301 11.09 -55.10 -45.14
CA THR C 301 12.10 -54.25 -45.76
C THR C 301 12.64 -53.25 -44.75
N THR C 302 13.87 -52.80 -45.00
CA THR C 302 14.53 -51.82 -44.15
C THR C 302 15.02 -50.66 -45.01
N GLY C 303 15.03 -49.48 -44.42
CA GLY C 303 15.44 -48.29 -45.15
C GLY C 303 14.46 -47.80 -46.19
N LYS C 304 13.24 -48.33 -46.19
CA LYS C 304 12.23 -47.97 -47.18
C LYS C 304 10.97 -47.50 -46.49
N TYR C 305 10.24 -46.61 -47.16
CA TYR C 305 9.00 -46.05 -46.66
C TYR C 305 7.81 -46.90 -47.10
N GLY C 306 6.61 -46.35 -46.97
CA GLY C 306 5.41 -46.97 -47.48
C GLY C 306 5.01 -48.27 -46.83
N ALA C 307 5.15 -48.37 -45.51
CA ALA C 307 4.81 -49.59 -44.78
C ALA C 307 3.86 -49.33 -43.62
N GLU C 308 3.31 -48.13 -43.50
CA GLU C 308 2.44 -47.78 -42.39
C GLU C 308 1.18 -47.05 -42.79
N VAL C 309 1.03 -46.67 -44.06
CA VAL C 309 -0.10 -45.85 -44.49
C VAL C 309 -1.41 -46.62 -44.39
N LYS C 310 -1.42 -47.87 -44.87
CA LYS C 310 -2.65 -48.64 -44.87
C LYS C 310 -3.13 -48.93 -43.45
N LEU C 311 -2.20 -49.27 -42.56
CA LEU C 311 -2.58 -49.51 -41.16
C LEU C 311 -3.13 -48.25 -40.52
N ARG C 312 -2.52 -47.10 -40.81
CA ARG C 312 -3.01 -45.84 -40.26
C ARG C 312 -4.43 -45.55 -40.73
N ARG C 313 -4.68 -45.72 -42.04
CA ARG C 313 -6.00 -45.43 -42.57
C ARG C 313 -7.04 -46.40 -42.00
N GLN C 314 -6.69 -47.69 -41.90
CA GLN C 314 -7.63 -48.66 -41.35
C GLN C 314 -7.93 -48.38 -39.89
N LEU C 315 -6.92 -47.99 -39.11
CA LEU C 315 -7.16 -47.64 -37.71
C LEU C 315 -8.05 -46.41 -37.59
N GLU C 316 -7.82 -45.41 -38.45
CA GLU C 316 -8.67 -44.22 -38.43
C GLU C 316 -10.11 -44.58 -38.75
N LYS C 317 -10.32 -45.40 -39.77
CA LYS C 317 -11.69 -45.79 -40.14
C LYS C 317 -12.34 -46.60 -39.03
N HIS C 318 -11.60 -47.49 -38.39
CA HIS C 318 -12.16 -48.27 -37.29
C HIS C 318 -12.52 -47.38 -36.10
N ILE C 319 -11.67 -46.41 -35.78
CA ILE C 319 -11.96 -45.50 -34.67
C ILE C 319 -13.20 -44.67 -34.98
N SER C 320 -13.32 -44.19 -36.22
CA SER C 320 -14.48 -43.38 -36.59
C SER C 320 -15.79 -44.13 -36.41
N LEU C 321 -15.76 -45.45 -36.55
CA LEU C 321 -16.97 -46.26 -36.41
C LEU C 321 -17.34 -46.52 -34.95
N GLN C 322 -16.46 -46.23 -34.01
CA GLN C 322 -16.77 -46.44 -32.60
C GLN C 322 -17.81 -45.44 -32.14
N LYS C 323 -18.60 -45.85 -31.15
CA LYS C 323 -19.70 -45.04 -30.65
C LYS C 323 -19.19 -44.15 -29.52
N ILE C 324 -19.28 -42.83 -29.71
CA ILE C 324 -18.93 -41.85 -28.70
C ILE C 324 -19.93 -41.97 -27.56
N ASN C 325 -19.61 -41.36 -26.41
CA ASN C 325 -20.45 -41.51 -25.22
C ASN C 325 -21.88 -41.02 -25.44
N THR C 326 -22.10 -40.13 -26.41
CA THR C 326 -23.45 -39.66 -26.69
C THR C 326 -24.31 -40.80 -27.22
N ARG C 327 -25.59 -40.80 -26.86
CA ARG C 327 -26.53 -41.83 -27.27
C ARG C 327 -27.38 -41.41 -28.46
N ILE C 328 -27.00 -40.33 -29.15
CA ILE C 328 -27.67 -39.96 -30.40
C ILE C 328 -27.50 -41.08 -31.43
N GLY C 329 -26.34 -41.72 -31.44
CA GLY C 329 -25.98 -42.67 -32.46
C GLY C 329 -24.87 -42.23 -33.38
N GLN C 330 -24.20 -41.12 -33.07
CA GLN C 330 -23.12 -40.59 -33.88
C GLN C 330 -21.78 -41.16 -33.43
N GLY C 331 -20.87 -41.36 -34.39
CA GLY C 331 -19.55 -41.87 -34.10
C GLY C 331 -18.55 -40.76 -33.81
N VAL C 332 -17.30 -41.18 -33.63
CA VAL C 332 -16.23 -40.22 -33.36
C VAL C 332 -15.95 -39.40 -34.62
N PRO C 333 -15.91 -38.07 -34.54
CA PRO C 333 -15.61 -37.28 -35.72
C PRO C 333 -14.14 -37.33 -36.09
N VAL C 334 -13.87 -37.29 -37.40
CA VAL C 334 -12.53 -37.35 -37.94
C VAL C 334 -12.35 -36.18 -38.91
N VAL C 335 -11.26 -35.44 -38.76
CA VAL C 335 -10.92 -34.35 -39.65
C VAL C 335 -9.47 -34.53 -40.10
N ALA C 336 -9.16 -34.03 -41.29
CA ALA C 336 -7.84 -34.14 -41.88
C ALA C 336 -7.25 -32.75 -42.04
N LEU C 337 -6.00 -32.59 -41.64
CA LEU C 337 -5.27 -31.34 -41.78
C LEU C 337 -4.14 -31.54 -42.77
N ILE C 338 -3.95 -30.57 -43.67
CA ILE C 338 -2.97 -30.67 -44.75
C ILE C 338 -2.08 -29.44 -44.71
N VAL C 339 -0.77 -29.66 -44.75
CA VAL C 339 0.23 -28.61 -44.86
C VAL C 339 1.29 -29.04 -45.85
N GLU C 340 1.68 -28.14 -46.75
CA GLU C 340 2.68 -28.41 -47.78
C GLU C 340 2.23 -29.55 -48.68
N GLY C 341 2.89 -30.70 -48.60
CA GLY C 341 2.46 -31.87 -49.33
C GLY C 341 3.20 -32.15 -50.61
N GLY C 342 2.49 -32.69 -51.60
CA GLY C 342 3.08 -33.05 -52.87
C GLY C 342 2.11 -33.80 -53.76
N PRO C 343 2.61 -34.77 -54.53
CA PRO C 343 1.73 -35.48 -55.46
C PRO C 343 0.75 -36.42 -54.79
N ASN C 344 1.17 -37.16 -53.76
CA ASN C 344 0.31 -38.14 -53.12
C ASN C 344 -0.74 -37.51 -52.21
N VAL C 345 -0.55 -36.25 -51.81
CA VAL C 345 -1.53 -35.58 -50.97
C VAL C 345 -2.85 -35.41 -51.71
N ILE C 346 -2.79 -35.19 -53.02
CA ILE C 346 -4.02 -35.09 -53.82
C ILE C 346 -4.77 -36.42 -53.79
N SER C 347 -4.06 -37.53 -53.92
CA SER C 347 -4.70 -38.84 -53.83
C SER C 347 -5.28 -39.07 -52.44
N ILE C 348 -4.57 -38.63 -51.40
CA ILE C 348 -5.06 -38.81 -50.04
C ILE C 348 -6.35 -38.04 -49.82
N VAL C 349 -6.39 -36.78 -50.26
CA VAL C 349 -7.60 -35.99 -50.07
C VAL C 349 -8.73 -36.52 -50.94
N LEU C 350 -8.41 -37.07 -52.12
CA LEU C 350 -9.45 -37.71 -52.94
C LEU C 350 -10.05 -38.91 -52.20
N GLU C 351 -9.20 -39.74 -51.60
CA GLU C 351 -9.71 -40.90 -50.88
C GLU C 351 -10.49 -40.49 -49.65
N TYR C 352 -10.10 -39.38 -49.02
CA TYR C 352 -10.88 -38.87 -47.89
C TYR C 352 -12.27 -38.41 -48.35
N LEU C 353 -12.32 -37.63 -49.45
CA LEU C 353 -13.60 -37.15 -49.96
C LEU C 353 -14.46 -38.29 -50.47
N ARG C 354 -13.85 -39.28 -51.12
CA ARG C 354 -14.59 -40.41 -51.67
C ARG C 354 -14.93 -41.47 -50.63
N ASP C 355 -14.58 -41.26 -49.38
CA ASP C 355 -14.87 -42.25 -48.35
C ASP C 355 -16.37 -42.40 -48.17
N THR C 356 -16.79 -43.60 -47.73
CA THR C 356 -18.22 -43.83 -47.54
C THR C 356 -18.81 -42.85 -46.54
N PRO C 357 -18.26 -42.65 -45.34
CA PRO C 357 -18.52 -41.40 -44.62
C PRO C 357 -17.50 -40.36 -45.00
N PRO C 358 -17.93 -39.27 -45.63
CA PRO C 358 -16.96 -38.24 -46.05
C PRO C 358 -16.24 -37.63 -44.86
N VAL C 359 -14.98 -37.30 -45.07
CA VAL C 359 -14.12 -36.69 -44.05
C VAL C 359 -13.80 -35.27 -44.49
N PRO C 360 -14.13 -34.25 -43.69
CA PRO C 360 -13.74 -32.89 -44.05
C PRO C 360 -12.24 -32.72 -44.06
N VAL C 361 -11.75 -31.87 -44.96
CA VAL C 361 -10.33 -31.61 -45.14
C VAL C 361 -10.07 -30.13 -45.00
N VAL C 362 -9.17 -29.76 -44.10
CA VAL C 362 -8.73 -28.38 -43.92
C VAL C 362 -7.37 -28.23 -44.59
N VAL C 363 -7.25 -27.22 -45.45
CA VAL C 363 -6.04 -26.97 -46.23
C VAL C 363 -5.50 -25.59 -45.85
N CYS C 364 -4.19 -25.46 -45.87
CA CYS C 364 -3.52 -24.19 -45.61
C CYS C 364 -3.04 -23.59 -46.93
N ASP C 365 -3.42 -22.33 -47.17
CA ASP C 365 -3.08 -21.68 -48.43
C ASP C 365 -1.61 -21.29 -48.50
N GLY C 366 -1.04 -20.81 -47.40
CA GLY C 366 0.30 -20.28 -47.39
C GLY C 366 1.42 -21.29 -47.29
N SER C 367 1.12 -22.58 -47.41
CA SER C 367 2.18 -23.59 -47.31
C SER C 367 3.13 -23.53 -48.48
N GLY C 368 2.60 -23.48 -49.71
CA GLY C 368 3.43 -23.33 -50.89
C GLY C 368 3.38 -24.50 -51.86
N ARG C 369 3.35 -25.72 -51.33
CA ARG C 369 3.35 -26.92 -52.17
C ARG C 369 1.94 -27.23 -52.65
N ALA C 370 1.71 -28.47 -53.09
CA ALA C 370 0.45 -28.87 -53.72
C ALA C 370 -0.78 -28.59 -52.87
N SER C 371 -0.60 -28.21 -51.60
CA SER C 371 -1.72 -27.65 -50.86
C SER C 371 -2.10 -26.28 -51.43
N ASP C 372 -1.11 -25.50 -51.85
CA ASP C 372 -1.39 -24.20 -52.46
C ASP C 372 -2.11 -24.34 -53.79
N ILE C 373 -1.81 -25.40 -54.55
CA ILE C 373 -2.58 -25.61 -55.79
C ILE C 373 -4.01 -25.97 -55.47
N LEU C 374 -4.25 -26.69 -54.36
CA LEU C 374 -5.61 -26.95 -53.92
C LEU C 374 -6.31 -25.65 -53.53
N ALA C 375 -5.60 -24.76 -52.82
CA ALA C 375 -6.18 -23.48 -52.46
C ALA C 375 -6.53 -22.66 -53.70
N PHE C 376 -5.65 -22.67 -54.70
CA PHE C 376 -5.90 -21.91 -55.92
C PHE C 376 -7.07 -22.50 -56.70
N GLY C 377 -7.12 -23.82 -56.83
CA GLY C 377 -8.24 -24.47 -57.49
C GLY C 377 -9.55 -24.36 -56.74
N HIS C 378 -9.49 -24.03 -55.45
CA HIS C 378 -10.71 -23.79 -54.68
C HIS C 378 -11.35 -22.44 -55.03
N LYS C 379 -10.61 -21.56 -55.69
CA LYS C 379 -11.09 -20.23 -56.03
C LYS C 379 -11.56 -20.17 -57.48
N TYR C 380 -12.63 -19.39 -57.70
CA TYR C 380 -13.24 -19.16 -59.02
C TYR C 380 -13.32 -20.44 -59.85
N SER C 381 -13.90 -21.47 -59.25
CA SER C 381 -14.12 -22.75 -59.91
C SER C 381 -15.62 -23.07 -59.91
N GLU C 382 -15.95 -24.26 -60.40
CA GLU C 382 -17.34 -24.70 -60.50
C GLU C 382 -17.92 -25.01 -59.13
N VAL C 397 -10.02 -22.59 -66.38
CA VAL C 397 -8.72 -21.93 -66.33
C VAL C 397 -7.62 -22.96 -66.15
N THR C 398 -7.23 -23.62 -67.24
CA THR C 398 -6.16 -24.61 -67.17
C THR C 398 -4.77 -23.97 -67.19
N ILE C 399 -4.67 -22.69 -67.53
CA ILE C 399 -3.38 -22.02 -67.54
C ILE C 399 -2.83 -21.90 -66.13
N GLN C 400 -3.66 -21.49 -65.17
CA GLN C 400 -3.23 -21.43 -63.78
C GLN C 400 -3.09 -22.81 -63.18
N LYS C 401 -3.76 -23.81 -63.73
CA LYS C 401 -3.65 -25.17 -63.20
C LYS C 401 -2.26 -25.75 -63.43
N THR C 402 -1.62 -25.41 -64.55
CA THR C 402 -0.28 -25.89 -64.81
C THR C 402 0.66 -25.45 -63.69
N PHE C 403 1.48 -26.39 -63.21
CA PHE C 403 2.26 -26.17 -62.01
C PHE C 403 3.75 -26.41 -62.23
N THR C 404 4.10 -27.23 -63.22
CA THR C 404 5.46 -27.69 -63.50
C THR C 404 6.06 -28.46 -62.32
N TYR C 405 5.25 -28.83 -61.32
CA TYR C 405 5.77 -29.46 -60.12
C TYR C 405 6.13 -30.92 -60.37
N THR C 406 5.32 -31.64 -61.14
CA THR C 406 5.55 -33.06 -61.44
C THR C 406 5.67 -33.22 -62.95
N ARG C 407 6.89 -33.43 -63.42
CA ARG C 407 7.18 -33.61 -64.85
C ARG C 407 6.56 -32.50 -65.69
N THR C 408 6.81 -31.27 -65.28
CA THR C 408 6.51 -30.03 -66.01
C THR C 408 5.06 -30.05 -66.49
N GLN C 409 4.80 -29.45 -67.65
CA GLN C 409 3.47 -29.50 -68.24
C GLN C 409 3.18 -30.84 -68.89
N ALA C 410 4.21 -31.66 -69.10
CA ALA C 410 4.00 -32.97 -69.71
C ALA C 410 3.06 -33.83 -68.87
N GLN C 411 3.25 -33.80 -67.55
CA GLN C 411 2.41 -34.56 -66.63
C GLN C 411 1.49 -33.61 -65.86
N HIS C 412 0.21 -33.99 -65.78
CA HIS C 412 -0.78 -33.24 -65.02
C HIS C 412 -1.66 -34.20 -64.25
N LEU C 413 -1.85 -33.93 -62.96
CA LEU C 413 -2.83 -34.66 -62.15
C LEU C 413 -4.18 -33.96 -62.18
N PHE C 414 -4.63 -33.63 -63.39
CA PHE C 414 -5.82 -32.79 -63.55
C PHE C 414 -7.09 -33.56 -63.23
N ILE C 415 -7.15 -34.83 -63.62
CA ILE C 415 -8.33 -35.65 -63.30
C ILE C 415 -8.50 -35.76 -61.79
N ILE C 416 -7.40 -36.02 -61.08
CA ILE C 416 -7.46 -36.15 -59.63
C ILE C 416 -7.82 -34.81 -58.99
N LEU C 417 -7.22 -33.72 -59.45
CA LEU C 417 -7.52 -32.41 -58.88
C LEU C 417 -8.98 -32.03 -59.09
N MET C 418 -9.51 -32.29 -60.28
CA MET C 418 -10.91 -31.93 -60.53
C MET C 418 -11.88 -32.85 -59.80
N GLU C 419 -11.53 -34.13 -59.65
CA GLU C 419 -12.37 -35.00 -58.83
C GLU C 419 -12.40 -34.52 -57.38
N CYS C 420 -11.26 -34.05 -56.87
CA CYS C 420 -11.24 -33.47 -55.53
C CYS C 420 -12.06 -32.19 -55.46
N MET C 421 -11.96 -31.34 -56.48
CA MET C 421 -12.66 -30.06 -56.48
C MET C 421 -14.15 -30.20 -56.74
N LYS C 422 -14.61 -31.36 -57.23
CA LYS C 422 -16.04 -31.59 -57.35
C LYS C 422 -16.73 -31.47 -56.00
N LYS C 423 -16.13 -32.03 -54.95
CA LYS C 423 -16.67 -31.96 -53.60
C LYS C 423 -15.95 -30.84 -52.83
N LYS C 424 -16.17 -29.62 -53.28
CA LYS C 424 -15.51 -28.46 -52.68
C LYS C 424 -16.23 -27.92 -51.46
N GLU C 425 -17.39 -28.49 -51.11
CA GLU C 425 -18.08 -28.06 -49.89
C GLU C 425 -17.42 -28.62 -48.64
N LEU C 426 -16.77 -29.78 -48.73
CA LEU C 426 -16.05 -30.36 -47.62
C LEU C 426 -14.65 -29.80 -47.45
N ILE C 427 -14.14 -29.09 -48.44
CA ILE C 427 -12.81 -28.50 -48.38
C ILE C 427 -12.91 -27.15 -47.68
N THR C 428 -12.03 -26.92 -46.71
CA THR C 428 -12.03 -25.68 -45.92
C THR C 428 -10.62 -25.09 -45.97
N VAL C 429 -10.36 -24.28 -46.98
CA VAL C 429 -9.05 -23.66 -47.12
C VAL C 429 -8.94 -22.52 -46.12
N PHE C 430 -7.84 -22.51 -45.36
CA PHE C 430 -7.60 -21.50 -44.34
C PHE C 430 -6.69 -20.41 -44.88
N ARG C 431 -7.10 -19.16 -44.70
CA ARG C 431 -6.29 -18.00 -45.05
C ARG C 431 -6.31 -17.02 -43.89
N MET C 432 -5.21 -16.31 -43.70
CA MET C 432 -5.09 -15.34 -42.61
C MET C 432 -5.70 -13.99 -42.98
N GLY C 433 -6.24 -13.84 -44.18
CA GLY C 433 -6.77 -12.56 -44.62
C GLY C 433 -8.29 -12.49 -44.66
N SER C 434 -8.86 -12.68 -45.86
CA SER C 434 -10.27 -12.42 -46.07
C SER C 434 -11.19 -13.38 -45.33
N GLU C 435 -10.69 -14.56 -44.95
CA GLU C 435 -11.55 -15.54 -44.29
C GLU C 435 -11.99 -15.04 -42.92
N GLY C 436 -13.27 -15.26 -42.62
CA GLY C 436 -13.78 -14.85 -41.32
C GLY C 436 -13.14 -15.60 -40.17
N HIS C 437 -12.81 -16.87 -40.39
CA HIS C 437 -12.08 -17.68 -39.41
C HIS C 437 -10.60 -17.43 -39.61
N GLN C 438 -10.03 -16.50 -38.84
CA GLN C 438 -8.60 -16.23 -38.89
C GLN C 438 -7.81 -17.18 -38.02
N ASP C 439 -8.46 -18.10 -37.31
CA ASP C 439 -7.81 -19.04 -36.42
C ASP C 439 -8.05 -20.46 -36.92
N ILE C 440 -6.98 -21.26 -36.99
CA ILE C 440 -7.11 -22.64 -37.43
C ILE C 440 -7.95 -23.44 -36.44
N ASP C 441 -7.84 -23.12 -35.15
CA ASP C 441 -8.66 -23.81 -34.15
C ASP C 441 -10.14 -23.64 -34.43
N LEU C 442 -10.56 -22.40 -34.74
CA LEU C 442 -11.94 -22.17 -35.13
C LEU C 442 -12.26 -22.85 -36.45
N ALA C 443 -11.31 -22.85 -37.39
CA ALA C 443 -11.54 -23.49 -38.67
C ALA C 443 -11.66 -25.00 -38.57
N ILE C 444 -10.90 -25.62 -37.66
CA ILE C 444 -10.92 -27.08 -37.55
C ILE C 444 -12.27 -27.57 -37.05
N LEU C 445 -12.78 -26.95 -35.98
CA LEU C 445 -14.02 -27.42 -35.37
C LEU C 445 -15.23 -27.10 -36.24
N THR C 446 -15.20 -25.96 -36.95
CA THR C 446 -16.33 -25.58 -37.78
C THR C 446 -16.55 -26.58 -38.91
N ALA C 447 -15.47 -27.14 -39.45
CA ALA C 447 -15.59 -28.11 -40.53
C ALA C 447 -16.30 -29.39 -40.07
N LEU C 448 -16.16 -29.75 -38.80
CA LEU C 448 -16.83 -30.93 -38.30
C LEU C 448 -18.32 -30.69 -38.08
N LEU C 449 -18.69 -29.48 -37.66
CA LEU C 449 -20.09 -29.19 -37.42
C LEU C 449 -20.91 -29.27 -38.69
N LYS C 450 -20.36 -28.75 -39.79
CA LYS C 450 -21.00 -28.87 -41.09
C LYS C 450 -20.56 -30.10 -41.87
N GLY C 451 -19.73 -30.94 -41.27
CA GLY C 451 -19.18 -32.11 -41.95
C GLY C 451 -20.10 -33.31 -42.02
N ALA C 452 -21.30 -33.21 -41.44
CA ALA C 452 -22.26 -34.30 -41.48
C ALA C 452 -23.63 -33.89 -42.00
N ASN C 453 -23.88 -32.58 -42.13
CA ASN C 453 -25.20 -32.07 -42.52
C ASN C 453 -26.29 -32.62 -41.59
N ALA C 454 -25.94 -32.75 -40.32
CA ALA C 454 -26.84 -33.32 -39.34
C ALA C 454 -27.76 -32.24 -38.78
N SER C 455 -28.72 -32.66 -37.97
CA SER C 455 -29.65 -31.73 -37.34
C SER C 455 -28.94 -30.91 -36.27
N ALA C 456 -29.57 -29.80 -35.89
CA ALA C 456 -29.04 -28.97 -34.81
C ALA C 456 -28.87 -29.74 -33.50
N PRO C 457 -29.76 -30.66 -33.11
CA PRO C 457 -29.49 -31.45 -31.88
C PRO C 457 -28.15 -32.19 -31.89
N ASP C 458 -27.73 -32.75 -33.01
CA ASP C 458 -26.47 -33.50 -33.02
C ASP C 458 -25.28 -32.57 -32.93
N GLN C 459 -25.34 -31.41 -33.58
CA GLN C 459 -24.30 -30.41 -33.43
C GLN C 459 -24.21 -29.93 -31.99
N LEU C 460 -25.37 -29.74 -31.35
CA LEU C 460 -25.37 -29.34 -29.95
C LEU C 460 -24.78 -30.43 -29.07
N SER C 461 -25.07 -31.70 -29.38
CA SER C 461 -24.48 -32.80 -28.63
C SER C 461 -22.96 -32.83 -28.77
N LEU C 462 -22.46 -32.60 -29.99
CA LEU C 462 -21.02 -32.54 -30.19
C LEU C 462 -20.38 -31.39 -29.41
N ALA C 463 -21.02 -30.22 -29.48
CA ALA C 463 -20.48 -29.07 -28.76
C ALA C 463 -20.51 -29.28 -27.25
N LEU C 464 -21.53 -29.97 -26.76
CA LEU C 464 -21.59 -30.30 -25.34
C LEU C 464 -20.49 -31.28 -24.95
N ALA C 465 -20.22 -32.26 -25.81
CA ALA C 465 -19.14 -33.21 -25.52
C ALA C 465 -17.79 -32.52 -25.51
N TRP C 466 -17.56 -31.63 -26.47
CA TRP C 466 -16.29 -30.91 -26.54
C TRP C 466 -16.15 -29.82 -25.48
N ASN C 467 -17.25 -29.44 -24.83
CA ASN C 467 -17.26 -28.35 -23.85
C ASN C 467 -16.80 -27.04 -24.47
N ARG C 468 -17.39 -26.70 -25.60
CA ARG C 468 -17.12 -25.46 -26.31
C ARG C 468 -18.45 -24.72 -26.46
N VAL C 469 -18.73 -23.79 -25.55
CA VAL C 469 -20.01 -23.10 -25.57
C VAL C 469 -20.01 -21.97 -26.59
N ASP C 470 -18.84 -21.41 -26.89
CA ASP C 470 -18.76 -20.35 -27.90
C ASP C 470 -19.13 -20.87 -29.27
N ILE C 471 -18.73 -22.10 -29.58
CA ILE C 471 -19.06 -22.70 -30.88
C ILE C 471 -20.57 -22.82 -31.04
N ALA C 472 -21.24 -23.34 -30.00
CA ALA C 472 -22.69 -23.48 -30.06
C ALA C 472 -23.38 -22.12 -30.11
N ARG C 473 -22.84 -21.15 -29.39
CA ARG C 473 -23.42 -19.81 -29.39
C ARG C 473 -23.32 -19.16 -30.76
N SER C 474 -22.18 -19.34 -31.45
CA SER C 474 -21.93 -18.65 -32.70
C SER C 474 -22.30 -19.45 -33.94
N GLN C 475 -22.41 -20.78 -33.83
CA GLN C 475 -22.65 -21.62 -35.00
C GLN C 475 -23.95 -22.40 -34.96
N ILE C 476 -24.51 -22.65 -33.79
CA ILE C 476 -25.68 -23.50 -33.63
C ILE C 476 -26.93 -22.68 -33.31
N PHE C 477 -26.80 -21.70 -32.42
CA PHE C 477 -27.92 -20.84 -32.07
C PHE C 477 -27.84 -19.59 -32.92
N ILE C 478 -28.38 -19.69 -34.14
CA ILE C 478 -28.33 -18.60 -35.11
C ILE C 478 -29.73 -18.32 -35.63
N TYR C 479 -29.84 -17.41 -36.59
CA TYR C 479 -31.12 -16.92 -37.07
C TYR C 479 -31.91 -18.05 -37.74
N GLY C 480 -33.12 -18.31 -37.23
CA GLY C 480 -34.02 -19.27 -37.84
C GLY C 480 -33.51 -20.69 -37.86
N GLN C 481 -33.37 -21.31 -36.69
CA GLN C 481 -32.84 -22.67 -36.61
C GLN C 481 -33.90 -23.75 -36.57
N GLN C 482 -35.18 -23.38 -36.49
CA GLN C 482 -36.32 -24.31 -36.51
C GLN C 482 -36.04 -25.58 -35.71
N TRP C 483 -35.87 -25.38 -34.41
CA TRP C 483 -35.55 -26.50 -33.52
C TRP C 483 -36.72 -27.48 -33.46
N PRO C 484 -36.44 -28.78 -33.45
CA PRO C 484 -37.52 -29.77 -33.27
C PRO C 484 -38.18 -29.63 -31.91
N VAL C 485 -39.24 -30.41 -31.73
CA VAL C 485 -40.03 -30.33 -30.50
C VAL C 485 -39.43 -31.26 -29.46
N GLY C 486 -39.09 -30.70 -28.29
CA GLY C 486 -38.62 -31.48 -27.17
C GLY C 486 -37.14 -31.81 -27.18
N SER C 487 -36.38 -31.33 -28.16
CA SER C 487 -34.96 -31.64 -28.20
C SER C 487 -34.18 -30.80 -27.19
N LEU C 488 -34.59 -29.54 -26.98
CA LEU C 488 -33.88 -28.67 -26.07
C LEU C 488 -33.98 -29.15 -24.62
N GLU C 489 -35.10 -29.76 -24.24
CA GLU C 489 -35.20 -30.31 -22.89
C GLU C 489 -34.24 -31.47 -22.70
N GLN C 490 -34.09 -32.34 -23.70
CA GLN C 490 -33.13 -33.42 -23.61
C GLN C 490 -31.70 -32.88 -23.56
N ALA C 491 -31.44 -31.81 -24.32
CA ALA C 491 -30.13 -31.17 -24.25
C ALA C 491 -29.86 -30.61 -22.86
N MET C 492 -30.88 -30.00 -22.24
CA MET C 492 -30.74 -29.50 -20.88
C MET C 492 -30.46 -30.62 -19.90
N LEU C 493 -31.16 -31.75 -20.05
CA LEU C 493 -30.91 -32.88 -19.17
C LEU C 493 -29.48 -33.39 -19.31
N ASP C 494 -29.00 -33.48 -20.56
CA ASP C 494 -27.62 -33.93 -20.80
C ASP C 494 -26.62 -32.95 -20.20
N ALA C 495 -26.86 -31.66 -20.34
CA ALA C 495 -25.94 -30.67 -19.78
C ALA C 495 -25.94 -30.72 -18.26
N LEU C 496 -27.10 -30.95 -17.65
CA LEU C 496 -27.16 -31.06 -16.20
C LEU C 496 -26.41 -32.29 -15.70
N VAL C 497 -26.53 -33.42 -16.41
CA VAL C 497 -25.85 -34.63 -15.99
C VAL C 497 -24.34 -34.44 -16.03
N LEU C 498 -23.83 -33.80 -17.08
CA LEU C 498 -22.39 -33.66 -17.30
C LEU C 498 -21.78 -32.46 -16.59
N ASP C 499 -22.56 -31.68 -15.85
CA ASP C 499 -22.07 -30.54 -15.09
C ASP C 499 -21.46 -29.48 -16.03
N ARG C 500 -22.29 -28.99 -16.94
CA ARG C 500 -21.90 -27.97 -17.92
C ARG C 500 -22.72 -26.71 -17.61
N VAL C 501 -22.19 -25.85 -16.74
CA VAL C 501 -22.93 -24.69 -16.29
C VAL C 501 -23.18 -23.72 -17.43
N ASP C 502 -22.17 -23.52 -18.29
CA ASP C 502 -22.31 -22.59 -19.40
C ASP C 502 -23.41 -23.03 -20.37
N PHE C 503 -23.49 -24.33 -20.65
CA PHE C 503 -24.51 -24.82 -21.55
C PHE C 503 -25.90 -24.71 -20.94
N VAL C 504 -26.01 -24.94 -19.62
CA VAL C 504 -27.29 -24.75 -18.95
C VAL C 504 -27.73 -23.30 -19.06
N LYS C 505 -26.80 -22.38 -18.82
CA LYS C 505 -27.11 -20.96 -18.93
C LYS C 505 -27.54 -20.59 -20.34
N LEU C 506 -26.82 -21.10 -21.34
CA LEU C 506 -27.15 -20.80 -22.73
C LEU C 506 -28.51 -21.36 -23.12
N LEU C 507 -28.82 -22.58 -22.67
CA LEU C 507 -30.13 -23.17 -22.96
C LEU C 507 -31.24 -22.40 -22.29
N ILE C 508 -31.02 -21.93 -21.06
CA ILE C 508 -32.02 -21.11 -20.38
C ILE C 508 -32.24 -19.80 -21.15
N GLU C 509 -31.16 -19.18 -21.63
CA GLU C 509 -31.29 -17.94 -22.38
C GLU C 509 -32.04 -18.13 -23.70
N ASN C 510 -32.18 -19.37 -24.18
CA ASN C 510 -32.74 -19.65 -25.49
C ASN C 510 -34.10 -20.32 -25.42
N GLY C 511 -34.90 -19.99 -24.41
CA GLY C 511 -36.29 -20.35 -24.37
C GLY C 511 -36.65 -21.50 -23.46
N VAL C 512 -35.67 -22.18 -22.86
CA VAL C 512 -35.98 -23.29 -21.98
C VAL C 512 -36.49 -22.76 -20.65
N SER C 513 -37.67 -23.22 -20.24
CA SER C 513 -38.27 -22.83 -18.98
C SER C 513 -38.08 -23.95 -17.97
N MET C 514 -37.46 -23.64 -16.83
CA MET C 514 -37.16 -24.66 -15.85
C MET C 514 -38.41 -25.16 -15.13
N HIS C 515 -39.46 -24.34 -15.07
CA HIS C 515 -40.70 -24.79 -14.42
C HIS C 515 -41.33 -25.95 -15.17
N ARG C 516 -41.35 -25.88 -16.50
CA ARG C 516 -41.92 -26.95 -17.30
C ARG C 516 -41.00 -28.15 -17.39
N PHE C 517 -39.69 -27.93 -17.40
CA PHE C 517 -38.74 -29.01 -17.62
C PHE C 517 -38.72 -30.00 -16.45
N LEU C 518 -38.61 -29.49 -15.23
CA LEU C 518 -38.31 -30.34 -14.09
C LEU C 518 -39.55 -31.12 -13.66
N THR C 519 -39.43 -32.44 -13.63
CA THR C 519 -40.46 -33.33 -13.10
C THR C 519 -39.82 -34.24 -12.06
N ILE C 520 -40.62 -35.17 -11.53
CA ILE C 520 -40.12 -36.08 -10.51
C ILE C 520 -39.14 -37.08 -11.11
N SER C 521 -39.50 -37.64 -12.27
CA SER C 521 -38.64 -38.63 -12.92
C SER C 521 -37.29 -38.03 -13.30
N ARG C 522 -37.30 -36.80 -13.82
CA ARG C 522 -36.04 -36.15 -14.17
C ARG C 522 -35.17 -35.92 -12.94
N LEU C 523 -35.78 -35.53 -11.83
CA LEU C 523 -35.02 -35.30 -10.60
C LEU C 523 -34.43 -36.62 -10.07
N GLU C 524 -35.20 -37.70 -10.15
CA GLU C 524 -34.68 -39.00 -9.75
C GLU C 524 -33.53 -39.45 -10.64
N GLU C 525 -33.63 -39.16 -11.95
CA GLU C 525 -32.52 -39.44 -12.85
C GLU C 525 -31.29 -38.62 -12.47
N LEU C 526 -31.49 -37.35 -12.12
CA LEU C 526 -30.37 -36.50 -11.73
C LEU C 526 -29.69 -37.02 -10.47
N TYR C 527 -30.46 -37.54 -9.52
CA TYR C 527 -29.85 -38.07 -8.30
C TYR C 527 -29.16 -39.40 -8.52
N ASN C 528 -29.55 -40.17 -9.54
CA ASN C 528 -29.01 -41.50 -9.79
C ASN C 528 -28.06 -41.53 -10.98
N THR C 529 -27.26 -40.48 -11.15
CA THR C 529 -26.36 -40.37 -12.28
C THR C 529 -24.92 -40.68 -11.85
N ARG C 530 -24.08 -40.92 -12.85
CA ARG C 530 -22.66 -41.21 -12.63
C ARG C 530 -21.73 -40.37 -13.48
N HIS C 531 -22.24 -39.56 -14.40
CA HIS C 531 -21.40 -38.81 -15.33
C HIS C 531 -21.00 -37.46 -14.74
N GLY C 532 -20.34 -37.51 -13.58
CA GLY C 532 -19.91 -36.30 -12.92
C GLY C 532 -18.82 -36.53 -11.90
N PRO C 533 -18.37 -35.46 -11.26
CA PRO C 533 -17.35 -35.59 -10.21
C PRO C 533 -17.87 -36.42 -9.04
N SER C 534 -16.95 -37.09 -8.36
CA SER C 534 -17.31 -37.97 -7.26
C SER C 534 -17.87 -37.18 -6.08
N ASN C 535 -18.86 -37.75 -5.41
CA ASN C 535 -19.48 -37.17 -4.23
C ASN C 535 -19.63 -38.24 -3.17
N THR C 536 -20.20 -37.87 -2.02
CA THR C 536 -20.35 -38.75 -0.87
C THR C 536 -21.81 -39.06 -0.58
N LEU C 537 -22.66 -39.09 -1.61
CA LEU C 537 -24.08 -39.27 -1.40
C LEU C 537 -24.42 -40.70 -1.04
N TYR C 538 -23.77 -41.68 -1.69
CA TYR C 538 -24.13 -43.07 -1.46
C TYR C 538 -23.83 -43.50 -0.04
N HIS C 539 -22.75 -42.98 0.55
CA HIS C 539 -22.45 -43.29 1.95
C HIS C 539 -23.55 -42.78 2.87
N LEU C 540 -24.03 -41.56 2.62
CA LEU C 540 -25.11 -41.01 3.44
C LEU C 540 -26.39 -41.81 3.29
N VAL C 541 -26.71 -42.22 2.06
CA VAL C 541 -27.92 -43.02 1.84
C VAL C 541 -27.80 -44.36 2.53
N ARG C 542 -26.61 -44.96 2.50
CA ARG C 542 -26.39 -46.22 3.21
C ARG C 542 -26.54 -46.04 4.71
N ASP C 543 -26.02 -44.94 5.26
CA ASP C 543 -26.12 -44.68 6.69
C ASP C 543 -27.57 -44.48 7.11
N VAL C 544 -28.34 -43.72 6.33
CA VAL C 544 -29.73 -43.47 6.69
C VAL C 544 -30.57 -44.73 6.55
N LYS C 545 -30.33 -45.52 5.50
CA LYS C 545 -31.07 -46.76 5.28
C LYS C 545 -30.51 -47.93 6.08
N LYS C 546 -29.62 -47.66 7.04
CA LYS C 546 -29.04 -48.67 7.93
C LYS C 546 -28.24 -49.73 7.18
N GLY C 547 -27.76 -49.41 5.99
CA GLY C 547 -26.93 -50.33 5.24
C GLY C 547 -27.64 -51.61 4.82
N ASN C 548 -28.89 -51.49 4.37
CA ASN C 548 -29.67 -52.64 3.96
C ASN C 548 -30.01 -52.64 2.48
N LEU C 549 -29.47 -51.69 1.72
CA LEU C 549 -29.82 -51.58 0.31
C LEU C 549 -29.13 -52.68 -0.51
N PRO C 550 -29.79 -53.21 -1.53
CA PRO C 550 -29.13 -54.18 -2.41
C PRO C 550 -28.20 -53.48 -3.38
N PRO C 551 -27.32 -54.22 -4.06
CA PRO C 551 -26.49 -53.61 -5.09
C PRO C 551 -27.34 -53.06 -6.23
N ASP C 552 -26.83 -52.00 -6.87
CA ASP C 552 -27.56 -51.27 -7.91
C ASP C 552 -28.91 -50.77 -7.38
N TYR C 553 -28.91 -50.28 -6.15
CA TYR C 553 -30.12 -49.75 -5.55
C TYR C 553 -30.53 -48.45 -6.23
N ARG C 554 -31.83 -48.26 -6.40
CA ARG C 554 -32.39 -47.07 -7.03
C ARG C 554 -32.78 -46.08 -5.94
N ILE C 555 -32.04 -44.97 -5.84
CA ILE C 555 -32.30 -43.97 -4.82
C ILE C 555 -33.56 -43.19 -5.17
N SER C 556 -34.47 -43.07 -4.21
CA SER C 556 -35.73 -42.37 -4.39
C SER C 556 -35.68 -41.02 -3.69
N LEU C 557 -36.64 -40.16 -4.05
CA LEU C 557 -36.70 -38.84 -3.43
C LEU C 557 -37.00 -38.93 -1.94
N ILE C 558 -37.66 -40.01 -1.51
CA ILE C 558 -37.93 -40.20 -0.09
C ILE C 558 -36.62 -40.42 0.68
N ASP C 559 -35.70 -41.17 0.09
CA ASP C 559 -34.38 -41.34 0.70
C ASP C 559 -33.64 -40.00 0.78
N ILE C 560 -33.79 -39.18 -0.25
CA ILE C 560 -33.15 -37.86 -0.24
C ILE C 560 -33.75 -37.00 0.88
N GLY C 561 -35.07 -37.07 1.05
CA GLY C 561 -35.69 -36.36 2.16
C GLY C 561 -35.19 -36.83 3.51
N LEU C 562 -35.02 -38.15 3.65
CA LEU C 562 -34.48 -38.70 4.89
C LEU C 562 -33.07 -38.21 5.16
N VAL C 563 -32.23 -38.15 4.12
CA VAL C 563 -30.87 -37.66 4.29
C VAL C 563 -30.87 -36.19 4.65
N ILE C 564 -31.76 -35.40 4.03
CA ILE C 564 -31.85 -33.98 4.36
C ILE C 564 -32.26 -33.80 5.81
N GLU C 565 -33.25 -34.57 6.26
CA GLU C 565 -33.67 -34.48 7.66
C GLU C 565 -32.55 -34.88 8.61
N TYR C 566 -31.79 -35.90 8.25
CA TYR C 566 -30.66 -36.32 9.07
C TYR C 566 -29.61 -35.22 9.17
N LEU C 567 -29.29 -34.57 8.05
CA LEU C 567 -28.21 -33.60 8.05
C LEU C 567 -28.62 -32.28 8.69
N MET C 568 -29.88 -31.86 8.51
CA MET C 568 -30.28 -30.53 8.95
C MET C 568 -30.27 -30.40 10.47
N GLY C 569 -30.69 -31.44 11.18
CA GLY C 569 -30.67 -31.39 12.62
C GLY C 569 -31.85 -32.15 13.21
N GLY C 570 -32.24 -31.73 14.41
CA GLY C 570 -33.21 -32.48 15.19
C GLY C 570 -34.64 -32.45 14.69
N ALA C 571 -35.28 -31.29 14.77
CA ALA C 571 -36.71 -31.17 14.51
C ALA C 571 -37.04 -30.81 13.07
N TYR C 572 -36.03 -30.80 12.18
CA TYR C 572 -36.29 -30.46 10.78
C TYR C 572 -37.08 -31.57 10.10
N ARG C 573 -37.96 -31.17 9.19
CA ARG C 573 -38.77 -32.08 8.40
C ARG C 573 -38.75 -31.67 6.94
N CYS C 574 -38.49 -32.61 6.05
CA CYS C 574 -38.43 -32.34 4.63
C CYS C 574 -39.80 -32.55 3.99
N ASN C 575 -40.04 -31.86 2.88
CA ASN C 575 -41.30 -31.99 2.15
C ASN C 575 -41.44 -33.35 1.47
N TYR C 576 -40.32 -34.05 1.22
CA TYR C 576 -40.41 -35.35 0.57
C TYR C 576 -41.00 -36.40 1.48
N THR C 577 -40.81 -36.27 2.79
CA THR C 577 -41.31 -37.24 3.75
C THR C 577 -42.69 -36.91 4.29
N ARG C 578 -43.27 -35.78 3.91
CA ARG C 578 -44.61 -35.44 4.34
C ARG C 578 -45.63 -36.16 3.46
N LYS C 579 -46.80 -36.46 4.05
CA LYS C 579 -47.72 -37.42 3.46
C LYS C 579 -48.37 -36.91 2.18
N ARG C 580 -48.38 -35.60 1.93
CA ARG C 580 -48.87 -35.12 0.64
C ARG C 580 -47.98 -35.61 -0.49
N PHE C 581 -46.67 -35.40 -0.36
CA PHE C 581 -45.74 -35.89 -1.38
C PHE C 581 -45.70 -37.41 -1.40
N ARG C 582 -45.85 -38.06 -0.25
CA ARG C 582 -45.89 -39.53 -0.25
C ARG C 582 -47.11 -40.05 -1.00
N THR C 583 -48.25 -39.41 -0.84
CA THR C 583 -49.44 -39.82 -1.58
C THR C 583 -49.32 -39.52 -3.06
N LEU C 584 -48.67 -38.41 -3.41
CA LEU C 584 -48.40 -38.15 -4.82
C LEU C 584 -47.44 -39.17 -5.41
N TYR C 585 -46.48 -39.63 -4.61
CA TYR C 585 -45.43 -40.51 -5.11
C TYR C 585 -45.92 -41.95 -5.24
N HIS C 586 -46.50 -42.49 -4.16
CA HIS C 586 -46.81 -43.92 -4.11
C HIS C 586 -47.85 -44.35 -5.13
N ASN C 587 -48.65 -43.42 -5.65
CA ASN C 587 -49.68 -43.76 -6.63
C ASN C 587 -49.26 -43.44 -8.06
N LEU C 588 -47.98 -43.15 -8.28
CA LEU C 588 -47.46 -42.95 -9.63
C LEU C 588 -46.34 -43.93 -9.93
N ASN C 632 -44.43 -34.70 -11.42
CA ASN C 632 -45.51 -33.82 -11.84
C ASN C 632 -44.99 -32.40 -12.04
N HIS C 633 -45.00 -31.62 -10.96
CA HIS C 633 -44.61 -30.22 -11.04
C HIS C 633 -43.96 -29.81 -9.73
N PHE C 634 -43.13 -28.77 -9.81
CA PHE C 634 -42.50 -28.17 -8.64
C PHE C 634 -42.72 -26.67 -8.72
N PRO C 635 -43.47 -26.07 -7.79
CA PRO C 635 -43.69 -24.62 -7.87
C PRO C 635 -42.42 -23.80 -7.74
N PHE C 636 -41.39 -24.35 -7.08
CA PHE C 636 -40.11 -23.68 -6.91
C PHE C 636 -39.01 -24.66 -7.34
N PRO C 637 -38.83 -24.85 -8.65
CA PRO C 637 -37.85 -25.83 -9.11
C PRO C 637 -36.43 -25.54 -8.68
N PHE C 638 -36.06 -24.27 -8.55
CA PHE C 638 -34.69 -23.93 -8.20
C PHE C 638 -34.35 -24.32 -6.77
N HIS C 639 -35.33 -24.44 -5.88
CA HIS C 639 -35.07 -25.02 -4.56
C HIS C 639 -34.53 -26.44 -4.68
N GLU C 640 -35.25 -27.28 -5.43
CA GLU C 640 -34.81 -28.65 -5.65
C GLU C 640 -33.47 -28.70 -6.36
N LEU C 641 -33.29 -27.85 -7.38
CA LEU C 641 -32.04 -27.85 -8.12
C LEU C 641 -30.86 -27.47 -7.24
N MET C 642 -31.02 -26.46 -6.39
CA MET C 642 -29.92 -26.05 -5.52
C MET C 642 -29.62 -27.11 -4.47
N VAL C 643 -30.66 -27.74 -3.93
CA VAL C 643 -30.43 -28.81 -2.96
C VAL C 643 -29.67 -29.96 -3.61
N TRP C 644 -30.07 -30.33 -4.84
CA TRP C 644 -29.38 -31.38 -5.57
C TRP C 644 -27.94 -31.02 -5.83
N ALA C 645 -27.68 -29.78 -6.24
CA ALA C 645 -26.31 -29.37 -6.53
C ALA C 645 -25.44 -29.38 -5.28
N VAL C 646 -26.01 -28.98 -4.14
CA VAL C 646 -25.24 -29.01 -2.90
C VAL C 646 -24.95 -30.45 -2.47
N LEU C 647 -25.93 -31.34 -2.61
CA LEU C 647 -25.73 -32.72 -2.18
C LEU C 647 -24.75 -33.48 -3.07
N MET C 648 -24.54 -33.04 -4.31
CA MET C 648 -23.62 -33.69 -5.22
C MET C 648 -22.26 -33.00 -5.27
N LYS C 649 -22.03 -32.00 -4.41
CA LYS C 649 -20.76 -31.28 -4.31
C LYS C 649 -20.40 -30.62 -5.64
N ARG C 650 -21.37 -29.95 -6.24
CA ARG C 650 -21.18 -29.20 -7.48
C ARG C 650 -21.37 -27.71 -7.16
N GLN C 651 -20.26 -27.04 -6.84
CA GLN C 651 -20.34 -25.69 -6.30
C GLN C 651 -20.75 -24.66 -7.35
N LYS C 652 -20.22 -24.79 -8.57
CA LYS C 652 -20.58 -23.83 -9.62
C LYS C 652 -22.06 -23.92 -9.97
N MET C 653 -22.59 -25.14 -10.10
CA MET C 653 -24.00 -25.31 -10.39
C MET C 653 -24.86 -24.77 -9.25
N ALA C 654 -24.45 -25.02 -8.00
CA ALA C 654 -25.21 -24.52 -6.86
C ALA C 654 -25.21 -22.99 -6.82
N LEU C 655 -24.07 -22.38 -7.12
CA LEU C 655 -24.00 -20.93 -7.12
C LEU C 655 -24.84 -20.33 -8.23
N PHE C 656 -24.90 -21.00 -9.39
CA PHE C 656 -25.79 -20.54 -10.44
C PHE C 656 -27.24 -20.65 -10.04
N PHE C 657 -27.62 -21.77 -9.41
CA PHE C 657 -29.01 -21.97 -9.01
C PHE C 657 -29.43 -21.06 -7.87
N TRP C 658 -28.48 -20.59 -7.05
CA TRP C 658 -28.83 -19.76 -5.91
C TRP C 658 -29.44 -18.43 -6.34
N GLN C 659 -28.87 -17.79 -7.37
CA GLN C 659 -29.32 -16.47 -7.78
C GLN C 659 -30.49 -16.50 -8.75
N HIS C 660 -31.24 -17.61 -8.80
CA HIS C 660 -32.45 -17.70 -9.59
C HIS C 660 -33.58 -18.18 -8.69
N GLY C 661 -34.70 -17.48 -8.74
CA GLY C 661 -35.85 -17.83 -7.92
C GLY C 661 -35.95 -16.98 -6.67
N GLU C 662 -36.87 -17.38 -5.80
CA GLU C 662 -37.16 -16.67 -4.57
C GLU C 662 -36.40 -17.26 -3.39
N GLU C 663 -36.41 -16.52 -2.28
CA GLU C 663 -35.86 -16.97 -0.99
C GLU C 663 -34.37 -17.27 -1.08
N ALA C 664 -33.60 -16.23 -1.45
CA ALA C 664 -32.17 -16.41 -1.61
C ALA C 664 -31.47 -16.62 -0.26
N MET C 665 -31.87 -15.86 0.77
CA MET C 665 -31.19 -15.94 2.05
C MET C 665 -31.46 -17.26 2.75
N ALA C 666 -32.71 -17.72 2.70
CA ALA C 666 -33.03 -19.02 3.28
C ALA C 666 -32.24 -20.14 2.59
N LYS C 667 -32.15 -20.07 1.26
CA LYS C 667 -31.39 -21.07 0.52
C LYS C 667 -29.91 -21.02 0.89
N ALA C 668 -29.35 -19.82 1.04
CA ALA C 668 -27.95 -19.71 1.41
C ALA C 668 -27.69 -20.30 2.80
N LEU C 669 -28.56 -20.01 3.77
CA LEU C 669 -28.38 -20.55 5.11
C LEU C 669 -28.52 -22.08 5.12
N VAL C 670 -29.50 -22.61 4.40
CA VAL C 670 -29.69 -24.05 4.33
C VAL C 670 -28.48 -24.71 3.69
N ALA C 671 -27.96 -24.12 2.61
CA ALA C 671 -26.78 -24.68 1.96
C ALA C 671 -25.57 -24.66 2.88
N CYS C 672 -25.40 -23.57 3.64
CA CYS C 672 -24.30 -23.51 4.60
C CYS C 672 -24.41 -24.62 5.63
N LYS C 673 -25.61 -24.82 6.20
CA LYS C 673 -25.79 -25.87 7.20
C LYS C 673 -25.54 -27.25 6.61
N LEU C 674 -26.04 -27.50 5.40
CA LEU C 674 -25.85 -28.81 4.77
C LEU C 674 -24.39 -29.09 4.50
N CYS C 675 -23.66 -28.10 3.99
CA CYS C 675 -22.24 -28.30 3.73
C CYS C 675 -21.47 -28.55 5.01
N LYS C 676 -21.81 -27.82 6.09
CA LYS C 676 -21.15 -28.06 7.37
C LYS C 676 -21.39 -29.48 7.86
N ALA C 677 -22.64 -29.96 7.78
CA ALA C 677 -22.94 -31.30 8.24
C ALA C 677 -22.24 -32.35 7.39
N MET C 678 -22.21 -32.15 6.07
CA MET C 678 -21.53 -33.11 5.19
C MET C 678 -20.04 -33.15 5.46
N ALA C 679 -19.43 -31.98 5.72
CA ALA C 679 -18.01 -31.96 6.06
C ALA C 679 -17.75 -32.71 7.36
N HIS C 680 -18.61 -32.52 8.36
CA HIS C 680 -18.44 -33.27 9.61
C HIS C 680 -18.56 -34.76 9.38
N GLU C 681 -19.54 -35.19 8.59
CA GLU C 681 -19.73 -36.61 8.34
C GLU C 681 -18.52 -37.21 7.60
N ALA C 682 -17.99 -36.48 6.62
CA ALA C 682 -16.80 -36.96 5.93
C ALA C 682 -15.60 -37.03 6.86
N SER C 683 -15.47 -36.06 7.76
CA SER C 683 -14.35 -36.07 8.70
C SER C 683 -14.47 -37.20 9.71
N GLU C 684 -15.69 -37.61 10.04
CA GLU C 684 -15.90 -38.65 11.05
C GLU C 684 -16.10 -40.04 10.44
N ASN C 685 -15.87 -40.21 9.14
CA ASN C 685 -15.98 -41.50 8.48
C ASN C 685 -14.68 -41.86 7.78
N ASP C 686 -13.55 -41.51 8.41
CA ASP C 686 -12.19 -41.84 7.96
C ASP C 686 -12.01 -41.71 6.45
N MET C 687 -12.57 -40.66 5.86
CA MET C 687 -12.47 -40.46 4.42
C MET C 687 -11.10 -39.87 4.08
N VAL C 688 -10.92 -39.56 2.79
CA VAL C 688 -9.64 -39.04 2.31
C VAL C 688 -9.26 -37.73 2.99
N ASP C 689 -10.24 -36.98 3.48
CA ASP C 689 -10.10 -35.76 4.27
C ASP C 689 -9.62 -34.56 3.46
N ASP C 690 -9.41 -34.71 2.15
CA ASP C 690 -9.28 -33.54 1.30
C ASP C 690 -10.63 -33.09 0.76
N ILE C 691 -11.70 -33.80 1.10
CA ILE C 691 -13.04 -33.38 0.76
C ILE C 691 -13.65 -32.53 1.88
N SER C 692 -13.25 -32.77 3.12
CA SER C 692 -13.77 -31.98 4.24
C SER C 692 -13.38 -30.51 4.11
N GLN C 693 -12.15 -30.24 3.67
CA GLN C 693 -11.73 -28.85 3.48
C GLN C 693 -12.53 -28.18 2.38
N GLU C 694 -12.80 -28.90 1.29
CA GLU C 694 -13.61 -28.34 0.21
C GLU C 694 -15.03 -28.06 0.69
N LEU C 695 -15.61 -28.97 1.47
CA LEU C 695 -16.96 -28.77 1.97
C LEU C 695 -17.02 -27.59 2.95
N ASN C 696 -15.99 -27.43 3.78
CA ASN C 696 -15.94 -26.28 4.68
C ASN C 696 -15.79 -24.99 3.89
N HIS C 697 -15.01 -25.00 2.81
CA HIS C 697 -14.90 -23.82 1.95
C HIS C 697 -16.25 -23.47 1.34
N ASN C 698 -16.99 -24.48 0.87
CA ASN C 698 -18.33 -24.24 0.32
C ASN C 698 -19.25 -23.63 1.37
N SER C 699 -19.22 -24.18 2.60
CA SER C 699 -20.06 -23.65 3.66
C SER C 699 -19.72 -22.21 3.98
N ARG C 700 -18.42 -21.88 4.03
CA ARG C 700 -18.04 -20.49 4.31
C ARG C 700 -18.45 -19.57 3.17
N ASP C 701 -18.36 -20.03 1.92
CA ASP C 701 -18.81 -19.22 0.80
C ASP C 701 -20.30 -18.90 0.91
N PHE C 702 -21.12 -19.91 1.24
CA PHE C 702 -22.56 -19.66 1.37
C PHE C 702 -22.86 -18.74 2.56
N GLY C 703 -22.14 -18.92 3.67
CA GLY C 703 -22.33 -18.02 4.80
C GLY C 703 -22.00 -16.58 4.46
N GLN C 704 -20.90 -16.37 3.72
CA GLN C 704 -20.54 -15.03 3.31
C GLN C 704 -21.59 -14.43 2.38
N LEU C 705 -22.13 -15.25 1.47
CA LEU C 705 -23.21 -14.76 0.62
C LEU C 705 -24.42 -14.32 1.44
N ALA C 706 -24.78 -15.11 2.45
CA ALA C 706 -25.92 -14.75 3.28
C ALA C 706 -25.66 -13.44 4.02
N VAL C 707 -24.45 -13.27 4.57
CA VAL C 707 -24.13 -12.06 5.31
C VAL C 707 -24.19 -10.84 4.40
N GLU C 708 -23.62 -10.96 3.20
CA GLU C 708 -23.63 -9.83 2.27
C GLU C 708 -25.04 -9.47 1.83
N LEU C 709 -25.87 -10.49 1.59
CA LEU C 709 -27.26 -10.21 1.21
C LEU C 709 -28.00 -9.51 2.34
N LEU C 710 -27.77 -9.95 3.59
CA LEU C 710 -28.40 -9.29 4.73
C LEU C 710 -27.94 -7.83 4.83
N ASP C 711 -26.65 -7.58 4.62
CA ASP C 711 -26.15 -6.22 4.69
C ASP C 711 -26.80 -5.34 3.63
N GLN C 712 -26.90 -5.86 2.40
CA GLN C 712 -27.55 -5.10 1.33
C GLN C 712 -29.01 -4.80 1.67
N SER C 713 -29.74 -5.81 2.16
CA SER C 713 -31.14 -5.62 2.49
C SER C 713 -31.32 -4.59 3.60
N TYR C 714 -30.48 -4.66 4.64
CA TYR C 714 -30.59 -3.70 5.74
C TYR C 714 -30.27 -2.29 5.27
N LYS C 715 -29.27 -2.14 4.39
CA LYS C 715 -28.94 -0.82 3.87
C LYS C 715 -30.09 -0.26 3.02
N GLN C 716 -30.74 -1.11 2.22
CA GLN C 716 -31.78 -0.62 1.33
C GLN C 716 -33.05 -0.22 2.08
N ASP C 717 -33.50 -1.06 3.01
CA ASP C 717 -34.74 -0.79 3.74
C ASP C 717 -34.73 -1.60 5.03
N GLU C 718 -34.74 -0.92 6.17
CA GLU C 718 -34.57 -1.60 7.45
C GLU C 718 -35.81 -2.37 7.88
N GLN C 719 -37.01 -1.81 7.70
CA GLN C 719 -38.22 -2.47 8.16
C GLN C 719 -38.47 -3.77 7.39
N LEU C 720 -38.33 -3.72 6.06
CA LEU C 720 -38.47 -4.94 5.27
C LEU C 720 -37.34 -5.91 5.54
N ALA C 721 -36.15 -5.41 5.88
CA ALA C 721 -35.06 -6.30 6.26
C ALA C 721 -35.39 -7.07 7.53
N MET C 722 -35.99 -6.40 8.51
CA MET C 722 -36.40 -7.10 9.73
C MET C 722 -37.55 -8.05 9.46
N LYS C 723 -38.47 -7.66 8.57
CA LYS C 723 -39.58 -8.56 8.23
C LYS C 723 -39.08 -9.78 7.48
N LEU C 724 -37.96 -9.66 6.76
CA LEU C 724 -37.43 -10.77 5.98
C LEU C 724 -36.80 -11.84 6.87
N LEU C 725 -36.32 -11.46 8.05
CA LEU C 725 -35.64 -12.37 8.96
C LEU C 725 -36.58 -13.14 9.87
N THR C 726 -37.88 -12.83 9.86
CA THR C 726 -38.80 -13.41 10.82
C THR C 726 -40.00 -14.13 10.22
N TYR C 727 -40.31 -13.91 8.95
CA TYR C 727 -41.49 -14.54 8.37
C TYR C 727 -41.30 -16.04 8.24
N GLU C 728 -42.37 -16.79 8.46
CA GLU C 728 -42.29 -18.25 8.48
C GLU C 728 -42.02 -18.79 7.08
N LEU C 729 -41.19 -19.82 7.02
CA LEU C 729 -40.78 -20.43 5.75
C LEU C 729 -41.52 -21.76 5.59
N LYS C 730 -42.60 -21.74 4.81
CA LYS C 730 -43.38 -22.95 4.60
C LYS C 730 -42.56 -24.02 3.90
N ASN C 731 -41.73 -23.61 2.93
CA ASN C 731 -40.95 -24.55 2.14
C ASN C 731 -39.76 -25.13 2.88
N TRP C 732 -39.40 -24.57 4.05
CA TRP C 732 -38.20 -24.97 4.77
C TRP C 732 -38.55 -25.34 6.20
N SER C 733 -39.57 -26.19 6.36
CA SER C 733 -39.94 -26.80 7.64
C SER C 733 -40.46 -25.77 8.65
N ASN C 734 -41.14 -24.74 8.17
CA ASN C 734 -41.76 -23.72 9.02
C ASN C 734 -40.73 -23.09 9.96
N ALA C 735 -39.54 -22.80 9.45
CA ALA C 735 -38.50 -22.14 10.21
C ALA C 735 -38.45 -20.68 9.82
N THR C 736 -37.46 -19.96 10.35
CA THR C 736 -37.19 -18.58 9.98
C THR C 736 -35.70 -18.44 9.67
N CYS C 737 -35.34 -17.29 9.09
CA CYS C 737 -33.93 -17.07 8.75
C CYS C 737 -33.07 -16.99 10.00
N LEU C 738 -33.60 -16.40 11.07
CA LEU C 738 -32.86 -16.33 12.32
C LEU C 738 -32.59 -17.72 12.89
N GLN C 739 -33.60 -18.59 12.87
CA GLN C 739 -33.42 -19.95 13.38
C GLN C 739 -32.41 -20.71 12.54
N LEU C 740 -32.45 -20.53 11.22
CA LEU C 740 -31.50 -21.22 10.35
C LEU C 740 -30.08 -20.71 10.56
N ALA C 741 -29.92 -19.42 10.86
CA ALA C 741 -28.58 -18.89 11.15
C ALA C 741 -28.07 -19.39 12.49
N VAL C 742 -28.96 -19.52 13.47
CA VAL C 742 -28.54 -20.03 14.78
C VAL C 742 -28.18 -21.50 14.68
N ALA C 743 -28.94 -22.27 13.91
CA ALA C 743 -28.67 -23.70 13.77
C ALA C 743 -27.33 -23.96 13.09
N ALA C 744 -26.94 -23.09 12.16
CA ALA C 744 -25.66 -23.22 11.49
C ALA C 744 -24.52 -22.59 12.28
N LYS C 745 -24.81 -21.99 13.43
CA LYS C 745 -23.81 -21.31 14.26
C LYS C 745 -23.06 -20.24 13.47
N HIS C 746 -23.81 -19.46 12.71
CA HIS C 746 -23.26 -18.37 11.90
C HIS C 746 -23.19 -17.13 12.78
N ARG C 747 -22.00 -16.85 13.33
CA ARG C 747 -21.86 -15.76 14.29
C ARG C 747 -21.84 -14.40 13.62
N ASP C 748 -21.26 -14.29 12.42
CA ASP C 748 -21.24 -13.01 11.72
C ASP C 748 -22.63 -12.57 11.30
N PHE C 749 -23.58 -13.52 11.20
CA PHE C 749 -24.94 -13.18 10.82
C PHE C 749 -25.72 -12.64 12.02
N ILE C 750 -25.63 -13.32 13.17
CA ILE C 750 -26.34 -12.90 14.36
C ILE C 750 -25.76 -11.61 14.92
N ALA C 751 -24.46 -11.40 14.78
CA ALA C 751 -23.80 -10.22 15.31
C ALA C 751 -23.97 -8.99 14.42
N HIS C 752 -24.74 -9.10 13.34
CA HIS C 752 -25.00 -7.95 12.48
C HIS C 752 -25.92 -6.97 13.18
N THR C 753 -25.90 -5.72 12.71
CA THR C 753 -26.69 -4.67 13.35
C THR C 753 -28.19 -4.96 13.25
N CYS C 754 -28.65 -5.43 12.10
CA CYS C 754 -30.08 -5.70 11.92
C CYS C 754 -30.54 -6.81 12.85
N SER C 755 -29.76 -7.88 12.97
CA SER C 755 -30.12 -8.98 13.86
C SER C 755 -30.12 -8.52 15.31
N GLN C 756 -29.17 -7.69 15.69
CA GLN C 756 -29.12 -7.19 17.06
C GLN C 756 -30.32 -6.30 17.38
N MET C 757 -30.71 -5.43 16.45
CA MET C 757 -31.88 -4.59 16.68
C MET C 757 -33.15 -5.42 16.73
N LEU C 758 -33.25 -6.46 15.90
CA LEU C 758 -34.40 -7.34 15.97
C LEU C 758 -34.45 -8.06 17.32
N LEU C 759 -33.29 -8.50 17.82
CA LEU C 759 -33.25 -9.14 19.13
C LEU C 759 -33.65 -8.17 20.23
N THR C 760 -33.23 -6.90 20.12
CA THR C 760 -33.65 -5.90 21.09
C THR C 760 -35.16 -5.71 21.08
N ASP C 761 -35.75 -5.62 19.89
CA ASP C 761 -37.20 -5.44 19.78
C ASP C 761 -37.95 -6.64 20.35
N MET C 762 -37.44 -7.85 20.09
CA MET C 762 -38.06 -9.04 20.68
C MET C 762 -37.88 -9.07 22.19
N TRP C 763 -36.76 -8.53 22.69
CA TRP C 763 -36.52 -8.47 24.12
C TRP C 763 -37.49 -7.53 24.81
N MET C 764 -37.82 -6.40 24.18
CA MET C 764 -38.71 -5.42 24.78
C MET C 764 -40.18 -5.84 24.75
N GLY C 765 -40.55 -6.76 23.88
CA GLY C 765 -41.92 -7.24 23.86
C GLY C 765 -42.86 -6.23 23.23
N ARG C 766 -43.96 -5.92 23.93
CA ARG C 766 -44.96 -4.98 23.46
C ARG C 766 -44.81 -3.61 24.12
N LEU C 767 -43.57 -3.20 24.41
CA LEU C 767 -43.30 -1.92 25.05
C LEU C 767 -42.49 -1.05 24.10
N ARG C 768 -42.93 0.19 23.91
CA ARG C 768 -42.23 1.15 23.06
C ARG C 768 -41.10 1.86 23.80
N MET C 769 -40.96 1.61 25.11
CA MET C 769 -39.91 2.23 25.89
C MET C 769 -38.54 1.77 25.40
N ARG C 770 -37.69 2.73 25.03
CA ARG C 770 -36.33 2.42 24.60
C ARG C 770 -35.33 3.35 25.28
N LYS C 771 -35.79 4.55 25.66
CA LYS C 771 -34.87 5.59 26.13
C LYS C 771 -34.23 5.24 27.46
N ASN C 772 -35.02 4.75 28.42
CA ASN C 772 -34.49 4.43 29.74
C ASN C 772 -35.31 3.26 30.31
N SER C 773 -34.81 2.05 30.08
CA SER C 773 -35.43 0.85 30.58
C SER C 773 -34.75 0.43 31.88
N GLY C 774 -35.14 -0.72 32.41
CA GLY C 774 -34.56 -1.18 33.66
C GLY C 774 -35.14 -0.48 34.86
N LEU C 775 -34.89 0.83 34.97
CA LEU C 775 -35.44 1.60 36.08
C LEU C 775 -36.96 1.61 36.05
N LYS C 776 -37.54 1.85 34.87
CA LYS C 776 -39.00 1.88 34.76
C LYS C 776 -39.60 0.48 34.87
N VAL C 777 -38.89 -0.55 34.40
CA VAL C 777 -39.37 -1.91 34.59
C VAL C 777 -39.40 -2.27 36.06
N ILE C 778 -38.33 -1.93 36.79
CA ILE C 778 -38.29 -2.18 38.23
C ILE C 778 -39.39 -1.40 38.94
N LEU C 779 -39.59 -0.14 38.54
CA LEU C 779 -40.63 0.67 39.16
C LEU C 779 -42.02 0.07 38.91
N GLY C 780 -42.26 -0.43 37.69
CA GLY C 780 -43.54 -1.05 37.41
C GLY C 780 -43.75 -2.33 38.19
N ILE C 781 -42.70 -3.14 38.35
CA ILE C 781 -42.83 -4.35 39.16
C ILE C 781 -43.11 -4.00 40.61
N LEU C 782 -42.40 -3.00 41.14
CA LEU C 782 -42.60 -2.61 42.53
C LEU C 782 -43.88 -1.82 42.75
N LEU C 783 -44.28 -1.01 41.77
CA LEU C 783 -45.50 -0.20 41.86
C LEU C 783 -46.43 -0.61 40.72
N PRO C 784 -47.31 -1.58 40.96
CA PRO C 784 -48.23 -2.04 39.90
C PRO C 784 -49.08 -0.93 39.31
N PRO C 785 -49.56 0.04 40.11
CA PRO C 785 -50.29 1.17 39.50
C PRO C 785 -49.43 2.00 38.54
N SER C 786 -48.11 1.95 38.64
CA SER C 786 -47.25 2.73 37.76
C SER C 786 -47.16 2.15 36.35
N ILE C 787 -47.72 0.96 36.12
CA ILE C 787 -47.62 0.33 34.81
C ILE C 787 -48.37 1.14 33.76
N LEU C 788 -49.53 1.70 34.13
CA LEU C 788 -50.40 2.37 33.17
C LEU C 788 -49.80 3.63 32.57
N SER C 789 -48.72 4.15 33.13
CA SER C 789 -48.09 5.35 32.59
C SER C 789 -47.13 5.05 31.45
N LEU C 790 -46.92 3.78 31.11
CA LEU C 790 -45.98 3.40 30.06
C LEU C 790 -46.70 3.28 28.73
N GLU C 791 -45.95 3.52 27.65
CA GLU C 791 -46.48 3.41 26.30
C GLU C 791 -46.37 1.97 25.80
N PHE C 792 -47.31 1.58 24.95
CA PHE C 792 -47.40 0.23 24.44
C PHE C 792 -47.51 0.24 22.92
N LYS C 793 -47.12 -0.88 22.31
CA LYS C 793 -47.27 -1.06 20.87
C LYS C 793 -48.70 -1.49 20.55
N ASN C 794 -49.03 -1.47 19.26
CA ASN C 794 -50.35 -1.87 18.80
C ASN C 794 -50.55 -3.37 18.91
N GLY C 861 -56.62 -3.76 33.15
CA GLY C 861 -57.04 -4.04 31.80
C GLY C 861 -56.18 -5.08 31.11
N ARG C 862 -55.68 -4.73 29.93
CA ARG C 862 -54.81 -5.62 29.16
C ARG C 862 -53.37 -5.15 29.14
N LYS C 863 -53.09 -3.94 29.63
CA LYS C 863 -51.71 -3.50 29.75
C LYS C 863 -50.93 -4.32 30.77
N ILE C 864 -51.62 -4.80 31.82
CA ILE C 864 -50.96 -5.62 32.82
C ILE C 864 -50.47 -6.93 32.21
N TYR C 865 -51.31 -7.57 31.39
CA TYR C 865 -50.92 -8.84 30.77
C TYR C 865 -49.75 -8.66 29.83
N GLU C 866 -49.76 -7.59 29.03
CA GLU C 866 -48.67 -7.37 28.08
C GLU C 866 -47.40 -6.93 28.79
N PHE C 867 -47.54 -6.29 29.96
CA PHE C 867 -46.35 -5.90 30.72
C PHE C 867 -45.71 -7.12 31.38
N TYR C 868 -46.52 -7.98 31.99
CA TYR C 868 -45.97 -9.11 32.74
C TYR C 868 -45.54 -10.28 31.87
N ASN C 869 -45.59 -10.14 30.55
CA ASN C 869 -45.15 -11.20 29.64
C ASN C 869 -43.99 -10.80 28.76
N ALA C 870 -43.51 -9.57 28.86
CA ALA C 870 -42.29 -9.19 28.17
C ALA C 870 -41.10 -9.95 28.78
N PRO C 871 -40.14 -10.36 27.95
CA PRO C 871 -38.97 -11.08 28.51
C PRO C 871 -38.16 -10.27 29.50
N ILE C 872 -38.07 -8.95 29.31
CA ILE C 872 -37.27 -8.11 30.20
C ILE C 872 -37.90 -8.04 31.59
N VAL C 873 -39.23 -7.98 31.65
CA VAL C 873 -39.91 -7.96 32.94
C VAL C 873 -39.70 -9.27 33.68
N LYS C 874 -39.78 -10.39 32.96
CA LYS C 874 -39.49 -11.68 33.58
C LYS C 874 -38.06 -11.74 34.09
N PHE C 875 -37.12 -11.19 33.31
CA PHE C 875 -35.72 -11.18 33.73
C PHE C 875 -35.54 -10.40 35.02
N TRP C 876 -36.16 -9.21 35.10
CA TRP C 876 -35.98 -8.38 36.29
C TRP C 876 -36.66 -8.98 37.51
N PHE C 877 -37.82 -9.62 37.31
CA PHE C 877 -38.46 -10.34 38.42
C PHE C 877 -37.56 -11.46 38.93
N TYR C 878 -36.97 -12.21 38.00
CA TYR C 878 -36.04 -13.28 38.35
C TYR C 878 -34.84 -12.74 39.13
N THR C 879 -34.29 -11.61 38.67
CA THR C 879 -33.13 -11.03 39.32
C THR C 879 -33.46 -10.56 40.74
N LEU C 880 -34.60 -9.90 40.92
CA LEU C 880 -34.99 -9.45 42.26
C LEU C 880 -35.19 -10.63 43.20
N ALA C 881 -35.83 -11.71 42.69
CA ALA C 881 -36.02 -12.89 43.53
C ALA C 881 -34.68 -13.50 43.93
N TYR C 882 -33.73 -13.56 42.99
CA TYR C 882 -32.42 -14.12 43.31
C TYR C 882 -31.69 -13.26 44.34
N ILE C 883 -31.79 -11.94 44.22
CA ILE C 883 -31.14 -11.05 45.17
C ILE C 883 -31.72 -11.25 46.57
N GLY C 884 -33.05 -11.35 46.67
CA GLY C 884 -33.65 -11.59 47.97
C GLY C 884 -33.24 -12.93 48.56
N TYR C 885 -33.16 -13.96 47.72
CA TYR C 885 -32.71 -15.27 48.18
C TYR C 885 -31.28 -15.22 48.71
N LEU C 886 -30.40 -14.51 48.00
CA LEU C 886 -29.01 -14.40 48.45
C LEU C 886 -28.92 -13.64 49.77
N MET C 887 -29.75 -12.60 49.93
CA MET C 887 -29.80 -11.88 51.20
C MET C 887 -30.21 -12.80 52.34
N LEU C 888 -31.24 -13.61 52.13
CA LEU C 888 -31.69 -14.51 53.19
C LEU C 888 -30.64 -15.58 53.51
N PHE C 889 -29.93 -16.06 52.49
CA PHE C 889 -28.86 -17.04 52.73
C PHE C 889 -27.75 -16.42 53.57
N ASN C 890 -27.35 -15.20 53.24
CA ASN C 890 -26.36 -14.50 54.07
C ASN C 890 -26.84 -14.37 55.51
N TYR C 891 -28.11 -13.99 55.68
CA TYR C 891 -28.64 -13.83 57.04
C TYR C 891 -28.56 -15.14 57.82
N ILE C 892 -28.98 -16.24 57.21
CA ILE C 892 -29.03 -17.49 57.97
C ILE C 892 -27.62 -18.00 58.27
N VAL C 893 -26.64 -17.74 57.40
CA VAL C 893 -25.31 -18.22 57.73
C VAL C 893 -24.62 -17.32 58.76
N LEU C 894 -25.01 -16.04 58.82
CA LEU C 894 -24.33 -15.10 59.72
C LEU C 894 -24.91 -15.08 61.12
N VAL C 895 -25.99 -15.80 61.40
CA VAL C 895 -26.59 -15.82 62.72
C VAL C 895 -26.59 -17.26 63.25
N LYS C 896 -26.89 -17.40 64.53
CA LYS C 896 -26.80 -18.69 65.20
C LYS C 896 -27.99 -19.57 64.86
N MET C 897 -27.72 -20.85 64.64
CA MET C 897 -28.75 -21.82 64.28
C MET C 897 -29.39 -22.42 65.52
N GLU C 898 -30.65 -22.81 65.37
CA GLU C 898 -31.40 -23.51 66.40
C GLU C 898 -31.48 -24.99 66.05
N ARG C 899 -32.27 -25.74 66.82
CA ARG C 899 -32.43 -27.16 66.53
C ARG C 899 -33.09 -27.38 65.18
N TRP C 900 -34.12 -26.61 64.86
CA TRP C 900 -34.87 -26.73 63.63
C TRP C 900 -34.76 -25.44 62.81
N PRO C 901 -34.93 -25.53 61.50
CA PRO C 901 -34.76 -24.34 60.65
C PRO C 901 -35.74 -23.24 61.00
N SER C 902 -35.30 -21.99 60.77
CA SER C 902 -36.12 -20.81 60.96
C SER C 902 -36.92 -20.52 59.69
N THR C 903 -37.68 -19.42 59.72
CA THR C 903 -38.50 -19.07 58.56
C THR C 903 -37.63 -18.72 57.35
N GLN C 904 -36.56 -17.96 57.57
CA GLN C 904 -35.67 -17.60 56.47
C GLN C 904 -35.00 -18.83 55.89
N GLU C 905 -34.62 -19.78 56.75
CA GLU C 905 -34.03 -21.02 56.28
C GLU C 905 -35.02 -21.83 55.46
N TRP C 906 -36.29 -21.84 55.89
CA TRP C 906 -37.32 -22.52 55.10
C TRP C 906 -37.48 -21.88 53.73
N ILE C 907 -37.44 -20.54 53.67
CA ILE C 907 -37.54 -19.87 52.38
C ILE C 907 -36.35 -20.23 51.49
N VAL C 908 -35.15 -20.29 52.07
CA VAL C 908 -33.97 -20.64 51.28
C VAL C 908 -34.08 -22.06 50.74
N ILE C 909 -34.53 -23.00 51.59
CA ILE C 909 -34.70 -24.39 51.16
C ILE C 909 -35.74 -24.47 50.04
N SER C 910 -36.84 -23.73 50.19
CA SER C 910 -37.88 -23.74 49.17
C SER C 910 -37.35 -23.19 47.85
N TYR C 911 -36.57 -22.11 47.89
CA TYR C 911 -35.99 -21.59 46.65
C TYR C 911 -35.08 -22.63 46.00
N ILE C 912 -34.24 -23.28 46.79
CA ILE C 912 -33.32 -24.27 46.23
C ILE C 912 -34.10 -25.39 45.57
N PHE C 913 -35.14 -25.89 46.26
CA PHE C 913 -35.94 -27.00 45.75
C PHE C 913 -36.69 -26.61 44.48
N THR C 914 -37.27 -25.40 44.45
CA THR C 914 -38.00 -24.95 43.27
C THR C 914 -37.06 -24.79 42.09
N LEU C 915 -35.87 -24.24 42.30
CA LEU C 915 -34.89 -24.13 41.22
C LEU C 915 -34.48 -25.50 40.72
N GLY C 916 -34.29 -26.46 41.64
CA GLY C 916 -33.92 -27.80 41.23
C GLY C 916 -34.98 -28.46 40.38
N ILE C 917 -36.25 -28.37 40.81
CA ILE C 917 -37.31 -29.00 40.03
C ILE C 917 -37.52 -28.27 38.71
N GLU C 918 -37.28 -26.96 38.67
CA GLU C 918 -37.37 -26.24 37.41
C GLU C 918 -36.30 -26.72 36.43
N LYS C 919 -35.07 -26.92 36.91
CA LYS C 919 -34.03 -27.47 36.06
C LYS C 919 -34.39 -28.88 35.60
N MET C 920 -34.94 -29.69 36.50
CA MET C 920 -35.33 -31.05 36.16
C MET C 920 -36.39 -31.06 35.05
N ARG C 921 -37.38 -30.18 35.16
CA ARG C 921 -38.45 -30.14 34.16
C ARG C 921 -38.01 -29.49 32.85
N GLU C 922 -37.05 -28.56 32.87
CA GLU C 922 -36.53 -28.04 31.62
C GLU C 922 -35.58 -29.00 30.95
N ILE C 923 -35.04 -29.98 31.69
CA ILE C 923 -34.32 -31.07 31.06
C ILE C 923 -35.24 -31.94 30.22
N LEU C 924 -36.50 -32.12 30.64
CA LEU C 924 -37.43 -32.99 29.93
C LEU C 924 -38.13 -32.31 28.76
N MET C 925 -37.88 -31.02 28.54
CA MET C 925 -38.44 -30.30 27.41
C MET C 925 -37.42 -30.06 26.31
N SER C 926 -36.30 -30.78 26.33
CA SER C 926 -35.30 -30.65 25.30
C SER C 926 -35.77 -31.30 24.01
N GLU C 927 -35.14 -30.91 22.90
CA GLU C 927 -35.56 -31.39 21.59
C GLU C 927 -35.45 -32.91 21.44
N PRO C 928 -34.34 -33.57 21.78
CA PRO C 928 -34.27 -35.02 21.57
C PRO C 928 -35.35 -35.77 22.35
N GLY C 929 -35.87 -36.83 21.73
CA GLY C 929 -36.90 -37.64 22.36
C GLY C 929 -36.39 -38.74 23.27
N LYS C 930 -35.08 -38.85 23.44
CA LYS C 930 -34.50 -39.88 24.29
C LYS C 930 -34.13 -39.29 25.65
N LEU C 931 -34.46 -40.03 26.70
CA LEU C 931 -34.19 -39.55 28.06
C LEU C 931 -32.69 -39.38 28.30
N LEU C 932 -31.88 -40.34 27.83
CA LEU C 932 -30.44 -40.27 28.04
C LEU C 932 -29.74 -39.36 27.06
N GLN C 933 -30.44 -38.88 26.02
CA GLN C 933 -29.84 -37.93 25.09
C GLN C 933 -30.06 -36.49 25.54
N LYS C 934 -31.19 -36.21 26.19
CA LYS C 934 -31.45 -34.87 26.69
C LYS C 934 -30.46 -34.48 27.79
N VAL C 935 -30.08 -35.44 28.64
CA VAL C 935 -29.13 -35.16 29.72
C VAL C 935 -27.78 -34.76 29.16
N LYS C 936 -27.30 -35.51 28.16
CA LYS C 936 -25.97 -35.25 27.60
C LYS C 936 -25.90 -33.94 26.84
N VAL C 937 -27.02 -33.45 26.31
CA VAL C 937 -27.02 -32.14 25.65
C VAL C 937 -27.30 -31.01 26.64
N TRP C 938 -27.97 -31.30 27.75
CA TRP C 938 -28.13 -30.30 28.80
C TRP C 938 -26.83 -30.08 29.56
N LEU C 939 -25.99 -31.11 29.67
CA LEU C 939 -24.70 -31.01 30.34
C LEU C 939 -23.62 -30.39 29.46
N GLN C 940 -23.99 -29.74 28.36
CA GLN C 940 -23.02 -29.07 27.52
C GLN C 940 -22.67 -27.67 28.02
N GLU C 941 -23.40 -27.16 29.01
CA GLU C 941 -23.13 -25.86 29.60
C GLU C 941 -22.52 -26.04 30.98
N TYR C 942 -21.46 -25.28 31.26
CA TYR C 942 -20.79 -25.39 32.55
C TYR C 942 -21.66 -24.91 33.69
N TRP C 943 -22.49 -23.88 33.45
CA TRP C 943 -23.35 -23.37 34.51
C TRP C 943 -24.34 -24.42 34.98
N ASN C 944 -24.86 -25.24 34.06
CA ASN C 944 -25.79 -26.29 34.45
C ASN C 944 -25.12 -27.33 35.32
N VAL C 945 -23.89 -27.74 34.96
CA VAL C 945 -23.16 -28.72 35.77
C VAL C 945 -22.87 -28.16 37.14
N THR C 946 -22.42 -26.90 37.21
CA THR C 946 -22.12 -26.30 38.50
C THR C 946 -23.38 -26.15 39.35
N ASP C 947 -24.51 -25.81 38.72
CA ASP C 947 -25.77 -25.73 39.46
C ASP C 947 -26.16 -27.09 40.02
N LEU C 948 -26.01 -28.15 39.23
CA LEU C 948 -26.33 -29.49 39.73
C LEU C 948 -25.43 -29.88 40.91
N ILE C 949 -24.13 -29.61 40.79
CA ILE C 949 -23.21 -29.95 41.88
C ILE C 949 -23.55 -29.16 43.13
N ALA C 950 -23.87 -27.87 42.98
CA ALA C 950 -24.22 -27.05 44.12
C ALA C 950 -25.49 -27.54 44.79
N ILE C 951 -26.49 -27.94 44.00
CA ILE C 951 -27.74 -28.42 44.58
C ILE C 951 -27.53 -29.73 45.32
N LEU C 952 -26.71 -30.63 44.76
CA LEU C 952 -26.40 -31.87 45.47
C LEU C 952 -25.68 -31.59 46.79
N LEU C 953 -24.71 -30.68 46.77
CA LEU C 953 -23.98 -30.35 47.99
C LEU C 953 -24.90 -29.72 49.04
N PHE C 954 -25.80 -28.84 48.60
CA PHE C 954 -26.75 -28.23 49.54
C PHE C 954 -27.68 -29.28 50.13
N SER C 955 -28.13 -30.23 49.31
CA SER C 955 -28.99 -31.29 49.82
C SER C 955 -28.28 -32.12 50.87
N VAL C 956 -27.01 -32.47 50.62
CA VAL C 956 -26.24 -33.23 51.59
C VAL C 956 -26.11 -32.44 52.89
N GLY C 957 -25.75 -31.15 52.78
CA GLY C 957 -25.61 -30.33 53.97
C GLY C 957 -26.90 -30.16 54.74
N MET C 958 -28.03 -30.10 54.04
CA MET C 958 -29.32 -29.93 54.70
C MET C 958 -29.74 -31.20 55.41
N ILE C 959 -29.55 -32.37 54.78
CA ILE C 959 -29.93 -33.61 55.46
C ILE C 959 -28.99 -33.89 56.61
N LEU C 960 -27.75 -33.41 56.53
CA LEU C 960 -26.82 -33.58 57.65
C LEU C 960 -27.02 -32.53 58.73
N ARG C 961 -27.76 -31.45 58.45
CA ARG C 961 -27.97 -30.39 59.44
C ARG C 961 -29.08 -30.74 60.43
N LEU C 962 -30.03 -31.58 60.03
CA LEU C 962 -31.17 -31.93 60.86
C LEU C 962 -30.89 -33.15 61.73
N GLN C 963 -29.76 -33.13 62.43
CA GLN C 963 -29.30 -34.29 63.18
C GLN C 963 -28.58 -33.79 64.44
N ASP C 964 -27.80 -34.68 65.07
CA ASP C 964 -27.15 -34.36 66.32
C ASP C 964 -26.03 -33.35 66.09
N GLN C 965 -25.47 -32.85 67.21
CA GLN C 965 -24.66 -31.64 67.16
C GLN C 965 -23.47 -31.71 66.22
N PRO C 966 -22.61 -32.75 66.23
CA PRO C 966 -21.49 -32.77 65.27
C PRO C 966 -21.95 -32.77 63.83
N PHE C 967 -23.01 -33.53 63.51
CA PHE C 967 -23.52 -33.52 62.15
C PHE C 967 -24.13 -32.17 61.79
N ARG C 968 -24.77 -31.51 62.76
CA ARG C 968 -25.30 -30.18 62.52
C ARG C 968 -24.19 -29.19 62.22
N SER C 969 -23.06 -29.29 62.93
CA SER C 969 -21.93 -28.42 62.66
C SER C 969 -21.35 -28.69 61.28
N ASP C 970 -21.23 -29.96 60.90
CA ASP C 970 -20.73 -30.28 59.57
C ASP C 970 -21.67 -29.74 58.48
N GLY C 971 -22.97 -29.86 58.68
CA GLY C 971 -23.92 -29.30 57.72
C GLY C 971 -23.83 -27.80 57.62
N ARG C 972 -23.63 -27.13 58.77
CA ARG C 972 -23.47 -25.67 58.74
C ARG C 972 -22.22 -25.27 57.98
N VAL C 973 -21.13 -26.02 58.16
CA VAL C 973 -19.91 -25.74 57.41
C VAL C 973 -20.15 -25.96 55.91
N ILE C 974 -20.94 -26.97 55.57
CA ILE C 974 -21.30 -27.18 54.17
C ILE C 974 -22.07 -26.00 53.62
N TYR C 975 -23.01 -25.46 54.41
CA TYR C 975 -23.73 -24.24 54.00
C TYR C 975 -22.77 -23.09 53.75
N CYS C 976 -21.82 -22.90 54.67
CA CYS C 976 -20.88 -21.80 54.54
C CYS C 976 -20.03 -21.93 53.28
N VAL C 977 -19.59 -23.15 52.96
CA VAL C 977 -18.85 -23.34 51.72
C VAL C 977 -19.75 -23.16 50.51
N ASN C 978 -21.02 -23.55 50.62
CA ASN C 978 -21.93 -23.50 49.48
C ASN C 978 -22.31 -22.08 49.10
N ILE C 979 -22.35 -21.16 50.07
CA ILE C 979 -22.76 -19.79 49.77
C ILE C 979 -21.81 -19.09 48.80
N ILE C 980 -20.56 -19.55 48.71
CA ILE C 980 -19.58 -18.91 47.83
C ILE C 980 -20.01 -19.06 46.37
N TYR C 981 -20.52 -20.24 46.00
CA TYR C 981 -20.95 -20.45 44.62
C TYR C 981 -22.12 -19.54 44.27
N TRP C 982 -23.08 -19.39 45.19
CA TRP C 982 -24.22 -18.53 44.90
C TRP C 982 -23.81 -17.07 44.83
N TYR C 983 -22.77 -16.68 45.56
CA TYR C 983 -22.20 -15.36 45.37
C TYR C 983 -21.57 -15.22 43.99
N ILE C 984 -20.79 -16.21 43.56
CA ILE C 984 -20.09 -16.13 42.29
C ILE C 984 -21.07 -16.17 41.11
N ARG C 985 -22.23 -16.78 41.30
CA ARG C 985 -23.21 -16.92 40.23
C ARG C 985 -23.81 -15.60 39.78
N LEU C 986 -23.59 -14.51 40.52
CA LEU C 986 -24.07 -13.20 40.10
C LEU C 986 -23.44 -12.73 38.80
N LEU C 987 -22.28 -13.27 38.43
CA LEU C 987 -21.67 -12.89 37.15
C LEU C 987 -22.51 -13.37 35.97
N ASP C 988 -23.20 -14.50 36.12
CA ASP C 988 -24.11 -14.95 35.08
C ASP C 988 -25.23 -13.95 34.86
N ILE C 989 -25.76 -13.37 35.94
CA ILE C 989 -26.78 -12.33 35.82
C ILE C 989 -26.17 -11.05 35.22
N PHE C 990 -24.94 -10.71 35.63
CA PHE C 990 -24.28 -9.52 35.10
C PHE C 990 -24.04 -9.64 33.60
N GLY C 991 -23.93 -10.87 33.09
CA GLY C 991 -23.68 -11.09 31.67
C GLY C 991 -24.72 -10.49 30.74
N VAL C 992 -25.81 -9.94 31.27
CA VAL C 992 -26.80 -9.29 30.41
C VAL C 992 -26.37 -7.88 30.06
N ASN C 993 -25.56 -7.24 30.90
CA ASN C 993 -25.08 -5.90 30.62
C ASN C 993 -24.18 -5.89 29.39
N LYS C 994 -24.26 -4.81 28.63
CA LYS C 994 -23.50 -4.69 27.39
C LYS C 994 -21.99 -4.67 27.63
N TYR C 995 -21.55 -4.25 28.81
CA TYR C 995 -20.13 -4.13 29.10
C TYR C 995 -19.59 -5.20 30.04
N LEU C 996 -20.41 -5.71 30.96
CA LEU C 996 -19.93 -6.66 31.95
C LEU C 996 -19.78 -8.07 31.37
N GLY C 997 -20.63 -8.47 30.43
CA GLY C 997 -20.59 -9.80 29.86
C GLY C 997 -19.28 -10.14 29.14
N PRO C 998 -18.87 -9.29 28.20
CA PRO C 998 -17.58 -9.51 27.54
C PRO C 998 -16.41 -9.53 28.52
N TYR C 999 -16.45 -8.73 29.59
CA TYR C 999 -15.38 -8.77 30.58
C TYR C 999 -15.32 -10.11 31.30
N VAL C 1000 -16.49 -10.68 31.63
CA VAL C 1000 -16.51 -12.00 32.26
C VAL C 1000 -15.97 -13.06 31.32
N MET C 1001 -16.32 -12.97 30.03
CA MET C 1001 -15.76 -13.90 29.06
C MET C 1001 -14.24 -13.76 28.96
N MET C 1002 -13.73 -12.53 28.99
CA MET C 1002 -12.29 -12.33 28.94
C MET C 1002 -11.61 -12.92 30.17
N ILE C 1003 -12.22 -12.77 31.35
CA ILE C 1003 -11.66 -13.36 32.57
C ILE C 1003 -11.58 -14.88 32.41
N GLY C 1004 -12.65 -15.49 31.93
CA GLY C 1004 -12.64 -16.93 31.71
C GLY C 1004 -11.56 -17.36 30.75
N LYS C 1005 -11.31 -16.57 29.71
CA LYS C 1005 -10.28 -16.93 28.74
C LYS C 1005 -8.87 -16.73 29.28
N MET C 1006 -8.67 -15.75 30.18
CA MET C 1006 -7.34 -15.50 30.73
C MET C 1006 -6.98 -16.46 31.86
N MET C 1007 -7.97 -17.15 32.45
CA MET C 1007 -7.66 -18.09 33.51
C MET C 1007 -6.68 -19.18 33.06
N ILE C 1008 -6.73 -19.59 31.79
CA ILE C 1008 -5.84 -20.64 31.32
C ILE C 1008 -4.39 -20.17 31.29
N ASP C 1009 -4.17 -18.95 30.80
CA ASP C 1009 -2.82 -18.38 30.81
C ASP C 1009 -2.31 -18.22 32.24
N MET C 1010 -3.21 -17.85 33.17
CA MET C 1010 -2.78 -17.77 34.57
C MET C 1010 -2.38 -19.13 35.11
N MET C 1011 -3.14 -20.18 34.75
N MET C 1011 -3.15 -20.17 34.75
CA MET C 1011 -2.82 -21.52 35.24
CA MET C 1011 -2.85 -21.53 35.20
C MET C 1011 -1.51 -22.04 34.69
C MET C 1011 -1.49 -22.00 34.70
N TYR C 1012 -1.15 -21.65 33.46
CA TYR C 1012 0.13 -22.10 32.89
C TYR C 1012 1.33 -21.50 33.63
N PHE C 1013 1.15 -20.41 34.37
CA PHE C 1013 2.23 -19.82 35.16
C PHE C 1013 2.18 -20.23 36.64
N VAL C 1014 0.99 -20.60 37.12
CA VAL C 1014 0.87 -21.10 38.49
C VAL C 1014 1.76 -22.31 38.73
N ILE C 1015 1.94 -23.16 37.70
CA ILE C 1015 2.73 -24.37 37.86
C ILE C 1015 4.20 -24.04 38.10
N ILE C 1016 4.75 -23.13 37.29
CA ILE C 1016 6.14 -22.71 37.47
C ILE C 1016 6.33 -22.05 38.82
N MET C 1017 5.39 -21.17 39.20
CA MET C 1017 5.48 -20.54 40.50
C MET C 1017 5.46 -21.56 41.62
N LEU C 1018 4.63 -22.60 41.49
CA LEU C 1018 4.58 -23.65 42.49
C LEU C 1018 5.89 -24.40 42.59
N VAL C 1019 6.52 -24.68 41.45
CA VAL C 1019 7.80 -25.38 41.47
C VAL C 1019 8.83 -24.57 42.27
N VAL C 1020 8.94 -23.28 41.96
CA VAL C 1020 9.93 -22.44 42.65
C VAL C 1020 9.60 -22.34 44.14
N LEU C 1021 8.32 -22.14 44.46
CA LEU C 1021 7.89 -22.01 45.84
C LEU C 1021 8.19 -23.27 46.65
N MET C 1022 7.91 -24.44 46.07
CA MET C 1022 8.16 -25.69 46.78
C MET C 1022 9.64 -25.91 47.00
N SER C 1023 10.47 -25.59 46.01
CA SER C 1023 11.91 -25.70 46.21
C SER C 1023 12.37 -24.87 47.40
N PHE C 1024 11.97 -23.58 47.42
CA PHE C 1024 12.39 -22.71 48.52
C PHE C 1024 11.88 -23.21 49.86
N GLY C 1025 10.61 -23.60 49.92
CA GLY C 1025 10.03 -24.01 51.19
C GLY C 1025 10.65 -25.28 51.74
N VAL C 1026 10.90 -26.26 50.88
CA VAL C 1026 11.54 -27.49 51.33
C VAL C 1026 12.95 -27.19 51.83
N ALA C 1027 13.69 -26.36 51.11
CA ALA C 1027 15.05 -26.03 51.55
C ALA C 1027 15.03 -25.37 52.92
N ARG C 1028 14.17 -24.37 53.10
CA ARG C 1028 14.13 -23.65 54.37
C ARG C 1028 13.73 -24.57 55.52
N GLN C 1029 12.68 -25.37 55.33
CA GLN C 1029 12.23 -26.25 56.40
C GLN C 1029 13.29 -27.27 56.76
N ALA C 1030 13.96 -27.85 55.74
CA ALA C 1030 14.97 -28.85 56.01
C ALA C 1030 16.15 -28.24 56.77
N ILE C 1031 16.59 -27.06 56.37
CA ILE C 1031 17.77 -26.46 57.02
C ILE C 1031 17.46 -26.06 58.45
N LEU C 1032 16.33 -25.38 58.67
CA LEU C 1032 16.10 -24.77 59.97
C LEU C 1032 15.69 -25.77 61.04
N PHE C 1033 15.04 -26.86 60.66
CA PHE C 1033 14.48 -27.83 61.61
C PHE C 1033 14.99 -29.22 61.29
N PRO C 1034 16.18 -29.57 61.78
CA PRO C 1034 16.81 -30.86 61.41
C PRO C 1034 16.52 -32.02 62.34
N ASN C 1035 15.55 -31.93 63.24
CA ASN C 1035 15.26 -32.99 64.21
C ASN C 1035 13.77 -33.27 64.28
N GLU C 1036 13.12 -33.41 63.12
CA GLU C 1036 11.68 -33.53 63.06
C GLU C 1036 11.26 -34.98 62.83
N GLU C 1037 10.33 -35.45 63.65
CA GLU C 1037 9.69 -36.74 63.43
C GLU C 1037 8.71 -36.62 62.26
N PRO C 1038 8.52 -37.70 61.48
CA PRO C 1038 7.55 -37.65 60.39
C PRO C 1038 6.16 -37.27 60.89
N SER C 1039 5.55 -36.29 60.23
CA SER C 1039 4.26 -35.77 60.65
C SER C 1039 3.63 -35.05 59.46
N TRP C 1040 2.31 -34.87 59.54
CA TRP C 1040 1.59 -34.19 58.47
C TRP C 1040 1.82 -32.68 58.48
N LYS C 1041 2.30 -32.12 59.58
CA LYS C 1041 2.58 -30.69 59.63
C LYS C 1041 3.71 -30.31 58.69
N LEU C 1042 4.58 -31.26 58.33
CA LEU C 1042 5.66 -30.98 57.41
C LEU C 1042 5.12 -30.59 56.03
N ALA C 1043 4.06 -31.26 55.58
CA ALA C 1043 3.48 -30.93 54.29
C ALA C 1043 2.86 -29.54 54.29
N LYS C 1044 2.50 -29.01 55.47
CA LYS C 1044 1.88 -27.70 55.55
C LYS C 1044 2.92 -26.58 55.54
N ASN C 1045 4.05 -26.80 56.22
CA ASN C 1045 5.07 -25.76 56.35
C ASN C 1045 5.83 -25.52 55.06
N ILE C 1046 5.71 -26.42 54.08
CA ILE C 1046 6.36 -26.21 52.79
C ILE C 1046 5.68 -25.10 52.00
N PHE C 1047 4.35 -25.04 52.06
CA PHE C 1047 3.56 -24.18 51.19
C PHE C 1047 3.05 -22.91 51.85
N TYR C 1048 2.79 -22.95 53.15
CA TYR C 1048 2.06 -21.90 53.85
C TYR C 1048 2.76 -20.54 53.81
N MET C 1049 3.91 -20.44 54.47
CA MET C 1049 4.63 -19.19 54.63
C MET C 1049 5.29 -18.74 53.33
N PRO C 1050 5.91 -19.63 52.54
CA PRO C 1050 6.42 -19.19 51.24
C PRO C 1050 5.33 -18.62 50.34
N TYR C 1051 4.10 -19.10 50.46
CA TYR C 1051 3.01 -18.52 49.68
C TYR C 1051 2.58 -17.17 50.24
N TRP C 1052 2.48 -17.06 51.57
CA TRP C 1052 2.09 -15.77 52.13
C TRP C 1052 3.13 -14.69 51.88
N MET C 1053 4.40 -15.07 51.73
CA MET C 1053 5.47 -14.08 51.59
C MET C 1053 5.31 -13.26 50.31
N ILE C 1054 4.92 -13.89 49.20
CA ILE C 1054 4.93 -13.23 47.91
C ILE C 1054 3.75 -12.26 47.80
N TYR C 1055 2.88 -12.24 48.81
CA TYR C 1055 1.77 -11.30 48.84
C TYR C 1055 2.00 -10.19 49.86
N GLY C 1056 3.25 -9.90 50.19
CA GLY C 1056 3.61 -8.79 51.03
C GLY C 1056 3.94 -9.15 52.47
N GLU C 1057 3.57 -10.35 52.91
CA GLU C 1057 3.81 -10.77 54.28
C GLU C 1057 5.23 -11.33 54.40
N VAL C 1058 6.21 -10.43 54.40
CA VAL C 1058 7.61 -10.77 54.56
C VAL C 1058 8.04 -10.38 55.97
N PHE C 1059 8.59 -11.35 56.71
CA PHE C 1059 9.04 -11.11 58.08
C PHE C 1059 10.42 -11.74 58.24
N ALA C 1060 11.46 -10.90 58.22
CA ALA C 1060 12.83 -11.41 58.24
C ALA C 1060 13.15 -12.11 59.55
N ASP C 1061 12.47 -11.75 60.63
CA ASP C 1061 12.76 -12.36 61.92
C ASP C 1061 12.21 -13.77 62.02
N GLN C 1062 11.31 -14.16 61.12
CA GLN C 1062 10.75 -15.51 61.10
C GLN C 1062 11.32 -16.37 59.99
N ILE C 1063 11.64 -15.78 58.84
CA ILE C 1063 12.27 -16.55 57.76
C ILE C 1063 13.66 -17.01 58.19
N ASP C 1064 14.38 -16.17 58.93
CA ASP C 1064 15.71 -16.50 59.43
C ASP C 1064 15.85 -15.94 60.84
N PRO C 1065 15.48 -16.73 61.86
CA PRO C 1065 15.57 -16.23 63.23
C PRO C 1065 17.03 -16.02 63.63
N PRO C 1066 17.29 -15.04 64.49
CA PRO C 1066 18.67 -14.83 64.96
C PRO C 1066 19.16 -15.99 65.80
N CYS C 1067 20.47 -16.19 65.78
CA CYS C 1067 21.08 -17.29 66.52
C CYS C 1067 22.60 -17.10 66.62
N GLN C 1080 22.41 -16.29 75.40
CA GLN C 1080 20.97 -16.13 75.55
C GLN C 1080 20.23 -16.79 74.40
N LEU C 1081 20.55 -16.38 73.17
CA LEU C 1081 19.93 -16.97 72.00
C LEU C 1081 20.41 -18.41 71.80
N PRO C 1082 19.57 -19.27 71.24
CA PRO C 1082 20.00 -20.66 71.01
C PRO C 1082 21.13 -20.71 70.00
N PRO C 1083 21.95 -21.76 70.04
CA PRO C 1083 23.10 -21.82 69.13
C PRO C 1083 22.65 -21.88 67.67
N CYS C 1084 23.50 -21.35 66.80
CA CYS C 1084 23.18 -21.25 65.39
C CYS C 1084 23.09 -22.64 64.76
N LYS C 1085 22.03 -22.86 63.99
CA LYS C 1085 21.94 -24.08 63.19
C LYS C 1085 23.00 -24.05 62.09
N THR C 1086 23.50 -25.24 61.74
CA THR C 1086 24.51 -25.34 60.70
C THR C 1086 23.94 -24.87 59.37
N GLY C 1087 24.54 -23.82 58.82
CA GLY C 1087 24.12 -23.30 57.53
C GLY C 1087 22.91 -22.39 57.57
N ALA C 1088 22.62 -21.77 58.71
CA ALA C 1088 21.46 -20.91 58.83
C ALA C 1088 21.59 -19.62 58.03
N TRP C 1089 22.80 -19.27 57.59
CA TRP C 1089 23.01 -18.04 56.84
C TRP C 1089 22.57 -18.14 55.39
N ILE C 1090 22.28 -19.34 54.89
CA ILE C 1090 21.87 -19.52 53.50
C ILE C 1090 20.40 -19.17 53.29
N VAL C 1091 19.60 -19.21 54.35
CA VAL C 1091 18.17 -18.96 54.21
C VAL C 1091 17.88 -17.55 53.69
N PRO C 1092 18.49 -16.47 54.21
CA PRO C 1092 18.23 -15.16 53.62
C PRO C 1092 18.67 -15.04 52.17
N ALA C 1093 19.76 -15.72 51.77
CA ALA C 1093 20.21 -15.63 50.38
C ALA C 1093 19.23 -16.32 49.44
N ILE C 1094 18.80 -17.53 49.78
CA ILE C 1094 17.83 -18.20 48.92
C ILE C 1094 16.49 -17.47 48.96
N MET C 1095 16.17 -16.82 50.08
CA MET C 1095 14.95 -16.01 50.15
C MET C 1095 15.02 -14.81 49.21
N ALA C 1096 16.17 -14.15 49.15
CA ALA C 1096 16.33 -13.03 48.23
C ALA C 1096 16.19 -13.47 46.79
N CYS C 1097 16.83 -14.59 46.44
CA CYS C 1097 16.71 -15.10 45.08
C CYS C 1097 15.27 -15.48 44.76
N TYR C 1098 14.57 -16.11 45.70
CA TYR C 1098 13.19 -16.51 45.50
C TYR C 1098 12.28 -15.30 45.28
N LEU C 1099 12.44 -14.26 46.10
CA LEU C 1099 11.63 -13.06 45.94
C LEU C 1099 11.89 -12.41 44.59
N LEU C 1100 13.16 -12.33 44.19
CA LEU C 1100 13.48 -11.72 42.90
C LEU C 1100 12.86 -12.51 41.76
N VAL C 1101 12.94 -13.84 41.81
CA VAL C 1101 12.37 -14.65 40.73
C VAL C 1101 10.86 -14.53 40.69
N ALA C 1102 10.20 -14.54 41.86
CA ALA C 1102 8.75 -14.58 41.90
C ALA C 1102 8.13 -13.23 41.58
N ASN C 1103 8.49 -12.20 42.34
CA ASN C 1103 7.77 -10.93 42.27
C ASN C 1103 8.20 -10.03 41.11
N ILE C 1104 9.31 -10.32 40.45
CA ILE C 1104 9.83 -9.44 39.40
C ILE C 1104 9.77 -10.10 38.03
N LEU C 1105 10.23 -11.35 37.93
CA LEU C 1105 10.32 -11.99 36.63
C LEU C 1105 8.98 -12.55 36.17
N LEU C 1106 8.42 -13.47 36.95
CA LEU C 1106 7.20 -14.17 36.52
C LEU C 1106 6.00 -13.24 36.47
N VAL C 1107 5.89 -12.33 37.43
CA VAL C 1107 4.75 -11.41 37.46
C VAL C 1107 4.76 -10.51 36.23
N ASN C 1108 5.93 -9.95 35.91
CA ASN C 1108 6.02 -9.07 34.74
C ASN C 1108 5.83 -9.84 33.45
N LEU C 1109 6.31 -11.09 33.39
CA LEU C 1109 6.06 -11.90 32.19
C LEU C 1109 4.58 -12.17 32.01
N LEU C 1110 3.87 -12.47 33.10
CA LEU C 1110 2.43 -12.69 33.01
C LEU C 1110 1.70 -11.41 32.59
N ILE C 1111 2.17 -10.26 33.09
CA ILE C 1111 1.59 -8.99 32.66
C ILE C 1111 1.77 -8.79 31.17
N ALA C 1112 2.96 -9.10 30.64
CA ALA C 1112 3.20 -8.97 29.21
C ALA C 1112 2.33 -9.93 28.41
N VAL C 1113 2.14 -11.15 28.91
CA VAL C 1113 1.28 -12.13 28.23
C VAL C 1113 -0.15 -11.62 28.16
N PHE C 1114 -0.67 -11.09 29.27
CA PHE C 1114 -2.02 -10.53 29.25
C PHE C 1114 -2.11 -9.33 28.32
N ASN C 1115 -1.08 -8.49 28.30
CA ASN C 1115 -1.12 -7.27 27.50
C ASN C 1115 -1.11 -7.58 26.01
N ASN C 1116 -0.35 -8.58 25.59
CA ASN C 1116 -0.13 -8.82 24.18
C ASN C 1116 -1.16 -9.76 23.55
N THR C 1117 -2.16 -10.22 24.31
CA THR C 1117 -3.21 -11.07 23.77
C THR C 1117 -4.60 -10.47 24.00
N PHE C 1118 -4.65 -9.20 24.43
CA PHE C 1118 -5.90 -8.58 24.83
C PHE C 1118 -6.83 -8.28 23.67
N PHE C 1119 -6.28 -7.86 22.52
CA PHE C 1119 -7.11 -7.38 21.43
C PHE C 1119 -7.97 -8.49 20.83
N GLU C 1120 -7.34 -9.61 20.48
CA GLU C 1120 -8.08 -10.71 19.87
C GLU C 1120 -9.07 -11.32 20.84
N VAL C 1121 -8.67 -11.47 22.11
CA VAL C 1121 -9.58 -12.00 23.12
C VAL C 1121 -10.80 -11.09 23.28
N LYS C 1122 -10.57 -9.78 23.30
CA LYS C 1122 -11.67 -8.84 23.44
C LYS C 1122 -12.62 -8.93 22.25
N SER C 1123 -12.08 -8.98 21.03
CA SER C 1123 -12.94 -9.06 19.85
C SER C 1123 -13.76 -10.35 19.82
N ILE C 1124 -13.11 -11.47 20.13
CA ILE C 1124 -13.82 -12.75 20.15
C ILE C 1124 -14.90 -12.75 21.22
N SER C 1125 -14.61 -12.17 22.39
CA SER C 1125 -15.59 -12.13 23.46
C SER C 1125 -16.80 -11.29 23.06
N ASN C 1126 -16.57 -10.15 22.39
CA ASN C 1126 -17.68 -9.34 21.93
C ASN C 1126 -18.55 -10.11 20.95
N GLN C 1127 -17.93 -10.79 19.98
CA GLN C 1127 -18.71 -11.55 19.01
C GLN C 1127 -19.51 -12.67 19.68
N VAL C 1128 -18.90 -13.37 20.64
CA VAL C 1128 -19.59 -14.47 21.29
C VAL C 1128 -20.75 -13.97 22.14
N TRP C 1129 -20.57 -12.83 22.82
CA TRP C 1129 -21.66 -12.27 23.61
C TRP C 1129 -22.83 -11.86 22.72
N LYS C 1130 -22.52 -11.23 21.59
CA LYS C 1130 -23.58 -10.84 20.66
C LYS C 1130 -24.31 -12.06 20.11
N PHE C 1131 -23.58 -13.13 19.83
CA PHE C 1131 -24.23 -14.37 19.39
C PHE C 1131 -25.11 -14.96 20.48
N GLN C 1132 -24.65 -14.93 21.73
CA GLN C 1132 -25.36 -15.61 22.81
C GLN C 1132 -26.53 -14.82 23.36
N ARG C 1133 -26.71 -13.56 22.95
CA ARG C 1133 -27.93 -12.85 23.33
C ARG C 1133 -29.20 -13.60 22.92
N TYR C 1134 -29.16 -14.30 21.78
CA TYR C 1134 -30.35 -14.97 21.25
C TYR C 1134 -30.88 -16.03 22.20
N GLN C 1135 -30.00 -16.85 22.76
CA GLN C 1135 -30.44 -17.91 23.66
C GLN C 1135 -31.01 -17.35 24.95
N LEU C 1136 -30.44 -16.25 25.45
CA LEU C 1136 -31.00 -15.59 26.62
C LEU C 1136 -32.43 -15.12 26.34
N ILE C 1137 -32.63 -14.48 25.19
CA ILE C 1137 -33.97 -13.98 24.86
C ILE C 1137 -34.96 -15.14 24.72
N MET C 1138 -34.53 -16.22 24.06
CA MET C 1138 -35.41 -17.38 23.94
C MET C 1138 -35.74 -17.99 25.30
N THR C 1139 -34.73 -18.11 26.17
CA THR C 1139 -34.94 -18.70 27.48
C THR C 1139 -35.94 -17.90 28.30
N PHE C 1140 -35.82 -16.57 28.27
CA PHE C 1140 -36.78 -15.79 29.04
C PHE C 1140 -38.11 -15.59 28.33
N HIS C 1141 -38.19 -15.92 27.04
CA HIS C 1141 -39.49 -15.99 26.39
C HIS C 1141 -40.23 -17.27 26.77
N GLU C 1142 -39.50 -18.36 26.97
CA GLU C 1142 -40.12 -19.66 27.24
C GLU C 1142 -40.36 -19.92 28.71
N ARG C 1143 -40.14 -18.95 29.59
CA ARG C 1143 -40.25 -19.16 31.03
C ARG C 1143 -41.58 -18.65 31.56
N PRO C 1144 -42.06 -19.21 32.67
CA PRO C 1144 -43.27 -18.69 33.30
C PRO C 1144 -43.08 -17.29 33.84
N VAL C 1145 -44.21 -16.65 34.15
CA VAL C 1145 -44.19 -15.27 34.61
C VAL C 1145 -43.56 -15.16 36.00
N LEU C 1146 -43.90 -16.07 36.89
CA LEU C 1146 -43.44 -16.00 38.27
C LEU C 1146 -41.98 -16.45 38.37
N PRO C 1147 -41.25 -15.96 39.38
CA PRO C 1147 -39.86 -16.38 39.58
C PRO C 1147 -39.78 -17.62 40.46
N PRO C 1148 -38.61 -18.26 40.54
CA PRO C 1148 -38.52 -19.61 41.12
C PRO C 1148 -39.11 -19.74 42.52
N PRO C 1149 -38.91 -18.79 43.44
CA PRO C 1149 -39.38 -19.03 44.81
C PRO C 1149 -40.88 -19.25 44.92
N LEU C 1150 -41.67 -18.80 43.94
CA LEU C 1150 -43.12 -18.95 43.99
C LEU C 1150 -43.68 -19.49 42.67
N ILE C 1151 -42.91 -20.32 41.96
CA ILE C 1151 -43.45 -21.06 40.81
C ILE C 1151 -43.91 -22.42 41.28
N ILE C 1152 -44.01 -22.61 42.60
CA ILE C 1152 -44.43 -23.91 43.12
C ILE C 1152 -45.86 -24.21 42.68
N PHE C 1153 -46.74 -23.20 42.71
CA PHE C 1153 -48.11 -23.40 42.26
C PHE C 1153 -48.16 -23.66 40.76
N SER C 1154 -47.38 -22.93 39.97
CA SER C 1154 -47.43 -23.05 38.52
C SER C 1154 -46.99 -24.43 38.02
N HIS C 1155 -46.24 -25.17 38.83
CA HIS C 1155 -45.84 -26.52 38.42
C HIS C 1155 -47.04 -27.47 38.44
N MET C 1156 -47.94 -27.30 39.39
CA MET C 1156 -49.14 -28.14 39.44
C MET C 1156 -50.17 -27.72 38.40
N THR C 1157 -50.23 -26.43 38.05
CA THR C 1157 -51.20 -25.97 37.07
C THR C 1157 -50.94 -26.61 35.71
N MET C 1158 -49.67 -26.70 35.30
CA MET C 1158 -49.36 -27.38 34.05
C MET C 1158 -49.74 -28.84 34.10
N ARG C 1177 -46.55 -18.91 18.47
CA ARG C 1177 -45.92 -17.67 18.89
C ARG C 1177 -46.22 -16.56 17.89
N ASP C 1178 -47.19 -15.70 18.24
CA ASP C 1178 -47.55 -14.60 17.34
C ASP C 1178 -46.36 -13.68 17.08
N TYR C 1179 -45.50 -13.50 18.09
CA TYR C 1179 -44.23 -12.84 17.93
C TYR C 1179 -43.33 -13.26 19.08
N GLY C 1180 -42.05 -12.93 18.96
CA GLY C 1180 -41.03 -13.42 19.85
C GLY C 1180 -40.32 -14.64 19.33
N LEU C 1181 -40.97 -15.42 18.47
CA LEU C 1181 -40.33 -16.48 17.70
C LEU C 1181 -40.51 -16.30 16.20
N LYS C 1182 -41.74 -16.13 15.72
CA LYS C 1182 -42.00 -16.09 14.29
C LYS C 1182 -42.81 -14.87 13.88
N LEU C 1183 -43.26 -14.86 12.62
CA LEU C 1183 -44.06 -13.75 12.10
C LEU C 1183 -44.87 -14.31 10.93
N PHE C 1184 -46.19 -14.36 11.08
CA PHE C 1184 -47.06 -14.93 10.07
C PHE C 1184 -47.53 -13.83 9.12
N ILE C 1185 -47.29 -14.04 7.83
CA ILE C 1185 -47.46 -12.99 6.83
C ILE C 1185 -48.53 -13.43 5.82
N THR C 1186 -49.16 -12.44 5.20
CA THR C 1186 -50.21 -12.68 4.22
C THR C 1186 -49.63 -12.78 2.82
N ASP C 1187 -50.48 -13.19 1.87
CA ASP C 1187 -50.02 -13.45 0.51
C ASP C 1187 -49.49 -12.18 -0.16
N ASP C 1188 -50.21 -11.07 -0.03
CA ASP C 1188 -49.77 -9.82 -0.64
C ASP C 1188 -48.45 -9.34 -0.03
N GLU C 1189 -48.34 -9.39 1.30
CA GLU C 1189 -47.11 -8.98 1.94
C GLU C 1189 -45.99 -9.98 1.67
N LEU C 1190 -46.33 -11.26 1.50
CA LEU C 1190 -45.32 -12.24 1.10
C LEU C 1190 -44.76 -11.92 -0.28
N LYS C 1191 -45.63 -11.55 -1.22
CA LYS C 1191 -45.16 -11.14 -2.54
C LYS C 1191 -44.31 -9.88 -2.45
N LYS C 1192 -44.69 -8.93 -1.59
CA LYS C 1192 -43.89 -7.73 -1.39
C LYS C 1192 -42.49 -8.08 -0.89
N VAL C 1193 -42.40 -8.99 0.08
CA VAL C 1193 -41.11 -9.40 0.62
C VAL C 1193 -40.28 -10.08 -0.45
N HIS C 1194 -40.91 -10.95 -1.25
CA HIS C 1194 -40.19 -11.62 -2.34
C HIS C 1194 -39.64 -10.62 -3.33
N ASP C 1195 -40.44 -9.63 -3.73
CA ASP C 1195 -39.97 -8.63 -4.68
C ASP C 1195 -38.83 -7.81 -4.11
N PHE C 1196 -38.93 -7.45 -2.82
CA PHE C 1196 -37.86 -6.71 -2.17
C PHE C 1196 -36.56 -7.51 -2.17
N GLU C 1197 -36.65 -8.80 -1.88
CA GLU C 1197 -35.46 -9.64 -1.86
C GLU C 1197 -34.84 -9.76 -3.26
N GLU C 1198 -35.67 -9.92 -4.28
CA GLU C 1198 -35.17 -10.01 -5.65
C GLU C 1198 -34.46 -8.72 -6.06
N GLN C 1199 -35.06 -7.57 -5.74
CA GLN C 1199 -34.40 -6.31 -6.05
C GLN C 1199 -33.08 -6.18 -5.31
N CYS C 1200 -33.03 -6.63 -4.05
CA CYS C 1200 -31.79 -6.54 -3.28
C CYS C 1200 -30.69 -7.39 -3.89
N ILE C 1201 -31.02 -8.62 -4.31
CA ILE C 1201 -29.98 -9.50 -4.85
C ILE C 1201 -29.50 -8.97 -6.20
N GLU C 1202 -30.42 -8.44 -7.02
CA GLU C 1202 -30.02 -7.83 -8.28
C GLU C 1202 -29.08 -6.66 -8.06
N GLU C 1203 -29.41 -5.79 -7.11
CA GLU C 1203 -28.55 -4.65 -6.80
C GLU C 1203 -27.19 -5.11 -6.28
N TYR C 1204 -27.18 -6.16 -5.46
CA TYR C 1204 -25.92 -6.69 -4.96
C TYR C 1204 -25.01 -7.14 -6.09
N PHE C 1205 -25.55 -7.93 -7.02
CA PHE C 1205 -24.72 -8.41 -8.13
C PHE C 1205 -24.26 -7.26 -9.03
N ARG C 1206 -25.15 -6.30 -9.31
CA ARG C 1206 -24.76 -5.18 -10.16
C ARG C 1206 -23.67 -4.35 -9.50
N GLU C 1207 -23.79 -4.09 -8.20
CA GLU C 1207 -22.77 -3.33 -7.50
C GLU C 1207 -21.43 -4.07 -7.48
N LYS C 1208 -21.47 -5.39 -7.28
CA LYS C 1208 -20.23 -6.16 -7.29
C LYS C 1208 -19.55 -6.10 -8.65
N ASP C 1209 -20.33 -6.25 -9.73
CA ASP C 1209 -19.74 -6.17 -11.08
C ASP C 1209 -19.16 -4.80 -11.36
N ASP C 1210 -19.88 -3.73 -10.96
CA ASP C 1210 -19.36 -2.39 -11.18
C ASP C 1210 -18.08 -2.15 -10.40
N ARG C 1211 -18.03 -2.65 -9.15
CA ARG C 1211 -16.83 -2.48 -8.35
C ARG C 1211 -15.65 -3.23 -8.95
N PHE C 1212 -15.90 -4.44 -9.49
CA PHE C 1212 -14.81 -5.21 -10.07
C PHE C 1212 -14.29 -4.57 -11.35
N ASN C 1213 -15.17 -4.09 -12.21
CA ASN C 1213 -14.74 -3.59 -13.52
C ASN C 1213 -13.92 -2.30 -13.42
N SER C 1214 -14.06 -1.54 -12.33
CA SER C 1214 -13.37 -0.27 -12.20
C SER C 1214 -12.12 -0.36 -11.32
N SER C 1215 -11.68 -1.56 -10.98
CA SER C 1215 -10.48 -1.72 -10.19
C SER C 1215 -9.24 -1.40 -11.03
N ASN C 1216 -8.16 -1.03 -10.36
CA ASN C 1216 -6.92 -0.70 -11.05
C ASN C 1216 -6.34 -1.92 -11.76
N ASP C 1217 -6.38 -3.08 -11.12
CA ASP C 1217 -5.78 -4.28 -11.71
C ASP C 1217 -6.48 -4.66 -13.01
N GLU C 1218 -7.81 -4.65 -13.02
CA GLU C 1218 -8.55 -5.02 -14.21
C GLU C 1218 -8.30 -4.03 -15.34
N ARG C 1219 -8.27 -2.73 -15.02
CA ARG C 1219 -7.99 -1.73 -16.03
C ARG C 1219 -6.59 -1.90 -16.61
N ILE C 1220 -5.60 -2.18 -15.76
CA ILE C 1220 -4.24 -2.39 -16.23
C ILE C 1220 -4.17 -3.61 -17.13
N ARG C 1221 -4.82 -4.71 -16.74
CA ARG C 1221 -4.80 -5.91 -17.56
C ARG C 1221 -5.44 -5.68 -18.93
N VAL C 1222 -6.61 -5.04 -18.94
CA VAL C 1222 -7.30 -4.79 -20.20
C VAL C 1222 -6.49 -3.86 -21.08
N THR C 1223 -5.90 -2.83 -20.48
CA THR C 1223 -5.07 -1.90 -21.24
C THR C 1223 -3.88 -2.62 -21.86
N SER C 1224 -3.23 -3.51 -21.11
CA SER C 1224 -2.09 -4.24 -21.65
C SER C 1224 -2.49 -5.13 -22.82
N GLU C 1225 -3.61 -5.84 -22.68
CA GLU C 1225 -4.08 -6.70 -23.76
C GLU C 1225 -4.41 -5.89 -25.01
N ARG C 1226 -5.13 -4.77 -24.84
CA ARG C 1226 -5.50 -3.94 -25.98
C ARG C 1226 -4.27 -3.33 -26.63
N VAL C 1227 -3.28 -2.92 -25.84
CA VAL C 1227 -2.06 -2.35 -26.39
C VAL C 1227 -1.32 -3.40 -27.21
N GLU C 1228 -1.24 -4.64 -26.71
CA GLU C 1228 -0.59 -5.70 -27.47
C GLU C 1228 -1.29 -5.95 -28.80
N ASN C 1229 -2.63 -6.06 -28.77
CA ASN C 1229 -3.37 -6.30 -30.01
C ASN C 1229 -3.22 -5.13 -30.97
N MET C 1230 -3.26 -3.90 -30.46
CA MET C 1230 -3.09 -2.72 -31.29
C MET C 1230 -1.71 -2.67 -31.91
N SER C 1231 -0.68 -3.05 -31.16
CA SER C 1231 0.68 -3.08 -31.70
C SER C 1231 0.79 -4.09 -32.82
N MET C 1232 0.21 -5.28 -32.63
CA MET C 1232 0.23 -6.27 -33.71
C MET C 1232 -0.51 -5.76 -34.94
N ARG C 1233 -1.66 -5.13 -34.75
CA ARG C 1233 -2.44 -4.62 -35.88
C ARG C 1233 -1.67 -3.52 -36.61
N LEU C 1234 -1.02 -2.62 -35.87
CA LEU C 1234 -0.24 -1.56 -36.52
C LEU C 1234 0.96 -2.12 -37.25
N GLU C 1235 1.60 -3.16 -36.69
CA GLU C 1235 2.69 -3.81 -37.40
C GLU C 1235 2.20 -4.40 -38.71
N GLU C 1236 1.04 -5.06 -38.70
CA GLU C 1236 0.50 -5.61 -39.94
C GLU C 1236 0.16 -4.52 -40.94
N VAL C 1237 -0.41 -3.40 -40.46
CA VAL C 1237 -0.76 -2.30 -41.35
C VAL C 1237 0.49 -1.71 -41.99
N ASN C 1238 1.54 -1.49 -41.20
CA ASN C 1238 2.79 -0.97 -41.73
C ASN C 1238 3.52 -1.98 -42.59
N GLU C 1239 3.20 -3.27 -42.46
CA GLU C 1239 3.86 -4.29 -43.26
C GLU C 1239 3.60 -4.11 -44.75
N ARG C 1240 2.37 -3.72 -45.12
CA ARG C 1240 2.03 -3.57 -46.52
C ARG C 1240 2.82 -2.43 -47.15
N GLU C 1241 3.09 -2.56 -48.44
CA GLU C 1241 3.85 -1.58 -49.21
C GLU C 1241 3.06 -1.25 -50.48
N HIS C 1242 2.15 -0.28 -50.37
CA HIS C 1242 1.36 0.16 -51.51
C HIS C 1242 2.05 1.24 -52.34
N SER C 1243 3.20 1.73 -51.90
CA SER C 1243 3.92 2.76 -52.62
C SER C 1243 5.03 2.16 -53.49
N UNK D 1 3.73 -61.38 -21.12
CA UNK D 1 3.17 -60.05 -21.29
C UNK D 1 1.85 -60.12 -22.06
N UNK D 2 0.96 -59.17 -21.78
CA UNK D 2 -0.33 -59.11 -22.45
C UNK D 2 -0.16 -58.73 -23.91
N UNK D 3 0.98 -58.12 -24.23
CA UNK D 3 1.29 -57.72 -25.60
C UNK D 3 1.99 -58.84 -26.36
N UNK D 4 1.70 -60.08 -25.98
CA UNK D 4 2.25 -61.25 -26.67
C UNK D 4 1.34 -61.61 -27.85
N UNK D 5 0.31 -60.79 -28.06
CA UNK D 5 -0.59 -60.96 -29.20
C UNK D 5 -0.03 -60.18 -30.38
N UNK D 6 1.00 -59.40 -30.12
CA UNK D 6 1.65 -58.60 -31.16
C UNK D 6 2.81 -59.37 -31.78
N UNK D 7 2.97 -59.23 -33.09
CA UNK D 7 4.00 -59.97 -33.80
C UNK D 7 4.76 -59.07 -34.77
N UNK D 8 6.04 -59.35 -34.94
CA UNK D 8 6.87 -58.60 -35.87
C UNK D 8 7.27 -59.49 -37.04
N UNK D 9 8.08 -58.95 -37.95
CA UNK D 9 8.48 -59.69 -39.14
C UNK D 9 9.84 -59.24 -39.67
N UNK D 10 10.75 -60.20 -39.82
CA UNK D 10 12.11 -59.91 -40.27
C UNK D 10 12.47 -60.75 -41.50
N UNK D 11 13.33 -60.21 -42.36
CA UNK D 11 13.75 -60.90 -43.57
C UNK D 11 14.54 -62.17 -43.24
N UNK D 12 14.37 -63.20 -44.07
CA UNK D 12 15.03 -64.47 -43.84
C UNK D 12 15.87 -64.85 -45.06
N UNK D 13 15.44 -65.90 -45.76
CA UNK D 13 16.10 -66.30 -47.00
C UNK D 13 15.89 -65.21 -48.05
N UNK D 14 16.89 -64.35 -48.19
CA UNK D 14 16.79 -63.20 -49.07
C UNK D 14 17.74 -63.30 -50.26
N UNK D 15 17.29 -62.81 -51.41
CA UNK D 15 18.11 -62.75 -52.62
C UNK D 15 17.75 -61.49 -53.40
N UNK D 16 18.74 -60.64 -53.65
CA UNK D 16 18.49 -59.38 -54.36
C UNK D 16 19.63 -59.00 -55.29
N UNK D 17 20.34 -57.93 -54.93
CA UNK D 17 21.42 -57.37 -55.74
C UNK D 17 20.93 -57.00 -57.13
N ILE E 129 63.44 18.50 -49.23
CA ILE E 129 64.22 17.67 -48.32
C ILE E 129 63.41 16.45 -47.89
N SER E 130 64.04 15.26 -47.98
CA SER E 130 63.37 14.00 -47.67
C SER E 130 63.29 13.81 -46.16
N LYS E 131 62.44 14.63 -45.53
CA LYS E 131 62.25 14.63 -44.09
C LYS E 131 63.58 14.83 -43.36
N HIS E 132 64.20 15.98 -43.64
CA HIS E 132 65.48 16.34 -43.03
C HIS E 132 65.24 16.77 -41.60
N THR E 133 64.90 15.79 -40.76
CA THR E 133 64.60 16.01 -39.35
C THR E 133 65.42 15.05 -38.51
N GLN E 134 65.92 15.54 -37.38
CA GLN E 134 66.64 14.69 -36.45
C GLN E 134 65.68 13.72 -35.76
N LEU E 135 66.24 12.73 -35.07
CA LEU E 135 65.47 11.76 -34.31
C LEU E 135 65.88 11.88 -32.84
N SER E 136 65.22 12.76 -32.13
CA SER E 136 65.40 12.85 -30.70
C SER E 136 64.37 11.99 -29.98
N PRO E 137 64.66 11.52 -28.77
CA PRO E 137 63.68 10.69 -28.04
C PRO E 137 62.41 11.47 -27.75
N THR E 138 61.38 10.72 -27.35
CA THR E 138 60.06 11.30 -27.14
C THR E 138 60.11 12.42 -26.11
N ASP E 139 59.44 13.53 -26.43
CA ASP E 139 59.43 14.71 -25.58
C ASP E 139 58.07 15.02 -24.97
N ALA E 140 56.97 14.48 -25.52
CA ALA E 140 55.63 14.81 -25.07
C ALA E 140 54.84 13.52 -24.88
N PHE E 141 54.54 13.17 -23.63
CA PHE E 141 53.70 12.03 -23.33
C PHE E 141 53.25 12.11 -21.88
N GLY E 142 52.22 11.35 -21.55
CA GLY E 142 51.69 11.34 -20.20
C GLY E 142 50.19 11.26 -20.12
N THR E 143 49.57 12.22 -19.43
CA THR E 143 48.12 12.25 -19.25
C THR E 143 47.63 13.68 -19.45
N ILE E 144 46.38 13.79 -19.90
CA ILE E 144 45.74 15.08 -20.08
C ILE E 144 44.31 15.00 -19.56
N GLU E 145 43.86 16.06 -18.89
CA GLU E 145 42.47 16.21 -18.52
C GLU E 145 41.85 17.31 -19.37
N PHE E 146 40.66 17.05 -19.89
CA PHE E 146 39.98 17.99 -20.77
C PHE E 146 39.12 18.94 -19.93
N GLN E 147 39.35 20.23 -20.09
CA GLN E 147 38.61 21.27 -19.40
C GLN E 147 37.82 22.08 -20.42
N GLY E 148 36.51 22.20 -20.20
CA GLY E 148 35.68 22.95 -21.10
C GLY E 148 34.34 22.29 -21.39
N GLY E 149 34.31 20.96 -21.36
CA GLY E 149 33.07 20.24 -21.60
C GLY E 149 32.30 19.98 -20.31
N GLY E 150 31.22 19.23 -20.46
CA GLY E 150 30.41 18.85 -19.33
C GLY E 150 30.88 17.62 -18.60
N HIS E 151 32.00 17.04 -19.01
CA HIS E 151 32.51 15.79 -18.44
C HIS E 151 33.92 16.00 -17.91
N SER E 152 34.36 15.05 -17.09
CA SER E 152 35.72 15.02 -16.55
C SER E 152 36.37 13.74 -17.05
N ASN E 153 37.07 13.83 -18.18
CA ASN E 153 37.65 12.67 -18.84
C ASN E 153 39.16 12.83 -18.94
N LYS E 154 39.88 11.74 -18.66
CA LYS E 154 41.33 11.71 -18.71
C LYS E 154 41.78 10.82 -19.86
N ALA E 155 42.81 11.26 -20.58
CA ALA E 155 43.30 10.54 -21.74
C ALA E 155 44.81 10.39 -21.65
N MET E 156 45.31 9.23 -22.07
CA MET E 156 46.74 8.96 -22.14
C MET E 156 47.23 9.21 -23.57
N TYR E 157 48.43 9.75 -23.69
CA TYR E 157 48.94 10.11 -25.00
C TYR E 157 50.45 9.94 -25.04
N VAL E 158 50.97 9.71 -26.24
CA VAL E 158 52.40 9.64 -26.50
C VAL E 158 52.65 10.28 -27.87
N ARG E 159 53.74 11.04 -27.98
CA ARG E 159 54.16 11.61 -29.25
C ARG E 159 55.29 10.77 -29.81
N VAL E 160 55.05 10.14 -30.96
CA VAL E 160 55.99 9.21 -31.56
C VAL E 160 56.12 9.50 -33.05
N SER E 161 57.21 9.00 -33.64
CA SER E 161 57.42 9.13 -35.06
C SER E 161 56.49 8.22 -35.83
N PHE E 162 56.58 8.26 -37.16
CA PHE E 162 55.73 7.45 -38.03
C PHE E 162 56.42 6.18 -38.51
N ASP E 163 57.57 5.84 -37.92
CA ASP E 163 58.29 4.62 -38.26
C ASP E 163 58.35 3.64 -37.09
N THR E 164 57.57 3.86 -36.04
CA THR E 164 57.59 2.97 -34.89
C THR E 164 57.01 1.61 -35.27
N LYS E 165 57.70 0.55 -34.88
CA LYS E 165 57.24 -0.80 -35.21
C LYS E 165 55.99 -1.14 -34.42
N PRO E 166 55.03 -1.84 -35.02
CA PRO E 166 53.77 -2.13 -34.32
C PRO E 166 53.92 -2.93 -33.05
N ASP E 167 54.95 -3.78 -32.95
CA ASP E 167 55.12 -4.58 -31.73
C ASP E 167 55.45 -3.70 -30.53
N LEU E 168 56.25 -2.65 -30.74
CA LEU E 168 56.55 -1.73 -29.65
C LEU E 168 55.28 -1.02 -29.19
N LEU E 169 54.43 -0.61 -30.13
CA LEU E 169 53.16 0.03 -29.77
C LEU E 169 52.25 -0.94 -29.03
N LEU E 170 52.22 -2.21 -29.45
CA LEU E 170 51.40 -3.18 -28.75
C LEU E 170 51.90 -3.41 -27.34
N HIS E 171 53.23 -3.45 -27.16
CA HIS E 171 53.79 -3.56 -25.81
C HIS E 171 53.41 -2.36 -24.96
N LEU E 172 53.49 -1.16 -25.54
CA LEU E 172 53.08 0.05 -24.81
C LEU E 172 51.62 -0.01 -24.40
N MET E 173 50.75 -0.45 -25.31
CA MET E 173 49.32 -0.45 -25.02
C MET E 173 48.95 -1.52 -24.00
N THR E 174 49.59 -2.69 -24.08
CA THR E 174 49.20 -3.81 -23.23
C THR E 174 49.94 -3.83 -21.90
N LYS E 175 51.03 -3.08 -21.75
CA LYS E 175 51.77 -3.04 -20.51
C LYS E 175 51.77 -1.67 -19.85
N GLU E 176 52.14 -0.62 -20.59
CA GLU E 176 52.17 0.72 -20.00
C GLU E 176 50.76 1.26 -19.79
N TRP E 177 49.90 1.11 -20.78
CA TRP E 177 48.50 1.53 -20.65
C TRP E 177 47.62 0.47 -20.04
N GLN E 178 48.11 -0.77 -19.91
CA GLN E 178 47.40 -1.86 -19.24
C GLN E 178 46.06 -2.16 -19.91
N LEU E 179 46.12 -2.50 -21.20
CA LEU E 179 44.96 -2.83 -22.00
C LEU E 179 45.02 -4.29 -22.39
N GLU E 180 43.96 -5.04 -22.06
CA GLU E 180 43.87 -6.42 -22.50
C GLU E 180 43.60 -6.49 -24.01
N LEU E 181 44.14 -7.53 -24.64
CA LEU E 181 43.98 -7.69 -26.07
C LEU E 181 42.49 -7.75 -26.42
N PRO E 182 42.08 -7.11 -27.52
CA PRO E 182 40.65 -7.08 -27.85
C PRO E 182 40.20 -8.34 -28.57
N LYS E 183 38.93 -8.66 -28.38
CA LYS E 183 38.29 -9.73 -29.13
C LYS E 183 37.69 -9.23 -30.44
N LEU E 184 37.83 -7.93 -30.72
CA LEU E 184 37.27 -7.31 -31.91
C LEU E 184 37.98 -5.97 -32.10
N LEU E 185 38.13 -5.57 -33.37
CA LEU E 185 38.81 -4.32 -33.71
C LEU E 185 37.99 -3.60 -34.78
N ILE E 186 37.22 -2.59 -34.36
CA ILE E 186 36.48 -1.75 -35.27
C ILE E 186 37.37 -0.59 -35.69
N SER E 187 37.51 -0.39 -37.00
CA SER E 187 38.36 0.67 -37.55
C SER E 187 37.46 1.60 -38.35
N VAL E 188 37.00 2.67 -37.70
CA VAL E 188 36.07 3.61 -38.32
C VAL E 188 36.84 4.56 -39.24
N HIS E 189 36.39 4.67 -40.48
CA HIS E 189 36.91 5.61 -41.46
C HIS E 189 35.79 6.53 -41.93
N GLY E 190 36.15 7.49 -42.76
CA GLY E 190 35.16 8.43 -43.27
C GLY E 190 35.84 9.65 -43.86
N GLY E 191 35.04 10.72 -43.99
CA GLY E 191 35.52 11.96 -44.56
C GLY E 191 36.13 12.86 -43.49
N LEU E 192 37.34 13.33 -43.76
CA LEU E 192 38.07 14.20 -42.83
C LEU E 192 37.57 15.63 -42.85
N GLN E 193 36.42 15.90 -43.47
CA GLN E 193 35.81 17.22 -43.45
C GLN E 193 34.97 17.37 -42.19
N ASN E 194 34.10 18.38 -42.14
CA ASN E 194 33.30 18.65 -40.96
C ASN E 194 31.82 18.57 -41.31
N PHE E 195 31.43 17.49 -42.00
CA PHE E 195 30.07 17.34 -42.48
C PHE E 195 29.09 17.19 -41.32
N GLU E 196 27.80 17.08 -41.68
CA GLU E 196 26.73 16.85 -40.74
C GLU E 196 25.65 16.03 -41.43
N LEU E 197 25.10 15.05 -40.71
CA LEU E 197 24.17 14.09 -41.31
C LEU E 197 22.79 14.22 -40.66
N GLN E 198 21.81 13.65 -41.35
CA GLN E 198 20.42 13.79 -40.97
C GLN E 198 20.14 13.13 -39.62
N PRO E 199 19.29 13.72 -38.79
CA PRO E 199 18.87 13.05 -37.55
C PRO E 199 18.08 11.78 -37.86
N LYS E 200 17.77 11.05 -36.78
CA LYS E 200 17.10 9.75 -36.83
C LYS E 200 18.03 8.70 -37.44
N LEU E 201 19.21 9.13 -37.88
CA LEU E 201 20.27 8.25 -38.33
C LEU E 201 21.49 8.30 -37.43
N LYS E 202 21.86 9.48 -36.93
CA LYS E 202 22.97 9.57 -36.00
C LYS E 202 22.66 8.85 -34.70
N GLN E 203 21.40 8.83 -34.28
CA GLN E 203 21.02 8.13 -33.06
C GLN E 203 21.17 6.62 -33.23
N VAL E 204 20.69 6.08 -34.36
CA VAL E 204 20.82 4.65 -34.61
C VAL E 204 22.28 4.27 -34.75
N PHE E 205 23.05 5.08 -35.49
CA PHE E 205 24.47 4.82 -35.66
C PHE E 205 25.19 4.81 -34.32
N GLY E 206 24.91 5.81 -33.48
CA GLY E 206 25.56 5.86 -32.18
C GLY E 206 25.19 4.69 -31.29
N LYS E 207 23.89 4.37 -31.22
CA LYS E 207 23.45 3.25 -30.39
C LYS E 207 24.09 1.95 -30.85
N GLY E 208 24.10 1.69 -32.16
CA GLY E 208 24.68 0.47 -32.65
C GLY E 208 26.17 0.37 -32.40
N LEU E 209 26.91 1.46 -32.67
CA LEU E 209 28.34 1.44 -32.45
C LEU E 209 28.67 1.24 -30.98
N ILE E 210 27.95 1.93 -30.08
CA ILE E 210 28.22 1.79 -28.66
C ILE E 210 27.89 0.38 -28.19
N LYS E 211 26.77 -0.18 -28.63
CA LYS E 211 26.42 -1.53 -28.22
C LYS E 211 27.43 -2.55 -28.73
N ALA E 212 27.83 -2.44 -29.99
CA ALA E 212 28.80 -3.38 -30.54
C ALA E 212 30.17 -3.24 -29.88
N ALA E 213 30.51 -2.06 -29.39
CA ALA E 213 31.79 -1.89 -28.73
C ALA E 213 31.73 -2.30 -27.25
N MET E 214 30.56 -2.21 -26.63
CA MET E 214 30.45 -2.47 -25.20
C MET E 214 30.14 -3.92 -24.88
N THR E 215 29.23 -4.56 -25.63
CA THR E 215 28.85 -5.92 -25.32
C THR E 215 30.05 -6.86 -25.36
N THR E 216 30.87 -6.76 -26.40
CA THR E 216 32.13 -7.48 -26.47
C THR E 216 33.27 -6.57 -26.05
N GLY E 217 34.47 -7.14 -26.02
CA GLY E 217 35.66 -6.35 -25.73
C GLY E 217 36.35 -5.92 -27.00
N ALA E 218 36.13 -4.68 -27.42
CA ALA E 218 36.57 -4.21 -28.72
C ALA E 218 37.36 -2.92 -28.57
N TRP E 219 38.30 -2.72 -29.49
CA TRP E 219 39.03 -1.47 -29.63
C TRP E 219 38.53 -0.72 -30.85
N ILE E 220 38.23 0.57 -30.68
CA ILE E 220 37.81 1.44 -31.77
C ILE E 220 38.99 2.30 -32.19
N PHE E 221 39.26 2.34 -33.49
CA PHE E 221 40.30 3.19 -34.05
C PHE E 221 39.65 4.34 -34.82
N THR E 222 39.98 5.56 -34.45
CA THR E 222 39.43 6.73 -35.12
C THR E 222 40.55 7.69 -35.54
N GLY E 223 40.18 8.89 -35.99
CA GLY E 223 41.16 9.87 -36.40
C GLY E 223 41.64 10.76 -35.28
N GLY E 224 40.90 10.82 -34.17
CA GLY E 224 41.35 11.55 -33.00
C GLY E 224 40.92 13.00 -32.94
N VAL E 225 41.13 13.74 -34.04
CA VAL E 225 40.79 15.16 -34.08
C VAL E 225 39.26 15.31 -34.11
N ASN E 226 38.77 16.51 -33.85
CA ASN E 226 37.34 16.74 -33.69
C ASN E 226 36.75 17.31 -34.99
N THR E 227 36.61 16.44 -35.97
CA THR E 227 36.10 16.84 -37.28
C THR E 227 35.35 15.70 -37.94
N GLY E 228 34.10 15.96 -38.33
CA GLY E 228 33.34 15.04 -39.14
C GLY E 228 32.85 13.80 -38.43
N VAL E 229 33.27 12.63 -38.94
CA VAL E 229 32.80 11.36 -38.37
C VAL E 229 33.31 11.20 -36.95
N ILE E 230 34.53 11.67 -36.66
CA ILE E 230 35.07 11.57 -35.32
C ILE E 230 34.24 12.39 -34.34
N ARG E 231 33.73 13.54 -34.79
CA ARG E 231 32.83 14.31 -33.95
C ARG E 231 31.55 13.53 -33.66
N HIS E 232 31.03 12.81 -34.65
CA HIS E 232 29.83 12.02 -34.44
C HIS E 232 30.07 10.87 -33.47
N VAL E 233 31.22 10.19 -33.58
CA VAL E 233 31.49 9.12 -32.62
C VAL E 233 31.72 9.69 -31.23
N GLY E 234 32.30 10.89 -31.14
CA GLY E 234 32.41 11.55 -29.85
C GLY E 234 31.06 11.86 -29.24
N ASP E 235 30.11 12.33 -30.06
CA ASP E 235 28.76 12.55 -29.58
C ASP E 235 28.10 11.25 -29.13
N ALA E 236 28.32 10.17 -29.87
CA ALA E 236 27.78 8.87 -29.51
C ALA E 236 28.34 8.40 -28.17
N LEU E 237 29.64 8.58 -27.96
CA LEU E 237 30.22 8.27 -26.65
C LEU E 237 29.63 9.15 -25.56
N LYS E 238 29.41 10.43 -25.89
CA LYS E 238 28.92 11.38 -24.88
C LYS E 238 27.51 11.04 -24.41
N ASP E 239 26.61 10.67 -25.33
CA ASP E 239 25.25 10.37 -24.92
C ASP E 239 25.16 9.04 -24.18
N HIS E 240 26.00 8.07 -24.52
CA HIS E 240 25.99 6.79 -23.84
C HIS E 240 26.53 6.90 -22.42
N ALA E 241 27.53 7.78 -22.21
CA ALA E 241 28.17 7.87 -20.91
C ALA E 241 27.20 8.31 -19.83
N SER E 242 26.31 9.25 -20.14
CA SER E 242 25.35 9.73 -19.15
C SER E 242 24.37 8.64 -18.75
N LYS E 243 23.98 7.79 -19.70
CA LYS E 243 22.91 6.82 -19.48
C LYS E 243 23.40 5.45 -19.05
N SER E 244 24.70 5.18 -19.10
CA SER E 244 25.17 3.84 -18.82
C SER E 244 26.59 3.87 -18.26
N ARG E 245 26.97 2.77 -17.62
CA ARG E 245 28.32 2.57 -17.12
C ARG E 245 29.18 1.93 -18.21
N GLY E 246 30.36 1.46 -17.83
CA GLY E 246 31.21 0.75 -18.78
C GLY E 246 32.21 1.66 -19.46
N LYS E 247 33.46 1.21 -19.56
CA LYS E 247 34.52 1.97 -20.20
C LYS E 247 34.82 1.36 -21.57
N ILE E 248 34.84 2.21 -22.59
CA ILE E 248 35.09 1.79 -23.96
C ILE E 248 36.46 2.30 -24.36
N CYS E 249 37.29 1.41 -24.91
CA CYS E 249 38.66 1.77 -25.29
C CYS E 249 38.63 2.35 -26.70
N THR E 250 38.48 3.67 -26.78
CA THR E 250 38.52 4.40 -28.04
C THR E 250 39.92 4.97 -28.21
N ILE E 251 40.59 4.58 -29.29
CA ILE E 251 41.97 4.96 -29.55
C ILE E 251 41.99 5.91 -30.74
N GLY E 252 42.57 7.08 -30.55
CA GLY E 252 42.71 8.07 -31.61
C GLY E 252 44.17 8.14 -32.06
N ILE E 253 44.37 7.97 -33.36
CA ILE E 253 45.69 8.07 -33.97
C ILE E 253 45.64 9.25 -34.92
N ALA E 254 46.24 10.37 -34.52
CA ALA E 254 46.21 11.61 -35.25
C ALA E 254 47.62 12.14 -35.46
N PRO E 255 47.85 12.88 -36.53
CA PRO E 255 49.17 13.52 -36.71
C PRO E 255 49.41 14.59 -35.66
N TRP E 256 50.68 14.75 -35.29
CA TRP E 256 51.06 15.70 -34.26
C TRP E 256 50.98 17.14 -34.74
N GLY E 257 51.06 17.38 -36.05
CA GLY E 257 51.13 18.72 -36.57
C GLY E 257 49.83 19.48 -36.69
N ILE E 258 48.71 18.87 -36.31
CA ILE E 258 47.40 19.51 -36.43
C ILE E 258 46.77 19.79 -35.08
N VAL E 259 47.41 19.41 -33.98
CA VAL E 259 46.87 19.69 -32.66
C VAL E 259 46.99 21.19 -32.39
N GLU E 260 45.88 21.80 -31.95
CA GLU E 260 45.83 23.25 -31.83
C GLU E 260 46.86 23.77 -30.83
N ASN E 261 46.99 23.10 -29.69
CA ASN E 261 47.96 23.46 -28.67
C ASN E 261 49.00 22.33 -28.61
N GLN E 262 50.03 22.44 -29.44
CA GLN E 262 51.12 21.47 -29.37
C GLN E 262 51.87 21.60 -28.05
N GLU E 263 52.04 22.83 -27.57
CA GLU E 263 52.45 23.06 -26.19
C GLU E 263 51.34 22.61 -25.25
N ASP E 264 51.57 22.76 -23.95
CA ASP E 264 50.65 22.26 -22.92
C ASP E 264 50.51 20.75 -22.99
N LEU E 265 51.43 20.08 -23.69
CA LEU E 265 51.45 18.65 -23.82
C LEU E 265 52.84 18.07 -23.65
N ILE E 266 53.86 18.90 -23.45
CA ILE E 266 55.24 18.43 -23.44
C ILE E 266 55.62 17.81 -22.11
N GLY E 267 54.86 18.06 -21.04
CA GLY E 267 55.19 17.51 -19.74
C GLY E 267 55.25 16.01 -19.70
N ARG E 268 56.45 15.47 -19.53
CA ARG E 268 56.64 14.02 -19.52
C ARG E 268 56.08 13.42 -18.24
N ASP E 269 55.15 12.48 -18.39
CA ASP E 269 54.58 11.72 -17.27
C ASP E 269 53.96 12.63 -16.22
N VAL E 270 53.26 13.67 -16.67
CA VAL E 270 52.58 14.58 -15.76
C VAL E 270 51.29 15.06 -16.43
N VAL E 271 50.24 15.22 -15.63
CA VAL E 271 48.95 15.63 -16.13
C VAL E 271 49.04 17.05 -16.67
N ARG E 272 48.37 17.30 -17.79
CA ARG E 272 48.35 18.62 -18.44
C ARG E 272 46.92 18.96 -18.81
N PRO E 273 46.32 19.99 -18.23
CA PRO E 273 44.95 20.37 -18.62
C PRO E 273 44.89 20.85 -20.06
N TYR E 274 43.76 20.57 -20.71
CA TYR E 274 43.56 20.88 -22.11
C TYR E 274 42.22 21.56 -22.30
N GLN E 275 42.18 22.55 -23.19
CA GLN E 275 40.99 23.36 -23.41
C GLN E 275 40.21 22.82 -24.61
N THR E 276 39.04 22.24 -24.35
CA THR E 276 38.18 21.80 -25.43
C THR E 276 37.64 22.96 -26.26
N MET E 277 37.59 24.16 -25.67
CA MET E 277 37.20 25.35 -26.42
C MET E 277 38.18 25.60 -27.56
N SER E 278 37.63 25.90 -28.74
CA SER E 278 38.44 26.25 -29.89
C SER E 278 37.77 27.36 -30.67
N ASN E 279 38.58 28.11 -31.41
CA ASN E 279 38.04 29.13 -32.30
C ASN E 279 38.24 28.72 -33.76
N PRO E 280 37.26 29.00 -34.63
CA PRO E 280 37.37 28.58 -36.02
C PRO E 280 38.41 29.35 -36.82
N MET E 281 38.99 30.41 -36.26
CA MET E 281 39.99 31.19 -36.99
C MET E 281 41.23 30.34 -37.29
N SER E 282 41.67 29.54 -36.33
CA SER E 282 42.88 28.75 -36.51
C SER E 282 42.62 27.59 -37.47
N LYS E 283 43.69 27.12 -38.12
CA LYS E 283 43.62 26.02 -39.05
C LYS E 283 43.91 24.66 -38.41
N LEU E 284 44.16 24.64 -37.09
CA LEU E 284 44.45 23.42 -36.38
C LEU E 284 43.24 22.98 -35.58
N THR E 285 43.02 21.67 -35.50
CA THR E 285 41.88 21.10 -34.80
C THR E 285 42.30 20.58 -33.44
N VAL E 286 41.36 20.59 -32.50
CA VAL E 286 41.60 20.12 -31.15
C VAL E 286 41.30 18.63 -31.07
N LEU E 287 42.07 17.92 -30.24
CA LEU E 287 41.81 16.52 -30.00
C LEU E 287 40.43 16.34 -29.37
N ASN E 288 39.64 15.43 -29.92
CA ASN E 288 38.31 15.19 -29.40
C ASN E 288 38.39 14.59 -28.01
N SER E 289 37.59 15.13 -27.09
CA SER E 289 37.44 14.50 -25.79
C SER E 289 36.66 13.20 -25.94
N MET E 290 36.41 12.54 -24.82
CA MET E 290 35.73 11.25 -24.74
C MET E 290 36.56 10.12 -25.34
N HIS E 291 37.73 10.40 -25.93
CA HIS E 291 38.64 9.38 -26.38
C HIS E 291 39.51 8.92 -25.22
N SER E 292 39.69 7.60 -25.10
CA SER E 292 40.43 7.05 -23.98
C SER E 292 41.93 7.26 -24.12
N HIS E 293 42.47 7.06 -25.32
CA HIS E 293 43.90 7.11 -25.54
C HIS E 293 44.20 7.83 -26.85
N PHE E 294 45.44 8.30 -26.97
CA PHE E 294 45.89 8.99 -28.17
C PHE E 294 47.29 8.53 -28.53
N ILE E 295 47.53 8.38 -29.83
CA ILE E 295 48.86 8.15 -30.37
C ILE E 295 49.10 9.23 -31.42
N LEU E 296 50.12 10.06 -31.20
CA LEU E 296 50.39 11.20 -32.06
C LEU E 296 51.56 10.85 -32.99
N ALA E 297 51.31 10.96 -34.29
CA ALA E 297 52.29 10.58 -35.30
C ALA E 297 53.06 11.82 -35.75
N ASP E 298 54.39 11.71 -35.76
CA ASP E 298 55.27 12.81 -36.11
C ASP E 298 56.15 12.39 -37.28
N ASN E 299 56.32 13.32 -38.24
CA ASN E 299 57.21 13.08 -39.36
C ASN E 299 58.21 14.22 -39.48
N GLY E 300 57.77 15.43 -39.16
CA GLY E 300 58.60 16.62 -39.27
C GLY E 300 57.83 17.81 -39.80
N THR E 301 56.85 17.56 -40.65
CA THR E 301 56.01 18.63 -41.16
C THR E 301 55.00 19.05 -40.09
N THR E 302 54.56 20.31 -40.18
CA THR E 302 53.57 20.85 -39.27
C THR E 302 52.42 21.45 -40.08
N GLY E 303 51.21 21.38 -39.52
CA GLY E 303 50.05 21.88 -40.22
C GLY E 303 49.62 21.08 -41.42
N LYS E 304 50.16 19.86 -41.58
CA LYS E 304 49.87 19.03 -42.74
C LYS E 304 49.35 17.66 -42.27
N TYR E 305 48.50 17.07 -43.09
CA TYR E 305 47.93 15.76 -42.81
C TYR E 305 48.80 14.66 -43.42
N GLY E 306 48.25 13.45 -43.50
CA GLY E 306 48.91 12.34 -44.17
C GLY E 306 50.20 11.86 -43.53
N ALA E 307 50.23 11.78 -42.20
CA ALA E 307 51.42 11.34 -41.49
C ALA E 307 51.15 10.24 -40.49
N GLU E 308 49.95 9.65 -40.49
CA GLU E 308 49.58 8.63 -39.53
C GLU E 308 48.89 7.42 -40.15
N VAL E 309 48.64 7.43 -41.47
CA VAL E 309 47.86 6.37 -42.09
C VAL E 309 48.65 5.07 -42.14
N LYS E 310 49.93 5.14 -42.50
CA LYS E 310 50.74 3.92 -42.59
C LYS E 310 50.86 3.24 -41.23
N LEU E 311 51.10 4.02 -40.17
CA LEU E 311 51.22 3.45 -38.85
C LEU E 311 49.91 2.81 -38.41
N ARG E 312 48.78 3.47 -38.69
CA ARG E 312 47.48 2.91 -38.33
C ARG E 312 47.23 1.58 -39.03
N ARG E 313 47.46 1.54 -40.35
CA ARG E 313 47.21 0.32 -41.10
C ARG E 313 48.14 -0.81 -40.67
N GLN E 314 49.42 -0.49 -40.43
CA GLN E 314 50.35 -1.51 -39.98
C GLN E 314 49.99 -2.04 -38.60
N LEU E 315 49.55 -1.17 -37.70
CA LEU E 315 49.13 -1.62 -36.38
C LEU E 315 47.89 -2.50 -36.47
N GLU E 316 46.94 -2.13 -37.33
CA GLU E 316 45.75 -2.96 -37.52
C GLU E 316 46.14 -4.34 -38.04
N LYS E 317 47.00 -4.39 -39.06
CA LYS E 317 47.41 -5.68 -39.62
C LYS E 317 48.18 -6.51 -38.61
N HIS E 318 48.99 -5.87 -37.76
CA HIS E 318 49.72 -6.62 -36.75
C HIS E 318 48.80 -7.16 -35.67
N ILE E 319 47.81 -6.37 -35.26
CA ILE E 319 46.87 -6.83 -34.24
C ILE E 319 46.02 -7.97 -34.78
N SER E 320 45.61 -7.89 -36.04
CA SER E 320 44.80 -8.96 -36.63
C SER E 320 45.53 -10.29 -36.63
N LEU E 321 46.86 -10.27 -36.70
CA LEU E 321 47.64 -11.50 -36.72
C LEU E 321 47.88 -12.06 -35.33
N GLN E 322 47.50 -11.35 -34.28
CA GLN E 322 47.68 -11.88 -32.93
C GLN E 322 46.67 -12.99 -32.66
N LYS E 323 47.07 -13.91 -31.79
CA LYS E 323 46.25 -15.08 -31.49
C LYS E 323 45.32 -14.76 -30.32
N ILE E 324 44.02 -14.82 -30.57
CA ILE E 324 43.02 -14.63 -29.52
C ILE E 324 43.08 -15.84 -28.59
N ASN E 325 42.43 -15.74 -27.42
CA ASN E 325 42.52 -16.79 -26.42
C ASN E 325 42.03 -18.14 -26.93
N THR E 326 41.17 -18.17 -27.94
CA THR E 326 40.71 -19.44 -28.48
C THR E 326 41.86 -20.20 -29.12
N ARG E 327 41.90 -21.50 -28.87
CA ARG E 327 42.95 -22.38 -29.41
C ARG E 327 42.53 -23.03 -30.72
N ILE E 328 41.43 -22.60 -31.32
CA ILE E 328 41.08 -23.05 -32.66
C ILE E 328 42.16 -22.64 -33.65
N GLY E 329 42.73 -21.46 -33.45
CA GLY E 329 43.60 -20.82 -34.43
C GLY E 329 43.05 -19.52 -34.98
N GLN E 330 41.92 -19.05 -34.46
CA GLN E 330 41.33 -17.80 -34.91
C GLN E 330 42.19 -16.62 -34.49
N GLY E 331 42.36 -15.66 -35.40
CA GLY E 331 42.97 -14.39 -35.07
C GLY E 331 41.93 -13.38 -34.62
N VAL E 332 42.42 -12.19 -34.30
CA VAL E 332 41.53 -11.10 -33.86
C VAL E 332 40.75 -10.62 -35.09
N PRO E 333 39.42 -10.61 -35.04
CA PRO E 333 38.66 -10.13 -36.18
C PRO E 333 38.73 -8.62 -36.33
N VAL E 334 38.75 -8.16 -37.58
CA VAL E 334 38.84 -6.74 -37.91
C VAL E 334 37.72 -6.41 -38.88
N VAL E 335 36.96 -5.36 -38.57
CA VAL E 335 35.91 -4.86 -39.45
C VAL E 335 36.11 -3.36 -39.64
N ALA E 336 35.71 -2.88 -40.82
CA ALA E 336 35.85 -1.47 -41.17
C ALA E 336 34.47 -0.85 -41.31
N LEU E 337 34.30 0.32 -40.71
CA LEU E 337 33.05 1.07 -40.79
C LEU E 337 33.29 2.36 -41.58
N ILE E 338 32.37 2.68 -42.49
CA ILE E 338 32.52 3.81 -43.39
C ILE E 338 31.30 4.70 -43.26
N VAL E 339 31.52 6.00 -43.06
CA VAL E 339 30.47 7.00 -43.03
C VAL E 339 30.94 8.21 -43.83
N GLU E 340 30.07 8.74 -44.68
CA GLU E 340 30.38 9.89 -45.53
C GLU E 340 31.53 9.57 -46.46
N GLY E 341 32.68 10.22 -46.28
CA GLY E 341 33.86 9.86 -47.04
C GLY E 341 34.27 10.84 -48.11
N GLY E 342 34.78 10.32 -49.22
CA GLY E 342 35.29 11.12 -50.29
C GLY E 342 36.06 10.29 -51.31
N PRO E 343 37.02 10.92 -51.99
CA PRO E 343 37.78 10.20 -53.03
C PRO E 343 38.60 9.05 -52.50
N ASN E 344 39.40 9.29 -51.46
CA ASN E 344 40.34 8.29 -50.97
C ASN E 344 39.66 7.17 -50.20
N VAL E 345 38.40 7.34 -49.79
CA VAL E 345 37.70 6.26 -49.10
C VAL E 345 37.52 5.06 -50.02
N ILE E 346 37.31 5.30 -51.31
CA ILE E 346 37.21 4.20 -52.26
C ILE E 346 38.52 3.42 -52.32
N SER E 347 39.65 4.15 -52.32
CA SER E 347 40.95 3.48 -52.30
C SER E 347 41.15 2.70 -51.01
N ILE E 348 40.68 3.24 -49.89
CA ILE E 348 40.82 2.56 -48.60
C ILE E 348 40.03 1.26 -48.61
N VAL E 349 38.78 1.30 -49.07
CA VAL E 349 37.99 0.08 -49.10
C VAL E 349 38.54 -0.91 -50.12
N LEU E 350 39.14 -0.40 -51.20
CA LEU E 350 39.80 -1.30 -52.15
C LEU E 350 40.97 -2.03 -51.50
N GLU E 351 41.79 -1.29 -50.75
CA GLU E 351 42.92 -1.93 -50.07
C GLU E 351 42.45 -2.89 -49.00
N TYR E 352 41.32 -2.60 -48.35
CA TYR E 352 40.76 -3.53 -47.38
C TYR E 352 40.31 -4.82 -48.06
N LEU E 353 39.60 -4.70 -49.18
CA LEU E 353 39.13 -5.89 -49.89
C LEU E 353 40.27 -6.69 -50.48
N ARG E 354 41.31 -6.00 -50.95
CA ARG E 354 42.44 -6.66 -51.59
C ARG E 354 43.48 -7.18 -50.60
N ASP E 355 43.24 -7.00 -49.30
CA ASP E 355 44.21 -7.45 -48.30
C ASP E 355 44.35 -8.96 -48.34
N THR E 356 45.53 -9.45 -47.95
CA THR E 356 45.77 -10.89 -47.97
C THR E 356 44.76 -11.65 -47.12
N PRO E 357 44.50 -11.29 -45.87
CA PRO E 357 43.23 -11.67 -45.25
C PRO E 357 42.20 -10.59 -45.50
N PRO E 358 41.13 -10.92 -46.23
CA PRO E 358 40.13 -9.89 -46.53
C PRO E 358 39.47 -9.36 -45.27
N VAL E 359 39.13 -8.08 -45.31
CA VAL E 359 38.49 -7.38 -44.19
C VAL E 359 37.09 -6.97 -44.63
N PRO E 360 36.04 -7.40 -43.93
CA PRO E 360 34.69 -6.96 -44.29
C PRO E 360 34.53 -5.47 -44.07
N VAL E 361 33.68 -4.85 -44.89
CA VAL E 361 33.44 -3.42 -44.86
C VAL E 361 31.95 -3.17 -44.73
N VAL E 362 31.56 -2.39 -43.72
CA VAL E 362 30.18 -1.98 -43.54
C VAL E 362 30.04 -0.54 -43.99
N VAL E 363 29.07 -0.27 -44.85
CA VAL E 363 28.87 1.03 -45.45
C VAL E 363 27.47 1.53 -45.09
N CYS E 364 27.37 2.82 -44.77
CA CYS E 364 26.10 3.47 -44.49
C CYS E 364 25.60 4.17 -45.75
N ASP E 365 24.34 3.92 -46.11
CA ASP E 365 23.80 4.44 -47.37
C ASP E 365 23.37 5.90 -47.25
N GLY E 366 22.85 6.29 -46.08
CA GLY E 366 22.28 7.60 -45.90
C GLY E 366 23.26 8.71 -45.61
N SER E 367 24.56 8.43 -45.67
CA SER E 367 25.56 9.47 -45.40
C SER E 367 25.55 10.56 -46.46
N GLY E 368 25.50 10.18 -47.73
CA GLY E 368 25.42 11.16 -48.80
C GLY E 368 26.65 11.25 -49.67
N ARG E 369 27.83 11.15 -49.07
CA ARG E 369 29.09 11.27 -49.79
C ARG E 369 29.43 9.96 -50.48
N ALA E 370 30.69 9.79 -50.88
CA ALA E 370 31.12 8.64 -51.68
C ALA E 370 30.78 7.29 -51.05
N SER E 371 30.34 7.26 -49.79
CA SER E 371 29.73 6.04 -49.27
C SER E 371 28.39 5.77 -49.96
N ASP E 372 27.64 6.84 -50.23
CA ASP E 372 26.37 6.68 -50.93
C ASP E 372 26.57 6.20 -52.37
N ILE E 373 27.66 6.61 -53.03
CA ILE E 373 27.92 6.08 -54.35
C ILE E 373 28.30 4.60 -54.27
N LEU E 374 28.98 4.20 -53.20
CA LEU E 374 29.23 2.77 -52.99
C LEU E 374 27.95 2.00 -52.80
N ALA E 375 27.01 2.55 -52.03
CA ALA E 375 25.72 1.90 -51.87
C ALA E 375 24.95 1.81 -53.18
N PHE E 376 25.00 2.89 -53.98
CA PHE E 376 24.30 2.89 -55.26
C PHE E 376 24.90 1.87 -56.21
N GLY E 377 26.23 1.78 -56.27
CA GLY E 377 26.88 0.78 -57.08
C GLY E 377 26.70 -0.64 -56.57
N HIS E 378 26.38 -0.79 -55.28
CA HIS E 378 26.11 -2.11 -54.72
C HIS E 378 24.80 -2.70 -55.23
N LYS E 379 23.89 -1.85 -55.73
CA LYS E 379 22.59 -2.31 -56.19
C LYS E 379 22.61 -2.59 -57.69
N TYR E 380 21.91 -3.66 -58.08
CA TYR E 380 21.76 -4.11 -59.47
C TYR E 380 23.07 -3.99 -60.25
N SER E 381 24.07 -4.72 -59.76
CA SER E 381 25.36 -4.82 -60.42
C SER E 381 25.70 -6.29 -60.65
N GLU E 382 26.92 -6.54 -61.15
CA GLU E 382 27.36 -7.89 -61.46
C GLU E 382 27.54 -8.72 -60.20
N VAL E 397 25.06 1.17 -66.47
CA VAL E 397 24.66 2.48 -65.97
C VAL E 397 25.88 3.37 -65.75
N THR E 398 26.71 3.51 -66.79
CA THR E 398 27.87 4.38 -66.70
C THR E 398 27.47 5.83 -66.48
N ILE E 399 26.42 6.27 -67.15
CA ILE E 399 25.93 7.64 -66.95
C ILE E 399 25.33 7.78 -65.55
N GLN E 400 24.64 6.75 -65.07
CA GLN E 400 23.99 6.84 -63.76
C GLN E 400 25.00 6.74 -62.63
N LYS E 401 26.07 5.97 -62.82
CA LYS E 401 27.10 5.83 -61.79
C LYS E 401 27.97 7.08 -61.66
N THR E 402 27.81 8.05 -62.55
CA THR E 402 28.59 9.28 -62.48
C THR E 402 28.42 9.96 -61.13
N PHE E 403 29.54 10.41 -60.56
CA PHE E 403 29.57 11.00 -59.22
C PHE E 403 29.98 12.46 -59.36
N THR E 404 29.07 13.37 -59.05
CA THR E 404 29.31 14.80 -59.16
C THR E 404 29.86 15.41 -57.88
N TYR E 405 30.07 14.61 -56.82
CA TYR E 405 30.62 15.15 -55.58
C TYR E 405 32.05 15.62 -55.77
N THR E 406 32.84 14.88 -56.54
CA THR E 406 34.24 15.25 -56.74
C THR E 406 34.38 16.34 -57.81
N ARG E 407 33.77 16.13 -58.97
CA ARG E 407 33.81 17.09 -60.06
C ARG E 407 32.69 16.78 -61.03
N THR E 408 32.64 17.52 -62.13
CA THR E 408 31.61 17.36 -63.15
C THR E 408 32.18 16.53 -64.30
N GLN E 409 31.72 15.28 -64.40
CA GLN E 409 32.16 14.35 -65.44
C GLN E 409 33.68 14.24 -65.47
N ALA E 410 34.30 14.70 -66.55
CA ALA E 410 35.75 14.63 -66.76
C ALA E 410 36.18 13.16 -66.62
N GLN E 411 37.22 12.87 -65.86
CA GLN E 411 37.62 11.49 -65.62
C GLN E 411 36.84 10.91 -64.44
N HIS E 412 37.07 9.63 -64.17
CA HIS E 412 36.36 8.93 -63.11
C HIS E 412 37.30 7.90 -62.49
N LEU E 413 37.13 7.65 -61.19
CA LEU E 413 37.70 6.44 -60.58
C LEU E 413 36.76 5.25 -60.75
N PHE E 414 36.28 5.04 -61.97
CA PHE E 414 35.36 3.95 -62.25
C PHE E 414 36.06 2.61 -62.17
N ILE E 415 37.32 2.55 -62.57
CA ILE E 415 38.09 1.31 -62.45
C ILE E 415 38.21 0.91 -60.99
N ILE E 416 38.52 1.87 -60.11
CA ILE E 416 38.64 1.58 -58.69
C ILE E 416 37.30 1.18 -58.11
N LEU E 417 36.23 1.90 -58.49
CA LEU E 417 34.90 1.55 -58.00
C LEU E 417 34.46 0.14 -58.42
N MET E 418 34.71 -0.24 -59.68
CA MET E 418 34.30 -1.57 -60.12
C MET E 418 35.21 -2.66 -59.55
N GLU E 419 36.49 -2.34 -59.33
CA GLU E 419 37.36 -3.30 -58.65
C GLU E 419 36.87 -3.55 -57.24
N CYS E 420 36.41 -2.50 -56.55
CA CYS E 420 35.78 -2.68 -55.25
C CYS E 420 34.50 -3.50 -55.35
N MET E 421 33.67 -3.20 -56.37
CA MET E 421 32.40 -3.90 -56.51
C MET E 421 32.55 -5.35 -56.94
N LYS E 422 33.73 -5.73 -57.44
CA LYS E 422 33.97 -7.14 -57.77
C LYS E 422 33.79 -8.03 -56.54
N LYS E 423 34.31 -7.60 -55.39
CA LYS E 423 34.15 -8.33 -54.14
C LYS E 423 33.00 -7.76 -53.33
N LYS E 424 31.79 -7.87 -53.88
CA LYS E 424 30.61 -7.31 -53.25
C LYS E 424 30.01 -8.21 -52.18
N GLU E 425 30.54 -9.42 -51.98
CA GLU E 425 30.07 -10.28 -50.91
C GLU E 425 30.57 -9.83 -49.55
N LEU E 426 31.74 -9.19 -49.50
CA LEU E 426 32.29 -8.65 -48.26
C LEU E 426 31.73 -7.29 -47.90
N ILE E 427 31.05 -6.62 -48.82
CA ILE E 427 30.46 -5.31 -48.57
C ILE E 427 29.08 -5.51 -47.97
N THR E 428 28.81 -4.81 -46.87
CA THR E 428 27.54 -4.93 -46.15
C THR E 428 26.96 -3.52 -45.99
N VAL E 429 26.18 -3.10 -46.98
CA VAL E 429 25.56 -1.78 -46.95
C VAL E 429 24.40 -1.80 -45.98
N PHE E 430 24.37 -0.82 -45.07
CA PHE E 430 23.32 -0.68 -44.09
C PHE E 430 22.33 0.38 -44.54
N ARG E 431 21.04 0.07 -44.44
CA ARG E 431 19.97 0.99 -44.78
C ARG E 431 19.04 1.14 -43.60
N MET E 432 18.59 2.38 -43.35
CA MET E 432 17.86 2.68 -42.13
C MET E 432 16.57 1.88 -42.03
N GLY E 433 15.79 1.84 -43.10
CA GLY E 433 14.55 1.10 -43.08
C GLY E 433 14.20 0.42 -44.39
N SER E 434 15.15 0.34 -45.31
CA SER E 434 14.88 -0.23 -46.62
C SER E 434 14.94 -1.75 -46.59
N GLU E 435 16.10 -2.32 -46.25
CA GLU E 435 16.29 -3.76 -46.23
C GLU E 435 17.51 -4.08 -45.39
N GLY E 436 17.86 -5.37 -45.33
CA GLY E 436 18.98 -5.79 -44.53
C GLY E 436 18.68 -5.69 -43.04
N HIS E 437 19.76 -5.60 -42.26
CA HIS E 437 19.63 -5.45 -40.83
C HIS E 437 19.07 -4.07 -40.50
N GLN E 438 18.15 -4.02 -39.54
CA GLN E 438 17.64 -2.74 -39.05
C GLN E 438 18.53 -2.12 -37.99
N ASP E 439 19.50 -2.86 -37.46
CA ASP E 439 20.44 -2.37 -36.47
C ASP E 439 21.86 -2.49 -37.01
N ILE E 440 22.60 -1.38 -36.98
CA ILE E 440 23.99 -1.42 -37.40
C ILE E 440 24.82 -2.26 -36.45
N ASP E 441 24.40 -2.39 -35.19
CA ASP E 441 25.08 -3.29 -34.26
C ASP E 441 25.01 -4.72 -34.72
N LEU E 442 23.82 -5.17 -35.13
CA LEU E 442 23.69 -6.51 -35.70
C LEU E 442 24.39 -6.62 -37.04
N ALA E 443 24.42 -5.54 -37.82
CA ALA E 443 25.11 -5.57 -39.10
C ALA E 443 26.61 -5.72 -38.94
N ILE E 444 27.18 -5.10 -37.91
CA ILE E 444 28.63 -5.17 -37.71
C ILE E 444 29.08 -6.59 -37.38
N LEU E 445 28.39 -7.23 -36.44
CA LEU E 445 28.81 -8.56 -36.01
C LEU E 445 28.52 -9.62 -37.06
N THR E 446 27.43 -9.46 -37.82
CA THR E 446 27.06 -10.42 -38.84
C THR E 446 28.12 -10.47 -39.94
N ALA E 447 28.70 -9.32 -40.29
CA ALA E 447 29.72 -9.28 -41.33
C ALA E 447 30.96 -10.06 -40.94
N LEU E 448 31.27 -10.13 -39.64
CA LEU E 448 32.43 -10.88 -39.18
C LEU E 448 32.19 -12.39 -39.22
N LEU E 449 30.96 -12.81 -38.92
CA LEU E 449 30.65 -14.24 -38.92
C LEU E 449 30.78 -14.83 -40.32
N LYS E 450 30.33 -14.11 -41.34
CA LYS E 450 30.49 -14.53 -42.72
C LYS E 450 31.78 -14.01 -43.33
N GLY E 451 32.59 -13.28 -42.57
CA GLY E 451 33.80 -12.66 -43.08
C GLY E 451 35.00 -13.56 -43.22
N ALA E 452 34.87 -14.83 -42.85
CA ALA E 452 35.97 -15.78 -42.96
C ALA E 452 35.61 -17.04 -43.73
N ASN E 453 34.32 -17.26 -44.01
CA ASN E 453 33.86 -18.50 -44.65
C ASN E 453 34.34 -19.72 -43.86
N ALA E 454 34.36 -19.58 -42.54
CA ALA E 454 34.85 -20.63 -41.67
C ALA E 454 33.72 -21.61 -41.31
N SER E 455 34.12 -22.69 -40.66
CA SER E 455 33.15 -23.69 -40.23
C SER E 455 32.30 -23.16 -39.08
N ALA E 456 31.17 -23.83 -38.85
CA ALA E 456 30.31 -23.48 -37.73
C ALA E 456 31.03 -23.53 -36.38
N PRO E 457 31.93 -24.48 -36.10
CA PRO E 457 32.67 -24.41 -34.83
C PRO E 457 33.41 -23.10 -34.58
N ASP E 458 34.03 -22.51 -35.60
CA ASP E 458 34.77 -21.26 -35.38
C ASP E 458 33.83 -20.09 -35.14
N GLN E 459 32.70 -20.06 -35.84
CA GLN E 459 31.70 -19.03 -35.57
C GLN E 459 31.16 -19.17 -34.16
N LEU E 460 30.93 -20.40 -33.71
CA LEU E 460 30.49 -20.62 -32.35
C LEU E 460 31.55 -20.18 -31.34
N SER E 461 32.82 -20.44 -31.64
CA SER E 461 33.90 -19.98 -30.77
C SER E 461 33.92 -18.46 -30.67
N LEU E 462 33.75 -17.76 -31.80
CA LEU E 462 33.72 -16.31 -31.77
C LEU E 462 32.52 -15.80 -30.96
N ALA E 463 31.35 -16.40 -31.17
CA ALA E 463 30.17 -15.97 -30.43
C ALA E 463 30.31 -16.23 -28.93
N LEU E 464 30.98 -17.33 -28.57
CA LEU E 464 31.26 -17.61 -27.17
C LEU E 464 32.22 -16.59 -26.58
N ALA E 465 33.24 -16.20 -27.34
CA ALA E 465 34.19 -15.19 -26.86
C ALA E 465 33.50 -13.84 -26.67
N TRP E 466 32.64 -13.45 -27.61
CA TRP E 466 31.94 -12.18 -27.49
C TRP E 466 30.81 -12.21 -26.48
N ASN E 467 30.39 -13.40 -26.04
CA ASN E 467 29.28 -13.56 -25.10
C ASN E 467 27.99 -13.00 -25.69
N ARG E 468 27.69 -13.40 -26.92
CA ARG E 468 26.47 -13.01 -27.63
C ARG E 468 25.73 -14.29 -28.02
N VAL E 469 24.77 -14.70 -27.18
CA VAL E 469 24.07 -15.95 -27.45
C VAL E 469 22.99 -15.76 -28.51
N ASP E 470 22.44 -14.55 -28.64
CA ASP E 470 21.44 -14.30 -29.66
C ASP E 470 22.01 -14.45 -31.06
N ILE E 471 23.25 -14.02 -31.26
CA ILE E 471 23.89 -14.16 -32.57
C ILE E 471 24.02 -15.63 -32.93
N ALA E 472 24.51 -16.45 -32.01
CA ALA E 472 24.65 -17.88 -32.27
C ALA E 472 23.30 -18.54 -32.49
N ARG E 473 22.28 -18.10 -31.75
CA ARG E 473 20.95 -18.68 -31.91
C ARG E 473 20.36 -18.34 -33.27
N SER E 474 20.57 -17.11 -33.75
CA SER E 474 19.94 -16.66 -34.99
C SER E 474 20.80 -16.82 -36.24
N GLN E 475 22.11 -17.02 -36.09
CA GLN E 475 23.01 -17.09 -37.24
C GLN E 475 23.77 -18.41 -37.36
N ILE E 476 23.96 -19.14 -36.27
CA ILE E 476 24.76 -20.35 -36.28
C ILE E 476 23.90 -21.60 -36.14
N PHE E 477 22.87 -21.55 -35.29
CA PHE E 477 21.94 -22.66 -35.14
C PHE E 477 20.69 -22.34 -35.95
N ILE E 478 20.78 -22.63 -37.25
CA ILE E 478 19.71 -22.35 -38.20
C ILE E 478 19.35 -23.64 -38.91
N TYR E 479 18.27 -23.57 -39.70
CA TYR E 479 17.77 -24.74 -40.41
C TYR E 479 18.76 -25.19 -41.47
N GLY E 480 18.95 -26.50 -41.57
CA GLY E 480 19.84 -27.07 -42.56
C GLY E 480 21.31 -27.05 -42.20
N GLN E 481 21.65 -26.71 -40.96
CA GLN E 481 23.04 -26.61 -40.56
C GLN E 481 23.72 -27.97 -40.54
N GLN E 482 25.04 -27.94 -40.70
CA GLN E 482 25.87 -29.13 -40.64
C GLN E 482 26.89 -28.99 -39.52
N TRP E 483 27.08 -30.07 -38.75
CA TRP E 483 28.02 -30.06 -37.65
C TRP E 483 28.95 -31.26 -37.74
N PRO E 484 30.26 -31.05 -37.54
CA PRO E 484 31.18 -32.18 -37.48
C PRO E 484 30.90 -33.09 -36.29
N VAL E 485 31.70 -34.14 -36.14
CA VAL E 485 31.51 -35.10 -35.07
C VAL E 485 32.38 -34.69 -33.89
N GLY E 486 31.75 -34.49 -32.74
CA GLY E 486 32.45 -34.18 -31.51
C GLY E 486 32.81 -32.73 -31.31
N SER E 487 32.38 -31.83 -32.21
CA SER E 487 32.68 -30.42 -32.03
C SER E 487 31.80 -29.78 -30.96
N LEU E 488 30.53 -30.21 -30.88
CA LEU E 488 29.62 -29.63 -29.90
C LEU E 488 30.02 -29.97 -28.47
N GLU E 489 30.62 -31.13 -28.25
CA GLU E 489 31.11 -31.45 -26.91
C GLU E 489 32.28 -30.55 -26.51
N GLN E 490 33.17 -30.25 -27.46
CA GLN E 490 34.26 -29.33 -27.18
C GLN E 490 33.72 -27.92 -26.93
N ALA E 491 32.69 -27.52 -27.67
CA ALA E 491 32.05 -26.23 -27.42
C ALA E 491 31.43 -26.19 -26.03
N MET E 492 30.81 -27.29 -25.61
CA MET E 492 30.24 -27.35 -24.26
C MET E 492 31.33 -27.24 -23.20
N LEU E 493 32.45 -27.92 -23.41
CA LEU E 493 33.56 -27.83 -22.46
C LEU E 493 34.07 -26.39 -22.37
N ASP E 494 34.22 -25.73 -23.51
CA ASP E 494 34.69 -24.34 -23.51
C ASP E 494 33.70 -23.43 -22.80
N ALA E 495 32.39 -23.63 -23.02
CA ALA E 495 31.39 -22.81 -22.37
C ALA E 495 31.36 -23.03 -20.86
N LEU E 496 31.58 -24.28 -20.44
CA LEU E 496 31.63 -24.57 -19.01
C LEU E 496 32.84 -23.93 -18.35
N VAL E 497 33.98 -23.95 -19.03
CA VAL E 497 35.19 -23.35 -18.47
C VAL E 497 35.00 -21.85 -18.27
N LEU E 498 34.40 -21.17 -19.24
CA LEU E 498 34.29 -19.71 -19.23
C LEU E 498 33.07 -19.21 -18.47
N ASP E 499 32.25 -20.09 -17.91
CA ASP E 499 31.06 -19.72 -17.14
C ASP E 499 30.06 -18.95 -18.01
N ARG E 500 29.61 -19.62 -19.06
CA ARG E 500 28.63 -19.07 -20.00
C ARG E 500 27.36 -19.91 -19.88
N VAL E 501 26.47 -19.51 -18.97
CA VAL E 501 25.29 -20.32 -18.69
C VAL E 501 24.36 -20.37 -19.91
N ASP E 502 24.19 -19.24 -20.59
CA ASP E 502 23.30 -19.19 -21.75
C ASP E 502 23.78 -20.12 -22.86
N PHE E 503 25.09 -20.17 -23.09
CA PHE E 503 25.61 -21.04 -24.14
C PHE E 503 25.48 -22.51 -23.74
N VAL E 504 25.64 -22.83 -22.46
CA VAL E 504 25.43 -24.19 -22.00
C VAL E 504 23.98 -24.60 -22.24
N LYS E 505 23.04 -23.71 -21.89
CA LYS E 505 21.63 -23.99 -22.12
C LYS E 505 21.33 -24.19 -23.60
N LEU E 506 21.89 -23.32 -24.45
CA LEU E 506 21.65 -23.42 -25.89
C LEU E 506 22.22 -24.72 -26.45
N LEU E 507 23.41 -25.11 -26.01
CA LEU E 507 24.02 -26.36 -26.47
C LEU E 507 23.22 -27.56 -26.01
N ILE E 508 22.68 -27.52 -24.79
CA ILE E 508 21.84 -28.60 -24.31
C ILE E 508 20.57 -28.70 -25.14
N GLU E 509 19.97 -27.55 -25.48
CA GLU E 509 18.77 -27.55 -26.30
C GLU E 509 19.01 -28.09 -27.71
N ASN E 510 20.26 -28.17 -28.14
CA ASN E 510 20.59 -28.51 -29.53
C ASN E 510 21.27 -29.88 -29.64
N GLY E 511 20.91 -30.81 -28.76
CA GLY E 511 21.28 -32.20 -28.92
C GLY E 511 22.36 -32.71 -27.99
N VAL E 512 23.02 -31.83 -27.25
CA VAL E 512 24.09 -32.28 -26.37
C VAL E 512 23.50 -32.95 -25.13
N SER E 513 23.95 -34.16 -24.85
CA SER E 513 23.51 -34.93 -23.69
C SER E 513 24.62 -34.95 -22.65
N MET E 514 24.30 -34.55 -21.42
CA MET E 514 25.30 -34.49 -20.37
C MET E 514 25.73 -35.87 -19.90
N HIS E 515 24.89 -36.88 -20.06
CA HIS E 515 25.26 -38.23 -19.66
C HIS E 515 26.44 -38.75 -20.47
N ARG E 516 26.42 -38.53 -21.79
CA ARG E 516 27.52 -38.96 -22.64
C ARG E 516 28.72 -38.04 -22.53
N PHE E 517 28.49 -36.75 -22.32
CA PHE E 517 29.59 -35.78 -22.35
C PHE E 517 30.52 -35.95 -21.16
N LEU E 518 29.96 -36.04 -19.95
CA LEU E 518 30.75 -35.92 -18.74
C LEU E 518 31.52 -37.21 -18.47
N THR E 519 32.84 -37.11 -18.36
CA THR E 519 33.71 -38.21 -17.98
C THR E 519 34.58 -37.76 -16.80
N ILE E 520 35.47 -38.64 -16.36
CA ILE E 520 36.33 -38.31 -15.23
C ILE E 520 37.37 -37.27 -15.62
N SER E 521 37.98 -37.43 -16.79
CA SER E 521 39.01 -36.49 -17.23
C SER E 521 38.43 -35.09 -17.43
N ARG E 522 37.23 -35.01 -18.00
CA ARG E 522 36.59 -33.71 -18.18
C ARG E 522 36.31 -33.04 -16.84
N LEU E 523 35.86 -33.82 -15.85
CA LEU E 523 35.60 -33.25 -14.54
C LEU E 523 36.89 -32.76 -13.87
N GLU E 524 37.97 -33.52 -14.02
CA GLU E 524 39.25 -33.08 -13.49
C GLU E 524 39.73 -31.80 -14.17
N GLU E 525 39.51 -31.70 -15.49
CA GLU E 525 39.83 -30.47 -16.19
C GLU E 525 39.00 -29.30 -15.67
N LEU E 526 37.72 -29.55 -15.41
CA LEU E 526 36.85 -28.49 -14.88
C LEU E 526 37.32 -28.02 -13.51
N TYR E 527 37.80 -28.94 -12.67
CA TYR E 527 38.28 -28.52 -11.35
C TYR E 527 39.62 -27.81 -11.42
N ASN E 528 40.42 -28.04 -12.46
CA ASN E 528 41.76 -27.48 -12.57
C ASN E 528 41.83 -26.36 -13.60
N THR E 529 40.79 -25.54 -13.68
CA THR E 529 40.72 -24.47 -14.65
C THR E 529 41.02 -23.12 -14.01
N ARG E 530 41.28 -22.14 -14.86
CA ARG E 530 41.57 -20.78 -14.43
C ARG E 530 40.74 -19.70 -15.13
N HIS E 531 40.00 -20.05 -16.19
CA HIS E 531 39.29 -19.06 -16.98
C HIS E 531 37.92 -18.75 -16.38
N GLY E 532 37.93 -18.28 -15.14
CA GLY E 532 36.71 -17.96 -14.45
C GLY E 532 36.90 -17.05 -13.27
N PRO E 533 35.81 -16.70 -12.59
CA PRO E 533 35.91 -15.87 -11.39
C PRO E 533 36.68 -16.58 -10.29
N SER E 534 37.33 -15.79 -9.45
CA SER E 534 38.17 -16.33 -8.39
C SER E 534 37.34 -17.05 -7.33
N ASN E 535 37.87 -18.15 -6.82
CA ASN E 535 37.24 -18.92 -5.76
C ASN E 535 38.29 -19.24 -4.69
N THR E 536 37.85 -19.97 -3.66
CA THR E 536 38.70 -20.30 -2.53
C THR E 536 38.99 -21.80 -2.44
N LEU E 537 39.05 -22.47 -3.59
CA LEU E 537 39.21 -23.93 -3.57
C LEU E 537 40.63 -24.34 -3.21
N TYR E 538 41.63 -23.62 -3.73
CA TYR E 538 43.01 -24.02 -3.50
C TYR E 538 43.38 -23.94 -2.03
N HIS E 539 42.84 -22.97 -1.31
CA HIS E 539 43.09 -22.89 0.14
C HIS E 539 42.54 -24.11 0.86
N LEU E 540 41.33 -24.54 0.50
CA LEU E 540 40.75 -25.73 1.12
C LEU E 540 41.56 -26.97 0.78
N VAL E 541 42.01 -27.09 -0.46
CA VAL E 541 42.82 -28.25 -0.85
C VAL E 541 44.13 -28.26 -0.09
N ARG E 542 44.75 -27.09 0.09
CA ARG E 542 45.98 -27.01 0.87
C ARG E 542 45.73 -27.39 2.33
N ASP E 543 44.61 -26.94 2.90
CA ASP E 543 44.30 -27.27 4.29
C ASP E 543 44.08 -28.77 4.48
N VAL E 544 43.35 -29.39 3.55
CA VAL E 544 43.09 -30.82 3.69
C VAL E 544 44.36 -31.64 3.46
N LYS E 545 45.19 -31.21 2.52
CA LYS E 545 46.42 -31.93 2.20
C LYS E 545 47.59 -31.54 3.10
N LYS E 546 47.32 -30.96 4.27
CA LYS E 546 48.33 -30.63 5.28
C LYS E 546 49.33 -29.60 4.79
N GLY E 547 48.98 -28.83 3.77
CA GLY E 547 49.87 -27.78 3.28
C GLY E 547 51.18 -28.29 2.73
N ASN E 548 51.15 -29.34 1.92
CA ASN E 548 52.35 -29.94 1.35
C ASN E 548 52.28 -29.95 -0.18
N LEU E 549 51.54 -29.02 -0.76
CA LEU E 549 51.30 -29.02 -2.19
C LEU E 549 52.51 -28.46 -2.93
N PRO E 550 53.06 -29.19 -3.90
CA PRO E 550 54.14 -28.64 -4.74
C PRO E 550 53.60 -27.58 -5.68
N PRO E 551 54.48 -26.79 -6.30
CA PRO E 551 54.00 -25.80 -7.28
C PRO E 551 53.26 -26.46 -8.43
N ASP E 552 52.29 -25.73 -8.98
CA ASP E 552 51.40 -26.17 -10.06
C ASP E 552 50.93 -27.62 -9.84
N TYR E 553 50.55 -27.91 -8.60
CA TYR E 553 50.00 -29.22 -8.28
C TYR E 553 48.63 -29.39 -8.92
N ARG E 554 48.36 -30.60 -9.41
CA ARG E 554 47.09 -30.91 -10.07
C ARG E 554 46.15 -31.56 -9.07
N ILE E 555 44.93 -31.04 -9.00
CA ILE E 555 43.93 -31.51 -8.05
C ILE E 555 43.20 -32.70 -8.64
N SER E 556 43.11 -33.79 -7.88
CA SER E 556 42.40 -34.99 -8.30
C SER E 556 41.04 -35.06 -7.60
N LEU E 557 40.20 -35.95 -8.11
CA LEU E 557 38.88 -36.12 -7.53
C LEU E 557 38.94 -36.67 -6.11
N ILE E 558 40.01 -37.37 -5.76
CA ILE E 558 40.18 -37.82 -4.38
C ILE E 558 40.29 -36.64 -3.44
N ASP E 559 41.07 -35.62 -3.83
CA ASP E 559 41.19 -34.41 -3.02
C ASP E 559 39.84 -33.71 -2.89
N ILE E 560 39.06 -33.69 -3.97
CA ILE E 560 37.73 -33.07 -3.92
C ILE E 560 36.83 -33.83 -2.95
N GLY E 561 36.89 -35.17 -2.98
CA GLY E 561 36.13 -35.94 -2.01
C GLY E 561 36.55 -35.66 -0.59
N LEU E 562 37.86 -35.51 -0.36
CA LEU E 562 38.35 -35.19 0.97
C LEU E 562 37.85 -33.83 1.43
N VAL E 563 37.84 -32.85 0.53
CA VAL E 563 37.35 -31.52 0.90
C VAL E 563 35.85 -31.56 1.18
N ILE E 564 35.10 -32.34 0.40
CA ILE E 564 33.67 -32.48 0.64
C ILE E 564 33.42 -33.10 2.01
N GLU E 565 34.16 -34.15 2.35
CA GLU E 565 34.01 -34.78 3.65
C GLU E 565 34.38 -33.82 4.78
N TYR E 566 35.42 -33.02 4.57
CA TYR E 566 35.80 -32.04 5.59
C TYR E 566 34.70 -31.00 5.80
N LEU E 567 34.10 -30.52 4.71
CA LEU E 567 33.12 -29.44 4.83
C LEU E 567 31.78 -29.95 5.35
N MET E 568 31.36 -31.15 4.95
CA MET E 568 30.02 -31.61 5.30
C MET E 568 29.87 -31.85 6.79
N GLY E 569 30.88 -32.39 7.44
CA GLY E 569 30.78 -32.62 8.86
C GLY E 569 31.44 -33.88 9.37
N GLY E 570 30.91 -34.43 10.46
CA GLY E 570 31.57 -35.52 11.16
C GLY E 570 31.61 -36.85 10.43
N ALA E 571 30.45 -37.49 10.27
CA ALA E 571 30.40 -38.85 9.77
C ALA E 571 30.08 -38.93 8.28
N TYR E 572 30.11 -37.81 7.57
CA TYR E 572 29.84 -37.83 6.14
C TYR E 572 30.97 -38.51 5.38
N ARG E 573 30.61 -39.23 4.32
CA ARG E 573 31.57 -39.91 3.47
C ARG E 573 31.20 -39.65 2.01
N CYS E 574 32.20 -39.27 1.22
CA CYS E 574 32.01 -38.98 -0.19
C CYS E 574 32.24 -40.23 -1.02
N ASN E 575 31.56 -40.30 -2.17
CA ASN E 575 31.71 -41.43 -3.07
C ASN E 575 33.08 -41.48 -3.73
N TYR E 576 33.80 -40.35 -3.78
CA TYR E 576 35.12 -40.34 -4.39
C TYR E 576 36.15 -41.09 -3.57
N THR E 577 35.93 -41.24 -2.27
CA THR E 577 36.87 -41.91 -1.38
C THR E 577 36.48 -43.36 -1.08
N ARG E 578 35.46 -43.88 -1.75
CA ARG E 578 35.07 -45.27 -1.56
C ARG E 578 36.06 -46.20 -2.25
N LYS E 579 35.99 -47.49 -1.88
CA LYS E 579 36.87 -48.48 -2.47
C LYS E 579 36.58 -48.66 -3.96
N ARG E 580 35.30 -48.64 -4.34
CA ARG E 580 34.94 -48.85 -5.74
C ARG E 580 35.51 -47.77 -6.63
N PHE E 581 35.32 -46.50 -6.25
CA PHE E 581 35.83 -45.40 -7.07
C PHE E 581 37.35 -45.37 -7.07
N ARG E 582 37.98 -45.69 -5.93
CA ARG E 582 39.43 -45.73 -5.91
C ARG E 582 39.98 -46.83 -6.81
N THR E 583 39.31 -47.98 -6.84
CA THR E 583 39.74 -49.06 -7.72
C THR E 583 39.53 -48.71 -9.18
N LEU E 584 38.45 -47.99 -9.49
CA LEU E 584 38.24 -47.52 -10.86
C LEU E 584 39.28 -46.47 -11.24
N TYR E 585 39.70 -45.65 -10.29
CA TYR E 585 40.58 -44.52 -10.57
C TYR E 585 42.03 -44.94 -10.70
N HIS E 586 42.53 -45.71 -9.73
CA HIS E 586 43.95 -46.01 -9.65
C HIS E 586 44.45 -46.84 -10.82
N ASN E 587 43.56 -47.57 -11.51
CA ASN E 587 43.95 -48.40 -12.63
C ASN E 587 43.64 -47.74 -13.97
N LEU E 588 43.48 -46.42 -13.99
CA LEU E 588 43.30 -45.68 -15.24
C LEU E 588 44.33 -44.56 -15.34
N ASN E 632 35.04 -42.39 -16.86
CA ASN E 632 34.18 -43.39 -17.47
C ASN E 632 32.76 -42.85 -17.64
N HIS E 633 31.94 -42.99 -16.60
CA HIS E 633 30.54 -42.59 -16.68
C HIS E 633 30.08 -42.15 -15.30
N PHE E 634 29.03 -41.33 -15.29
CA PHE E 634 28.38 -40.90 -14.06
C PHE E 634 26.89 -41.10 -14.24
N PRO E 635 26.24 -41.97 -13.47
CA PRO E 635 24.79 -42.17 -13.64
C PRO E 635 23.97 -40.92 -13.36
N PHE E 636 24.49 -40.01 -12.53
CA PHE E 636 23.82 -38.77 -12.18
C PHE E 636 24.81 -37.63 -12.40
N PRO E 637 25.04 -37.24 -13.65
CA PRO E 637 26.06 -36.21 -13.92
C PRO E 637 25.75 -34.86 -13.28
N PHE E 638 24.47 -34.50 -13.15
CA PHE E 638 24.13 -33.21 -12.60
C PHE E 638 24.46 -33.09 -11.13
N HIS E 639 24.54 -34.21 -10.40
CA HIS E 639 25.06 -34.17 -9.04
C HIS E 639 26.49 -33.63 -9.02
N GLU E 640 27.35 -34.23 -9.83
CA GLU E 640 28.73 -33.77 -9.93
C GLU E 640 28.81 -32.34 -10.41
N LEU E 641 28.01 -31.99 -11.42
CA LEU E 641 28.05 -30.64 -11.96
C LEU E 641 27.65 -29.60 -10.92
N MET E 642 26.59 -29.88 -10.14
CA MET E 642 26.15 -28.93 -9.14
C MET E 642 27.16 -28.82 -8.01
N VAL E 643 27.77 -29.93 -7.60
CA VAL E 643 28.80 -29.87 -6.57
C VAL E 643 29.98 -29.03 -7.05
N TRP E 644 30.40 -29.24 -8.29
CA TRP E 644 31.49 -28.44 -8.86
C TRP E 644 31.14 -26.97 -8.91
N ALA E 645 29.91 -26.64 -9.34
CA ALA E 645 29.52 -25.25 -9.43
C ALA E 645 29.47 -24.59 -8.06
N VAL E 646 29.06 -25.33 -7.03
CA VAL E 646 29.01 -24.76 -5.69
C VAL E 646 30.43 -24.56 -5.16
N LEU E 647 31.32 -25.51 -5.41
CA LEU E 647 32.69 -25.39 -4.90
C LEU E 647 33.49 -24.29 -5.58
N MET E 648 33.11 -23.88 -6.78
CA MET E 648 33.80 -22.83 -7.51
C MET E 648 33.11 -21.47 -7.38
N LYS E 649 32.08 -21.38 -6.53
CA LYS E 649 31.36 -20.14 -6.26
C LYS E 649 30.76 -19.55 -7.54
N ARG E 650 30.09 -20.42 -8.31
CA ARG E 650 29.40 -20.01 -9.54
C ARG E 650 27.90 -20.24 -9.31
N GLN E 651 27.23 -19.18 -8.85
CA GLN E 651 25.86 -19.34 -8.38
C GLN E 651 24.87 -19.56 -9.53
N LYS E 652 25.04 -18.86 -10.65
CA LYS E 652 24.13 -19.03 -11.78
C LYS E 652 24.23 -20.44 -12.35
N MET E 653 25.45 -20.95 -12.51
CA MET E 653 25.65 -22.30 -13.01
C MET E 653 25.05 -23.32 -12.05
N ALA E 654 25.25 -23.13 -10.75
CA ALA E 654 24.70 -24.05 -9.76
C ALA E 654 23.18 -24.04 -9.78
N LEU E 655 22.58 -22.87 -9.92
CA LEU E 655 21.12 -22.78 -9.97
C LEU E 655 20.57 -23.43 -11.23
N PHE E 656 21.29 -23.31 -12.35
CA PHE E 656 20.86 -24.01 -13.56
C PHE E 656 20.96 -25.53 -13.37
N PHE E 657 22.06 -26.00 -12.78
CA PHE E 657 22.24 -27.44 -12.59
C PHE E 657 21.27 -28.02 -11.57
N TRP E 658 20.78 -27.21 -10.63
CA TRP E 658 19.90 -27.74 -9.59
C TRP E 658 18.58 -28.24 -10.17
N GLN E 659 17.99 -27.51 -11.11
CA GLN E 659 16.68 -27.87 -11.64
C GLN E 659 16.76 -28.88 -12.79
N HIS E 660 17.86 -29.60 -12.91
CA HIS E 660 17.99 -30.68 -13.88
C HIS E 660 18.43 -31.93 -13.14
N GLY E 661 17.74 -33.04 -13.40
CA GLY E 661 18.06 -34.30 -12.75
C GLY E 661 17.18 -34.57 -11.54
N GLU E 662 17.50 -35.66 -10.85
CA GLU E 662 16.73 -36.13 -9.72
C GLU E 662 17.28 -35.58 -8.41
N GLU E 663 16.48 -35.75 -7.35
CA GLU E 663 16.86 -35.43 -5.97
C GLU E 663 17.18 -33.94 -5.81
N ALA E 664 16.16 -33.11 -6.09
CA ALA E 664 16.35 -31.67 -6.01
C ALA E 664 16.49 -31.20 -4.57
N MET E 665 15.70 -31.75 -3.65
CA MET E 665 15.71 -31.28 -2.27
C MET E 665 17.01 -31.68 -1.57
N ALA E 666 17.47 -32.91 -1.79
CA ALA E 666 18.75 -33.32 -1.22
C ALA E 666 19.88 -32.45 -1.72
N LYS E 667 19.89 -32.15 -3.02
CA LYS E 667 20.92 -31.28 -3.59
C LYS E 667 20.86 -29.89 -3.00
N ALA E 668 19.65 -29.35 -2.82
CA ALA E 668 19.52 -28.01 -2.23
C ALA E 668 20.05 -27.99 -0.80
N LEU E 669 19.73 -29.00 0.00
CA LEU E 669 20.21 -29.04 1.38
C LEU E 669 21.73 -29.19 1.44
N VAL E 670 22.29 -30.06 0.58
CA VAL E 670 23.74 -30.24 0.56
C VAL E 670 24.43 -28.95 0.13
N ALA E 671 23.89 -28.26 -0.86
CA ALA E 671 24.47 -27.01 -1.30
C ALA E 671 24.42 -25.95 -0.21
N CYS E 672 23.31 -25.89 0.53
CA CYS E 672 23.21 -24.96 1.65
C CYS E 672 24.27 -25.24 2.69
N LYS E 673 24.44 -26.52 3.07
CA LYS E 673 25.45 -26.87 4.07
C LYS E 673 26.85 -26.54 3.59
N LEU E 674 27.15 -26.85 2.32
CA LEU E 674 28.48 -26.58 1.79
C LEU E 674 28.78 -25.09 1.76
N CYS E 675 27.81 -24.28 1.33
CA CYS E 675 28.03 -22.84 1.29
C CYS E 675 28.22 -22.28 2.70
N LYS E 676 27.46 -22.78 3.67
CA LYS E 676 27.63 -22.34 5.05
C LYS E 676 29.04 -22.65 5.56
N ALA E 677 29.50 -23.89 5.31
CA ALA E 677 30.84 -24.27 5.75
C ALA E 677 31.93 -23.46 5.08
N MET E 678 31.78 -23.21 3.77
CA MET E 678 32.78 -22.41 3.06
C MET E 678 32.81 -20.98 3.56
N ALA E 679 31.63 -20.40 3.86
CA ALA E 679 31.59 -19.06 4.42
C ALA E 679 32.28 -19.01 5.78
N HIS E 680 32.05 -20.02 6.61
CA HIS E 680 32.73 -20.06 7.91
C HIS E 680 34.23 -20.16 7.74
N GLU E 681 34.69 -21.01 6.82
CA GLU E 681 36.13 -21.16 6.60
C GLU E 681 36.75 -19.85 6.10
N ALA E 682 36.08 -19.17 5.18
CA ALA E 682 36.60 -17.90 4.69
C ALA E 682 36.64 -16.85 5.79
N SER E 683 35.60 -16.80 6.63
CA SER E 683 35.58 -15.85 7.73
C SER E 683 36.68 -16.12 8.74
N GLU E 684 36.95 -17.41 9.00
CA GLU E 684 37.96 -17.75 10.01
C GLU E 684 39.37 -17.39 9.54
N ASN E 685 39.67 -17.62 8.26
CA ASN E 685 40.98 -17.29 7.73
C ASN E 685 41.05 -15.81 7.38
N ASP E 686 42.20 -15.38 6.89
CA ASP E 686 42.44 -13.97 6.56
C ASP E 686 41.93 -13.63 5.16
N MET E 687 40.65 -13.91 4.92
CA MET E 687 40.05 -13.64 3.63
C MET E 687 39.62 -12.17 3.54
N VAL E 688 39.21 -11.77 2.33
CA VAL E 688 38.82 -10.38 2.09
C VAL E 688 37.56 -9.99 2.87
N ASP E 689 36.81 -10.98 3.38
CA ASP E 689 35.60 -10.84 4.17
C ASP E 689 34.41 -10.31 3.37
N ASP E 690 34.60 -9.98 2.09
CA ASP E 690 33.49 -9.71 1.20
C ASP E 690 33.02 -10.97 0.47
N ILE E 691 33.71 -12.08 0.68
CA ILE E 691 33.29 -13.36 0.11
C ILE E 691 32.38 -14.13 1.08
N SER E 692 32.56 -13.92 2.39
CA SER E 692 31.71 -14.59 3.37
C SER E 692 30.26 -14.17 3.21
N GLN E 693 30.00 -12.89 2.96
CA GLN E 693 28.63 -12.42 2.78
C GLN E 693 28.01 -13.04 1.53
N GLU E 694 28.79 -13.13 0.44
CA GLU E 694 28.27 -13.76 -0.78
C GLU E 694 27.96 -15.24 -0.54
N LEU E 695 28.84 -15.94 0.17
CA LEU E 695 28.60 -17.35 0.44
C LEU E 695 27.38 -17.55 1.34
N ASN E 696 27.19 -16.68 2.32
CA ASN E 696 26.01 -16.75 3.16
C ASN E 696 24.74 -16.46 2.37
N HIS E 697 24.82 -15.52 1.42
CA HIS E 697 23.68 -15.26 0.55
C HIS E 697 23.33 -16.49 -0.29
N ASN E 698 24.36 -17.16 -0.82
CA ASN E 698 24.13 -18.38 -1.58
C ASN E 698 23.48 -19.46 -0.73
N SER E 699 23.98 -19.63 0.51
CA SER E 699 23.42 -20.62 1.40
C SER E 699 21.95 -20.32 1.71
N ARG E 700 21.63 -19.06 1.95
CA ARG E 700 20.24 -18.70 2.23
C ARG E 700 19.35 -18.92 1.01
N ASP E 701 19.87 -18.63 -0.18
CA ASP E 701 19.10 -18.89 -1.40
C ASP E 701 18.77 -20.38 -1.54
N PHE E 702 19.76 -21.24 -1.30
CA PHE E 702 19.51 -22.68 -1.41
C PHE E 702 18.55 -23.17 -0.33
N GLY E 703 18.67 -22.63 0.89
CA GLY E 703 17.72 -23.00 1.93
C GLY E 703 16.30 -22.59 1.60
N GLN E 704 16.13 -21.39 1.03
CA GLN E 704 14.80 -20.95 0.63
C GLN E 704 14.24 -21.83 -0.48
N LEU E 705 15.10 -22.24 -1.43
CA LEU E 705 14.64 -23.16 -2.46
C LEU E 705 14.16 -24.48 -1.86
N ALA E 706 14.91 -25.01 -0.89
CA ALA E 706 14.51 -26.26 -0.26
C ALA E 706 13.16 -26.11 0.46
N VAL E 707 12.99 -25.01 1.19
CA VAL E 707 11.74 -24.79 1.92
C VAL E 707 10.56 -24.68 0.96
N GLU E 708 10.73 -23.93 -0.13
CA GLU E 708 9.65 -23.78 -1.09
C GLU E 708 9.30 -25.10 -1.77
N LEU E 709 10.31 -25.90 -2.10
CA LEU E 709 10.05 -27.21 -2.69
C LEU E 709 9.30 -28.11 -1.72
N LEU E 710 9.68 -28.09 -0.44
CA LEU E 710 8.97 -28.87 0.56
C LEU E 710 7.52 -28.43 0.68
N ASP E 711 7.28 -27.11 0.66
CA ASP E 711 5.92 -26.61 0.75
C ASP E 711 5.08 -27.08 -0.45
N GLN E 712 5.65 -26.99 -1.65
CA GLN E 712 4.95 -27.46 -2.84
C GLN E 712 4.62 -28.94 -2.74
N SER E 713 5.60 -29.75 -2.32
CA SER E 713 5.39 -31.19 -2.22
C SER E 713 4.31 -31.52 -1.20
N TYR E 714 4.34 -30.86 -0.05
CA TYR E 714 3.34 -31.12 0.98
C TYR E 714 1.95 -30.71 0.51
N LYS E 715 1.84 -29.60 -0.21
CA LYS E 715 0.55 -29.19 -0.75
C LYS E 715 0.03 -30.18 -1.77
N GLN E 716 0.91 -30.72 -2.62
CA GLN E 716 0.45 -31.59 -3.70
C GLN E 716 0.02 -32.96 -3.17
N ASP E 717 0.81 -33.56 -2.28
CA ASP E 717 0.51 -34.90 -1.76
C ASP E 717 1.27 -35.10 -0.46
N GLU E 718 0.54 -35.29 0.63
CA GLU E 718 1.16 -35.33 1.96
C GLU E 718 1.91 -36.63 2.22
N GLN E 719 1.35 -37.77 1.82
CA GLN E 719 1.99 -39.05 2.10
C GLN E 719 3.31 -39.18 1.36
N LEU E 720 3.33 -38.83 0.07
CA LEU E 720 4.57 -38.86 -0.68
C LEU E 720 5.54 -37.79 -0.21
N ALA E 721 5.03 -36.66 0.30
CA ALA E 721 5.90 -35.66 0.88
C ALA E 721 6.62 -36.20 2.11
N MET E 722 5.91 -36.93 2.97
CA MET E 722 6.56 -37.55 4.12
C MET E 722 7.52 -38.65 3.70
N LYS E 723 7.16 -39.42 2.68
CA LYS E 723 8.06 -40.45 2.19
C LYS E 723 9.33 -39.86 1.58
N LEU E 724 9.24 -38.64 1.05
CA LEU E 724 10.37 -38.01 0.41
C LEU E 724 11.41 -37.53 1.43
N LEU E 725 10.98 -37.25 2.66
CA LEU E 725 11.86 -36.73 3.70
C LEU E 725 12.58 -37.81 4.48
N THR E 726 12.29 -39.09 4.25
CA THR E 726 12.82 -40.16 5.07
C THR E 726 13.55 -41.25 4.31
N TYR E 727 13.39 -41.36 2.99
CA TYR E 727 14.03 -42.44 2.27
C TYR E 727 15.54 -42.24 2.23
N GLU E 728 16.28 -43.34 2.31
CA GLU E 728 17.73 -43.28 2.40
C GLU E 728 18.34 -42.79 1.09
N LEU E 729 19.38 -41.97 1.21
CA LEU E 729 20.05 -41.36 0.05
C LEU E 729 21.38 -42.10 -0.17
N LYS E 730 21.38 -43.05 -1.10
CA LYS E 730 22.60 -43.80 -1.38
C LYS E 730 23.70 -42.88 -1.92
N ASN E 731 23.32 -41.91 -2.75
CA ASN E 731 24.28 -41.02 -3.38
C ASN E 731 24.83 -39.96 -2.43
N TRP E 732 24.23 -39.79 -1.25
CA TRP E 732 24.60 -38.72 -0.32
C TRP E 732 24.93 -39.29 1.06
N SER E 733 25.76 -40.34 1.07
CA SER E 733 26.31 -40.92 2.30
C SER E 733 25.24 -41.57 3.17
N ASN E 734 24.22 -42.15 2.55
CA ASN E 734 23.17 -42.89 3.27
C ASN E 734 22.51 -42.03 4.34
N ALA E 735 22.25 -40.76 4.01
CA ALA E 735 21.56 -39.85 4.89
C ALA E 735 20.11 -39.72 4.45
N THR E 736 19.38 -38.82 5.10
CA THR E 736 18.02 -38.48 4.72
C THR E 736 17.90 -36.97 4.65
N CYS E 737 16.78 -36.50 4.08
CA CYS E 737 16.58 -35.06 3.96
C CYS E 737 16.45 -34.40 5.33
N LEU E 738 15.82 -35.08 6.28
CA LEU E 738 15.69 -34.54 7.63
C LEU E 738 17.05 -34.39 8.29
N GLN E 739 17.92 -35.39 8.15
CA GLN E 739 19.26 -35.31 8.72
C GLN E 739 20.06 -34.18 8.09
N LEU E 740 19.93 -34.01 6.77
CA LEU E 740 20.65 -32.94 6.10
C LEU E 740 20.14 -31.57 6.51
N ALA E 741 18.84 -31.45 6.78
CA ALA E 741 18.31 -30.17 7.24
C ALA E 741 18.74 -29.87 8.67
N VAL E 742 18.84 -30.91 9.51
CA VAL E 742 19.29 -30.71 10.88
C VAL E 742 20.77 -30.35 10.90
N ALA E 743 21.58 -31.00 10.05
CA ALA E 743 23.01 -30.73 10.03
C ALA E 743 23.30 -29.31 9.58
N ALA E 744 22.48 -28.75 8.69
CA ALA E 744 22.64 -27.39 8.24
C ALA E 744 21.97 -26.37 9.17
N LYS E 745 21.33 -26.84 10.23
CA LYS E 745 20.61 -25.98 11.18
C LYS E 745 19.58 -25.11 10.46
N HIS E 746 18.82 -25.72 9.57
CA HIS E 746 17.78 -25.02 8.81
C HIS E 746 16.49 -25.08 9.64
N ARG E 747 16.21 -24.00 10.36
CA ARG E 747 15.07 -24.00 11.28
C ARG E 747 13.74 -23.85 10.57
N ASP E 748 13.69 -23.09 9.47
CA ASP E 748 12.44 -22.96 8.74
C ASP E 748 12.01 -24.26 8.08
N PHE E 749 12.96 -25.18 7.89
CA PHE E 749 12.63 -26.46 7.27
C PHE E 749 12.04 -27.42 8.31
N ILE E 750 12.67 -27.51 9.48
CA ILE E 750 12.19 -28.41 10.53
C ILE E 750 10.88 -27.91 11.12
N ALA E 751 10.70 -26.59 11.18
CA ALA E 751 9.49 -26.02 11.76
C ALA E 751 8.30 -26.03 10.80
N HIS E 752 8.45 -26.62 9.63
CA HIS E 752 7.34 -26.72 8.69
C HIS E 752 6.32 -27.74 9.19
N THR E 753 5.10 -27.63 8.68
CA THR E 753 4.02 -28.50 9.13
C THR E 753 4.30 -29.97 8.82
N CYS E 754 4.82 -30.26 7.62
CA CYS E 754 5.10 -31.63 7.24
C CYS E 754 6.17 -32.25 8.13
N SER E 755 7.23 -31.50 8.40
CA SER E 755 8.29 -32.00 9.28
C SER E 755 7.77 -32.24 10.68
N GLN E 756 6.92 -31.35 11.18
CA GLN E 756 6.38 -31.51 12.52
C GLN E 756 5.47 -32.73 12.61
N MET E 757 4.64 -32.96 11.59
CA MET E 757 3.78 -34.15 11.60
C MET E 757 4.60 -35.43 11.48
N LEU E 758 5.67 -35.40 10.69
CA LEU E 758 6.55 -36.55 10.61
C LEU E 758 7.22 -36.82 11.97
N LEU E 759 7.64 -35.77 12.66
CA LEU E 759 8.22 -35.93 13.99
C LEU E 759 7.21 -36.50 14.97
N THR E 760 5.95 -36.06 14.88
CA THR E 760 4.90 -36.62 15.73
C THR E 760 4.71 -38.11 15.47
N ASP E 761 4.66 -38.50 14.19
CA ASP E 761 4.49 -39.91 13.86
C ASP E 761 5.66 -40.75 14.34
N MET E 762 6.88 -40.21 14.22
CA MET E 762 8.04 -40.93 14.76
C MET E 762 8.02 -40.98 16.27
N TRP E 763 7.45 -39.97 16.91
CA TRP E 763 7.33 -39.94 18.37
C TRP E 763 6.35 -41.00 18.86
N MET E 764 5.25 -41.21 18.13
CA MET E 764 4.25 -42.18 18.56
C MET E 764 4.67 -43.63 18.33
N GLY E 765 5.62 -43.87 17.43
CA GLY E 765 6.08 -45.24 17.21
C GLY E 765 5.09 -46.05 16.41
N ARG E 766 4.77 -47.24 16.91
CA ARG E 766 3.83 -48.15 16.26
C ARG E 766 2.44 -48.09 16.87
N LEU E 767 2.03 -46.92 17.36
CA LEU E 767 0.74 -46.74 18.00
C LEU E 767 -0.13 -45.82 17.16
N ARG E 768 -1.35 -46.24 16.86
CA ARG E 768 -2.28 -45.43 16.09
C ARG E 768 -2.99 -44.40 16.95
N MET E 769 -2.82 -44.44 18.27
CA MET E 769 -3.48 -43.51 19.16
C MET E 769 -3.01 -42.08 18.90
N ARG E 770 -3.95 -41.18 18.65
CA ARG E 770 -3.63 -39.77 18.46
C ARG E 770 -4.59 -38.88 19.23
N LYS E 771 -5.78 -39.41 19.56
CA LYS E 771 -6.84 -38.56 20.10
C LYS E 771 -6.50 -38.07 21.51
N ASN E 772 -6.04 -38.97 22.38
CA ASN E 772 -5.76 -38.59 23.77
C ASN E 772 -4.65 -39.52 24.27
N SER E 773 -3.41 -39.06 24.13
CA SER E 773 -2.25 -39.79 24.59
C SER E 773 -1.89 -39.33 26.00
N GLY E 774 -0.75 -39.79 26.50
CA GLY E 774 -0.35 -39.43 27.84
C GLY E 774 -1.11 -40.19 28.91
N LEU E 775 -2.42 -39.95 28.98
CA LEU E 775 -3.24 -40.67 29.95
C LEU E 775 -3.26 -42.16 29.65
N LYS E 776 -3.42 -42.54 28.38
CA LYS E 776 -3.46 -43.96 28.02
C LYS E 776 -2.08 -44.59 28.11
N VAL E 777 -1.01 -43.82 27.81
CA VAL E 777 0.34 -44.35 27.97
C VAL E 777 0.62 -44.62 29.45
N ILE E 778 0.26 -43.68 30.32
CA ILE E 778 0.46 -43.87 31.76
C ILE E 778 -0.36 -45.05 32.25
N LEU E 779 -1.60 -45.16 31.77
CA LEU E 779 -2.45 -46.29 32.17
C LEU E 779 -1.85 -47.62 31.73
N GLY E 780 -1.29 -47.66 30.52
CA GLY E 780 -0.66 -48.89 30.05
C GLY E 780 0.58 -49.25 30.85
N ILE E 781 1.37 -48.25 31.22
CA ILE E 781 2.54 -48.53 32.06
C ILE E 781 2.10 -49.03 33.43
N LEU E 782 1.06 -48.42 34.00
CA LEU E 782 0.57 -48.85 35.31
C LEU E 782 -0.23 -50.13 35.24
N LEU E 783 -0.97 -50.36 34.15
CA LEU E 783 -1.76 -51.58 33.94
C LEU E 783 -1.22 -52.30 32.71
N PRO E 784 -0.28 -53.22 32.89
CA PRO E 784 0.24 -54.00 31.74
C PRO E 784 -0.86 -54.74 31.00
N PRO E 785 -1.87 -55.30 31.67
CA PRO E 785 -2.99 -55.90 30.90
C PRO E 785 -3.76 -54.89 30.06
N SER E 786 -3.70 -53.60 30.38
CA SER E 786 -4.43 -52.60 29.61
C SER E 786 -3.78 -52.30 28.26
N ILE E 787 -2.57 -52.83 28.02
CA ILE E 787 -1.87 -52.55 26.76
C ILE E 787 -2.65 -53.12 25.57
N LEU E 788 -3.20 -54.32 25.74
CA LEU E 788 -3.84 -55.03 24.64
C LEU E 788 -5.09 -54.33 24.11
N SER E 789 -5.64 -53.36 24.85
CA SER E 789 -6.83 -52.66 24.41
C SER E 789 -6.53 -51.52 23.43
N LEU E 790 -5.26 -51.24 23.17
CA LEU E 790 -4.86 -50.16 22.28
C LEU E 790 -4.78 -50.66 20.83
N GLU E 791 -4.77 -49.71 19.90
CA GLU E 791 -4.68 -50.01 18.49
C GLU E 791 -3.25 -49.77 17.99
N PHE E 792 -2.77 -50.68 17.15
CA PHE E 792 -1.40 -50.66 16.66
C PHE E 792 -1.37 -50.55 15.14
N LYS E 793 -0.27 -50.02 14.63
CA LYS E 793 -0.04 -49.94 13.20
C LYS E 793 0.36 -51.30 12.64
N ASN E 794 0.32 -51.42 11.32
CA ASN E 794 0.67 -52.66 10.65
C ASN E 794 2.16 -52.96 10.75
N GLY E 861 2.09 -60.97 23.75
CA GLY E 861 2.71 -61.47 22.55
C GLY E 861 3.74 -60.52 21.97
N ARG E 862 3.32 -59.73 20.97
CA ARG E 862 4.19 -58.75 20.35
C ARG E 862 3.72 -57.32 20.52
N LYS E 863 2.49 -57.10 21.01
CA LYS E 863 2.06 -55.74 21.31
C LYS E 863 2.83 -55.16 22.49
N ILE E 864 3.27 -56.02 23.42
CA ILE E 864 4.04 -55.54 24.56
C ILE E 864 5.38 -54.98 24.10
N TYR E 865 6.04 -55.69 23.18
CA TYR E 865 7.34 -55.25 22.70
C TYR E 865 7.23 -53.92 21.94
N GLU E 866 6.20 -53.78 21.11
CA GLU E 866 6.04 -52.56 20.34
C GLU E 866 5.55 -51.41 21.22
N PHE E 867 4.86 -51.71 22.31
CA PHE E 867 4.46 -50.67 23.25
C PHE E 867 5.66 -50.16 24.04
N TYR E 868 6.48 -51.06 24.57
CA TYR E 868 7.57 -50.65 25.43
C TYR E 868 8.78 -50.11 24.68
N ASN E 869 8.67 -49.92 23.37
CA ASN E 869 9.77 -49.37 22.58
C ASN E 869 9.42 -48.08 21.87
N ALA E 870 8.18 -47.60 21.98
CA ALA E 870 7.85 -46.29 21.47
C ALA E 870 8.58 -45.22 22.29
N PRO E 871 9.04 -44.14 21.65
CA PRO E 871 9.73 -43.09 22.41
C PRO E 871 8.88 -42.44 23.48
N ILE E 872 7.58 -42.31 23.26
CA ILE E 872 6.71 -41.65 24.23
C ILE E 872 6.57 -42.50 25.50
N VAL E 873 6.51 -43.82 25.35
CA VAL E 873 6.44 -44.70 26.51
C VAL E 873 7.71 -44.60 27.33
N LYS E 874 8.87 -44.59 26.66
CA LYS E 874 10.12 -44.42 27.37
C LYS E 874 10.16 -43.09 28.09
N PHE E 875 9.67 -42.03 27.46
CA PHE E 875 9.65 -40.71 28.09
C PHE E 875 8.79 -40.73 29.35
N TRP E 876 7.61 -41.33 29.29
CA TRP E 876 6.73 -41.34 30.45
C TRP E 876 7.28 -42.21 31.56
N PHE E 877 7.91 -43.33 31.22
CA PHE E 877 8.57 -44.13 32.24
C PHE E 877 9.68 -43.34 32.93
N TYR E 878 10.48 -42.63 32.14
CA TYR E 878 11.54 -41.79 32.69
C TYR E 878 10.98 -40.72 33.61
N THR E 879 9.87 -40.09 33.21
CA THR E 879 9.26 -39.03 34.00
C THR E 879 8.73 -39.57 35.32
N LEU E 880 8.06 -40.72 35.30
CA LEU E 880 7.55 -41.30 36.54
C LEU E 880 8.69 -41.67 37.49
N ALA E 881 9.78 -42.23 36.94
CA ALA E 881 10.92 -42.56 37.79
C ALA E 881 11.52 -41.30 38.41
N TYR E 882 11.63 -40.23 37.63
CA TYR E 882 12.18 -38.99 38.17
C TYR E 882 11.29 -38.42 39.27
N ILE E 883 9.97 -38.48 39.08
CA ILE E 883 9.05 -37.99 40.09
C ILE E 883 9.19 -38.78 41.38
N GLY E 884 9.26 -40.11 41.28
CA GLY E 884 9.45 -40.91 42.48
C GLY E 884 10.76 -40.61 43.18
N TYR E 885 11.83 -40.41 42.40
CA TYR E 885 13.12 -40.06 42.99
C TYR E 885 13.06 -38.72 43.73
N LEU E 886 12.38 -37.73 43.14
CA LEU E 886 12.26 -36.44 43.80
C LEU E 886 11.44 -36.56 45.09
N MET E 887 10.39 -37.38 45.07
CA MET E 887 9.62 -37.62 46.29
C MET E 887 10.48 -38.22 47.39
N LEU E 888 11.30 -39.22 47.05
CA LEU E 888 12.16 -39.84 48.06
C LEU E 888 13.21 -38.85 48.59
N PHE E 889 13.74 -38.00 47.71
CA PHE E 889 14.71 -36.99 48.15
C PHE E 889 14.07 -36.02 49.13
N ASN E 890 12.85 -35.56 48.83
CA ASN E 890 12.13 -34.71 49.76
C ASN E 890 11.95 -35.41 51.10
N TYR E 891 11.55 -36.68 51.07
CA TYR E 891 11.33 -37.42 52.31
C TYR E 891 12.60 -37.47 53.14
N ILE E 892 13.74 -37.81 52.52
CA ILE E 892 14.94 -37.98 53.32
C ILE E 892 15.45 -36.65 53.85
N VAL E 893 15.23 -35.55 53.14
CA VAL E 893 15.70 -34.28 53.70
C VAL E 893 14.75 -33.77 54.79
N LEU E 894 13.47 -34.13 54.74
CA LEU E 894 12.50 -33.61 55.69
C LEU E 894 12.42 -34.40 56.99
N VAL E 895 13.13 -35.53 57.10
CA VAL E 895 13.08 -36.33 58.32
C VAL E 895 14.49 -36.44 58.89
N LYS E 896 14.57 -36.86 60.16
CA LYS E 896 15.83 -36.90 60.86
C LYS E 896 16.70 -38.04 60.35
N MET E 897 18.00 -37.77 60.24
CA MET E 897 18.96 -38.75 59.75
C MET E 897 19.50 -39.60 60.88
N GLU E 898 19.77 -40.87 60.57
CA GLU E 898 20.43 -41.77 61.51
C GLU E 898 21.93 -41.74 61.25
N ARG E 899 22.67 -42.66 61.88
CA ARG E 899 24.11 -42.74 61.63
C ARG E 899 24.39 -43.17 60.20
N TRP E 900 23.70 -44.21 59.73
CA TRP E 900 23.88 -44.75 58.39
C TRP E 900 22.65 -44.49 57.54
N PRO E 901 22.79 -44.45 56.22
CA PRO E 901 21.65 -44.14 55.35
C PRO E 901 20.52 -45.15 55.49
N SER E 902 19.31 -44.65 55.27
CA SER E 902 18.10 -45.47 55.27
C SER E 902 17.87 -46.07 53.88
N THR E 903 16.79 -46.83 53.74
CA THR E 903 16.48 -47.46 52.46
C THR E 903 16.17 -46.41 51.40
N GLN E 904 15.39 -45.39 51.75
CA GLN E 904 15.08 -44.33 50.80
C GLN E 904 16.35 -43.58 50.38
N GLU E 905 17.25 -43.35 51.33
CA GLU E 905 18.52 -42.70 51.01
C GLU E 905 19.35 -43.56 50.08
N TRP E 906 19.35 -44.88 50.30
CA TRP E 906 20.06 -45.77 49.39
C TRP E 906 19.48 -45.70 47.99
N ILE E 907 18.15 -45.64 47.87
CA ILE E 907 17.52 -45.54 46.56
C ILE E 907 17.92 -44.23 45.89
N VAL E 908 17.96 -43.14 46.65
CA VAL E 908 18.36 -41.85 46.08
C VAL E 908 19.80 -41.89 45.59
N ILE E 909 20.69 -42.48 46.39
CA ILE E 909 22.10 -42.58 46.00
C ILE E 909 22.23 -43.43 44.75
N SER E 910 21.48 -44.53 44.68
CA SER E 910 21.53 -45.40 43.50
C SER E 910 21.04 -44.68 42.26
N TYR E 911 19.96 -43.91 42.38
CA TYR E 911 19.49 -43.13 41.23
C TYR E 911 20.55 -42.14 40.78
N ILE E 912 21.18 -41.43 41.72
CA ILE E 912 22.19 -40.45 41.34
C ILE E 912 23.35 -41.12 40.62
N PHE E 913 23.80 -42.26 41.17
CA PHE E 913 24.93 -42.99 40.58
C PHE E 913 24.60 -43.52 39.19
N THR E 914 23.40 -44.08 39.02
CA THR E 914 23.01 -44.61 37.71
C THR E 914 22.88 -43.50 36.69
N LEU E 915 22.31 -42.36 37.08
CA LEU E 915 22.25 -41.22 36.16
C LEU E 915 23.65 -40.73 35.80
N GLY E 916 24.56 -40.70 36.78
CA GLY E 916 25.92 -40.26 36.50
C GLY E 916 26.63 -41.18 35.52
N ILE E 917 26.51 -42.49 35.73
CA ILE E 917 27.19 -43.42 34.81
C ILE E 917 26.53 -43.39 33.43
N GLU E 918 25.21 -43.16 33.37
CA GLU E 918 24.56 -43.03 32.07
C GLU E 918 25.06 -41.80 31.32
N LYS E 919 25.21 -40.67 32.03
CA LYS E 919 25.76 -39.47 31.40
C LYS E 919 27.20 -39.70 30.97
N MET E 920 27.97 -40.45 31.78
CA MET E 920 29.35 -40.76 31.42
C MET E 920 29.40 -41.59 30.14
N ARG E 921 28.56 -42.62 30.04
CA ARG E 921 28.59 -43.50 28.88
C ARG E 921 27.97 -42.88 27.63
N GLU E 922 27.08 -41.91 27.77
CA GLU E 922 26.57 -41.23 26.58
C GLU E 922 27.60 -40.30 25.97
N ILE E 923 28.68 -40.00 26.68
CA ILE E 923 29.78 -39.24 26.11
C ILE E 923 30.70 -40.10 25.25
N LEU E 924 30.79 -41.40 25.54
CA LEU E 924 31.63 -42.31 24.77
C LEU E 924 30.96 -42.80 23.49
N MET E 925 29.68 -42.46 23.28
CA MET E 925 28.98 -42.79 22.05
C MET E 925 28.78 -41.58 21.16
N SER E 926 29.55 -40.51 21.39
CA SER E 926 29.47 -39.34 20.56
C SER E 926 30.21 -39.56 19.24
N GLU E 927 29.88 -38.72 18.26
CA GLU E 927 30.44 -38.88 16.92
C GLU E 927 31.97 -38.73 16.87
N PRO E 928 32.58 -37.70 17.45
CA PRO E 928 34.04 -37.55 17.33
C PRO E 928 34.78 -38.73 17.95
N GLY E 929 35.92 -39.07 17.33
CA GLY E 929 36.73 -40.17 17.81
C GLY E 929 37.71 -39.84 18.91
N LYS E 930 37.87 -38.57 19.24
CA LYS E 930 38.79 -38.15 20.29
C LYS E 930 38.07 -38.08 21.63
N LEU E 931 38.74 -38.58 22.68
CA LEU E 931 38.16 -38.52 24.01
C LEU E 931 37.98 -37.08 24.47
N LEU E 932 38.95 -36.22 24.17
CA LEU E 932 38.90 -34.83 24.57
C LEU E 932 38.08 -33.96 23.63
N GLN E 933 37.61 -34.50 22.51
CA GLN E 933 36.72 -33.76 21.63
C GLN E 933 35.26 -34.05 21.92
N LYS E 934 34.95 -35.27 22.37
CA LYS E 934 33.56 -35.59 22.75
C LYS E 934 33.14 -34.80 23.98
N VAL E 935 34.07 -34.57 24.92
CA VAL E 935 33.74 -33.80 26.12
C VAL E 935 33.39 -32.36 25.75
N LYS E 936 34.18 -31.75 24.87
CA LYS E 936 33.96 -30.35 24.53
C LYS E 936 32.68 -30.13 23.73
N VAL E 937 32.18 -31.16 23.03
CA VAL E 937 30.90 -31.03 22.34
C VAL E 937 29.74 -31.45 23.23
N TRP E 938 29.97 -32.31 24.23
CA TRP E 938 28.94 -32.62 25.20
C TRP E 938 28.69 -31.45 26.14
N LEU E 939 29.73 -30.65 26.41
CA LEU E 939 29.59 -29.48 27.26
C LEU E 939 29.02 -28.28 26.54
N GLN E 940 28.42 -28.47 25.37
CA GLN E 940 27.77 -27.38 24.65
C GLN E 940 26.36 -27.11 25.16
N GLU E 941 25.82 -27.96 26.03
CA GLU E 941 24.50 -27.79 26.60
C GLU E 941 24.63 -27.41 28.07
N TYR E 942 23.86 -26.39 28.47
CA TYR E 942 23.93 -25.92 29.85
C TYR E 942 23.39 -26.96 30.83
N TRP E 943 22.38 -27.73 30.42
CA TRP E 943 21.82 -28.73 31.32
C TRP E 943 22.85 -29.80 31.66
N ASN E 944 23.70 -30.18 30.71
CA ASN E 944 24.75 -31.16 30.99
C ASN E 944 25.76 -30.63 32.00
N VAL E 945 26.18 -29.38 31.85
CA VAL E 945 27.13 -28.79 32.79
C VAL E 945 26.51 -28.70 34.19
N THR E 946 25.25 -28.27 34.27
CA THR E 946 24.59 -28.18 35.56
C THR E 946 24.41 -29.55 36.20
N ASP E 947 24.09 -30.56 35.39
CA ASP E 947 23.99 -31.92 35.90
C ASP E 947 25.32 -32.41 36.46
N LEU E 948 26.41 -32.13 35.75
CA LEU E 948 27.73 -32.53 36.24
C LEU E 948 28.06 -31.85 37.55
N ILE E 949 27.80 -30.54 37.64
CA ILE E 949 28.09 -29.80 38.88
C ILE E 949 27.25 -30.34 40.03
N ALA E 950 25.97 -30.62 39.77
CA ALA E 950 25.10 -31.14 40.81
C ALA E 950 25.55 -32.52 41.29
N ILE E 951 25.98 -33.37 40.36
CA ILE E 951 26.43 -34.70 40.76
C ILE E 951 27.71 -34.62 41.57
N LEU E 952 28.64 -33.73 41.20
CA LEU E 952 29.85 -33.55 42.00
C LEU E 952 29.51 -33.05 43.40
N LEU E 953 28.60 -32.09 43.50
CA LEU E 953 28.22 -31.56 44.80
C LEU E 953 27.55 -32.62 45.66
N PHE E 954 26.68 -33.43 45.06
CA PHE E 954 26.04 -34.51 45.80
C PHE E 954 27.06 -35.54 46.27
N SER E 955 28.05 -35.85 45.43
CA SER E 955 29.09 -36.80 45.83
C SER E 955 29.88 -36.26 47.02
N VAL E 956 30.23 -34.98 46.99
CA VAL E 956 30.95 -34.38 48.11
C VAL E 956 30.10 -34.45 49.38
N GLY E 957 28.82 -34.08 49.27
CA GLY E 957 27.95 -34.12 50.43
C GLY E 957 27.73 -35.52 50.98
N MET E 958 27.71 -36.52 50.09
CA MET E 958 27.52 -37.90 50.54
C MET E 958 28.77 -38.44 51.23
N ILE E 959 29.95 -38.14 50.69
CA ILE E 959 31.16 -38.64 51.34
C ILE E 959 31.41 -37.89 52.64
N LEU E 960 30.92 -36.66 52.75
CA LEU E 960 31.03 -35.92 54.00
C LEU E 960 29.94 -36.29 55.00
N ARG E 961 28.88 -36.96 54.56
CA ARG E 961 27.78 -37.31 55.46
C ARG E 961 28.08 -38.57 56.26
N LEU E 962 28.92 -39.46 55.75
CA LEU E 962 29.23 -40.72 56.40
C LEU E 962 30.43 -40.58 57.34
N GLN E 963 30.40 -39.59 58.21
CA GLN E 963 31.54 -39.26 59.05
C GLN E 963 31.01 -38.74 60.40
N ASP E 964 31.88 -38.09 61.16
CA ASP E 964 31.54 -37.63 62.49
C ASP E 964 30.55 -36.47 62.41
N GLN E 965 30.03 -36.08 63.58
CA GLN E 965 28.82 -35.26 63.62
C GLN E 965 28.92 -33.93 62.88
N PRO E 966 29.96 -33.10 63.07
CA PRO E 966 30.00 -31.85 62.30
C PRO E 966 30.03 -32.07 60.79
N PHE E 967 30.79 -33.07 60.35
CA PHE E 967 30.83 -33.38 58.92
C PHE E 967 29.48 -33.91 58.44
N ARG E 968 28.79 -34.68 59.28
CA ARG E 968 27.46 -35.15 58.92
C ARG E 968 26.49 -33.99 58.75
N SER E 969 26.57 -33.00 59.64
CA SER E 969 25.71 -31.82 59.51
C SER E 969 26.04 -31.03 58.24
N ASP E 970 27.33 -30.89 57.93
CA ASP E 970 27.70 -30.20 56.70
C ASP E 970 27.19 -30.93 55.47
N GLY E 971 27.29 -32.27 55.47
CA GLY E 971 26.77 -33.04 54.35
C GLY E 971 25.26 -32.91 54.21
N ARG E 972 24.56 -32.89 55.34
CA ARG E 972 23.10 -32.71 55.31
C ARG E 972 22.74 -31.35 54.72
N VAL E 973 23.49 -30.31 55.10
CA VAL E 973 23.24 -28.98 54.54
C VAL E 973 23.52 -28.99 53.03
N ILE E 974 24.53 -29.74 52.61
CA ILE E 974 24.81 -29.86 51.18
C ILE E 974 23.65 -30.53 50.47
N TYR E 975 23.07 -31.57 51.08
CA TYR E 975 21.88 -32.20 50.51
C TYR E 975 20.74 -31.21 50.36
N CYS E 976 20.51 -30.41 51.41
CA CYS E 976 19.42 -29.44 51.40
C CYS E 976 19.61 -28.41 50.29
N VAL E 977 20.85 -27.94 50.09
CA VAL E 977 21.10 -27.01 48.99
C VAL E 977 20.95 -27.71 47.65
N ASN E 978 21.33 -28.98 47.57
CA ASN E 978 21.33 -29.71 46.30
C ASN E 978 19.92 -29.99 45.81
N ILE E 979 18.96 -30.18 46.73
CA ILE E 979 17.60 -30.52 46.31
C ILE E 979 16.95 -29.43 45.47
N ILE E 980 17.41 -28.18 45.60
CA ILE E 980 16.82 -27.08 44.86
C ILE E 980 17.04 -27.27 43.36
N TYR E 981 18.23 -27.72 42.96
CA TYR E 981 18.49 -27.94 41.54
C TYR E 981 17.60 -29.04 40.98
N TRP E 982 17.41 -30.12 41.73
CA TRP E 982 16.55 -31.20 41.23
C TRP E 982 15.10 -30.77 41.18
N TYR E 983 14.68 -29.84 42.03
CA TYR E 983 13.37 -29.23 41.87
C TYR E 983 13.30 -28.40 40.59
N ILE E 984 14.30 -27.57 40.35
CA ILE E 984 14.28 -26.67 39.19
C ILE E 984 14.36 -27.45 37.89
N ARG E 985 14.96 -28.64 37.91
CA ARG E 985 15.15 -29.44 36.71
C ARG E 985 13.84 -29.95 36.12
N LEU E 986 12.72 -29.83 36.84
CA LEU E 986 11.42 -30.23 36.29
C LEU E 986 11.02 -29.40 35.08
N LEU E 987 11.58 -28.21 34.92
CA LEU E 987 11.26 -27.40 33.75
C LEU E 987 11.77 -28.04 32.46
N ASP E 988 12.90 -28.75 32.55
CA ASP E 988 13.40 -29.50 31.40
C ASP E 988 12.40 -30.56 30.97
N ILE E 989 11.77 -31.25 31.92
CA ILE E 989 10.73 -32.22 31.60
C ILE E 989 9.49 -31.51 31.05
N PHE E 990 9.13 -30.37 31.64
CA PHE E 990 7.97 -29.62 31.17
C PHE E 990 8.15 -29.14 29.74
N GLY E 991 9.40 -28.97 29.30
CA GLY E 991 9.68 -28.50 27.95
C GLY E 991 9.12 -29.37 26.84
N VAL E 992 8.54 -30.52 27.16
CA VAL E 992 7.92 -31.37 26.14
C VAL E 992 6.52 -30.87 25.80
N ASN E 993 5.86 -30.18 26.74
CA ASN E 993 4.54 -29.64 26.48
C ASN E 993 4.59 -28.56 25.41
N LYS E 994 3.52 -28.49 24.62
CA LYS E 994 3.47 -27.54 23.50
C LYS E 994 3.45 -26.11 23.98
N TYR E 995 2.97 -25.86 25.19
CA TYR E 995 2.83 -24.50 25.71
C TYR E 995 3.87 -24.14 26.75
N LEU E 996 4.33 -25.10 27.55
CA LEU E 996 5.26 -24.79 28.63
C LEU E 996 6.69 -24.57 28.15
N GLY E 997 7.12 -25.26 27.10
CA GLY E 997 8.47 -25.14 26.60
C GLY E 997 8.83 -23.75 26.11
N PRO E 998 8.03 -23.19 25.21
CA PRO E 998 8.28 -21.80 24.78
C PRO E 998 8.27 -20.80 25.93
N TYR E 999 7.43 -21.00 26.95
CA TYR E 999 7.42 -20.10 28.09
C TYR E 999 8.74 -20.17 28.85
N VAL E 1000 9.30 -21.37 29.03
CA VAL E 1000 10.58 -21.50 29.71
C VAL E 1000 11.69 -20.83 28.90
N MET E 1001 11.65 -20.98 27.57
CA MET E 1001 12.61 -20.28 26.73
C MET E 1001 12.49 -18.77 26.88
N MET E 1002 11.26 -18.25 26.93
CA MET E 1002 11.06 -16.82 27.11
C MET E 1002 11.61 -16.35 28.46
N ILE E 1003 11.40 -17.14 29.51
CA ILE E 1003 11.95 -16.79 30.82
C ILE E 1003 13.47 -16.69 30.75
N GLY E 1004 14.09 -17.69 30.13
CA GLY E 1004 15.54 -17.66 29.98
C GLY E 1004 16.02 -16.44 29.21
N LYS E 1005 15.27 -16.02 28.19
CA LYS E 1005 15.67 -14.86 27.41
C LYS E 1005 15.46 -13.55 28.17
N MET E 1006 14.44 -13.48 29.03
CA MET E 1006 14.18 -12.25 29.78
C MET E 1006 15.09 -12.09 31.00
N MET E 1007 15.74 -13.16 31.44
CA MET E 1007 16.65 -13.03 32.58
C MET E 1007 17.75 -12.01 32.34
N ILE E 1008 18.22 -11.86 31.08
CA ILE E 1008 19.31 -10.91 30.80
C ILE E 1008 18.82 -9.47 30.99
N ASP E 1009 17.62 -9.16 30.49
CA ASP E 1009 17.06 -7.83 30.69
C ASP E 1009 16.84 -7.55 32.17
N MET E 1010 16.43 -8.58 32.93
CA MET E 1010 16.30 -8.38 34.38
C MET E 1010 17.64 -8.08 35.03
N MET E 1011 18.69 -8.78 34.61
N MET E 1011 18.69 -8.80 34.60
CA MET E 1011 20.01 -8.56 35.19
CA MET E 1011 20.02 -8.58 35.16
C MET E 1011 20.56 -7.18 34.87
C MET E 1011 20.52 -7.17 34.89
N TYR E 1012 20.23 -6.63 33.70
CA TYR E 1012 20.69 -5.29 33.37
C TYR E 1012 20.06 -4.21 34.25
N PHE E 1013 18.94 -4.49 34.92
CA PHE E 1013 18.34 -3.55 35.85
C PHE E 1013 18.69 -3.84 37.31
N VAL E 1014 19.03 -5.09 37.62
CA VAL E 1014 19.46 -5.44 38.97
C VAL E 1014 20.67 -4.61 39.39
N ILE E 1015 21.56 -4.27 38.45
CA ILE E 1015 22.77 -3.53 38.77
C ILE E 1015 22.44 -2.11 39.23
N ILE E 1016 21.56 -1.43 38.48
CA ILE E 1016 21.14 -0.08 38.86
C ILE E 1016 20.42 -0.10 40.20
N MET E 1017 19.54 -1.08 40.39
CA MET E 1017 18.84 -1.19 41.66
C MET E 1017 19.82 -1.40 42.81
N LEU E 1018 20.86 -2.20 42.58
CA LEU E 1018 21.87 -2.43 43.61
C LEU E 1018 22.62 -1.15 43.94
N VAL E 1019 22.94 -0.35 42.93
CA VAL E 1019 23.64 0.92 43.19
C VAL E 1019 22.81 1.80 44.10
N VAL E 1020 21.53 1.98 43.76
CA VAL E 1020 20.67 2.85 44.56
C VAL E 1020 20.50 2.28 45.98
N LEU E 1021 20.28 0.98 46.08
CA LEU E 1021 20.09 0.33 47.37
C LEU E 1021 21.33 0.49 48.26
N MET E 1022 22.51 0.29 47.70
CA MET E 1022 23.73 0.40 48.50
C MET E 1022 23.96 1.84 48.96
N SER E 1023 23.67 2.81 48.09
CA SER E 1023 23.79 4.21 48.52
C SER E 1023 22.90 4.47 49.73
N PHE E 1024 21.62 4.10 49.65
CA PHE E 1024 20.70 4.35 50.75
C PHE E 1024 21.14 3.63 52.02
N GLY E 1025 21.53 2.35 51.89
CA GLY E 1025 21.89 1.58 53.06
C GLY E 1025 23.13 2.10 53.77
N VAL E 1026 24.15 2.47 52.99
CA VAL E 1026 25.37 3.02 53.59
C VAL E 1026 25.05 4.33 54.29
N ALA E 1027 24.25 5.20 53.66
CA ALA E 1027 23.90 6.47 54.29
C ALA E 1027 23.18 6.24 55.62
N ARG E 1028 22.18 5.36 55.62
CA ARG E 1028 21.41 5.13 56.84
C ARG E 1028 22.27 4.56 57.95
N GLN E 1029 23.07 3.55 57.63
CA GLN E 1029 23.91 2.92 58.65
C GLN E 1029 24.93 3.90 59.21
N ALA E 1030 25.54 4.72 58.34
CA ALA E 1030 26.53 5.67 58.81
C ALA E 1030 25.90 6.72 59.72
N ILE E 1031 24.72 7.24 59.34
CA ILE E 1031 24.11 8.29 60.14
C ILE E 1031 23.65 7.76 61.48
N LEU E 1032 22.94 6.63 61.49
CA LEU E 1032 22.28 6.19 62.73
C LEU E 1032 23.23 5.58 63.75
N PHE E 1033 24.37 5.04 63.32
CA PHE E 1033 25.29 4.33 64.21
C PHE E 1033 26.69 4.90 64.05
N PRO E 1034 27.00 5.99 64.74
CA PRO E 1034 28.29 6.67 64.53
C PRO E 1034 29.44 6.23 65.45
N ASN E 1035 29.28 5.16 66.21
CA ASN E 1035 30.31 4.71 67.15
C ASN E 1035 30.59 3.22 66.98
N GLU E 1036 30.76 2.79 65.74
CA GLU E 1036 30.96 1.38 65.42
C GLU E 1036 32.44 1.06 65.23
N GLU E 1037 32.79 -0.17 65.53
CA GLU E 1037 34.07 -0.84 65.43
C GLU E 1037 34.11 -1.68 64.16
N PRO E 1038 35.28 -1.83 63.53
CA PRO E 1038 35.37 -2.67 62.32
C PRO E 1038 34.86 -4.08 62.59
N SER E 1039 33.81 -4.46 61.87
CA SER E 1039 33.19 -5.76 62.04
C SER E 1039 32.55 -6.17 60.71
N TRP E 1040 32.34 -7.48 60.56
CA TRP E 1040 31.71 -7.98 59.34
C TRP E 1040 30.21 -7.75 59.31
N LYS E 1041 29.59 -7.47 60.46
CA LYS E 1041 28.16 -7.18 60.48
C LYS E 1041 27.83 -5.89 59.73
N LEU E 1042 28.80 -5.01 59.56
CA LEU E 1042 28.56 -3.78 58.81
C LEU E 1042 28.23 -4.09 57.35
N ALA E 1043 28.92 -5.07 56.77
CA ALA E 1043 28.65 -5.44 55.38
C ALA E 1043 27.25 -6.05 55.22
N LYS E 1044 26.68 -6.58 56.30
CA LYS E 1044 25.37 -7.19 56.22
C LYS E 1044 24.25 -6.16 56.34
N ASN E 1045 24.44 -5.15 57.20
CA ASN E 1045 23.40 -4.16 57.44
C ASN E 1045 23.21 -3.20 56.27
N ILE E 1046 24.15 -3.16 55.32
CA ILE E 1046 24.01 -2.31 54.16
C ILE E 1046 22.92 -2.85 53.22
N PHE E 1047 22.86 -4.17 53.07
CA PHE E 1047 22.03 -4.80 52.04
C PHE E 1047 20.73 -5.38 52.57
N TYR E 1048 20.72 -5.86 53.81
CA TYR E 1048 19.63 -6.68 54.35
C TYR E 1048 18.28 -5.96 54.36
N MET E 1049 18.16 -4.94 55.20
CA MET E 1049 16.91 -4.23 55.42
C MET E 1049 16.51 -3.38 54.22
N PRO E 1050 17.44 -2.65 53.57
CA PRO E 1050 17.05 -1.94 52.34
C PRO E 1050 16.51 -2.87 51.27
N TYR E 1051 16.99 -4.11 51.21
CA TYR E 1051 16.44 -5.06 50.25
C TYR E 1051 15.06 -5.55 50.67
N TRP E 1052 14.88 -5.85 51.96
CA TRP E 1052 13.57 -6.32 52.41
C TRP E 1052 12.51 -5.24 52.27
N MET E 1053 12.91 -3.97 52.35
CA MET E 1053 11.93 -2.88 52.33
C MET E 1053 11.16 -2.84 51.02
N ILE E 1054 11.84 -3.04 49.89
CA ILE E 1054 11.23 -2.83 48.59
C ILE E 1054 10.27 -3.97 48.25
N TYR E 1055 10.19 -4.97 49.11
CA TYR E 1055 9.25 -6.07 48.94
C TYR E 1055 8.10 -6.00 49.92
N GLY E 1056 7.80 -4.81 50.43
CA GLY E 1056 6.66 -4.58 51.29
C GLY E 1056 6.97 -4.49 52.76
N GLU E 1057 8.15 -4.93 53.19
CA GLU E 1057 8.51 -4.90 54.61
C GLU E 1057 9.07 -3.52 54.96
N VAL E 1058 8.17 -2.55 55.08
CA VAL E 1058 8.51 -1.20 55.48
C VAL E 1058 8.07 -1.00 56.92
N PHE E 1059 8.98 -0.58 57.77
CA PHE E 1059 8.70 -0.34 59.19
C PHE E 1059 9.33 0.99 59.58
N ALA E 1060 8.50 2.02 59.71
CA ALA E 1060 9.02 3.36 59.96
C ALA E 1060 9.66 3.48 61.33
N ASP E 1061 9.22 2.66 62.30
CA ASP E 1061 9.78 2.73 63.64
C ASP E 1061 11.18 2.15 63.72
N GLN E 1062 11.61 1.41 62.70
CA GLN E 1062 12.96 0.85 62.65
C GLN E 1062 13.87 1.57 61.67
N ILE E 1063 13.34 2.06 60.55
CA ILE E 1063 14.16 2.83 59.62
C ILE E 1063 14.60 4.15 60.27
N ASP E 1064 13.72 4.75 61.07
CA ASP E 1064 14.03 5.99 61.78
C ASP E 1064 13.42 5.90 63.17
N PRO E 1065 14.17 5.38 64.15
CA PRO E 1065 13.61 5.26 65.50
C PRO E 1065 13.39 6.63 66.11
N PRO E 1066 12.40 6.76 66.99
CA PRO E 1066 12.16 8.05 67.65
C PRO E 1066 13.29 8.42 68.59
N CYS E 1067 13.40 9.72 68.85
CA CYS E 1067 14.45 10.24 69.72
C CYS E 1067 14.15 11.67 70.15
N GLN E 1080 13.24 10.09 78.56
CA GLN E 1080 13.09 8.64 78.50
C GLN E 1080 13.73 8.09 77.22
N LEU E 1081 13.38 8.68 76.09
CA LEU E 1081 13.95 8.26 74.82
C LEU E 1081 15.42 8.64 74.73
N PRO E 1082 16.23 7.87 74.01
CA PRO E 1082 17.64 8.20 73.90
C PRO E 1082 17.82 9.52 73.17
N PRO E 1083 18.94 10.21 73.41
CA PRO E 1083 19.16 11.50 72.75
C PRO E 1083 19.20 11.34 71.23
N CYS E 1084 18.76 12.39 70.54
CA CYS E 1084 18.67 12.37 69.09
C CYS E 1084 20.06 12.38 68.47
N LYS E 1085 20.30 11.44 67.56
CA LYS E 1085 21.51 11.47 66.77
C LYS E 1085 21.51 12.68 65.84
N THR E 1086 22.69 13.24 65.63
CA THR E 1086 22.82 14.40 64.74
C THR E 1086 22.38 14.03 63.33
N GLY E 1087 21.42 14.79 62.80
CA GLY E 1087 20.95 14.54 61.45
C GLY E 1087 20.05 13.33 61.28
N ALA E 1088 19.40 12.89 62.36
CA ALA E 1088 18.53 11.72 62.28
C ALA E 1088 17.26 11.99 61.47
N TRP E 1089 16.93 13.24 61.20
CA TRP E 1089 15.73 13.58 60.44
C TRP E 1089 15.89 13.38 58.94
N ILE E 1090 17.11 13.14 58.46
CA ILE E 1090 17.34 12.96 57.03
C ILE E 1090 16.99 11.54 56.57
N VAL E 1091 16.99 10.58 57.50
CA VAL E 1091 16.74 9.19 57.11
C VAL E 1091 15.35 9.01 56.50
N PRO E 1092 14.26 9.52 57.08
CA PRO E 1092 12.96 9.39 56.40
C PRO E 1092 12.91 10.05 55.03
N ALA E 1093 13.60 11.18 54.84
CA ALA E 1093 13.58 11.84 53.54
C ALA E 1093 14.30 11.02 52.48
N ILE E 1094 15.50 10.53 52.79
CA ILE E 1094 16.20 9.70 51.83
C ILE E 1094 15.46 8.38 51.61
N MET E 1095 14.76 7.88 52.65
CA MET E 1095 13.95 6.68 52.48
C MET E 1095 12.79 6.91 51.52
N ALA E 1096 12.13 8.06 51.62
CA ALA E 1096 11.05 8.38 50.70
C ALA E 1096 11.56 8.46 49.27
N CYS E 1097 12.69 9.14 49.07
CA CYS E 1097 13.26 9.23 47.73
C CYS E 1097 13.64 7.86 47.19
N TYR E 1098 14.23 7.01 48.05
CA TYR E 1098 14.63 5.68 47.64
C TYR E 1098 13.43 4.83 47.23
N LEU E 1099 12.36 4.86 48.02
CA LEU E 1099 11.16 4.10 47.69
C LEU E 1099 10.56 4.59 46.37
N LEU E 1100 10.51 5.91 46.18
CA LEU E 1100 9.95 6.43 44.93
C LEU E 1100 10.78 5.99 43.73
N VAL E 1101 12.11 6.04 43.85
CA VAL E 1101 12.97 5.65 42.73
C VAL E 1101 12.85 4.15 42.45
N ALA E 1102 12.81 3.32 43.49
CA ALA E 1102 12.85 1.88 43.31
C ALA E 1102 11.50 1.33 42.84
N ASN E 1103 10.44 1.58 43.60
CA ASN E 1103 9.17 0.89 43.37
C ASN E 1103 8.33 1.51 42.27
N ILE E 1104 8.63 2.71 41.81
CA ILE E 1104 7.81 3.40 40.83
C ILE E 1104 8.52 3.54 39.49
N LEU E 1105 9.78 3.99 39.51
CA LEU E 1105 10.47 4.29 38.26
C LEU E 1105 11.06 3.03 37.62
N LEU E 1106 11.94 2.34 38.33
CA LEU E 1106 12.66 1.22 37.74
C LEU E 1106 11.72 0.04 37.47
N VAL E 1107 10.78 -0.22 38.36
CA VAL E 1107 9.86 -1.34 38.17
C VAL E 1107 9.01 -1.12 36.93
N ASN E 1108 8.47 0.09 36.77
CA ASN E 1108 7.64 0.38 35.61
C ASN E 1108 8.45 0.38 34.32
N LEU E 1109 9.71 0.85 34.39
CA LEU E 1109 10.55 0.79 33.20
C LEU E 1109 10.84 -0.65 32.80
N LEU E 1110 11.09 -1.52 33.77
CA LEU E 1110 11.30 -2.94 33.47
C LEU E 1110 10.04 -3.58 32.88
N ILE E 1111 8.87 -3.18 33.41
CA ILE E 1111 7.62 -3.67 32.85
C ILE E 1111 7.49 -3.25 31.39
N ALA E 1112 7.82 -2.00 31.08
CA ALA E 1112 7.75 -1.53 29.69
C ALA E 1112 8.74 -2.28 28.80
N VAL E 1113 9.94 -2.57 29.32
CA VAL E 1113 10.93 -3.31 28.54
C VAL E 1113 10.42 -4.71 28.23
N PHE E 1114 9.84 -5.38 29.22
CA PHE E 1114 9.27 -6.71 28.98
C PHE E 1114 8.13 -6.65 27.99
N ASN E 1115 7.29 -5.61 28.10
CA ASN E 1115 6.11 -5.51 27.25
C ASN E 1115 6.48 -5.28 25.80
N ASN E 1116 7.50 -4.46 25.55
CA ASN E 1116 7.81 -4.03 24.19
C ASN E 1116 8.76 -4.95 23.45
N THR E 1117 9.17 -6.07 24.05
CA THR E 1117 10.04 -7.04 23.38
C THR E 1117 9.42 -8.43 23.36
N PHE E 1118 8.15 -8.54 23.75
CA PHE E 1118 7.49 -9.83 23.92
C PHE E 1118 7.25 -10.56 22.61
N PHE E 1119 6.89 -9.84 21.55
CA PHE E 1119 6.45 -10.48 20.31
C PHE E 1119 7.58 -11.24 19.63
N GLU E 1120 8.73 -10.58 19.44
CA GLU E 1120 9.84 -11.22 18.77
C GLU E 1120 10.41 -12.36 19.59
N VAL E 1121 10.50 -12.17 20.92
CA VAL E 1121 10.99 -13.23 21.79
C VAL E 1121 10.07 -14.44 21.71
N LYS E 1122 8.75 -14.22 21.71
CA LYS E 1122 7.80 -15.31 21.63
C LYS E 1122 7.94 -16.07 20.31
N SER E 1123 8.06 -15.34 19.19
CA SER E 1123 8.18 -16.01 17.90
C SER E 1123 9.46 -16.82 17.80
N ILE E 1124 10.58 -16.24 18.26
CA ILE E 1124 11.85 -16.96 18.21
C ILE E 1124 11.80 -18.19 19.10
N SER E 1125 11.18 -18.08 20.27
CA SER E 1125 11.08 -19.23 21.17
C SER E 1125 10.25 -20.34 20.55
N ASN E 1126 9.15 -19.99 19.89
CA ASN E 1126 8.35 -21.01 19.21
C ASN E 1126 9.16 -21.73 18.14
N GLN E 1127 9.89 -20.97 17.32
CA GLN E 1127 10.69 -21.59 16.26
C GLN E 1127 11.76 -22.49 16.84
N VAL E 1128 12.43 -22.06 17.92
CA VAL E 1128 13.50 -22.85 18.50
C VAL E 1128 12.96 -24.12 19.14
N TRP E 1129 11.79 -24.04 19.79
CA TRP E 1129 11.19 -25.24 20.37
C TRP E 1129 10.82 -26.25 19.29
N LYS E 1130 10.22 -25.76 18.20
CA LYS E 1130 9.87 -26.65 17.09
C LYS E 1130 11.12 -27.30 16.50
N PHE E 1131 12.21 -26.54 16.38
CA PHE E 1131 13.45 -27.13 15.89
C PHE E 1131 13.99 -28.18 16.84
N GLN E 1132 13.92 -27.92 18.14
CA GLN E 1132 14.54 -28.80 19.13
C GLN E 1132 13.73 -30.04 19.45
N ARG E 1133 12.49 -30.14 18.97
CA ARG E 1133 11.75 -31.39 19.12
C ARG E 1133 12.53 -32.59 18.55
N TYR E 1134 13.28 -32.37 17.46
CA TYR E 1134 13.96 -33.47 16.78
C TYR E 1134 14.97 -34.15 17.67
N GLN E 1135 15.78 -33.37 18.39
CA GLN E 1135 16.80 -33.96 19.25
C GLN E 1135 16.18 -34.72 20.42
N LEU E 1136 15.06 -34.23 20.95
CA LEU E 1136 14.36 -34.96 21.99
C LEU E 1136 13.90 -36.32 21.48
N ILE E 1137 13.30 -36.34 20.28
CA ILE E 1137 12.82 -37.60 19.73
C ILE E 1137 13.97 -38.56 19.49
N MET E 1138 15.09 -38.05 18.94
CA MET E 1138 16.25 -38.91 18.72
C MET E 1138 16.82 -39.45 20.03
N THR E 1139 16.89 -38.59 21.06
CA THR E 1139 17.43 -39.00 22.35
C THR E 1139 16.60 -40.11 22.97
N PHE E 1140 15.28 -39.98 22.91
CA PHE E 1140 14.46 -41.04 23.49
C PHE E 1140 14.30 -42.24 22.57
N HIS E 1141 14.67 -42.13 21.30
CA HIS E 1141 14.77 -43.32 20.47
C HIS E 1141 16.04 -44.11 20.77
N GLU E 1142 17.14 -43.43 21.08
CA GLU E 1142 18.42 -44.08 21.33
C GLU E 1142 18.64 -44.49 22.78
N ARG E 1143 17.59 -44.61 23.57
CA ARG E 1143 17.72 -44.87 24.99
C ARG E 1143 17.19 -46.25 25.36
N PRO E 1144 17.68 -46.84 26.45
CA PRO E 1144 17.16 -48.13 26.90
C PRO E 1144 15.70 -48.03 27.31
N VAL E 1145 15.07 -49.19 27.45
CA VAL E 1145 13.66 -49.24 27.83
C VAL E 1145 13.48 -48.84 29.29
N LEU E 1146 14.36 -49.32 30.17
CA LEU E 1146 14.24 -49.07 31.59
C LEU E 1146 14.71 -47.67 31.96
N PRO E 1147 14.20 -47.12 33.06
CA PRO E 1147 14.62 -45.78 33.51
C PRO E 1147 15.87 -45.87 34.37
N PRO E 1148 16.50 -44.73 34.67
CA PRO E 1148 17.84 -44.75 35.31
C PRO E 1148 17.92 -45.58 36.58
N PRO E 1149 16.96 -45.49 37.51
CA PRO E 1149 17.16 -46.21 38.79
C PRO E 1149 17.30 -47.71 38.63
N LEU E 1150 16.85 -48.29 37.52
CA LEU E 1150 16.94 -49.74 37.31
C LEU E 1150 17.54 -50.09 35.96
N ILE E 1151 18.41 -49.24 35.42
CA ILE E 1151 19.20 -49.62 34.24
C ILE E 1151 20.55 -50.14 34.72
N ILE E 1152 20.67 -50.43 36.01
CA ILE E 1152 21.93 -50.94 36.53
C ILE E 1152 22.24 -52.29 35.89
N PHE E 1153 21.23 -53.15 35.74
CA PHE E 1153 21.44 -54.44 35.09
C PHE E 1153 21.76 -54.26 33.61
N SER E 1154 21.05 -53.33 32.93
CA SER E 1154 21.21 -53.16 31.49
C SER E 1154 22.60 -52.67 31.12
N HIS E 1155 23.33 -52.04 32.05
CA HIS E 1155 24.69 -51.61 31.76
C HIS E 1155 25.63 -52.82 31.64
N MET E 1156 25.42 -53.85 32.45
CA MET E 1156 26.24 -55.04 32.37
C MET E 1156 25.88 -55.92 31.17
N THR E 1157 24.61 -55.89 30.75
CA THR E 1157 24.21 -56.71 29.60
C THR E 1157 24.93 -56.28 28.33
N MET E 1158 25.07 -54.97 28.11
CA MET E 1158 25.82 -54.50 26.96
C MET E 1158 27.28 -54.92 27.03
N ARG E 1177 17.97 -49.09 11.56
CA ARG E 1177 16.70 -48.55 12.02
C ARG E 1177 15.64 -48.66 10.94
N ASP E 1178 14.75 -49.65 11.08
CA ASP E 1178 13.67 -49.82 10.10
C ASP E 1178 12.78 -48.59 10.04
N TYR E 1179 12.64 -47.90 11.17
CA TYR E 1179 12.00 -46.60 11.21
C TYR E 1179 12.46 -45.90 12.48
N GLY E 1180 11.99 -44.66 12.68
CA GLY E 1180 12.49 -43.80 13.71
C GLY E 1180 13.70 -43.00 13.30
N LEU E 1181 14.51 -43.54 12.38
CA LEU E 1181 15.59 -42.80 11.76
C LEU E 1181 15.46 -42.73 10.24
N LYS E 1182 15.32 -43.87 9.56
CA LYS E 1182 15.32 -43.90 8.11
C LYS E 1182 14.12 -44.63 7.53
N LEU E 1183 14.12 -44.86 6.23
CA LEU E 1183 13.03 -45.55 5.54
C LEU E 1183 13.62 -46.17 4.27
N PHE E 1184 13.75 -47.49 4.26
CA PHE E 1184 14.35 -48.19 3.13
C PHE E 1184 13.30 -48.49 2.08
N ILE E 1185 13.58 -48.08 0.84
CA ILE E 1185 12.58 -48.09 -0.23
C ILE E 1185 13.05 -48.99 -1.35
N THR E 1186 12.09 -49.48 -2.13
CA THR E 1186 12.37 -50.37 -3.25
C THR E 1186 12.52 -49.57 -4.54
N ASP E 1187 12.95 -50.27 -5.60
CA ASP E 1187 13.28 -49.60 -6.86
C ASP E 1187 12.04 -48.95 -7.49
N ASP E 1188 10.92 -49.68 -7.53
CA ASP E 1188 9.72 -49.12 -8.14
C ASP E 1188 9.20 -47.93 -7.34
N GLU E 1189 9.18 -48.05 -6.01
CA GLU E 1189 8.74 -46.92 -5.19
C GLU E 1189 9.75 -45.78 -5.24
N LEU E 1190 11.04 -46.09 -5.40
CA LEU E 1190 12.03 -45.04 -5.60
C LEU E 1190 11.77 -44.26 -6.88
N LYS E 1191 11.44 -44.98 -7.96
CA LYS E 1191 11.07 -44.30 -9.21
C LYS E 1191 9.82 -43.46 -9.03
N LYS E 1192 8.84 -43.97 -8.28
CA LYS E 1192 7.64 -43.19 -8.02
C LYS E 1192 7.96 -41.90 -7.29
N VAL E 1193 8.83 -41.97 -6.28
CA VAL E 1193 9.21 -40.79 -5.52
C VAL E 1193 9.95 -39.80 -6.41
N HIS E 1194 10.85 -40.30 -7.27
CA HIS E 1194 11.56 -39.42 -8.19
C HIS E 1194 10.61 -38.70 -9.13
N ASP E 1195 9.65 -39.43 -9.69
CA ASP E 1195 8.69 -38.80 -10.60
C ASP E 1195 7.85 -37.76 -9.87
N PHE E 1196 7.42 -38.07 -8.64
CA PHE E 1196 6.66 -37.11 -7.86
C PHE E 1196 7.46 -35.83 -7.62
N GLU E 1197 8.74 -35.98 -7.29
CA GLU E 1197 9.58 -34.80 -7.05
C GLU E 1197 9.76 -33.98 -8.33
N GLU E 1198 9.96 -34.64 -9.46
CA GLU E 1198 10.11 -33.91 -10.73
C GLU E 1198 8.85 -33.14 -11.08
N GLN E 1199 7.68 -33.77 -10.90
CA GLN E 1199 6.43 -33.07 -11.15
C GLN E 1199 6.28 -31.87 -10.21
N CYS E 1200 6.67 -32.03 -8.94
CA CYS E 1200 6.55 -30.93 -8.00
C CYS E 1200 7.44 -29.76 -8.39
N ILE E 1201 8.68 -30.03 -8.80
CA ILE E 1201 9.58 -28.92 -9.15
C ILE E 1201 9.11 -28.23 -10.43
N GLU E 1202 8.60 -29.00 -11.39
CA GLU E 1202 8.05 -28.40 -12.60
C GLU E 1202 6.88 -27.49 -12.28
N GLU E 1203 5.96 -27.96 -11.41
CA GLU E 1203 4.82 -27.14 -11.02
C GLU E 1203 5.27 -25.89 -10.28
N TYR E 1204 6.28 -26.02 -9.42
CA TYR E 1204 6.80 -24.85 -8.70
C TYR E 1204 7.29 -23.79 -9.67
N PHE E 1205 8.12 -24.18 -10.65
CA PHE E 1205 8.64 -23.19 -11.58
C PHE E 1205 7.53 -22.59 -12.43
N ARG E 1206 6.58 -23.41 -12.88
CA ARG E 1206 5.49 -22.88 -13.69
C ARG E 1206 4.64 -21.88 -12.91
N GLU E 1207 4.34 -22.20 -11.65
CA GLU E 1207 3.56 -21.28 -10.82
C GLU E 1207 4.31 -19.99 -10.58
N LYS E 1208 5.63 -20.07 -10.34
CA LYS E 1208 6.41 -18.85 -10.13
C LYS E 1208 6.40 -17.97 -11.37
N ASP E 1209 6.58 -18.57 -12.55
CA ASP E 1209 6.54 -17.78 -13.78
C ASP E 1209 5.17 -17.15 -14.00
N ASP E 1210 4.10 -17.90 -13.74
CA ASP E 1210 2.76 -17.35 -13.92
C ASP E 1210 2.51 -16.19 -12.96
N ARG E 1211 2.96 -16.32 -11.72
CA ARG E 1211 2.80 -15.22 -10.77
C ARG E 1211 3.59 -13.99 -11.21
N PHE E 1212 4.81 -14.19 -11.71
CA PHE E 1212 5.62 -13.05 -12.12
C PHE E 1212 5.02 -12.33 -13.32
N ASN E 1213 4.55 -13.07 -14.31
CA ASN E 1213 4.08 -12.44 -15.55
C ASN E 1213 2.80 -11.64 -15.36
N SER E 1214 2.01 -11.94 -14.34
CA SER E 1214 0.73 -11.28 -14.14
C SER E 1214 0.79 -10.19 -13.07
N SER E 1215 1.98 -9.82 -12.62
CA SER E 1215 2.11 -8.74 -11.65
C SER E 1215 1.82 -7.40 -12.30
N ASN E 1216 1.44 -6.43 -11.46
CA ASN E 1216 1.14 -5.10 -11.98
C ASN E 1216 2.39 -4.42 -12.53
N ASP E 1217 3.52 -4.57 -11.85
CA ASP E 1217 4.75 -3.90 -12.29
C ASP E 1217 5.19 -4.39 -13.67
N GLU E 1218 5.16 -5.70 -13.89
CA GLU E 1218 5.59 -6.24 -15.17
C GLU E 1218 4.64 -5.82 -16.28
N ARG E 1219 3.33 -5.82 -16.02
CA ARG E 1219 2.37 -5.36 -17.01
C ARG E 1219 2.57 -3.89 -17.35
N ILE E 1220 2.82 -3.07 -16.34
CA ILE E 1220 3.06 -1.64 -16.59
C ILE E 1220 4.32 -1.44 -17.43
N ARG E 1221 5.39 -2.16 -17.09
CA ARG E 1221 6.64 -2.02 -17.84
C ARG E 1221 6.45 -2.44 -19.30
N VAL E 1222 5.81 -3.59 -19.52
CA VAL E 1222 5.62 -4.07 -20.89
C VAL E 1222 4.72 -3.12 -21.67
N THR E 1223 3.67 -2.61 -21.02
CA THR E 1223 2.78 -1.66 -21.69
C THR E 1223 3.53 -0.40 -22.08
N SER E 1224 4.39 0.11 -21.19
CA SER E 1224 5.15 1.32 -21.52
C SER E 1224 6.07 1.09 -22.70
N GLU E 1225 6.78 -0.06 -22.71
CA GLU E 1225 7.68 -0.34 -23.83
C GLU E 1225 6.92 -0.47 -25.13
N ARG E 1226 5.80 -1.19 -25.12
CA ARG E 1226 5.02 -1.37 -26.34
C ARG E 1226 4.44 -0.04 -26.82
N VAL E 1227 4.00 0.81 -25.89
CA VAL E 1227 3.47 2.12 -26.27
C VAL E 1227 4.55 2.97 -26.91
N GLU E 1228 5.76 2.95 -26.36
CA GLU E 1228 6.86 3.70 -26.95
C GLU E 1228 7.16 3.21 -28.37
N ASN E 1229 7.28 1.89 -28.55
CA ASN E 1229 7.57 1.36 -29.88
C ASN E 1229 6.44 1.68 -30.86
N MET E 1230 5.20 1.56 -30.40
CA MET E 1230 4.05 1.85 -31.25
C MET E 1230 4.03 3.33 -31.66
N SER E 1231 4.36 4.21 -30.72
CA SER E 1231 4.42 5.63 -31.05
C SER E 1231 5.48 5.93 -32.09
N MET E 1232 6.66 5.33 -31.94
CA MET E 1232 7.71 5.54 -32.94
C MET E 1232 7.27 5.00 -34.31
N ARG E 1233 6.67 3.81 -34.33
CA ARG E 1233 6.24 3.23 -35.59
C ARG E 1233 5.14 4.06 -36.25
N LEU E 1234 4.19 4.57 -35.47
CA LEU E 1234 3.13 5.41 -36.03
C LEU E 1234 3.69 6.73 -36.53
N GLU E 1235 4.68 7.29 -35.83
CA GLU E 1235 5.32 8.50 -36.33
C GLU E 1235 6.00 8.24 -37.67
N GLU E 1236 6.68 7.11 -37.80
CA GLU E 1236 7.30 6.77 -39.07
C GLU E 1236 6.25 6.58 -40.17
N VAL E 1237 5.13 5.93 -39.84
CA VAL E 1237 4.08 5.71 -40.82
C VAL E 1237 3.51 7.04 -41.29
N ASN E 1238 3.22 7.94 -40.36
CA ASN E 1238 2.71 9.27 -40.72
C ASN E 1238 3.75 10.12 -41.42
N GLU E 1239 5.04 9.78 -41.29
CA GLU E 1239 6.09 10.57 -41.92
C GLU E 1239 5.96 10.54 -43.44
N ARG E 1240 5.60 9.39 -44.01
CA ARG E 1240 5.50 9.27 -45.45
C ARG E 1240 4.40 10.18 -46.00
N GLU E 1241 4.60 10.65 -47.23
CA GLU E 1241 3.65 11.53 -47.91
C GLU E 1241 3.37 10.95 -49.30
N HIS E 1242 2.38 10.06 -49.37
CA HIS E 1242 1.98 9.45 -50.62
C HIS E 1242 0.93 10.25 -51.38
N SER E 1243 0.46 11.35 -50.81
CA SER E 1243 -0.56 12.19 -51.45
C SER E 1243 0.07 13.39 -52.13
N UNK F 1 62.52 6.29 -17.99
CA UNK F 1 61.17 5.95 -18.44
C UNK F 1 61.18 4.65 -19.23
N UNK F 2 60.18 3.82 -18.98
CA UNK F 2 60.03 2.57 -19.72
C UNK F 2 59.56 2.86 -21.14
N UNK F 3 58.93 4.02 -21.30
CA UNK F 3 58.42 4.46 -22.60
C UNK F 3 59.46 5.33 -23.31
N UNK F 4 60.71 5.20 -22.91
CA UNK F 4 61.80 5.95 -23.52
C UNK F 4 62.37 5.19 -24.72
N UNK F 5 61.63 4.18 -25.16
CA UNK F 5 61.99 3.42 -26.36
C UNK F 5 61.36 4.10 -27.57
N UNK F 6 60.63 5.18 -27.31
CA UNK F 6 59.96 5.92 -28.36
C UNK F 6 60.71 7.22 -28.67
N UNK F 7 60.63 7.66 -29.92
CA UNK F 7 61.35 8.85 -30.34
C UNK F 7 60.47 9.75 -31.19
N UNK F 8 60.87 11.02 -31.30
CA UNK F 8 60.13 12.00 -32.08
C UNK F 8 61.04 12.58 -33.15
N UNK F 9 60.54 13.57 -33.90
CA UNK F 9 61.30 14.16 -34.99
C UNK F 9 60.85 15.58 -35.31
N UNK F 10 61.82 16.49 -35.35
CA UNK F 10 61.55 17.90 -35.62
C UNK F 10 62.48 18.46 -36.68
N UNK F 11 62.00 19.43 -37.45
CA UNK F 11 62.77 20.02 -38.55
C UNK F 11 64.04 20.71 -38.05
N UNK F 12 65.02 20.84 -38.93
CA UNK F 12 66.29 21.45 -38.57
C UNK F 12 66.93 22.12 -39.78
N UNK F 13 67.37 21.31 -40.74
CA UNK F 13 67.94 21.82 -41.97
C UNK F 13 66.81 22.19 -42.92
N UNK F 14 65.99 23.15 -42.52
CA UNK F 14 64.83 23.57 -43.28
C UNK F 14 65.19 24.66 -44.28
N UNK F 15 64.65 24.53 -45.49
CA UNK F 15 64.85 25.51 -46.55
C UNK F 15 63.69 25.42 -47.54
N UNK F 16 62.73 26.33 -47.43
CA UNK F 16 61.53 26.27 -48.25
C UNK F 16 61.21 27.59 -48.94
N UNK F 17 60.19 28.29 -48.41
CA UNK F 17 59.71 29.54 -48.98
C UNK F 17 59.33 29.37 -50.46
N ILE G 129 -16.17 70.59 -39.29
CA ILE G 129 -15.43 71.23 -38.21
C ILE G 129 -14.20 70.39 -37.86
N SER G 130 -13.04 71.06 -37.79
CA SER G 130 -11.77 70.38 -37.53
C SER G 130 -11.66 70.05 -36.05
N LYS G 131 -12.46 69.08 -35.62
CA LYS G 131 -12.54 68.63 -34.23
C LYS G 131 -12.81 69.81 -33.30
N HIS G 132 -13.95 70.46 -33.52
CA HIS G 132 -14.36 71.62 -32.73
C HIS G 132 -14.84 71.13 -31.37
N THR G 133 -13.89 70.71 -30.55
CA THR G 133 -14.15 70.16 -29.23
C THR G 133 -13.26 70.85 -28.22
N GLN G 134 -13.80 71.11 -27.04
CA GLN G 134 -13.01 71.68 -25.96
C GLN G 134 -12.02 70.64 -25.41
N LEU G 135 -11.07 71.13 -24.62
CA LEU G 135 -10.08 70.27 -23.97
C LEU G 135 -10.25 70.43 -22.46
N SER G 136 -11.15 69.64 -21.89
CA SER G 136 -11.30 69.57 -20.45
C SER G 136 -10.46 68.44 -19.88
N PRO G 137 -10.04 68.53 -18.62
CA PRO G 137 -9.23 67.46 -18.03
C PRO G 137 -10.00 66.15 -17.96
N THR G 138 -9.28 65.08 -17.63
CA THR G 138 -9.86 63.75 -17.64
C THR G 138 -11.03 63.66 -16.66
N ASP G 139 -12.08 62.96 -17.09
CA ASP G 139 -13.31 62.86 -16.31
C ASP G 139 -13.82 61.43 -16.18
N ALA G 140 -13.03 60.44 -16.61
CA ALA G 140 -13.47 59.04 -16.54
C ALA G 140 -12.23 58.16 -16.42
N PHE G 141 -11.93 57.73 -15.20
CA PHE G 141 -10.81 56.81 -14.98
C PHE G 141 -10.97 56.16 -13.60
N GLY G 142 -10.26 55.05 -13.43
CA GLY G 142 -10.34 54.33 -12.16
C GLY G 142 -10.25 52.83 -12.32
N THR G 143 -11.23 52.11 -11.78
CA THR G 143 -11.26 50.65 -11.85
C THR G 143 -12.68 50.21 -12.18
N ILE G 144 -12.78 49.07 -12.86
CA ILE G 144 -14.06 48.47 -13.20
C ILE G 144 -14.00 46.98 -12.93
N GLU G 145 -15.09 46.45 -12.38
CA GLU G 145 -15.28 45.02 -12.22
C GLU G 145 -16.35 44.55 -13.20
N PHE G 146 -16.08 43.44 -13.88
CA PHE G 146 -16.98 42.93 -14.89
C PHE G 146 -17.97 41.96 -14.25
N GLN G 147 -19.25 42.24 -14.41
CA GLN G 147 -20.32 41.40 -13.90
C GLN G 147 -21.10 40.80 -15.07
N GLY G 148 -21.23 39.48 -15.07
CA GLY G 148 -21.96 38.81 -16.12
C GLY G 148 -21.29 37.53 -16.59
N GLY G 149 -19.96 37.49 -16.52
CA GLY G 149 -19.22 36.30 -16.89
C GLY G 149 -19.03 35.34 -15.73
N GLY G 150 -18.31 34.27 -16.01
CA GLY G 150 -17.99 33.29 -14.98
C GLY G 150 -16.78 33.62 -14.15
N HIS G 151 -16.13 34.76 -14.41
CA HIS G 151 -14.91 35.16 -13.72
C HIS G 151 -15.12 36.46 -12.98
N SER G 152 -14.21 36.74 -12.05
CA SER G 152 -14.17 38.00 -11.31
C SER G 152 -12.87 38.69 -11.66
N ASN G 153 -12.93 39.61 -12.62
CA ASN G 153 -11.74 40.28 -13.14
C ASN G 153 -11.89 41.78 -13.00
N LYS G 154 -10.81 42.44 -12.59
CA LYS G 154 -10.76 43.87 -12.40
C LYS G 154 -9.82 44.49 -13.43
N ALA G 155 -10.24 45.62 -14.00
CA ALA G 155 -9.47 46.28 -15.04
C ALA G 155 -9.33 47.76 -14.71
N MET G 156 -8.14 48.30 -14.98
CA MET G 156 -7.88 49.73 -14.81
C MET G 156 -8.06 50.42 -16.15
N TYR G 157 -8.57 51.65 -16.10
CA TYR G 157 -8.86 52.38 -17.33
C TYR G 157 -8.67 53.87 -17.11
N VAL G 158 -8.40 54.57 -18.21
CA VAL G 158 -8.28 56.03 -18.24
C VAL G 158 -8.87 56.50 -19.56
N ARG G 159 -9.60 57.60 -19.53
CA ARG G 159 -10.12 58.23 -20.74
C ARG G 159 -9.24 59.41 -21.10
N VAL G 160 -8.60 59.36 -22.27
CA VAL G 160 -7.63 60.34 -22.70
C VAL G 160 -7.86 60.69 -24.16
N SER G 161 -7.35 61.85 -24.56
CA SER G 161 -7.43 62.29 -25.94
C SER G 161 -6.41 61.52 -26.78
N PHE G 162 -6.42 61.78 -28.09
CA PHE G 162 -5.51 61.12 -29.01
C PHE G 162 -4.24 61.91 -29.27
N ASP G 163 -4.04 63.03 -28.58
CA ASP G 163 -2.83 63.82 -28.70
C ASP G 163 -1.89 63.63 -27.51
N THR G 164 -2.18 62.68 -26.64
CA THR G 164 -1.34 62.45 -25.47
C THR G 164 0.03 61.93 -25.90
N LYS G 165 1.09 62.48 -25.32
CA LYS G 165 2.43 62.06 -25.67
C LYS G 165 2.74 60.69 -25.06
N PRO G 166 3.46 59.83 -25.79
CA PRO G 166 3.71 58.48 -25.27
C PRO G 166 4.47 58.43 -23.96
N ASP G 167 5.33 59.42 -23.68
CA ASP G 167 6.07 59.41 -22.43
C ASP G 167 5.14 59.54 -21.22
N LEU G 168 4.11 60.37 -21.34
CA LEU G 168 3.13 60.50 -20.26
C LEU G 168 2.40 59.18 -20.03
N LEU G 169 2.03 58.49 -21.11
CA LEU G 169 1.38 57.18 -20.99
C LEU G 169 2.31 56.18 -20.34
N LEU G 170 3.59 56.18 -20.70
CA LEU G 170 4.54 55.27 -20.08
C LEU G 170 4.71 55.57 -18.60
N HIS G 171 4.71 56.86 -18.23
CA HIS G 171 4.75 57.24 -16.82
C HIS G 171 3.53 56.71 -16.09
N LEU G 172 2.35 56.86 -16.69
CA LEU G 172 1.12 56.35 -16.08
C LEU G 172 1.18 54.84 -15.90
N MET G 173 1.68 54.12 -16.91
CA MET G 173 1.65 52.66 -16.86
C MET G 173 2.69 52.12 -15.87
N THR G 174 3.87 52.75 -15.80
CA THR G 174 4.94 52.24 -14.97
C THR G 174 4.91 52.77 -13.54
N LYS G 175 4.15 53.83 -13.26
CA LYS G 175 4.06 54.36 -11.91
C LYS G 175 2.66 54.26 -11.33
N GLU G 176 1.64 54.74 -12.03
CA GLU G 176 0.28 54.69 -11.51
C GLU G 176 -0.26 53.26 -11.55
N TRP G 177 -0.05 52.54 -12.65
CA TRP G 177 -0.47 51.16 -12.74
C TRP G 177 0.58 50.18 -12.25
N GLN G 178 1.81 50.64 -12.00
CA GLN G 178 2.89 49.84 -11.42
C GLN G 178 3.20 48.61 -12.28
N LEU G 179 3.60 48.87 -13.52
CA LEU G 179 3.94 47.83 -14.48
C LEU G 179 5.43 47.91 -14.80
N GLU G 180 6.13 46.80 -14.61
CA GLU G 180 7.53 46.73 -15.01
C GLU G 180 7.65 46.74 -16.53
N LEU G 181 8.70 47.36 -17.03
CA LEU G 181 8.91 47.44 -18.46
C LEU G 181 9.00 46.03 -19.05
N PRO G 182 8.38 45.80 -20.22
CA PRO G 182 8.36 44.45 -20.78
C PRO G 182 9.65 44.12 -21.50
N LYS G 183 9.97 42.83 -21.51
CA LYS G 183 11.06 42.31 -22.31
C LYS G 183 10.61 41.92 -23.71
N LEU G 184 9.34 42.11 -24.02
CA LEU G 184 8.75 41.75 -25.30
C LEU G 184 7.43 42.50 -25.44
N LEU G 185 7.09 42.84 -26.67
CA LEU G 185 5.86 43.59 -26.97
C LEU G 185 5.18 42.96 -28.17
N ILE G 186 4.16 42.14 -27.91
CA ILE G 186 3.34 41.56 -28.97
C ILE G 186 2.20 42.51 -29.29
N SER G 187 2.05 42.84 -30.56
CA SER G 187 1.02 43.78 -31.02
C SER G 187 0.10 43.03 -31.99
N VAL G 188 -1.01 42.53 -31.48
CA VAL G 188 -1.93 41.71 -32.27
C VAL G 188 -2.82 42.62 -33.11
N HIS G 189 -2.89 42.35 -34.41
CA HIS G 189 -3.78 43.04 -35.32
C HIS G 189 -4.67 42.02 -36.02
N GLY G 190 -5.64 42.51 -36.77
CA GLY G 190 -6.55 41.63 -37.48
C GLY G 190 -7.76 42.38 -37.98
N GLY G 191 -8.82 41.63 -38.26
CA GLY G 191 -10.05 42.19 -38.78
C GLY G 191 -11.02 42.53 -37.68
N LEU G 192 -11.57 43.75 -37.72
CA LEU G 192 -12.50 44.24 -36.71
C LEU G 192 -13.92 43.71 -36.90
N GLN G 193 -14.11 42.72 -37.77
CA GLN G 193 -15.40 42.08 -37.96
C GLN G 193 -15.62 41.07 -36.85
N ASN G 194 -16.59 40.17 -37.03
CA ASN G 194 -16.88 39.15 -36.04
C ASN G 194 -16.69 37.75 -36.63
N PHE G 195 -15.56 37.56 -37.32
CA PHE G 195 -15.29 36.29 -37.98
C PHE G 195 -15.19 35.15 -36.98
N GLU G 196 -15.16 33.93 -37.51
CA GLU G 196 -14.99 32.72 -36.72
C GLU G 196 -14.07 31.78 -37.48
N LEU G 197 -13.02 31.30 -36.82
CA LEU G 197 -12.02 30.46 -37.46
C LEU G 197 -12.21 29.00 -37.09
N GLN G 198 -11.65 28.14 -37.93
CA GLN G 198 -11.86 26.70 -37.80
C GLN G 198 -11.26 26.18 -36.49
N PRO G 199 -11.93 25.24 -35.82
CA PRO G 199 -11.34 24.62 -34.63
C PRO G 199 -10.06 23.87 -34.97
N LYS G 200 -9.36 23.46 -33.91
CA LYS G 200 -8.06 22.81 -33.98
C LYS G 200 -6.99 23.81 -34.38
N LEU G 201 -7.42 25.03 -34.73
CA LEU G 201 -6.54 26.18 -34.90
C LEU G 201 -6.74 27.23 -33.82
N LYS G 202 -7.97 27.36 -33.30
CA LYS G 202 -8.20 28.23 -32.16
C LYS G 202 -7.41 27.80 -30.96
N GLN G 203 -7.38 26.49 -30.68
CA GLN G 203 -6.66 25.99 -29.51
C GLN G 203 -5.15 26.18 -29.67
N VAL G 204 -4.61 25.89 -30.85
CA VAL G 204 -3.18 26.06 -31.07
C VAL G 204 -2.79 27.53 -30.94
N PHE G 205 -3.57 28.41 -31.57
CA PHE G 205 -3.29 29.84 -31.50
C PHE G 205 -3.34 30.33 -30.06
N GLY G 206 -4.36 29.92 -29.31
CA GLY G 206 -4.46 30.35 -27.92
C GLY G 206 -3.32 29.84 -27.08
N LYS G 207 -2.99 28.55 -27.20
CA LYS G 207 -1.90 27.98 -26.43
C LYS G 207 -0.59 28.68 -26.73
N GLY G 208 -0.29 28.90 -28.00
CA GLY G 208 0.96 29.54 -28.36
C GLY G 208 1.04 30.98 -27.87
N LEU G 209 -0.03 31.75 -28.05
CA LEU G 209 -0.02 33.13 -27.60
C LEU G 209 0.13 33.21 -26.09
N ILE G 210 -0.60 32.38 -25.35
CA ILE G 210 -0.52 32.42 -23.90
C ILE G 210 0.86 32.01 -23.42
N LYS G 211 1.44 30.96 -24.02
CA LYS G 211 2.76 30.52 -23.60
C LYS G 211 3.82 31.58 -23.90
N ALA G 212 3.76 32.19 -25.09
CA ALA G 212 4.73 33.22 -25.44
C ALA G 212 4.58 34.46 -24.57
N ALA G 213 3.36 34.75 -24.12
CA ALA G 213 3.18 35.92 -23.25
C ALA G 213 3.52 35.63 -21.80
N MET G 214 3.41 34.38 -21.38
CA MET G 214 3.60 34.04 -19.97
C MET G 214 5.05 33.68 -19.64
N THR G 215 5.71 32.89 -20.50
CA THR G 215 7.07 32.46 -20.20
C THR G 215 8.00 33.64 -20.02
N THR G 216 7.95 34.60 -20.94
CA THR G 216 8.68 35.85 -20.79
C THR G 216 7.76 36.94 -20.25
N GLY G 217 8.36 38.08 -19.94
CA GLY G 217 7.58 39.21 -19.49
C GLY G 217 7.19 40.11 -20.64
N ALA G 218 5.96 39.94 -21.15
CA ALA G 218 5.54 40.59 -22.38
C ALA G 218 4.25 41.36 -22.15
N TRP G 219 4.08 42.42 -22.93
CA TRP G 219 2.85 43.18 -22.99
C TRP G 219 2.15 42.90 -24.31
N ILE G 220 0.86 42.59 -24.25
CA ILE G 220 0.04 42.36 -25.43
C ILE G 220 -0.79 43.61 -25.70
N PHE G 221 -0.78 44.08 -26.93
CA PHE G 221 -1.60 45.20 -27.36
C PHE G 221 -2.70 44.66 -28.27
N THR G 222 -3.95 44.95 -27.91
CA THR G 222 -5.11 44.54 -28.69
C THR G 222 -6.03 45.73 -28.91
N GLY G 223 -7.19 45.46 -29.51
CA GLY G 223 -8.15 46.53 -29.72
C GLY G 223 -8.97 46.84 -28.48
N GLY G 224 -9.29 45.82 -27.70
CA GLY G 224 -9.99 46.02 -26.44
C GLY G 224 -11.47 45.68 -26.48
N VAL G 225 -12.14 46.07 -27.56
CA VAL G 225 -13.56 45.78 -27.72
C VAL G 225 -13.72 44.30 -28.03
N ASN G 226 -14.95 43.78 -27.89
CA ASN G 226 -15.19 42.35 -28.00
C ASN G 226 -15.71 42.01 -29.39
N THR G 227 -14.78 42.02 -30.36
CA THR G 227 -15.14 41.78 -31.75
C THR G 227 -13.98 41.10 -32.46
N GLY G 228 -14.24 39.91 -33.03
CA GLY G 228 -13.30 39.26 -33.92
C GLY G 228 -12.08 38.66 -33.26
N VAL G 229 -10.90 39.15 -33.66
CA VAL G 229 -9.65 38.60 -33.13
C VAL G 229 -9.52 38.86 -31.64
N ILE G 230 -10.01 40.02 -31.17
CA ILE G 230 -9.95 40.33 -29.76
C ILE G 230 -10.83 39.37 -28.96
N ARG G 231 -11.95 38.95 -29.54
CA ARG G 231 -12.77 37.93 -28.89
C ARG G 231 -12.00 36.61 -28.78
N HIS G 232 -11.23 36.26 -29.81
CA HIS G 232 -10.45 35.04 -29.77
C HIS G 232 -9.34 35.11 -28.72
N VAL G 233 -8.67 36.25 -28.60
CA VAL G 233 -7.63 36.36 -27.57
C VAL G 233 -8.26 36.37 -26.19
N GLY G 234 -9.47 36.93 -26.04
CA GLY G 234 -10.17 36.81 -24.78
C GLY G 234 -10.52 35.38 -24.43
N ASP G 235 -10.94 34.60 -25.43
CA ASP G 235 -11.18 33.17 -25.21
C ASP G 235 -9.90 32.46 -24.80
N ALA G 236 -8.78 32.81 -25.44
CA ALA G 236 -7.50 32.21 -25.09
C ALA G 236 -7.10 32.53 -23.65
N LEU G 237 -7.30 33.79 -23.24
CA LEU G 237 -7.04 34.16 -21.85
C LEU G 237 -7.95 33.40 -20.90
N LYS G 238 -9.22 33.25 -21.27
CA LYS G 238 -10.18 32.57 -20.41
C LYS G 238 -9.84 31.09 -20.23
N ASP G 239 -9.37 30.44 -21.30
CA ASP G 239 -9.02 29.03 -21.21
C ASP G 239 -7.85 28.81 -20.27
N HIS G 240 -6.83 29.66 -20.34
CA HIS G 240 -5.63 29.45 -19.54
C HIS G 240 -5.86 29.81 -18.07
N ALA G 241 -6.79 30.71 -17.78
CA ALA G 241 -7.01 31.13 -16.41
C ALA G 241 -7.47 29.96 -15.54
N SER G 242 -8.38 29.14 -16.07
CA SER G 242 -8.84 27.97 -15.31
C SER G 242 -7.72 26.94 -15.16
N LYS G 243 -6.92 26.74 -16.20
CA LYS G 243 -5.92 25.69 -16.18
C LYS G 243 -4.76 26.02 -15.23
N SER G 244 -4.26 27.26 -15.28
CA SER G 244 -3.06 27.60 -14.54
C SER G 244 -3.18 29.02 -13.99
N ARG G 245 -2.33 29.31 -13.01
CA ARG G 245 -2.26 30.65 -12.42
C ARG G 245 -1.33 31.51 -13.27
N GLY G 246 -0.99 32.70 -12.78
CA GLY G 246 -0.13 33.60 -13.52
C GLY G 246 -0.89 34.76 -14.13
N LYS G 247 -0.33 35.95 -14.04
CA LYS G 247 -0.98 37.17 -14.52
C LYS G 247 -0.31 37.63 -15.81
N ILE G 248 -1.13 37.92 -16.82
CA ILE G 248 -0.65 38.39 -18.12
C ILE G 248 -1.15 39.81 -18.32
N CYS G 249 -0.24 40.71 -18.71
CA CYS G 249 -0.57 42.11 -18.90
C CYS G 249 -1.11 42.29 -20.31
N THR G 250 -2.43 42.19 -20.46
CA THR G 250 -3.11 42.44 -21.72
C THR G 250 -3.67 43.86 -21.69
N ILE G 251 -3.27 44.67 -22.66
CA ILE G 251 -3.61 46.08 -22.69
C ILE G 251 -4.48 46.34 -23.92
N GLY G 252 -5.67 46.89 -23.69
CA GLY G 252 -6.58 47.23 -24.76
C GLY G 252 -6.61 48.74 -24.98
N ILE G 253 -6.46 49.14 -26.24
CA ILE G 253 -6.52 50.54 -26.62
C ILE G 253 -7.66 50.66 -27.63
N ALA G 254 -8.79 51.20 -27.18
CA ALA G 254 -9.99 51.31 -27.98
C ALA G 254 -10.49 52.74 -27.98
N PRO G 255 -11.19 53.16 -29.02
CA PRO G 255 -11.81 54.50 -29.01
C PRO G 255 -12.91 54.57 -27.97
N TRP G 256 -13.07 55.78 -27.40
CA TRP G 256 -14.06 55.99 -26.36
C TRP G 256 -15.49 56.01 -26.89
N GLY G 257 -15.67 56.31 -28.17
CA GLY G 257 -17.00 56.48 -28.73
C GLY G 257 -17.76 55.23 -29.08
N ILE G 258 -17.16 54.05 -28.90
CA ILE G 258 -17.82 52.79 -29.25
C ILE G 258 -18.16 51.95 -28.02
N VAL G 259 -17.76 52.36 -26.83
CA VAL G 259 -18.12 51.62 -25.62
C VAL G 259 -19.61 51.73 -25.40
N GLU G 260 -20.27 50.58 -25.19
CA GLU G 260 -21.73 50.56 -25.15
C GLU G 260 -22.29 51.40 -24.02
N ASN G 261 -21.66 51.33 -22.84
CA ASN G 261 -22.04 52.15 -21.69
C ASN G 261 -20.92 53.16 -21.46
N GLN G 262 -21.02 54.32 -22.11
CA GLN G 262 -20.06 55.38 -21.84
C GLN G 262 -20.25 55.93 -20.43
N GLU G 263 -21.49 56.01 -19.97
CA GLU G 263 -21.77 56.18 -18.55
C GLU G 263 -21.33 54.91 -17.81
N ASP G 264 -21.52 54.92 -16.49
CA ASP G 264 -21.05 53.84 -15.61
C ASP G 264 -19.53 53.72 -15.63
N LEU G 265 -18.85 54.67 -16.27
CA LEU G 265 -17.39 54.73 -16.28
C LEU G 265 -16.87 56.11 -15.90
N ILE G 266 -17.77 57.04 -15.54
CA ILE G 266 -17.36 58.43 -15.31
C ILE G 266 -16.73 58.64 -13.94
N GLY G 267 -17.06 57.79 -12.96
CA GLY G 267 -16.53 57.96 -11.62
C GLY G 267 -15.02 57.95 -11.55
N ARG G 268 -14.44 58.99 -10.94
CA ARG G 268 -12.99 59.14 -10.87
C ARG G 268 -12.44 58.36 -9.68
N ASP G 269 -11.52 57.45 -9.96
CA ASP G 269 -10.81 56.69 -8.93
C ASP G 269 -11.76 55.92 -8.02
N VAL G 270 -12.77 55.31 -8.62
CA VAL G 270 -13.76 54.53 -7.88
C VAL G 270 -14.16 53.33 -8.72
N VAL G 271 -14.31 52.18 -8.05
CA VAL G 271 -14.70 50.95 -8.72
C VAL G 271 -16.12 51.07 -9.25
N ARG G 272 -16.34 50.61 -10.48
CA ARG G 272 -17.64 50.70 -11.13
C ARG G 272 -17.97 49.37 -11.80
N PRO G 273 -19.06 48.71 -11.41
CA PRO G 273 -19.43 47.45 -12.06
C PRO G 273 -19.82 47.66 -13.52
N TYR G 274 -19.55 46.63 -14.33
CA TYR G 274 -19.80 46.68 -15.76
C TYR G 274 -20.47 45.40 -16.20
N GLN G 275 -21.42 45.51 -17.13
CA GLN G 275 -22.21 44.38 -17.58
C GLN G 275 -21.60 43.80 -18.84
N THR G 276 -21.20 42.52 -18.77
CA THR G 276 -20.60 41.87 -19.94
C THR G 276 -21.65 41.52 -20.99
N MET G 277 -22.87 41.20 -20.58
CA MET G 277 -23.92 40.91 -21.53
C MET G 277 -24.25 42.14 -22.36
N SER G 278 -24.44 41.94 -23.67
CA SER G 278 -24.74 43.02 -24.59
C SER G 278 -25.90 42.62 -25.48
N ASN G 279 -26.83 43.54 -25.69
CA ASN G 279 -27.88 43.35 -26.66
C ASN G 279 -27.33 43.59 -28.07
N PRO G 280 -27.49 42.63 -28.99
CA PRO G 280 -26.94 42.83 -30.34
C PRO G 280 -27.66 43.89 -31.15
N MET G 281 -28.76 44.45 -30.65
CA MET G 281 -29.47 45.49 -31.39
C MET G 281 -28.63 46.75 -31.54
N SER G 282 -27.89 47.12 -30.49
CA SER G 282 -27.13 48.37 -30.51
C SER G 282 -25.93 48.26 -31.47
N LYS G 283 -25.51 49.41 -31.98
CA LYS G 283 -24.37 49.49 -32.87
C LYS G 283 -23.04 49.64 -32.13
N LEU G 284 -23.07 49.74 -30.80
CA LEU G 284 -21.87 49.81 -29.99
C LEU G 284 -21.48 48.43 -29.50
N THR G 285 -20.28 48.33 -28.95
CA THR G 285 -19.75 47.07 -28.45
C THR G 285 -19.17 47.26 -27.06
N VAL G 286 -19.11 46.16 -26.31
CA VAL G 286 -18.65 46.18 -24.93
C VAL G 286 -17.17 45.88 -24.88
N LEU G 287 -16.48 46.51 -23.93
CA LEU G 287 -15.08 46.18 -23.68
C LEU G 287 -14.96 44.72 -23.27
N ASN G 288 -14.03 44.02 -23.90
CA ASN G 288 -13.83 42.62 -23.58
C ASN G 288 -13.26 42.47 -22.18
N SER G 289 -13.84 41.56 -21.40
CA SER G 289 -13.28 41.21 -20.11
C SER G 289 -11.97 40.45 -20.33
N MET G 290 -11.37 40.01 -19.23
CA MET G 290 -10.08 39.32 -19.20
C MET G 290 -8.92 40.21 -19.62
N HIS G 291 -9.18 41.46 -20.03
CA HIS G 291 -8.13 42.43 -20.29
C HIS G 291 -7.72 43.10 -18.99
N SER G 292 -6.40 43.23 -18.79
CA SER G 292 -5.90 43.77 -17.54
C SER G 292 -6.10 45.29 -17.45
N HIS G 293 -5.84 46.00 -18.54
CA HIS G 293 -5.89 47.45 -18.54
C HIS G 293 -6.55 47.95 -19.81
N PHE G 294 -7.03 49.20 -19.75
CA PHE G 294 -7.66 49.83 -20.90
C PHE G 294 -7.18 51.28 -21.01
N ILE G 295 -6.97 51.71 -22.25
CA ILE G 295 -6.71 53.11 -22.57
C ILE G 295 -7.74 53.54 -23.59
N LEU G 296 -8.60 54.48 -23.23
CA LEU G 296 -9.71 54.91 -24.07
C LEU G 296 -9.31 56.20 -24.79
N ALA G 297 -9.29 56.15 -26.12
CA ALA G 297 -8.86 57.28 -26.94
C ALA G 297 -10.08 58.09 -27.37
N ASP G 298 -10.00 59.40 -27.15
CA ASP G 298 -11.09 60.31 -27.47
C ASP G 298 -10.60 61.36 -28.46
N ASN G 299 -11.46 61.75 -29.37
CA ASN G 299 -11.15 62.82 -30.32
C ASN G 299 -12.26 63.86 -30.29
N GLY G 300 -13.48 63.43 -29.98
CA GLY G 300 -14.63 64.30 -29.95
C GLY G 300 -15.83 63.65 -30.60
N THR G 301 -15.60 62.87 -31.64
CA THR G 301 -16.68 62.15 -32.30
C THR G 301 -17.14 60.97 -31.44
N THR G 302 -18.37 60.53 -31.68
CA THR G 302 -18.93 59.39 -30.99
C THR G 302 -19.51 58.42 -32.02
N GLY G 303 -19.48 57.14 -31.68
CA GLY G 303 -20.00 56.13 -32.58
C GLY G 303 -19.15 55.85 -33.79
N LYS G 304 -17.93 56.37 -33.84
CA LYS G 304 -17.05 56.22 -35.00
C LYS G 304 -15.71 55.66 -34.55
N TYR G 305 -15.06 54.93 -35.47
CA TYR G 305 -13.78 54.31 -35.22
C TYR G 305 -12.65 55.26 -35.63
N GLY G 306 -11.44 54.72 -35.77
CA GLY G 306 -10.31 55.48 -36.28
C GLY G 306 -9.82 56.61 -35.40
N ALA G 307 -9.84 56.40 -34.08
CA ALA G 307 -9.41 57.44 -33.15
C ALA G 307 -8.34 56.96 -32.17
N GLU G 308 -7.80 55.76 -32.37
CA GLU G 308 -6.81 55.20 -31.46
C GLU G 308 -5.61 54.58 -32.16
N VAL G 309 -5.62 54.47 -33.49
CA VAL G 309 -4.57 53.76 -34.20
C VAL G 309 -3.24 54.51 -34.12
N LYS G 310 -3.28 55.83 -34.34
CA LYS G 310 -2.04 56.61 -34.33
C LYS G 310 -1.40 56.60 -32.95
N LEU G 311 -2.21 56.75 -31.90
CA LEU G 311 -1.67 56.71 -30.55
C LEU G 311 -1.06 55.36 -30.24
N ARG G 312 -1.71 54.28 -30.67
CA ARG G 312 -1.18 52.94 -30.45
C ARG G 312 0.17 52.77 -31.13
N ARG G 313 0.27 53.19 -32.40
CA ARG G 313 1.53 53.05 -33.12
C ARG G 313 2.63 53.89 -32.51
N GLN G 314 2.29 55.12 -32.09
CA GLN G 314 3.30 55.98 -31.48
C GLN G 314 3.77 55.41 -30.14
N LEU G 315 2.86 54.86 -29.35
CA LEU G 315 3.26 54.24 -28.09
C LEU G 315 4.14 53.03 -28.31
N GLU G 316 3.81 52.21 -29.32
CA GLU G 316 4.67 51.06 -29.64
C GLU G 316 6.06 51.52 -30.05
N LYS G 317 6.13 52.53 -30.91
CA LYS G 317 7.43 53.01 -31.38
C LYS G 317 8.24 53.62 -30.24
N HIS G 318 7.57 54.28 -29.28
CA HIS G 318 8.29 54.85 -28.15
C HIS G 318 8.77 53.76 -27.19
N ILE G 319 7.97 52.73 -26.97
CA ILE G 319 8.37 51.64 -26.09
C ILE G 319 9.55 50.88 -26.70
N SER G 320 9.51 50.66 -28.02
CA SER G 320 10.60 49.92 -28.66
C SER G 320 11.95 50.63 -28.52
N LEU G 321 11.93 51.95 -28.35
CA LEU G 321 13.17 52.70 -28.20
C LEU G 321 13.70 52.72 -26.77
N GLN G 322 12.94 52.22 -25.81
CA GLN G 322 13.41 52.17 -24.44
C GLN G 322 14.51 51.12 -24.29
N LYS G 323 15.43 51.37 -23.37
CA LYS G 323 16.58 50.51 -23.17
C LYS G 323 16.22 49.41 -22.18
N ILE G 324 16.25 48.16 -22.65
CA ILE G 324 16.00 47.00 -21.82
C ILE G 324 17.15 46.88 -20.82
N ASN G 325 16.96 46.06 -19.77
CA ASN G 325 17.95 45.96 -18.71
C ASN G 325 19.32 45.50 -19.21
N THR G 326 19.38 44.79 -20.33
CA THR G 326 20.67 44.37 -20.88
C THR G 326 21.48 45.59 -21.32
N ARG G 327 22.76 45.58 -20.98
CA ARG G 327 23.67 46.66 -21.34
C ARG G 327 24.38 46.42 -22.66
N ILE G 328 23.83 45.54 -23.50
CA ILE G 328 24.35 45.40 -24.86
C ILE G 328 24.16 46.68 -25.64
N GLY G 329 23.05 47.37 -25.41
CA GLY G 329 22.63 48.49 -26.21
C GLY G 329 21.40 48.25 -27.05
N GLN G 330 20.68 47.16 -26.81
CA GLN G 330 19.51 46.79 -27.58
C GLN G 330 18.23 47.25 -26.87
N GLY G 331 17.22 47.58 -27.67
CA GLY G 331 15.95 48.02 -27.14
C GLY G 331 14.97 46.87 -26.97
N VAL G 332 13.75 47.23 -26.57
CA VAL G 332 12.69 46.22 -26.37
C VAL G 332 12.26 45.67 -27.72
N PRO G 333 12.23 44.35 -27.90
CA PRO G 333 11.80 43.80 -29.18
C PRO G 333 10.29 43.90 -29.36
N VAL G 334 9.87 44.12 -30.60
CA VAL G 334 8.47 44.27 -30.97
C VAL G 334 8.17 43.32 -32.12
N VAL G 335 7.10 42.55 -31.99
CA VAL G 335 6.64 41.65 -33.04
C VAL G 335 5.15 41.90 -33.27
N ALA G 336 4.70 41.68 -34.49
CA ALA G 336 3.32 41.87 -34.88
C ALA G 336 2.70 40.54 -35.26
N LEU G 337 1.51 40.28 -34.75
CA LEU G 337 0.76 39.06 -35.06
C LEU G 337 -0.49 39.44 -35.83
N ILE G 338 -0.76 38.71 -36.91
CA ILE G 338 -1.87 39.01 -37.82
C ILE G 338 -2.75 37.77 -37.92
N VAL G 339 -4.06 37.97 -37.74
CA VAL G 339 -5.07 36.93 -37.92
C VAL G 339 -6.25 37.54 -38.66
N GLU G 340 -6.77 36.81 -39.64
CA GLU G 340 -7.89 37.26 -40.48
C GLU G 340 -7.49 38.53 -41.23
N GLY G 341 -8.07 39.67 -40.86
CA GLY G 341 -7.65 40.93 -41.42
C GLY G 341 -8.59 41.52 -42.46
N GLY G 342 -8.02 42.28 -43.40
CA GLY G 342 -8.78 42.95 -44.42
C GLY G 342 -7.92 43.84 -45.29
N PRO G 343 -8.52 44.86 -45.90
CA PRO G 343 -7.76 45.73 -46.80
C PRO G 343 -6.67 46.52 -46.10
N ASN G 344 -7.01 47.15 -44.97
CA ASN G 344 -6.05 48.00 -44.28
C ASN G 344 -4.97 47.21 -43.54
N VAL G 345 -5.20 45.91 -43.33
CA VAL G 345 -4.18 45.07 -42.69
C VAL G 345 -2.95 44.98 -43.56
N ILE G 346 -3.13 44.96 -44.88
CA ILE G 346 -1.98 44.97 -45.79
C ILE G 346 -1.18 46.26 -45.62
N SER G 347 -1.88 47.39 -45.49
CA SER G 347 -1.19 48.66 -45.27
C SER G 347 -0.44 48.67 -43.95
N ILE G 348 -1.05 48.08 -42.90
CA ILE G 348 -0.38 48.01 -41.61
C ILE G 348 0.88 47.15 -41.71
N VAL G 349 0.79 46.01 -42.40
CA VAL G 349 1.96 45.16 -42.59
C VAL G 349 3.04 45.90 -43.35
N LEU G 350 2.66 46.62 -44.39
CA LEU G 350 3.63 47.39 -45.18
C LEU G 350 4.31 48.46 -44.33
N GLU G 351 3.54 49.16 -43.49
CA GLU G 351 4.13 50.19 -42.65
C GLU G 351 5.03 49.60 -41.58
N TYR G 352 4.72 48.38 -41.12
CA TYR G 352 5.62 47.70 -40.20
C TYR G 352 6.93 47.33 -40.90
N LEU G 353 6.84 46.75 -42.09
CA LEU G 353 8.03 46.37 -42.82
C LEU G 353 8.84 47.59 -43.24
N ARG G 354 8.18 48.63 -43.71
CA ARG G 354 8.88 49.83 -44.17
C ARG G 354 9.32 50.74 -43.02
N ASP G 355 9.09 50.34 -41.77
CA ASP G 355 9.55 51.14 -40.65
C ASP G 355 11.06 51.18 -40.63
N THR G 356 11.61 52.31 -40.16
CA THR G 356 13.07 52.45 -40.12
C THR G 356 13.71 51.36 -39.27
N PRO G 357 13.27 51.07 -38.05
CA PRO G 357 13.57 49.77 -37.47
C PRO G 357 12.52 48.75 -37.92
N PRO G 358 12.90 47.77 -38.72
CA PRO G 358 11.93 46.79 -39.21
C PRO G 358 11.33 46.00 -38.06
N VAL G 359 10.05 45.65 -38.20
CA VAL G 359 9.32 44.87 -37.23
C VAL G 359 8.93 43.55 -37.88
N PRO G 360 9.34 42.40 -37.35
CA PRO G 360 8.90 41.13 -37.92
C PRO G 360 7.40 40.95 -37.79
N VAL G 361 6.80 40.30 -38.79
CA VAL G 361 5.37 40.08 -38.85
C VAL G 361 5.11 38.59 -38.97
N VAL G 362 4.32 38.04 -38.06
CA VAL G 362 3.90 36.65 -38.10
C VAL G 362 2.48 36.61 -38.63
N VAL G 363 2.24 35.80 -39.66
CA VAL G 363 0.95 35.70 -40.32
C VAL G 363 0.44 34.27 -40.18
N CYS G 364 -0.86 34.13 -39.93
CA CYS G 364 -1.50 32.83 -39.86
C CYS G 364 -2.16 32.51 -41.20
N ASP G 365 -1.82 31.35 -41.76
CA ASP G 365 -2.32 30.98 -43.08
C ASP G 365 -3.78 30.56 -43.04
N GLY G 366 -4.19 29.84 -42.01
CA GLY G 366 -5.52 29.27 -41.94
C GLY G 366 -6.63 30.22 -41.55
N SER G 367 -6.34 31.51 -41.43
CA SER G 367 -7.37 32.48 -41.03
C SER G 367 -8.42 32.63 -42.12
N GLY G 368 -7.99 32.77 -43.38
CA GLY G 368 -8.94 32.84 -44.48
C GLY G 368 -9.01 34.19 -45.17
N ARG G 369 -8.94 35.27 -44.38
CA ARG G 369 -9.06 36.62 -44.91
C ARG G 369 -7.73 37.08 -45.52
N ALA G 370 -7.56 38.38 -45.68
CA ALA G 370 -6.40 38.96 -46.36
C ALA G 370 -5.06 38.51 -45.79
N SER G 371 -5.07 37.86 -44.63
CA SER G 371 -3.86 37.17 -44.19
C SER G 371 -3.57 35.95 -45.07
N ASP G 372 -4.63 35.28 -45.53
CA ASP G 372 -4.44 34.15 -46.43
C ASP G 372 -3.89 34.58 -47.78
N ILE G 373 -4.26 35.77 -48.25
CA ILE G 373 -3.65 36.26 -49.49
C ILE G 373 -2.17 36.57 -49.26
N LEU G 374 -1.81 37.02 -48.05
CA LEU G 374 -0.41 37.22 -47.73
C LEU G 374 0.35 35.91 -47.74
N ALA G 375 -0.26 34.86 -47.17
CA ALA G 375 0.37 33.53 -47.21
C ALA G 375 0.51 33.03 -48.64
N PHE G 376 -0.53 33.23 -49.46
CA PHE G 376 -0.47 32.79 -50.85
C PHE G 376 0.62 33.52 -51.62
N GLY G 377 0.71 34.84 -51.44
CA GLY G 377 1.77 35.59 -52.08
C GLY G 377 3.16 35.23 -51.57
N HIS G 378 3.24 34.76 -50.31
CA HIS G 378 4.50 34.31 -49.75
C HIS G 378 4.99 33.01 -50.37
N LYS G 379 4.14 32.31 -51.13
CA LYS G 379 4.48 31.02 -51.72
C LYS G 379 4.90 31.18 -53.17
N TYR G 380 5.98 30.49 -53.53
CA TYR G 380 6.55 30.47 -54.89
C TYR G 380 6.54 31.85 -55.53
N SER G 381 7.25 32.78 -54.90
CA SER G 381 7.43 34.12 -55.41
C SER G 381 8.91 34.48 -55.42
N GLU G 382 9.20 35.75 -55.69
CA GLU G 382 10.58 36.22 -55.77
C GLU G 382 11.26 36.20 -54.42
N VAL G 397 2.13 35.16 -60.26
CA VAL G 397 0.95 34.89 -61.06
C VAL G 397 -0.18 35.86 -60.70
N THR G 398 -0.63 36.63 -61.71
CA THR G 398 -1.63 37.67 -61.44
C THR G 398 -3.02 37.08 -61.27
N ILE G 399 -3.36 36.03 -62.03
CA ILE G 399 -4.72 35.49 -61.96
C ILE G 399 -4.96 34.82 -60.62
N GLN G 400 -3.94 34.14 -60.07
CA GLN G 400 -4.10 33.48 -58.79
C GLN G 400 -4.07 34.47 -57.63
N LYS G 401 -3.26 35.54 -57.77
CA LYS G 401 -3.21 36.54 -56.70
C LYS G 401 -4.51 37.34 -56.63
N THR G 402 -5.31 37.30 -57.70
CA THR G 402 -6.62 37.94 -57.68
C THR G 402 -7.46 37.38 -56.55
N PHE G 403 -8.08 38.28 -55.79
CA PHE G 403 -8.78 37.92 -54.55
C PHE G 403 -10.28 38.05 -54.63
N THR G 404 -10.80 38.89 -55.53
CA THR G 404 -12.23 39.21 -55.61
C THR G 404 -12.77 39.72 -54.28
N TYR G 405 -11.90 40.36 -53.49
CA TYR G 405 -12.17 40.68 -52.09
C TYR G 405 -12.80 42.06 -51.91
N THR G 406 -12.11 43.11 -52.31
CA THR G 406 -12.66 44.47 -52.16
C THR G 406 -13.58 44.83 -53.32
N ARG G 407 -13.02 44.92 -54.52
CA ARG G 407 -13.75 45.28 -55.74
C ARG G 407 -13.34 44.35 -56.89
N THR G 408 -13.40 43.05 -56.62
CA THR G 408 -13.18 42.00 -57.62
C THR G 408 -11.87 42.21 -58.37
N GLN G 409 -11.87 41.93 -59.67
CA GLN G 409 -10.72 42.22 -60.51
C GLN G 409 -10.66 43.68 -60.93
N ALA G 410 -11.72 44.45 -60.68
CA ALA G 410 -11.70 45.87 -61.01
C ALA G 410 -10.66 46.61 -60.18
N GLN G 411 -10.54 46.27 -58.90
CA GLN G 411 -9.56 46.91 -58.02
C GLN G 411 -8.60 45.87 -57.48
N HIS G 412 -7.34 46.28 -57.30
CA HIS G 412 -6.30 45.42 -56.76
C HIS G 412 -5.43 46.21 -55.80
N LEU G 413 -5.06 45.59 -54.67
CA LEU G 413 -4.11 46.14 -53.73
C LEU G 413 -2.67 45.81 -54.09
N PHE G 414 -2.41 45.50 -55.36
CA PHE G 414 -1.10 45.12 -55.85
C PHE G 414 -0.09 46.24 -55.61
N ILE G 415 -0.56 47.50 -55.62
CA ILE G 415 0.33 48.65 -55.48
C ILE G 415 1.09 48.60 -54.16
N ILE G 416 0.49 48.05 -53.11
CA ILE G 416 1.16 47.90 -51.84
C ILE G 416 1.62 46.47 -51.57
N LEU G 417 0.92 45.47 -52.12
CA LEU G 417 1.40 44.09 -51.99
C LEU G 417 2.76 43.92 -52.66
N MET G 418 3.08 44.77 -53.65
CA MET G 418 4.41 44.76 -54.24
C MET G 418 5.50 44.86 -53.18
N GLU G 419 5.51 45.96 -52.42
CA GLU G 419 6.52 46.14 -51.39
C GLU G 419 6.33 45.15 -50.25
N CYS G 420 5.06 44.84 -49.91
CA CYS G 420 4.80 43.91 -48.81
C CYS G 420 5.46 42.56 -49.07
N MET G 421 5.47 42.10 -50.31
CA MET G 421 6.15 40.87 -50.66
C MET G 421 7.61 41.07 -51.03
N LYS G 422 8.00 42.31 -51.38
CA LYS G 422 9.40 42.61 -51.61
C LYS G 422 10.20 42.43 -50.33
N LYS G 423 9.66 42.87 -49.20
CA LYS G 423 10.32 42.68 -47.91
C LYS G 423 9.86 41.34 -47.30
N LYS G 424 10.33 40.27 -47.92
CA LYS G 424 9.85 38.92 -47.65
C LYS G 424 10.62 38.23 -46.53
N GLU G 425 11.83 38.68 -46.21
CA GLU G 425 12.64 37.98 -45.21
C GLU G 425 12.09 38.16 -43.80
N LEU G 426 11.37 39.25 -43.56
CA LEU G 426 10.81 39.53 -42.24
C LEU G 426 9.45 38.90 -42.00
N ILE G 427 8.83 38.34 -43.03
CA ILE G 427 7.52 37.73 -42.91
C ILE G 427 7.69 36.27 -42.50
N THR G 428 6.93 35.85 -41.48
CA THR G 428 6.99 34.48 -40.97
C THR G 428 5.58 33.92 -40.97
N VAL G 429 5.19 33.32 -42.09
CA VAL G 429 3.86 32.73 -42.21
C VAL G 429 3.82 31.42 -41.44
N PHE G 430 2.83 31.29 -40.56
CA PHE G 430 2.66 30.08 -39.78
C PHE G 430 1.67 29.14 -40.46
N ARG G 431 2.10 27.90 -40.70
CA ARG G 431 1.26 26.88 -41.29
C ARG G 431 1.21 25.69 -40.35
N MET G 432 0.00 25.27 -39.97
CA MET G 432 -0.18 24.15 -39.07
C MET G 432 -0.24 22.85 -39.86
N GLY G 433 0.50 21.84 -39.40
CA GLY G 433 0.52 20.55 -40.06
C GLY G 433 1.48 20.43 -41.22
N SER G 434 2.50 21.28 -41.30
CA SER G 434 3.45 21.22 -42.39
C SER G 434 4.81 21.71 -41.90
N GLU G 435 5.86 21.29 -42.60
CA GLU G 435 7.26 21.63 -42.35
C GLU G 435 7.58 21.69 -40.86
N GLY G 436 8.37 22.69 -40.46
CA GLY G 436 8.68 22.91 -39.06
C GLY G 436 7.81 23.98 -38.44
N HIS G 437 8.15 24.34 -37.21
CA HIS G 437 7.42 25.33 -36.42
C HIS G 437 5.94 24.98 -36.34
N GLN G 438 5.66 23.82 -35.74
CA GLN G 438 4.28 23.41 -35.50
C GLN G 438 3.63 24.21 -34.37
N ASP G 439 4.40 25.00 -33.64
CA ASP G 439 3.88 25.81 -32.53
C ASP G 439 4.08 27.28 -32.84
N ILE G 440 2.99 28.04 -32.78
CA ILE G 440 3.07 29.48 -33.02
C ILE G 440 3.85 30.17 -31.90
N ASP G 441 3.93 29.55 -30.71
CA ASP G 441 4.77 30.08 -29.65
C ASP G 441 6.24 30.07 -30.06
N LEU G 442 6.70 28.95 -30.61
CA LEU G 442 8.06 28.90 -31.15
C LEU G 442 8.21 29.81 -32.37
N ALA G 443 7.15 29.95 -33.17
CA ALA G 443 7.21 30.81 -34.33
C ALA G 443 7.39 32.28 -33.95
N ILE G 444 6.74 32.71 -32.86
CA ILE G 444 6.79 34.11 -32.46
C ILE G 444 8.19 34.49 -32.02
N LEU G 445 8.80 33.69 -31.15
CA LEU G 445 10.10 34.03 -30.61
C LEU G 445 11.21 33.90 -31.65
N THR G 446 11.09 32.94 -32.56
CA THR G 446 12.12 32.75 -33.58
C THR G 446 12.23 33.97 -34.49
N ALA G 447 11.09 34.59 -34.82
CA ALA G 447 11.11 35.75 -35.69
C ALA G 447 11.84 36.93 -35.06
N LEU G 448 11.85 37.01 -33.73
CA LEU G 448 12.56 38.09 -33.06
C LEU G 448 14.07 37.86 -33.06
N LEU G 449 14.50 36.61 -32.93
CA LEU G 449 15.94 36.31 -32.92
C LEU G 449 16.59 36.69 -34.23
N LYS G 450 15.94 36.38 -35.35
CA LYS G 450 16.43 36.76 -36.66
C LYS G 450 15.90 38.13 -37.11
N GLY G 451 15.11 38.79 -36.27
CA GLY G 451 14.50 40.06 -36.64
C GLY G 451 15.39 41.27 -36.52
N ALA G 452 16.63 41.08 -36.08
CA ALA G 452 17.58 42.18 -35.97
C ALA G 452 18.86 41.97 -36.75
N ASN G 453 19.11 40.74 -37.23
CA ASN G 453 20.36 40.38 -37.89
C ASN G 453 21.56 40.73 -37.01
N ALA G 454 21.41 40.50 -35.72
CA ALA G 454 22.43 40.84 -34.75
C ALA G 454 23.38 39.67 -34.56
N SER G 455 24.44 39.91 -33.79
CA SER G 455 25.41 38.87 -33.51
C SER G 455 24.83 37.84 -32.53
N ALA G 456 25.51 36.70 -32.45
CA ALA G 456 25.12 35.67 -31.49
C ALA G 456 25.11 36.15 -30.05
N PRO G 457 26.05 36.99 -29.59
CA PRO G 457 25.94 37.52 -28.21
C PRO G 457 24.62 38.22 -27.91
N ASP G 458 24.07 39.01 -28.84
CA ASP G 458 22.84 39.72 -28.56
C ASP G 458 21.65 38.76 -28.51
N GLN G 459 21.64 37.76 -29.38
CA GLN G 459 20.60 36.74 -29.31
C GLN G 459 20.68 35.97 -27.99
N LEU G 460 21.89 35.67 -27.54
CA LEU G 460 22.06 35.01 -26.26
C LEU G 460 21.57 35.89 -25.12
N SER G 461 21.85 37.20 -25.20
CA SER G 461 21.36 38.13 -24.18
C SER G 461 19.84 38.15 -24.14
N LEU G 462 19.20 38.18 -25.31
CA LEU G 462 17.74 38.15 -25.35
C LEU G 462 17.18 36.86 -24.76
N ALA G 463 17.78 35.72 -25.13
CA ALA G 463 17.32 34.45 -24.61
C ALA G 463 17.52 34.34 -23.10
N LEU G 464 18.61 34.94 -22.59
CA LEU G 464 18.83 34.97 -21.15
C LEU G 464 17.79 35.84 -20.46
N ALA G 465 17.44 36.98 -21.06
CA ALA G 465 16.42 37.85 -20.47
C ALA G 465 15.06 37.16 -20.45
N TRP G 466 14.71 36.46 -21.52
CA TRP G 466 13.43 35.76 -21.58
C TRP G 466 13.41 34.48 -20.75
N ASN G 467 14.58 33.99 -20.33
CA ASN G 467 14.70 32.74 -19.58
C ASN G 467 14.15 31.56 -20.39
N ARG G 468 14.60 31.46 -21.64
CA ARG G 468 14.24 30.37 -22.54
C ARG G 468 15.54 29.70 -22.99
N VAL G 469 15.90 28.61 -22.30
CA VAL G 469 17.17 27.95 -22.61
C VAL G 469 17.02 27.05 -23.84
N ASP G 470 15.82 26.55 -24.12
CA ASP G 470 15.60 25.72 -25.28
C ASP G 470 15.82 26.49 -26.57
N ILE G 471 15.41 27.76 -26.59
CA ILE G 471 15.60 28.60 -27.77
C ILE G 471 17.10 28.76 -28.07
N ALA G 472 17.87 29.08 -27.03
CA ALA G 472 19.31 29.24 -27.22
C ALA G 472 19.97 27.93 -27.61
N ARG G 473 19.51 26.82 -27.05
CA ARG G 473 20.06 25.51 -27.39
C ARG G 473 19.79 25.15 -28.85
N SER G 474 18.58 25.47 -29.34
CA SER G 474 18.17 25.04 -30.67
C SER G 474 18.41 26.08 -31.76
N GLN G 475 18.55 27.36 -31.40
CA GLN G 475 18.67 28.41 -32.40
C GLN G 475 19.97 29.18 -32.35
N ILE G 476 20.67 29.20 -31.22
CA ILE G 476 21.88 30.00 -31.05
C ILE G 476 23.13 29.15 -31.03
N PHE G 477 23.09 28.01 -30.33
CA PHE G 477 24.24 27.10 -30.29
C PHE G 477 24.01 26.03 -31.35
N ILE G 478 24.42 26.34 -32.57
CA ILE G 478 24.24 25.48 -33.72
C ILE G 478 25.58 25.29 -34.42
N TYR G 479 25.54 24.57 -35.54
CA TYR G 479 26.77 24.18 -36.24
C TYR G 479 27.43 25.40 -36.87
N GLY G 480 28.71 25.62 -36.53
CA GLY G 480 29.48 26.69 -37.12
C GLY G 480 28.99 28.09 -36.75
N GLN G 481 29.15 28.46 -35.48
CA GLN G 481 28.63 29.73 -34.99
C GLN G 481 29.68 30.82 -34.86
N GLN G 482 30.95 30.48 -35.02
CA GLN G 482 32.09 31.43 -34.99
C GLN G 482 31.91 32.49 -33.92
N TRP G 483 31.91 32.03 -32.67
CA TRP G 483 31.72 32.95 -31.55
C TRP G 483 32.90 33.91 -31.44
N PRO G 484 32.65 35.18 -31.11
CA PRO G 484 33.75 36.13 -30.88
C PRO G 484 34.60 35.74 -29.68
N VAL G 485 35.64 36.52 -29.42
CA VAL G 485 36.57 36.22 -28.33
C VAL G 485 36.10 36.91 -27.07
N GLY G 486 35.90 36.13 -26.01
CA GLY G 486 35.57 36.66 -24.71
C GLY G 486 34.11 36.99 -24.48
N SER G 487 33.23 36.72 -25.44
CA SER G 487 31.82 37.00 -25.25
C SER G 487 31.15 35.99 -24.33
N LEU G 488 31.55 34.72 -24.42
CA LEU G 488 30.93 33.68 -23.62
C LEU G 488 31.22 33.85 -22.13
N GLU G 489 32.39 34.39 -21.78
CA GLU G 489 32.66 34.66 -20.37
C GLU G 489 31.75 35.75 -19.82
N GLN G 490 31.50 36.79 -20.61
CA GLN G 490 30.55 37.83 -20.19
C GLN G 490 29.14 37.27 -20.10
N ALA G 491 28.77 36.38 -21.01
CA ALA G 491 27.46 35.73 -20.92
C ALA G 491 27.36 34.90 -19.65
N MET G 492 28.44 34.19 -19.29
CA MET G 492 28.44 33.42 -18.05
C MET G 492 28.29 34.33 -16.83
N LEU G 493 28.99 35.46 -16.83
CA LEU G 493 28.85 36.40 -15.72
C LEU G 493 27.43 36.90 -15.60
N ASP G 494 26.80 37.25 -16.73
CA ASP G 494 25.43 37.71 -16.71
C ASP G 494 24.48 36.63 -16.21
N ALA G 495 24.68 35.39 -16.64
CA ALA G 495 23.83 34.30 -16.19
C ALA G 495 23.99 34.04 -14.69
N LEU G 496 25.22 34.16 -14.18
CA LEU G 496 25.45 33.97 -12.75
C LEU G 496 24.78 35.07 -11.95
N VAL G 497 24.84 36.31 -12.42
CA VAL G 497 24.21 37.42 -11.70
C VAL G 497 22.71 37.22 -11.60
N LEU G 498 22.07 36.80 -12.70
CA LEU G 498 20.62 36.68 -12.77
C LEU G 498 20.07 35.38 -12.22
N ASP G 499 20.93 34.46 -11.76
CA ASP G 499 20.52 33.18 -11.19
C ASP G 499 19.79 32.33 -12.23
N ARG G 500 20.48 32.08 -13.33
CA ARG G 500 19.98 31.26 -14.43
C ARG G 500 20.81 29.98 -14.48
N VAL G 501 20.38 28.96 -13.73
CA VAL G 501 21.17 27.74 -13.61
C VAL G 501 21.27 27.02 -14.95
N ASP G 502 20.17 26.97 -15.70
CA ASP G 502 20.17 26.26 -16.97
C ASP G 502 21.14 26.90 -17.96
N PHE G 503 21.20 28.23 -17.99
CA PHE G 503 22.12 28.90 -18.90
C PHE G 503 23.57 28.70 -18.48
N VAL G 504 23.83 28.65 -17.17
CA VAL G 504 25.18 28.35 -16.69
C VAL G 504 25.60 26.95 -17.13
N LYS G 505 24.69 25.99 -16.98
CA LYS G 505 24.97 24.62 -17.40
C LYS G 505 25.22 24.55 -18.90
N LEU G 506 24.40 25.24 -19.70
CA LEU G 506 24.55 25.23 -21.15
C LEU G 506 25.87 25.86 -21.57
N LEU G 507 26.25 26.97 -20.92
CA LEU G 507 27.51 27.62 -21.24
C LEU G 507 28.69 26.74 -20.87
N ILE G 508 28.60 26.03 -19.75
CA ILE G 508 29.66 25.10 -19.38
C ILE G 508 29.77 23.99 -20.40
N GLU G 509 28.64 23.46 -20.86
CA GLU G 509 28.67 22.40 -21.87
C GLU G 509 29.25 22.86 -23.19
N ASN G 510 29.36 24.17 -23.43
CA ASN G 510 29.77 24.70 -24.72
C ASN G 510 31.15 25.35 -24.68
N GLY G 511 32.04 24.85 -23.82
CA GLY G 511 33.43 25.23 -23.87
C GLY G 511 33.88 26.27 -22.86
N VAL G 512 33.05 26.66 -21.91
CA VAL G 512 33.46 27.62 -20.90
C VAL G 512 34.12 26.86 -19.76
N SER G 513 35.37 27.22 -19.45
CA SER G 513 36.13 26.60 -18.37
C SER G 513 36.04 27.51 -17.15
N MET G 514 35.52 26.95 -16.04
CA MET G 514 35.34 27.75 -14.84
C MET G 514 36.67 28.10 -14.17
N HIS G 515 37.72 27.32 -14.41
CA HIS G 515 39.03 27.63 -13.84
C HIS G 515 39.58 28.93 -14.41
N ARG G 516 39.45 29.13 -15.72
CA ARG G 516 39.94 30.34 -16.36
C ARG G 516 39.02 31.54 -16.09
N PHE G 517 37.72 31.30 -16.01
CA PHE G 517 36.76 32.40 -15.90
C PHE G 517 36.88 33.12 -14.57
N LEU G 518 36.91 32.38 -13.47
CA LEU G 518 36.75 32.98 -12.15
C LEU G 518 38.04 33.66 -11.71
N THR G 519 37.95 34.96 -11.41
CA THR G 519 39.03 35.73 -10.84
C THR G 519 38.54 36.41 -9.57
N ILE G 520 39.41 37.22 -8.96
CA ILE G 520 39.04 37.91 -7.73
C ILE G 520 38.01 38.99 -8.00
N SER G 521 38.23 39.77 -9.06
CA SER G 521 37.32 40.86 -9.39
C SER G 521 35.92 40.34 -9.73
N ARG G 522 35.85 39.23 -10.47
CA ARG G 522 34.55 38.66 -10.80
C ARG G 522 33.83 38.17 -9.55
N LEU G 523 34.56 37.57 -8.61
CA LEU G 523 33.94 37.10 -7.38
C LEU G 523 33.44 38.28 -6.54
N GLU G 524 34.21 39.36 -6.48
CA GLU G 524 33.75 40.54 -5.76
C GLU G 524 32.52 41.15 -6.41
N GLU G 525 32.47 41.14 -7.75
CA GLU G 525 31.27 41.59 -8.44
C GLU G 525 30.07 40.70 -8.11
N LEU G 526 30.29 39.38 -8.03
CA LEU G 526 29.22 38.46 -7.70
C LEU G 526 28.69 38.72 -6.29
N TYR G 527 29.57 39.04 -5.36
CA TYR G 527 29.11 39.31 -3.99
C TYR G 527 28.40 40.65 -3.87
N ASN G 528 28.68 41.61 -4.74
CA ASN G 528 28.14 42.95 -4.66
C ASN G 528 27.06 43.21 -5.70
N THR G 529 26.25 42.21 -6.00
CA THR G 529 25.21 42.32 -7.01
C THR G 529 23.84 42.52 -6.39
N ARG G 530 22.89 42.91 -7.23
CA ARG G 530 21.52 43.14 -6.80
C ARG G 530 20.47 42.42 -7.66
N HIS G 531 20.85 41.88 -8.81
CA HIS G 531 19.90 41.31 -9.76
C HIS G 531 19.56 39.86 -9.40
N GLY G 532 19.03 39.67 -8.19
CA GLY G 532 18.67 38.35 -7.75
C GLY G 532 17.71 38.36 -6.57
N PRO G 533 17.36 37.17 -6.10
CA PRO G 533 16.47 37.08 -4.93
C PRO G 533 17.14 37.66 -3.69
N SER G 534 16.31 38.17 -2.79
CA SER G 534 16.81 38.83 -1.59
C SER G 534 17.47 37.84 -0.66
N ASN G 535 18.54 38.28 0.00
CA ASN G 535 19.28 37.48 0.97
C ASN G 535 19.55 38.33 2.21
N THR G 536 20.25 37.76 3.18
CA THR G 536 20.54 38.40 4.46
C THR G 536 22.02 38.67 4.65
N LEU G 537 22.75 38.91 3.55
CA LEU G 537 24.20 39.04 3.65
C LEU G 537 24.60 40.39 4.25
N TYR G 538 23.90 41.47 3.89
CA TYR G 538 24.30 42.79 4.34
C TYR G 538 24.19 42.92 5.86
N HIS G 539 23.17 42.28 6.45
CA HIS G 539 23.05 42.29 7.91
C HIS G 539 24.24 41.63 8.57
N LEU G 540 24.68 40.48 8.04
CA LEU G 540 25.85 39.80 8.59
C LEU G 540 27.10 40.64 8.44
N VAL G 541 27.26 41.29 7.28
CA VAL G 541 28.44 42.13 7.07
C VAL G 541 28.44 43.31 8.04
N ARG G 542 27.26 43.89 8.28
CA ARG G 542 27.16 44.98 9.24
C ARG G 542 27.49 44.50 10.65
N ASP G 543 27.01 43.31 11.02
CA ASP G 543 27.28 42.79 12.35
C ASP G 543 28.77 42.51 12.55
N VAL G 544 29.43 41.93 11.55
CA VAL G 544 30.85 41.62 11.68
C VAL G 544 31.68 42.91 11.67
N LYS G 545 31.30 43.87 10.84
CA LYS G 545 32.03 45.14 10.76
C LYS G 545 31.58 46.15 11.80
N LYS G 546 30.67 45.76 12.70
CA LYS G 546 30.19 46.59 13.80
C LYS G 546 29.44 47.83 13.32
N GLY G 547 28.90 47.80 12.10
CA GLY G 547 28.09 48.89 11.60
C GLY G 547 28.85 50.14 11.21
N ASN G 548 30.19 50.07 11.13
CA ASN G 548 30.99 51.24 10.81
C ASN G 548 31.04 51.53 9.32
N LEU G 549 30.45 50.68 8.48
CA LEU G 549 30.53 50.88 7.04
C LEU G 549 29.78 52.13 6.61
N PRO G 550 30.27 52.82 5.59
CA PRO G 550 29.55 53.98 5.06
C PRO G 550 28.40 53.56 4.18
N PRO G 551 27.57 54.49 3.73
CA PRO G 551 26.53 54.14 2.76
C PRO G 551 27.16 53.64 1.45
N ASP G 552 26.38 52.83 0.73
CA ASP G 552 26.81 52.12 -0.48
C ASP G 552 28.21 51.56 -0.35
N TYR G 553 28.52 50.97 0.80
CA TYR G 553 29.82 50.35 1.02
C TYR G 553 29.97 49.11 0.15
N ARG G 554 31.18 48.88 -0.34
CA ARG G 554 31.48 47.75 -1.22
C ARG G 554 32.10 46.63 -0.39
N ILE G 555 31.51 45.45 -0.45
CA ILE G 555 31.96 44.31 0.33
C ILE G 555 33.17 43.68 -0.34
N SER G 556 34.21 43.45 0.44
CA SER G 556 35.43 42.82 -0.04
C SER G 556 35.48 41.36 0.40
N LEU G 557 36.40 40.61 -0.20
CA LEU G 557 36.55 39.20 0.16
C LEU G 557 37.03 39.03 1.59
N ILE G 558 37.72 40.03 2.14
CA ILE G 558 38.13 39.98 3.54
C ILE G 558 36.90 39.95 4.44
N ASP G 559 35.91 40.79 4.14
CA ASP G 559 34.68 40.78 4.92
C ASP G 559 33.95 39.45 4.81
N ILE G 560 33.97 38.85 3.62
CA ILE G 560 33.35 37.54 3.43
C ILE G 560 34.06 36.49 4.28
N GLY G 561 35.40 36.53 4.31
CA GLY G 561 36.13 35.63 5.17
C GLY G 561 35.79 35.82 6.63
N LEU G 562 35.64 37.07 7.06
CA LEU G 562 35.28 37.36 8.45
C LEU G 562 33.89 36.80 8.76
N VAL G 563 32.94 36.94 7.84
CA VAL G 563 31.60 36.42 8.07
C VAL G 563 31.62 34.90 8.12
N ILE G 564 32.43 34.27 7.26
CA ILE G 564 32.54 32.82 7.28
C ILE G 564 33.11 32.34 8.61
N GLU G 565 34.15 33.03 9.10
CA GLU G 565 34.73 32.66 10.39
C GLU G 565 33.72 32.85 11.52
N TYR G 566 32.93 33.92 11.45
CA TYR G 566 31.91 34.15 12.47
C TYR G 566 30.86 33.04 12.46
N LEU G 567 30.42 32.62 11.28
CA LEU G 567 29.34 31.65 11.20
C LEU G 567 29.81 30.23 11.51
N MET G 568 31.03 29.88 11.12
CA MET G 568 31.47 28.49 11.25
C MET G 568 31.64 28.07 12.71
N GLY G 569 32.16 28.95 13.54
CA GLY G 569 32.31 28.62 14.95
C GLY G 569 33.55 29.27 15.51
N GLY G 570 34.06 28.65 16.58
CA GLY G 570 35.13 29.22 17.37
C GLY G 570 36.49 29.28 16.70
N ALA G 571 37.11 28.13 16.49
CA ALA G 571 38.49 28.06 16.05
C ALA G 571 38.65 28.01 14.53
N TYR G 572 37.56 28.17 13.79
CA TYR G 572 37.64 28.12 12.34
C TYR G 572 38.37 29.35 11.80
N ARG G 573 39.13 29.14 10.73
CA ARG G 573 39.86 30.21 10.05
C ARG G 573 39.65 30.09 8.55
N CYS G 574 39.30 31.21 7.91
CA CYS G 574 39.07 31.23 6.48
C CYS G 574 40.36 31.57 5.74
N ASN G 575 40.46 31.11 4.49
CA ASN G 575 41.62 31.39 3.67
C ASN G 575 41.70 32.84 3.23
N TYR G 576 40.58 33.57 3.26
CA TYR G 576 40.59 34.97 2.87
C TYR G 576 41.32 35.85 3.87
N THR G 577 41.41 35.42 5.13
CA THR G 577 42.04 36.20 6.18
C THR G 577 43.47 35.76 6.47
N ARG G 578 44.02 34.85 5.67
CA ARG G 578 45.40 34.43 5.85
C ARG G 578 46.36 35.51 5.36
N LYS G 579 47.62 35.38 5.77
CA LYS G 579 48.63 36.34 5.34
C LYS G 579 48.89 36.27 3.84
N ARG G 580 48.86 35.06 3.27
CA ARG G 580 49.13 34.91 1.84
C ARG G 580 48.08 35.63 1.01
N PHE G 581 46.80 35.41 1.32
CA PHE G 581 45.74 36.06 0.55
C PHE G 581 45.72 37.56 0.78
N ARG G 582 46.02 38.00 2.00
CA ARG G 582 46.09 39.44 2.25
C ARG G 582 47.23 40.08 1.47
N THR G 583 48.36 39.40 1.37
CA THR G 583 49.48 39.94 0.58
C THR G 583 49.14 39.95 -0.91
N LEU G 584 48.41 38.94 -1.38
CA LEU G 584 47.96 38.94 -2.78
C LEU G 584 46.93 40.03 -3.04
N TYR G 585 46.12 40.37 -2.03
CA TYR G 585 45.01 41.29 -2.21
C TYR G 585 45.46 42.74 -2.09
N HIS G 586 46.13 43.09 -0.99
CA HIS G 586 46.44 44.48 -0.67
C HIS G 586 47.37 45.13 -1.67
N ASN G 587 48.11 44.35 -2.45
CA ASN G 587 49.01 44.89 -3.46
C ASN G 587 48.38 44.94 -4.84
N LEU G 588 47.09 44.68 -4.95
CA LEU G 588 46.38 44.79 -6.23
C LEU G 588 45.25 45.81 -6.11
N ASN G 632 43.24 36.79 -9.31
CA ASN G 632 44.21 36.02 -10.07
C ASN G 632 43.64 34.67 -10.47
N HIS G 633 43.82 33.66 -9.62
CA HIS G 633 43.40 32.31 -9.93
C HIS G 633 42.90 31.64 -8.66
N PHE G 634 42.02 30.66 -8.84
CA PHE G 634 41.53 29.82 -7.73
C PHE G 634 41.72 28.37 -8.15
N PRO G 635 42.56 27.61 -7.46
CA PRO G 635 42.75 26.21 -7.86
C PRO G 635 41.49 25.37 -7.75
N PHE G 636 40.56 25.76 -6.88
CA PHE G 636 39.29 25.05 -6.69
C PHE G 636 38.18 26.08 -6.80
N PRO G 637 37.85 26.53 -8.01
CA PRO G 637 36.83 27.57 -8.15
C PRO G 637 35.46 27.18 -7.62
N PHE G 638 35.09 25.90 -7.70
CA PHE G 638 33.78 25.49 -7.26
C PHE G 638 33.60 25.58 -5.75
N HIS G 639 34.70 25.53 -4.98
CA HIS G 639 34.60 25.83 -3.55
C HIS G 639 34.07 27.24 -3.32
N GLU G 640 34.70 28.22 -3.98
CA GLU G 640 34.26 29.61 -3.86
C GLU G 640 32.84 29.78 -4.39
N LEU G 641 32.53 29.15 -5.52
CA LEU G 641 31.20 29.29 -6.10
C LEU G 641 30.13 28.73 -5.19
N MET G 642 30.37 27.56 -4.57
CA MET G 642 29.37 26.98 -3.69
C MET G 642 29.22 27.80 -2.42
N VAL G 643 30.32 28.32 -1.88
CA VAL G 643 30.21 29.18 -0.70
C VAL G 643 29.41 30.42 -1.02
N TRP G 644 29.66 31.03 -2.18
CA TRP G 644 28.90 32.21 -2.60
C TRP G 644 27.43 31.88 -2.76
N ALA G 645 27.10 30.75 -3.39
CA ALA G 645 25.71 30.39 -3.59
C ALA G 645 25.00 30.13 -2.27
N VAL G 646 25.70 29.53 -1.30
CA VAL G 646 25.07 29.30 0.00
C VAL G 646 24.85 30.62 0.74
N LEU G 647 25.82 31.53 0.65
CA LEU G 647 25.68 32.80 1.37
C LEU G 647 24.62 33.71 0.78
N MET G 648 24.25 33.53 -0.48
CA MET G 648 23.24 34.33 -1.14
C MET G 648 21.87 33.65 -1.17
N LYS G 649 21.74 32.50 -0.50
CA LYS G 649 20.49 31.75 -0.41
C LYS G 649 19.95 31.37 -1.79
N ARG G 650 20.85 30.83 -2.62
CA ARG G 650 20.50 30.33 -3.95
C ARG G 650 20.70 28.82 -3.95
N GLN G 651 19.63 28.09 -3.65
CA GLN G 651 19.77 26.65 -3.39
C GLN G 651 20.03 25.87 -4.66
N LYS G 652 19.37 26.22 -5.76
CA LYS G 652 19.59 25.50 -7.02
C LYS G 652 21.02 25.67 -7.52
N MET G 653 21.54 26.90 -7.45
CA MET G 653 22.92 27.15 -7.87
C MET G 653 23.90 26.40 -6.98
N ALA G 654 23.65 26.40 -5.66
CA ALA G 654 24.53 25.68 -4.74
C ALA G 654 24.51 24.19 -5.00
N LEU G 655 23.33 23.62 -5.28
CA LEU G 655 23.25 22.20 -5.56
C LEU G 655 23.95 21.85 -6.87
N PHE G 656 23.88 22.73 -7.86
CA PHE G 656 24.63 22.50 -9.08
C PHE G 656 26.13 22.55 -8.84
N PHE G 657 26.60 23.53 -8.06
CA PHE G 657 28.02 23.67 -7.79
C PHE G 657 28.56 22.55 -6.91
N TRP G 658 27.71 21.92 -6.09
CA TRP G 658 28.17 20.88 -5.19
C TRP G 658 28.70 19.67 -5.96
N GLN G 659 28.01 19.25 -7.01
CA GLN G 659 28.38 18.04 -7.74
C GLN G 659 29.43 18.28 -8.81
N HIS G 660 30.18 19.38 -8.71
CA HIS G 660 31.30 19.64 -9.60
C HIS G 660 32.53 19.95 -8.76
N GLY G 661 33.64 19.30 -9.07
CA GLY G 661 34.87 19.48 -8.33
C GLY G 661 35.10 18.40 -7.31
N GLU G 662 36.11 18.64 -6.48
CA GLU G 662 36.55 17.69 -5.46
C GLU G 662 35.94 18.03 -4.10
N GLU G 663 36.08 17.08 -3.17
CA GLU G 663 35.70 17.25 -1.77
C GLU G 663 34.21 17.54 -1.61
N ALA G 664 33.40 16.60 -2.09
CA ALA G 664 31.95 16.78 -2.05
C ALA G 664 31.42 16.69 -0.62
N MET G 665 31.93 15.76 0.18
CA MET G 665 31.40 15.56 1.53
C MET G 665 31.77 16.72 2.45
N ALA G 666 33.00 17.21 2.34
CA ALA G 666 33.40 18.38 3.13
C ALA G 666 32.56 19.58 2.77
N LYS G 667 32.30 19.80 1.48
CA LYS G 667 31.47 20.91 1.04
C LYS G 667 30.05 20.78 1.56
N ALA G 668 29.50 19.56 1.53
CA ALA G 668 28.15 19.35 2.04
C ALA G 668 28.05 19.65 3.53
N LEU G 669 29.04 19.20 4.31
CA LEU G 669 29.02 19.45 5.74
C LEU G 669 29.18 20.94 6.04
N VAL G 670 30.08 21.62 5.33
CA VAL G 670 30.27 23.06 5.54
C VAL G 670 29.00 23.81 5.19
N ALA G 671 28.35 23.44 4.08
CA ALA G 671 27.11 24.11 3.69
C ALA G 671 26.02 23.89 4.73
N CYS G 672 25.93 22.67 5.26
CA CYS G 672 24.94 22.41 6.32
C CYS G 672 25.19 23.29 7.53
N LYS G 673 26.45 23.39 7.97
CA LYS G 673 26.75 24.21 9.13
C LYS G 673 26.45 25.68 8.88
N LEU G 674 26.82 26.17 7.69
CA LEU G 674 26.58 27.58 7.36
C LEU G 674 25.09 27.89 7.31
N CYS G 675 24.30 27.01 6.70
CA CYS G 675 22.86 27.24 6.64
C CYS G 675 22.24 27.23 8.03
N LYS G 676 22.70 26.32 8.89
CA LYS G 676 22.20 26.28 10.27
C LYS G 676 22.50 27.59 10.99
N ALA G 677 23.74 28.06 10.88
CA ALA G 677 24.11 29.31 11.55
C ALA G 677 23.32 30.50 11.01
N MET G 678 23.14 30.56 9.68
CA MET G 678 22.38 31.66 9.10
C MET G 678 20.93 31.64 9.54
N ALA G 679 20.34 30.44 9.63
CA ALA G 679 18.97 30.33 10.11
C ALA G 679 18.87 30.82 11.55
N HIS G 680 19.83 30.44 12.39
CA HIS G 680 19.81 30.91 13.77
C HIS G 680 19.93 32.43 13.84
N GLU G 681 20.82 33.02 13.03
CA GLU G 681 20.98 34.46 13.04
C GLU G 681 19.72 35.17 12.58
N ALA G 682 19.07 34.64 11.53
CA ALA G 682 17.82 35.25 11.06
C ALA G 682 16.72 35.14 12.10
N SER G 683 16.66 34.00 12.80
CA SER G 683 15.65 33.83 13.85
C SER G 683 15.91 34.77 15.02
N GLU G 684 17.18 35.04 15.34
CA GLU G 684 17.51 35.85 16.50
C GLU G 684 17.41 37.35 16.23
N ASN G 685 17.32 37.77 14.97
CA ASN G 685 17.17 39.18 14.63
C ASN G 685 15.72 39.56 14.32
N ASP G 686 14.77 38.67 14.61
CA ASP G 686 13.34 38.94 14.44
C ASP G 686 13.01 39.32 13.00
N MET G 687 13.39 38.42 12.09
CA MET G 687 13.08 38.59 10.67
C MET G 687 11.71 38.00 10.37
N VAL G 688 11.40 37.85 9.09
CA VAL G 688 10.08 37.38 8.66
C VAL G 688 9.78 35.96 9.11
N ASP G 689 10.78 35.23 9.59
CA ASP G 689 10.67 33.89 10.17
C ASP G 689 10.34 32.81 9.15
N ASP G 690 10.11 33.17 7.89
CA ASP G 690 10.06 32.16 6.82
C ASP G 690 11.43 31.95 6.20
N ILE G 691 12.28 32.97 6.25
CA ILE G 691 13.68 32.78 5.85
C ILE G 691 14.34 31.75 6.74
N SER G 692 13.99 31.74 8.03
CA SER G 692 14.58 30.77 8.95
C SER G 692 14.21 29.34 8.57
N GLN G 693 12.94 29.10 8.24
CA GLN G 693 12.54 27.75 7.87
C GLN G 693 13.09 27.36 6.50
N GLU G 694 13.21 28.32 5.57
CA GLU G 694 13.87 28.01 4.31
C GLU G 694 15.32 27.60 4.52
N LEU G 695 16.05 28.33 5.39
CA LEU G 695 17.44 28.00 5.66
C LEU G 695 17.57 26.67 6.37
N ASN G 696 16.64 26.36 7.28
CA ASN G 696 16.65 25.05 7.93
C ASN G 696 16.40 23.93 6.93
N HIS G 697 15.50 24.15 5.97
CA HIS G 697 15.28 23.16 4.92
C HIS G 697 16.54 22.95 4.09
N ASN G 698 17.23 24.04 3.75
CA ASN G 698 18.49 23.93 3.01
C ASN G 698 19.53 23.13 3.79
N SER G 699 19.66 23.42 5.08
CA SER G 699 20.62 22.70 5.92
C SER G 699 20.29 21.22 5.98
N ARG G 700 19.01 20.87 6.13
CA ARG G 700 18.62 19.47 6.17
C ARG G 700 18.90 18.79 4.83
N ASP G 701 18.68 19.49 3.72
CA ASP G 701 18.98 18.91 2.41
C ASP G 701 20.48 18.60 2.28
N PHE G 702 21.33 19.52 2.71
CA PHE G 702 22.76 19.28 2.62
C PHE G 702 23.21 18.15 3.55
N GLY G 703 22.63 18.09 4.75
CA GLY G 703 22.94 16.99 5.65
C GLY G 703 22.55 15.64 5.08
N GLN G 704 21.37 15.57 4.44
CA GLN G 704 20.95 14.33 3.82
C GLN G 704 21.86 13.94 2.68
N LEU G 705 22.32 14.92 1.90
CA LEU G 705 23.28 14.62 0.83
C LEU G 705 24.57 14.04 1.41
N ALA G 706 25.07 14.63 2.50
CA ALA G 706 26.29 14.11 3.11
C ALA G 706 26.10 12.69 3.60
N VAL G 707 24.97 12.40 4.25
CA VAL G 707 24.72 11.06 4.77
C VAL G 707 24.65 10.05 3.62
N GLU G 708 23.94 10.39 2.54
CA GLU G 708 23.83 9.46 1.42
C GLU G 708 25.18 9.22 0.75
N LEU G 709 26.00 10.27 0.62
CA LEU G 709 27.33 10.09 0.05
C LEU G 709 28.19 9.19 0.92
N LEU G 710 28.11 9.36 2.24
CA LEU G 710 28.86 8.49 3.15
C LEU G 710 28.40 7.05 3.02
N ASP G 711 27.08 6.83 2.90
CA ASP G 711 26.57 5.47 2.76
C ASP G 711 27.08 4.83 1.48
N GLN G 712 27.06 5.57 0.36
CA GLN G 712 27.57 5.06 -0.90
C GLN G 712 29.05 4.71 -0.80
N SER G 713 29.83 5.61 -0.20
CA SER G 713 31.27 5.38 -0.08
C SER G 713 31.56 4.16 0.78
N TYR G 714 30.85 4.00 1.89
CA TYR G 714 31.07 2.85 2.75
C TYR G 714 30.68 1.55 2.06
N LYS G 715 29.59 1.57 1.29
CA LYS G 715 29.19 0.38 0.55
C LYS G 715 30.23 0.01 -0.51
N GLN G 716 30.80 1.01 -1.19
CA GLN G 716 31.72 0.71 -2.28
C GLN G 716 33.06 0.19 -1.77
N ASP G 717 33.62 0.83 -0.74
CA ASP G 717 34.94 0.44 -0.23
C ASP G 717 35.09 0.98 1.18
N GLU G 718 35.23 0.08 2.16
CA GLU G 718 35.21 0.49 3.57
C GLU G 718 36.50 1.18 4.00
N GLN G 719 37.67 0.68 3.55
CA GLN G 719 38.92 1.25 4.00
C GLN G 719 39.10 2.67 3.48
N LEU G 720 38.80 2.89 2.20
CA LEU G 720 38.88 4.24 1.65
C LEU G 720 37.78 5.13 2.22
N ALA G 721 36.63 4.55 2.60
CA ALA G 721 35.60 5.34 3.27
C ALA G 721 36.10 5.85 4.61
N MET G 722 36.79 5.00 5.38
CA MET G 722 37.35 5.45 6.65
C MET G 722 38.47 6.45 6.43
N LYS G 723 39.28 6.27 5.39
CA LYS G 723 40.33 7.23 5.10
C LYS G 723 39.76 8.58 4.68
N LEU G 724 38.58 8.59 4.07
CA LEU G 724 37.97 9.81 3.59
C LEU G 724 37.45 10.67 4.74
N LEU G 725 37.13 10.06 5.88
CA LEU G 725 36.57 10.77 7.02
C LEU G 725 37.62 11.35 7.95
N THR G 726 38.91 11.06 7.73
CA THR G 726 39.95 11.46 8.66
C THR G 726 41.07 12.29 8.08
N TYR G 727 41.24 12.33 6.76
CA TYR G 727 42.35 13.08 6.19
C TYR G 727 42.16 14.57 6.39
N GLU G 728 43.26 15.28 6.63
CA GLU G 728 43.20 16.70 6.94
C GLU G 728 42.77 17.51 5.73
N LEU G 729 41.93 18.50 5.96
CA LEU G 729 41.38 19.35 4.91
C LEU G 729 42.13 20.68 4.93
N LYS G 730 43.11 20.83 4.04
CA LYS G 730 43.88 22.06 3.99
C LYS G 730 43.00 23.25 3.61
N ASN G 731 42.06 23.05 2.69
CA ASN G 731 41.20 24.12 2.19
C ASN G 731 40.11 24.52 3.18
N TRP G 732 39.88 23.73 4.23
CA TRP G 732 38.79 23.96 5.17
C TRP G 732 39.30 24.06 6.60
N SER G 733 40.34 24.87 6.79
CA SER G 733 40.87 25.22 8.10
C SER G 733 41.49 24.02 8.83
N ASN G 734 42.10 23.10 8.08
CA ASN G 734 42.79 21.94 8.65
C ASN G 734 41.88 21.14 9.56
N ALA G 735 40.64 20.92 9.12
CA ALA G 735 39.69 20.11 9.85
C ALA G 735 39.56 18.74 9.18
N THR G 736 38.64 17.93 9.67
CA THR G 736 38.31 16.64 9.07
C THR G 736 36.80 16.55 8.92
N CYS G 737 36.35 15.55 8.17
CA CYS G 737 34.92 15.39 7.96
C CYS G 737 34.19 15.05 9.26
N LEU G 738 34.83 14.26 10.12
CA LEU G 738 34.24 13.94 11.41
C LEU G 738 34.06 15.18 12.27
N GLN G 739 35.08 16.05 12.31
CA GLN G 739 34.97 17.28 13.09
C GLN G 739 33.87 18.18 12.54
N LEU G 740 33.77 18.28 11.21
CA LEU G 740 32.73 19.11 10.61
C LEU G 740 31.34 18.55 10.88
N ALA G 741 31.21 17.23 10.95
CA ALA G 741 29.92 16.64 11.28
C ALA G 741 29.55 16.85 12.74
N VAL G 742 30.55 16.78 13.62
CA VAL G 742 30.29 17.02 15.04
C VAL G 742 29.94 18.49 15.29
N ALA G 743 30.62 19.40 14.59
CA ALA G 743 30.35 20.83 14.78
C ALA G 743 28.95 21.20 14.32
N ALA G 744 28.43 20.53 13.29
CA ALA G 744 27.09 20.78 12.82
C ALA G 744 26.04 19.99 13.58
N LYS G 745 26.45 19.17 14.56
CA LYS G 745 25.55 18.33 15.35
C LYS G 745 24.69 17.44 14.44
N HIS G 746 25.35 16.82 13.47
CA HIS G 746 24.69 15.91 12.54
C HIS G 746 24.71 14.52 13.15
N ARG G 747 23.60 14.13 13.78
CA ARG G 747 23.56 12.87 14.51
C ARG G 747 23.45 11.67 13.60
N ASP G 748 22.75 11.79 12.48
CA ASP G 748 22.64 10.66 11.56
C ASP G 748 23.98 10.33 10.91
N PHE G 749 24.86 11.31 10.78
CA PHE G 749 26.18 11.07 10.20
C PHE G 749 27.07 10.32 11.18
N ILE G 750 27.08 10.74 12.45
CA ILE G 750 27.93 10.10 13.44
C ILE G 750 27.40 8.72 13.81
N ALA G 751 26.09 8.53 13.80
CA ALA G 751 25.50 7.24 14.16
C ALA G 751 25.56 6.23 13.03
N HIS G 752 26.21 6.54 11.93
CA HIS G 752 26.36 5.60 10.83
C HIS G 752 27.36 4.50 11.20
N THR G 753 27.26 3.38 10.49
CA THR G 753 28.11 2.23 10.81
C THR G 753 29.59 2.55 10.60
N CYS G 754 29.92 3.25 9.52
CA CYS G 754 31.32 3.56 9.24
C CYS G 754 31.90 4.48 10.31
N SER G 755 31.14 5.50 10.72
CA SER G 755 31.61 6.40 11.77
C SER G 755 31.79 5.67 13.08
N GLN G 756 30.87 4.75 13.41
CA GLN G 756 30.99 4.00 14.64
C GLN G 756 32.20 3.08 14.64
N MET G 757 32.47 2.41 13.51
CA MET G 757 33.64 1.56 13.44
C MET G 757 34.94 2.38 13.50
N LEU G 758 34.94 3.56 12.89
CA LEU G 758 36.10 4.45 13.01
C LEU G 758 36.32 4.88 14.45
N LEU G 759 35.23 5.20 15.16
CA LEU G 759 35.33 5.56 16.57
C LEU G 759 35.86 4.40 17.40
N THR G 760 35.42 3.17 17.09
CA THR G 760 35.94 2.01 17.78
C THR G 760 37.44 1.84 17.55
N ASP G 761 37.88 2.00 16.30
CA ASP G 761 39.30 1.86 15.99
C ASP G 761 40.12 2.93 16.69
N MET G 762 39.62 4.16 16.76
CA MET G 762 40.33 5.20 17.49
C MET G 762 40.32 4.94 19.00
N TRP G 763 39.26 4.29 19.49
CA TRP G 763 39.16 3.94 20.91
C TRP G 763 40.19 2.89 21.28
N MET G 764 40.43 1.91 20.40
CA MET G 764 41.38 0.85 20.69
C MET G 764 42.84 1.28 20.60
N GLY G 765 43.14 2.34 19.84
CA GLY G 765 44.50 2.83 19.77
C GLY G 765 45.35 1.97 18.86
N ARG G 766 46.53 1.58 19.35
CA ARG G 766 47.46 0.75 18.60
C ARG G 766 47.36 -0.73 18.98
N LEU G 767 46.17 -1.19 19.35
CA LEU G 767 45.94 -2.57 19.74
C LEU G 767 45.03 -3.24 18.73
N ARG G 768 45.45 -4.40 18.24
CA ARG G 768 44.65 -5.18 17.30
C ARG G 768 43.62 -6.06 18.00
N MET G 769 43.63 -6.09 19.34
CA MET G 769 42.67 -6.88 20.09
C MET G 769 41.25 -6.39 19.86
N ARG G 770 40.38 -7.30 19.40
CA ARG G 770 38.96 -6.98 19.23
C ARG G 770 38.02 -8.04 19.78
N LYS G 771 38.48 -9.29 19.96
CA LYS G 771 37.56 -10.36 20.32
C LYS G 771 37.04 -10.21 21.75
N ASN G 772 37.93 -9.91 22.70
CA ASN G 772 37.53 -9.85 24.11
C ASN G 772 38.44 -8.83 24.80
N SER G 773 37.99 -7.59 24.84
CA SER G 773 38.71 -6.52 25.50
C SER G 773 38.17 -6.35 26.93
N GLY G 774 38.67 -5.33 27.61
CA GLY G 774 38.26 -5.10 28.98
C GLY G 774 38.95 -6.04 29.95
N LEU G 775 38.71 -7.34 29.81
CA LEU G 775 39.37 -8.32 30.67
C LEU G 775 40.87 -8.30 30.46
N LYS G 776 41.31 -8.28 29.20
CA LYS G 776 42.74 -8.27 28.91
C LYS G 776 43.38 -6.93 29.24
N VAL G 777 42.64 -5.83 29.06
CA VAL G 777 43.15 -4.52 29.47
C VAL G 777 43.36 -4.47 30.98
N ILE G 778 42.37 -4.96 31.73
CA ILE G 778 42.49 -5.00 33.19
C ILE G 778 43.65 -5.90 33.61
N LEU G 779 43.79 -7.05 32.94
CA LEU G 779 44.89 -7.95 33.26
C LEU G 779 46.23 -7.31 32.98
N GLY G 780 46.34 -6.57 31.88
CA GLY G 780 47.59 -5.89 31.58
C GLY G 780 47.91 -4.79 32.56
N ILE G 781 46.90 -4.04 33.01
CA ILE G 781 47.14 -3.02 34.02
C ILE G 781 47.56 -3.64 35.34
N LEU G 782 46.92 -4.75 35.73
CA LEU G 782 47.25 -5.41 36.98
C LEU G 782 48.55 -6.20 36.88
N LEU G 783 48.82 -6.80 35.72
CA LEU G 783 50.03 -7.60 35.50
C LEU G 783 50.82 -6.95 34.36
N PRO G 784 51.73 -6.05 34.67
CA PRO G 784 52.52 -5.37 33.62
C PRO G 784 53.28 -6.34 32.73
N PRO G 785 53.86 -7.44 33.27
CA PRO G 785 54.51 -8.40 32.37
C PRO G 785 53.57 -9.05 31.38
N SER G 786 52.26 -9.04 31.63
CA SER G 786 51.30 -9.64 30.71
C SER G 786 51.06 -8.80 29.47
N ILE G 787 51.60 -7.59 29.41
CA ILE G 787 51.36 -6.71 28.27
C ILE G 787 51.98 -7.28 27.00
N LEU G 788 53.16 -7.88 27.11
CA LEU G 788 53.91 -8.32 25.94
C LEU G 788 53.22 -9.45 25.18
N SER G 789 52.21 -10.08 25.75
CA SER G 789 51.50 -11.15 25.06
C SER G 789 50.41 -10.64 24.13
N LEU G 790 50.19 -9.33 24.08
CA LEU G 790 49.14 -8.75 23.24
C LEU G 790 49.69 -8.36 21.87
N GLU G 791 48.82 -8.40 20.87
CA GLU G 791 49.18 -8.03 19.52
C GLU G 791 48.99 -6.53 19.30
N PHE G 792 49.87 -5.95 18.48
CA PHE G 792 49.89 -4.52 18.24
C PHE G 792 49.83 -4.24 16.75
N LYS G 793 49.36 -3.03 16.41
CA LYS G 793 49.35 -2.58 15.03
C LYS G 793 50.73 -2.08 14.63
N ASN G 794 50.91 -1.90 13.33
CA ASN G 794 52.19 -1.44 12.78
C ASN G 794 52.43 0.04 13.10
N GLY G 861 60.09 -2.20 26.46
CA GLY G 861 60.39 -1.65 25.15
C GLY G 861 59.45 -0.52 24.75
N ARG G 862 58.81 -0.67 23.60
CA ARG G 862 57.87 0.32 23.11
C ARG G 862 56.41 -0.15 23.17
N LYS G 863 56.18 -1.43 23.45
CA LYS G 863 54.81 -1.90 23.65
C LYS G 863 54.19 -1.31 24.91
N ILE G 864 55.01 -1.05 25.94
CA ILE G 864 54.51 -0.44 27.17
C ILE G 864 53.96 0.95 26.88
N TYR G 865 54.70 1.74 26.11
CA TYR G 865 54.27 3.10 25.81
C TYR G 865 52.99 3.12 25.01
N GLU G 866 52.89 2.25 24.00
CA GLU G 866 51.69 2.22 23.17
C GLU G 866 50.51 1.62 23.90
N PHE G 867 50.77 0.77 24.89
CA PHE G 867 49.67 0.22 25.70
C PHE G 867 49.14 1.28 26.66
N TYR G 868 50.03 2.01 27.33
CA TYR G 868 49.59 2.95 28.35
C TYR G 868 49.11 4.28 27.78
N ASN G 869 48.93 4.38 26.46
CA ASN G 869 48.42 5.60 25.84
C ASN G 869 47.15 5.37 25.02
N ALA G 870 46.67 4.15 24.93
CA ALA G 870 45.37 3.92 24.32
C ALA G 870 44.27 4.50 25.20
N PRO G 871 43.22 5.07 24.60
CA PRO G 871 42.14 5.66 25.42
C PRO G 871 41.44 4.64 26.31
N ILE G 872 41.32 3.39 25.87
CA ILE G 872 40.62 2.39 26.67
C ILE G 872 41.41 2.05 27.93
N VAL G 873 42.74 1.99 27.81
CA VAL G 873 43.57 1.72 28.98
C VAL G 873 43.44 2.85 29.99
N LYS G 874 43.46 4.10 29.51
CA LYS G 874 43.26 5.24 30.41
C LYS G 874 41.90 5.18 31.08
N PHE G 875 40.87 4.79 30.33
CA PHE G 875 39.53 4.68 30.90
C PHE G 875 39.49 3.64 32.01
N TRP G 876 40.09 2.47 31.78
CA TRP G 876 40.04 1.42 32.79
C TRP G 876 40.87 1.77 34.01
N PHE G 877 42.01 2.45 33.82
CA PHE G 877 42.78 2.93 34.96
C PHE G 877 41.96 3.92 35.78
N TYR G 878 41.28 4.84 35.10
CA TYR G 878 40.42 5.82 35.78
C TYR G 878 39.31 5.12 36.55
N THR G 879 38.69 4.11 35.96
CA THR G 879 37.60 3.38 36.60
C THR G 879 38.09 2.65 37.85
N LEU G 880 39.24 1.98 37.76
CA LEU G 880 39.76 1.29 38.93
C LEU G 880 40.10 2.25 40.06
N ALA G 881 40.69 3.40 39.71
CA ALA G 881 40.98 4.39 40.74
C ALA G 881 39.71 4.91 41.40
N TYR G 882 38.66 5.14 40.61
CA TYR G 882 37.40 5.62 41.18
C TYR G 882 36.78 4.56 42.09
N ILE G 883 36.86 3.29 41.70
CA ILE G 883 36.31 2.22 42.53
C ILE G 883 37.05 2.15 43.86
N GLY G 884 38.38 2.23 43.83
CA GLY G 884 39.13 2.23 45.07
C GLY G 884 38.80 3.42 45.96
N TYR G 885 38.63 4.60 45.35
CA TYR G 885 38.26 5.78 46.13
C TYR G 885 36.90 5.60 46.78
N LEU G 886 35.94 5.04 46.06
CA LEU G 886 34.61 4.83 46.64
C LEU G 886 34.67 3.82 47.78
N MET G 887 35.50 2.77 47.63
CA MET G 887 35.69 1.82 48.72
C MET G 887 36.23 2.49 49.97
N LEU G 888 37.25 3.35 49.81
CA LEU G 888 37.82 4.03 50.97
C LEU G 888 36.82 4.99 51.60
N PHE G 889 36.01 5.67 50.79
CA PHE G 889 35.00 6.56 51.33
C PHE G 889 33.97 5.79 52.17
N ASN G 890 33.53 4.63 51.66
CA ASN G 890 32.64 3.78 52.43
C ASN G 890 33.28 3.38 53.75
N TYR G 891 34.55 2.98 53.69
CA TYR G 891 35.23 2.57 54.92
C TYR G 891 35.25 3.69 55.95
N ILE G 892 35.62 4.90 55.53
CA ILE G 892 35.76 5.96 56.51
C ILE G 892 34.41 6.39 57.07
N VAL G 893 33.34 6.29 56.27
CA VAL G 893 32.05 6.69 56.85
C VAL G 893 31.48 5.58 57.74
N LEU G 894 31.85 4.33 57.51
CA LEU G 894 31.29 3.22 58.28
C LEU G 894 32.03 2.93 59.59
N VAL G 895 33.14 3.61 59.86
CA VAL G 895 33.89 3.38 61.09
C VAL G 895 33.96 4.69 61.87
N LYS G 896 34.40 4.58 63.12
CA LYS G 896 34.40 5.73 64.03
C LYS G 896 35.55 6.68 63.71
N MET G 897 35.28 7.97 63.78
CA MET G 897 36.25 9.00 63.49
C MET G 897 37.04 9.38 64.74
N GLU G 898 38.32 9.69 64.56
CA GLU G 898 39.17 10.17 65.61
C GLU G 898 39.23 11.70 65.55
N ARG G 899 40.11 12.29 66.36
CA ARG G 899 40.26 13.75 66.34
C ARG G 899 40.76 14.24 64.99
N TRP G 900 41.75 13.57 64.42
CA TRP G 900 42.35 13.95 63.16
C TRP G 900 42.13 12.86 62.13
N PRO G 901 42.13 13.21 60.83
CA PRO G 901 41.86 12.22 59.80
C PRO G 901 42.86 11.07 59.79
N SER G 902 42.39 9.91 59.38
CA SER G 902 43.22 8.72 59.24
C SER G 902 43.84 8.69 57.84
N THR G 903 44.61 7.62 57.57
CA THR G 903 45.27 7.51 56.28
C THR G 903 44.27 7.39 55.14
N GLN G 904 43.22 6.59 55.33
CA GLN G 904 42.20 6.45 54.30
C GLN G 904 41.48 7.76 54.06
N GLU G 905 41.21 8.52 55.13
CA GLU G 905 40.58 9.82 54.98
C GLU G 905 41.49 10.78 54.23
N TRP G 906 42.80 10.73 54.49
CA TRP G 906 43.74 11.56 53.75
C TRP G 906 43.72 11.21 52.27
N ILE G 907 43.66 9.91 51.95
CA ILE G 907 43.60 9.51 50.55
C ILE G 907 42.33 10.02 49.90
N VAL G 908 41.20 9.96 50.61
CA VAL G 908 39.93 10.44 50.05
C VAL G 908 40.01 11.94 49.80
N ILE G 909 40.57 12.70 50.75
CA ILE G 909 40.70 14.15 50.59
C ILE G 909 41.60 14.47 49.40
N SER G 910 42.70 13.73 49.26
CA SER G 910 43.61 13.94 48.15
C SER G 910 42.93 13.67 46.82
N TYR G 911 42.15 12.58 46.73
CA TYR G 911 41.42 12.32 45.50
C TYR G 911 40.45 13.45 45.17
N ILE G 912 39.71 13.93 46.18
CA ILE G 912 38.75 14.99 45.93
C ILE G 912 39.46 16.24 45.42
N PHE G 913 40.57 16.60 46.07
CA PHE G 913 41.32 17.80 45.71
C PHE G 913 41.91 17.68 44.30
N THR G 914 42.48 16.52 43.97
CA THR G 914 43.05 16.31 42.65
C THR G 914 41.98 16.37 41.56
N LEU G 915 40.82 15.78 41.81
CA LEU G 915 39.73 15.87 40.84
C LEU G 915 39.27 17.32 40.67
N GLY G 916 39.19 18.06 41.78
CA GLY G 916 38.79 19.45 41.68
C GLY G 916 39.76 20.29 40.87
N ILE G 917 41.06 20.12 41.13
CA ILE G 917 42.03 20.92 40.38
C ILE G 917 42.08 20.46 38.92
N GLU G 918 41.82 19.18 38.65
CA GLU G 918 41.76 18.73 37.26
C GLU G 918 40.58 19.38 36.53
N LYS G 919 39.42 19.46 37.18
CA LYS G 919 38.29 20.16 36.57
C LYS G 919 38.61 21.63 36.36
N MET G 920 39.28 22.25 37.33
CA MET G 920 39.67 23.65 37.21
C MET G 920 40.58 23.87 36.01
N ARG G 921 41.56 22.98 35.82
CA ARG G 921 42.49 23.15 34.72
C ARG G 921 41.87 22.81 33.37
N GLU G 922 40.90 21.89 33.34
CA GLU G 922 40.20 21.62 32.08
C GLU G 922 39.20 22.70 31.74
N ILE G 923 38.78 23.51 32.72
CA ILE G 923 38.01 24.70 32.41
C ILE G 923 38.83 25.69 31.60
N LEU G 924 40.12 25.86 31.91
CA LEU G 924 40.96 26.86 31.28
C LEU G 924 41.53 26.40 29.94
N MET G 925 41.23 25.18 29.51
CA MET G 925 41.66 24.68 28.21
C MET G 925 40.50 24.63 27.21
N SER G 926 39.41 25.33 27.51
CA SER G 926 38.29 25.39 26.58
C SER G 926 38.62 26.27 25.38
N GLU G 927 37.82 26.13 24.33
CA GLU G 927 38.09 26.84 23.09
C GLU G 927 38.05 28.35 23.23
N PRO G 928 37.02 28.98 23.82
CA PRO G 928 37.00 30.44 23.89
C PRO G 928 38.15 30.99 24.72
N GLY G 929 38.64 32.16 24.32
CA GLY G 929 39.75 32.81 24.96
C GLY G 929 39.41 33.71 26.13
N LYS G 930 38.15 33.78 26.52
CA LYS G 930 37.71 34.61 27.64
C LYS G 930 37.46 33.75 28.86
N LEU G 931 37.91 34.24 30.01
CA LEU G 931 37.75 33.48 31.26
C LEU G 931 36.28 33.28 31.60
N LEU G 932 35.47 34.33 31.44
CA LEU G 932 34.06 34.24 31.80
C LEU G 932 33.23 33.55 30.72
N GLN G 933 33.77 33.35 29.52
CA GLN G 933 33.04 32.61 28.50
C GLN G 933 33.27 31.12 28.61
N LYS G 934 34.46 30.69 29.06
CA LYS G 934 34.73 29.27 29.24
C LYS G 934 33.86 28.67 30.34
N VAL G 935 33.56 29.44 31.39
CA VAL G 935 32.74 28.92 32.48
C VAL G 935 31.33 28.62 31.99
N LYS G 936 30.76 29.53 31.19
CA LYS G 936 29.37 29.35 30.75
C LYS G 936 29.23 28.18 29.80
N VAL G 937 30.27 27.85 29.04
CA VAL G 937 30.18 26.70 28.14
C VAL G 937 30.55 25.41 28.89
N TRP G 938 31.36 25.52 29.95
CA TRP G 938 31.63 24.35 30.78
C TRP G 938 30.41 23.95 31.60
N LEU G 939 29.61 24.93 32.01
CA LEU G 939 28.41 24.66 32.81
C LEU G 939 27.22 24.21 31.96
N GLN G 940 27.45 23.81 30.72
CA GLN G 940 26.38 23.27 29.89
C GLN G 940 26.13 21.79 30.15
N GLU G 941 26.97 21.15 30.94
CA GLU G 941 26.84 19.74 31.28
C GLU G 941 26.33 19.62 32.71
N TYR G 942 25.30 18.80 32.91
CA TYR G 942 24.74 18.64 34.25
C TYR G 942 25.73 17.96 35.18
N TRP G 943 26.51 17.01 34.67
CA TRP G 943 27.48 16.31 35.51
C TRP G 943 28.53 17.26 36.06
N ASN G 944 28.95 18.25 35.27
CA ASN G 944 29.93 19.21 35.75
C ASN G 944 29.36 20.07 36.88
N VAL G 945 28.12 20.52 36.74
CA VAL G 945 27.49 21.32 37.79
C VAL G 945 27.35 20.49 39.07
N THR G 946 26.89 19.25 38.93
CA THR G 946 26.74 18.39 40.10
C THR G 946 28.09 18.10 40.76
N ASP G 947 29.13 17.90 39.96
CA ASP G 947 30.46 17.69 40.51
C ASP G 947 30.94 18.91 41.29
N LEU G 948 30.70 20.11 40.75
CA LEU G 948 31.09 21.33 41.45
C LEU G 948 30.34 21.46 42.78
N ILE G 949 29.03 21.21 42.77
CA ILE G 949 28.24 21.30 43.99
C ILE G 949 28.73 20.28 45.03
N ALA G 950 29.01 19.06 44.58
CA ALA G 950 29.48 18.02 45.48
C ALA G 950 30.83 18.39 46.08
N ILE G 951 31.74 18.95 45.28
CA ILE G 951 33.05 19.32 45.79
C ILE G 951 32.94 20.45 46.80
N LEU G 952 32.08 21.44 46.53
CA LEU G 952 31.86 22.50 47.50
C LEU G 952 31.31 21.96 48.81
N LEU G 953 30.33 21.06 48.73
CA LEU G 953 29.75 20.49 49.94
C LEU G 953 30.78 19.68 50.73
N PHE G 954 31.61 18.90 50.01
CA PHE G 954 32.65 18.14 50.69
C PHE G 954 33.66 19.05 51.36
N SER G 955 34.02 20.16 50.69
CA SER G 955 34.95 21.11 51.30
C SER G 955 34.38 21.72 52.57
N VAL G 956 33.09 22.08 52.54
CA VAL G 956 32.45 22.62 53.74
C VAL G 956 32.46 21.59 54.87
N GLY G 957 32.09 20.35 54.54
CA GLY G 957 32.09 19.30 55.55
C GLY G 957 33.45 19.00 56.12
N MET G 958 34.49 19.10 55.28
CA MET G 958 35.84 18.83 55.76
C MET G 958 36.35 19.95 56.64
N ILE G 959 36.09 21.22 56.27
CA ILE G 959 36.55 22.32 57.10
C ILE G 959 35.72 22.44 58.36
N LEU G 960 34.54 21.82 58.40
CA LEU G 960 33.75 21.78 59.63
C LEU G 960 34.04 20.54 60.48
N ARG G 961 34.82 19.59 59.95
CA ARG G 961 35.10 18.35 60.66
C ARG G 961 36.29 18.46 61.60
N LEU G 962 37.22 19.38 61.35
CA LEU G 962 38.42 19.52 62.17
C LEU G 962 38.23 20.52 63.31
N GLN G 963 37.14 20.37 64.05
CA GLN G 963 36.75 21.32 65.08
C GLN G 963 36.22 20.55 66.28
N ASP G 964 35.56 21.28 67.19
CA ASP G 964 35.04 20.68 68.41
C ASP G 964 33.87 19.74 68.08
N GLN G 965 33.47 18.96 69.08
CA GLN G 965 32.64 17.78 68.83
C GLN G 965 31.35 18.07 68.07
N PRO G 966 30.55 19.09 68.40
CA PRO G 966 29.33 19.32 67.60
C PRO G 966 29.62 19.61 66.13
N PHE G 967 30.63 20.43 65.86
CA PHE G 967 30.98 20.73 64.47
C PHE G 967 31.52 19.49 63.78
N ARG G 968 32.26 18.65 64.51
CA ARG G 968 32.74 17.40 63.94
C ARG G 968 31.58 16.48 63.55
N SER G 969 30.55 16.42 64.41
CA SER G 969 29.37 15.62 64.08
C SER G 969 28.65 16.16 62.86
N ASP G 970 28.53 17.49 62.77
CA ASP G 970 27.90 18.09 61.59
C ASP G 970 28.69 17.77 60.32
N GLY G 971 30.01 17.85 60.39
CA GLY G 971 30.83 17.52 59.23
C GLY G 971 30.70 16.05 58.84
N ARG G 972 30.63 15.16 59.83
CA ARG G 972 30.44 13.75 59.55
C ARG G 972 29.10 13.49 58.87
N VAL G 973 28.06 14.18 59.31
CA VAL G 973 26.75 14.04 58.67
C VAL G 973 26.82 14.57 57.23
N ILE G 974 27.58 15.63 57.01
CA ILE G 974 27.76 16.14 55.65
C ILE G 974 28.46 15.09 54.78
N TYR G 975 29.47 14.42 55.34
CA TYR G 975 30.13 13.33 54.60
C TYR G 975 29.14 12.23 54.24
N CYS G 976 28.29 11.84 55.21
CA CYS G 976 27.33 10.78 54.98
C CYS G 976 26.35 11.15 53.87
N VAL G 977 25.89 12.40 53.86
CA VAL G 977 25.01 12.83 52.78
C VAL G 977 25.76 12.91 51.46
N ASN G 978 27.04 13.27 51.50
CA ASN G 978 27.81 13.46 50.26
C ASN G 978 28.12 12.14 49.57
N ILE G 979 28.27 11.05 50.33
CA ILE G 979 28.62 9.78 49.71
C ILE G 979 27.55 9.28 48.74
N ILE G 980 26.31 9.73 48.89
CA ILE G 980 25.23 9.27 48.02
C ILE G 980 25.48 9.71 46.58
N TYR G 981 25.95 10.95 46.41
CA TYR G 981 26.24 11.42 45.05
C TYR G 981 27.35 10.62 44.40
N TRP G 982 28.40 10.30 45.15
CA TRP G 982 29.49 9.53 44.56
C TRP G 982 29.06 8.11 44.26
N TYR G 983 28.10 7.57 45.00
CA TYR G 983 27.50 6.30 44.62
C TYR G 983 26.71 6.43 43.31
N ILE G 984 25.90 7.49 43.19
CA ILE G 984 25.06 7.66 42.02
C ILE G 984 25.88 7.93 40.77
N ARG G 985 27.08 8.51 40.94
CA ARG G 985 27.93 8.87 39.81
C ARG G 985 28.45 7.67 39.04
N LEU G 986 28.30 6.46 39.57
CA LEU G 986 28.72 5.26 38.84
C LEU G 986 27.94 5.05 37.55
N LEU G 987 26.76 5.65 37.43
CA LEU G 987 26.00 5.52 36.19
C LEU G 987 26.69 6.23 35.03
N ASP G 988 27.40 7.31 35.32
CA ASP G 988 28.20 7.98 34.30
C ASP G 988 29.28 7.04 33.75
N ILE G 989 29.92 6.28 34.63
CA ILE G 989 30.90 5.28 34.18
C ILE G 989 30.21 4.16 33.42
N PHE G 990 29.04 3.73 33.90
CA PHE G 990 28.31 2.66 33.22
C PHE G 990 27.90 3.07 31.82
N GLY G 991 27.74 4.36 31.57
CA GLY G 991 27.33 4.87 30.26
C GLY G 991 28.23 4.46 29.11
N VAL G 992 29.37 3.84 29.39
CA VAL G 992 30.26 3.38 28.33
C VAL G 992 29.78 2.06 27.74
N ASN G 993 29.04 1.28 28.52
CA ASN G 993 28.52 0.01 28.04
C ASN G 993 27.49 0.23 26.93
N LYS G 994 27.44 -0.73 25.99
CA LYS G 994 26.55 -0.61 24.85
C LYS G 994 25.09 -0.64 25.27
N TYR G 995 24.77 -1.33 26.36
CA TYR G 995 23.39 -1.50 26.79
C TYR G 995 22.99 -0.64 27.99
N LEU G 996 23.94 -0.33 28.88
CA LEU G 996 23.59 0.41 30.08
C LEU G 996 23.40 1.91 29.83
N GLY G 997 24.13 2.49 28.89
CA GLY G 997 24.03 3.91 28.62
C GLY G 997 22.66 4.36 28.14
N PRO G 998 22.14 3.71 27.10
CA PRO G 998 20.78 4.05 26.65
C PRO G 998 19.73 3.87 27.73
N TYR G 999 19.88 2.87 28.60
CA TYR G 999 18.93 2.70 29.70
C TYR G 999 18.97 3.87 30.67
N VAL G 1000 20.16 4.38 30.97
CA VAL G 1000 20.28 5.54 31.85
C VAL G 1000 19.64 6.76 31.21
N MET G 1001 19.85 6.94 29.90
CA MET G 1001 19.20 8.03 29.19
C MET G 1001 17.67 7.90 29.25
N MET G 1002 17.16 6.68 29.09
CA MET G 1002 15.71 6.48 29.18
C MET G 1002 15.19 6.81 30.57
N ILE G 1003 15.93 6.43 31.61
CA ILE G 1003 15.52 6.77 32.98
C ILE G 1003 15.43 8.29 33.15
N GLY G 1004 16.46 8.99 32.66
CA GLY G 1004 16.44 10.44 32.75
C GLY G 1004 15.25 11.05 32.03
N LYS G 1005 14.88 10.47 30.88
CA LYS G 1005 13.75 11.00 30.13
C LYS G 1005 12.42 10.68 30.79
N MET G 1006 12.31 9.55 31.49
CA MET G 1006 11.06 9.18 32.13
C MET G 1006 10.83 9.89 33.46
N MET G 1007 11.89 10.45 34.05
CA MET G 1007 11.72 11.17 35.31
C MET G 1007 10.70 12.30 35.20
N ILE G 1008 10.61 12.97 34.04
CA ILE G 1008 9.68 14.09 33.90
C ILE G 1008 8.24 13.61 33.95
N ASP G 1009 7.95 12.51 33.25
CA ASP G 1009 6.61 11.93 33.30
C ASP G 1009 6.27 11.48 34.71
N MET G 1010 7.25 10.94 35.44
CA MET G 1010 6.99 10.57 36.83
C MET G 1010 6.67 11.81 37.68
N MET G 1011 7.39 12.91 37.45
N MET G 1011 7.40 12.90 37.45
CA MET G 1011 7.15 14.12 38.23
CA MET G 1011 7.17 14.14 38.19
C MET G 1011 5.78 14.72 37.95
C MET G 1011 5.76 14.68 37.95
N TYR G 1012 5.28 14.59 36.72
CA TYR G 1012 3.96 15.11 36.41
C TYR G 1012 2.84 14.36 37.14
N PHE G 1013 3.09 13.14 37.63
CA PHE G 1013 2.10 12.41 38.42
C PHE G 1013 2.33 12.53 39.91
N VAL G 1014 3.57 12.80 40.33
CA VAL G 1014 3.86 13.01 41.74
C VAL G 1014 3.01 14.15 42.31
N ILE G 1015 2.72 15.17 41.51
CA ILE G 1015 1.97 16.33 42.00
C ILE G 1015 0.53 15.94 42.34
N ILE G 1016 -0.13 15.20 41.44
CA ILE G 1016 -1.49 14.74 41.69
C ILE G 1016 -1.52 13.81 42.89
N MET G 1017 -0.55 12.90 42.97
CA MET G 1017 -0.49 12.01 44.13
C MET G 1017 -0.33 12.80 45.42
N LEU G 1018 0.49 13.85 45.39
CA LEU G 1018 0.67 14.68 46.57
C LEU G 1018 -0.62 15.38 46.97
N VAL G 1019 -1.37 15.88 46.00
CA VAL G 1019 -2.64 16.53 46.30
C VAL G 1019 -3.57 15.58 47.04
N VAL G 1020 -3.74 14.36 46.50
CA VAL G 1020 -4.64 13.40 47.12
C VAL G 1020 -4.14 13.01 48.51
N LEU G 1021 -2.83 12.76 48.63
CA LEU G 1021 -2.24 12.37 49.90
C LEU G 1021 -2.45 13.44 50.96
N MET G 1022 -2.21 14.70 50.61
CA MET G 1022 -2.35 15.78 51.57
C MET G 1022 -3.81 15.94 52.01
N SER G 1023 -4.75 15.80 51.07
CA SER G 1023 -6.15 15.87 51.46
C SER G 1023 -6.48 14.81 52.50
N PHE G 1024 -6.10 13.55 52.22
CA PHE G 1024 -6.41 12.48 53.17
C PHE G 1024 -5.73 12.70 54.51
N GLY G 1025 -4.45 13.08 54.50
CA GLY G 1025 -3.72 13.24 55.75
C GLY G 1025 -4.28 14.36 56.61
N VAL G 1026 -4.60 15.51 56.00
CA VAL G 1026 -5.17 16.60 56.75
C VAL G 1026 -6.51 16.19 57.35
N ALA G 1027 -7.35 15.51 56.56
CA ALA G 1027 -8.64 15.09 57.08
C ALA G 1027 -8.48 14.17 58.28
N ARG G 1028 -7.61 13.16 58.16
CA ARG G 1028 -7.43 12.20 59.25
C ARG G 1028 -6.90 12.89 60.51
N GLN G 1029 -5.86 13.71 60.35
CA GLN G 1029 -5.27 14.37 61.52
C GLN G 1029 -6.28 15.29 62.19
N ALA G 1030 -7.05 16.04 61.41
CA ALA G 1030 -8.02 16.95 61.99
C ALA G 1030 -9.10 16.20 62.74
N ILE G 1031 -9.61 15.11 62.17
CA ILE G 1031 -10.70 14.38 62.81
C ILE G 1031 -10.23 13.69 64.09
N LEU G 1032 -9.11 12.98 64.02
CA LEU G 1032 -8.73 12.14 65.14
C LEU G 1032 -8.14 12.89 66.33
N PHE G 1033 -7.59 14.08 66.12
CA PHE G 1033 -6.91 14.83 67.18
C PHE G 1033 -7.47 16.25 67.22
N PRO G 1034 -8.59 16.45 67.93
CA PRO G 1034 -9.27 17.74 67.91
C PRO G 1034 -8.81 18.77 68.93
N ASN G 1035 -7.82 18.47 69.76
CA ASN G 1035 -7.32 19.41 70.78
C ASN G 1035 -5.80 19.50 70.64
N GLU G 1036 -5.32 20.34 69.73
CA GLU G 1036 -3.90 20.45 69.46
C GLU G 1036 -3.47 21.91 69.48
N GLU G 1037 -2.39 22.19 70.21
CA GLU G 1037 -1.75 23.48 70.16
C GLU G 1037 -0.92 23.58 68.88
N PRO G 1038 -0.79 24.78 68.31
CA PRO G 1038 0.04 24.93 67.11
C PRO G 1038 1.47 24.46 67.36
N SER G 1039 1.95 23.62 66.46
CA SER G 1039 3.26 22.99 66.60
C SER G 1039 3.74 22.53 65.24
N TRP G 1040 5.05 22.34 65.13
CA TRP G 1040 5.62 21.89 63.86
C TRP G 1040 5.38 20.41 63.60
N LYS G 1041 5.01 19.63 64.63
CA LYS G 1041 4.71 18.22 64.43
C LYS G 1041 3.46 18.03 63.57
N LEU G 1042 2.57 19.02 63.52
CA LEU G 1042 1.38 18.92 62.69
C LEU G 1042 1.74 18.82 61.22
N ALA G 1043 2.75 19.57 60.78
CA ALA G 1043 3.19 19.51 59.39
C ALA G 1043 3.78 18.16 59.03
N LYS G 1044 4.26 17.40 60.02
CA LYS G 1044 4.86 16.09 59.78
C LYS G 1044 3.82 14.97 59.69
N ASN G 1045 2.77 15.05 60.52
CA ASN G 1045 1.75 14.00 60.55
C ASN G 1045 0.89 13.99 59.29
N ILE G 1046 0.91 15.07 58.52
CA ILE G 1046 0.12 15.12 57.29
C ILE G 1046 0.71 14.20 56.23
N PHE G 1047 2.04 14.14 56.14
CA PHE G 1047 2.72 13.49 55.03
C PHE G 1047 3.27 12.11 55.37
N TYR G 1048 3.68 11.88 56.61
CA TYR G 1048 4.47 10.72 57.00
C TYR G 1048 3.74 9.40 56.77
N MET G 1049 2.69 9.15 57.55
CA MET G 1049 1.95 7.91 57.53
C MET G 1049 1.16 7.71 56.24
N PRO G 1050 0.46 8.73 55.72
CA PRO G 1050 -0.19 8.54 54.42
C PRO G 1050 0.78 8.17 53.31
N TYR G 1051 2.02 8.65 53.38
CA TYR G 1051 3.01 8.25 52.38
C TYR G 1051 3.47 6.81 52.60
N TRP G 1052 3.72 6.44 53.86
CA TRP G 1052 4.17 5.07 54.10
C TRP G 1052 3.09 4.05 53.76
N MET G 1053 1.81 4.45 53.84
CA MET G 1053 0.72 3.50 53.62
C MET G 1053 0.73 2.95 52.19
N ILE G 1054 1.00 3.79 51.20
CA ILE G 1054 0.84 3.39 49.80
C ILE G 1054 1.98 2.48 49.37
N TYR G 1055 2.95 2.26 50.25
CA TYR G 1055 4.05 1.34 49.98
C TYR G 1055 3.92 0.04 50.77
N GLY G 1056 2.71 -0.31 51.17
CA GLY G 1056 2.45 -1.57 51.82
C GLY G 1056 2.29 -1.51 53.32
N GLU G 1057 2.73 -0.41 53.95
CA GLU G 1057 2.65 -0.28 55.40
C GLU G 1057 1.26 0.24 55.78
N VAL G 1058 0.28 -0.66 55.76
CA VAL G 1058 -1.09 -0.38 56.14
C VAL G 1058 -1.35 -1.04 57.49
N PHE G 1059 -1.81 -0.26 58.45
CA PHE G 1059 -2.11 -0.76 59.80
C PHE G 1059 -3.45 -0.19 60.23
N ALA G 1060 -4.50 -1.01 60.18
CA ALA G 1060 -5.85 -0.53 60.46
C ALA G 1060 -6.01 -0.11 61.91
N ASP G 1061 -5.23 -0.69 62.82
CA ASP G 1061 -5.34 -0.34 64.22
C ASP G 1061 -4.76 1.03 64.55
N GLN G 1062 -3.96 1.59 63.64
CA GLN G 1062 -3.40 2.93 63.82
C GLN G 1062 -4.09 3.99 62.98
N ILE G 1063 -4.53 3.65 61.77
CA ILE G 1063 -5.27 4.62 60.95
C ILE G 1063 -6.59 4.96 61.62
N ASP G 1064 -7.23 3.97 62.24
CA ASP G 1064 -8.49 4.18 62.94
C ASP G 1064 -8.47 3.34 64.21
N PRO G 1065 -7.99 3.92 65.32
CA PRO G 1065 -7.94 3.16 66.57
C PRO G 1065 -9.34 2.85 67.07
N PRO G 1066 -9.53 1.71 67.74
CA PRO G 1066 -10.84 1.40 68.29
C PRO G 1066 -11.22 2.34 69.42
N CYS G 1067 -12.54 2.50 69.61
CA CYS G 1067 -13.06 3.40 70.63
C CYS G 1067 -14.53 3.12 70.90
N GLN G 1080 -13.77 0.38 78.56
CA GLN G 1080 -12.34 0.16 78.69
C GLN G 1080 -11.56 1.07 77.74
N LEU G 1081 -12.02 1.16 76.49
CA LEU G 1081 -11.39 2.01 75.50
C LEU G 1081 -11.75 3.48 75.72
N PRO G 1082 -10.91 4.40 75.25
CA PRO G 1082 -11.24 5.82 75.40
C PRO G 1082 -12.49 6.15 74.62
N PRO G 1083 -13.20 7.20 75.03
CA PRO G 1083 -14.45 7.56 74.34
C PRO G 1083 -14.22 7.86 72.87
N CYS G 1084 -15.23 7.50 72.07
CA CYS G 1084 -15.12 7.66 70.63
C CYS G 1084 -15.11 9.13 70.24
N LYS G 1085 -14.16 9.52 69.41
CA LYS G 1085 -14.16 10.85 68.83
C LYS G 1085 -15.35 11.00 67.87
N THR G 1086 -15.88 12.22 67.80
CA THR G 1086 -17.01 12.48 66.90
C THR G 1086 -16.58 12.26 65.46
N GLY G 1087 -17.31 11.40 64.75
CA GLY G 1087 -17.01 11.13 63.37
C GLY G 1087 -15.82 10.26 63.11
N ALA G 1088 -15.41 9.44 64.09
CA ALA G 1088 -14.25 8.57 63.92
C ALA G 1088 -14.49 7.44 62.93
N TRP G 1089 -15.74 7.20 62.53
CA TRP G 1089 -16.06 6.14 61.59
C TRP G 1089 -15.78 6.53 60.14
N ILE G 1090 -15.51 7.80 59.86
CA ILE G 1090 -15.27 8.23 58.48
C ILE G 1090 -13.84 7.96 58.04
N VAL G 1091 -12.92 7.80 58.99
CA VAL G 1091 -11.51 7.59 58.64
C VAL G 1091 -11.31 6.32 57.81
N PRO G 1092 -11.86 5.16 58.19
CA PRO G 1092 -11.70 3.98 57.31
C PRO G 1092 -12.30 4.17 55.93
N ALA G 1093 -13.41 4.90 55.80
CA ALA G 1093 -14.02 5.08 54.50
C ALA G 1093 -13.15 5.95 53.60
N ILE G 1094 -12.67 7.07 54.11
CA ILE G 1094 -11.79 7.92 53.31
C ILE G 1094 -10.48 7.20 53.03
N MET G 1095 -10.02 6.35 53.96
CA MET G 1095 -8.82 5.56 53.72
C MET G 1095 -9.01 4.58 52.58
N ALA G 1096 -10.18 3.92 52.53
CA ALA G 1096 -10.45 3.00 51.44
C ALA G 1096 -10.48 3.72 50.10
N CYS G 1097 -11.15 4.88 50.06
CA CYS G 1097 -11.18 5.65 48.82
C CYS G 1097 -9.78 6.11 48.40
N TYR G 1098 -8.98 6.54 49.37
CA TYR G 1098 -7.62 6.99 49.08
C TYR G 1098 -6.76 5.86 48.54
N LEU G 1099 -6.83 4.68 49.15
CA LEU G 1099 -6.05 3.54 48.65
C LEU G 1099 -6.48 3.16 47.24
N LEU G 1100 -7.80 3.14 46.99
CA LEU G 1100 -8.27 2.81 45.65
C LEU G 1100 -7.79 3.81 44.62
N VAL G 1101 -7.82 5.11 44.94
CA VAL G 1101 -7.38 6.12 43.99
C VAL G 1101 -5.89 6.03 43.75
N ALA G 1102 -5.11 5.82 44.81
CA ALA G 1102 -3.65 5.87 44.68
C ALA G 1102 -3.09 4.61 44.04
N ASN G 1103 -3.37 3.44 44.61
CA ASN G 1103 -2.68 2.22 44.21
C ASN G 1103 -3.24 1.57 42.97
N ILE G 1104 -4.43 1.96 42.49
CA ILE G 1104 -5.08 1.30 41.38
C ILE G 1104 -5.17 2.23 40.16
N LEU G 1105 -5.60 3.47 40.36
CA LEU G 1105 -5.85 4.35 39.23
C LEU G 1105 -4.57 5.01 38.74
N LEU G 1106 -3.90 5.77 39.61
CA LEU G 1106 -2.74 6.55 39.19
C LEU G 1106 -1.56 5.66 38.82
N VAL G 1107 -1.35 4.58 39.57
CA VAL G 1107 -0.23 3.69 39.28
C VAL G 1107 -0.40 3.05 37.90
N ASN G 1108 -1.60 2.55 37.61
CA ASN G 1108 -1.84 1.92 36.32
C ASN G 1108 -1.79 2.93 35.18
N LEU G 1109 -2.25 4.16 35.43
CA LEU G 1109 -2.15 5.19 34.40
C LEU G 1109 -0.68 5.51 34.10
N LEU G 1110 0.15 5.60 35.14
CA LEU G 1110 1.57 5.85 34.93
C LEU G 1110 2.23 4.69 34.18
N ILE G 1111 1.82 3.46 34.49
CA ILE G 1111 2.32 2.30 33.76
C ILE G 1111 1.97 2.40 32.28
N ALA G 1112 0.73 2.81 31.98
CA ALA G 1112 0.33 2.96 30.58
C ALA G 1112 1.12 4.06 29.89
N VAL G 1113 1.37 5.16 30.60
CA VAL G 1113 2.15 6.26 30.03
C VAL G 1113 3.56 5.79 29.69
N PHE G 1114 4.20 5.06 30.61
CA PHE G 1114 5.53 4.54 30.33
C PHE G 1114 5.50 3.55 29.17
N ASN G 1115 4.46 2.71 29.11
CA ASN G 1115 4.40 1.68 28.09
C ASN G 1115 4.22 2.28 26.70
N ASN G 1116 3.43 3.34 26.57
CA ASN G 1116 3.05 3.84 25.26
C ASN G 1116 4.01 4.89 24.71
N THR G 1117 5.09 5.22 25.41
CA THR G 1117 6.08 6.17 24.95
C THR G 1117 7.47 5.57 24.90
N PHE G 1118 7.56 4.25 25.05
CA PHE G 1118 8.83 3.55 25.17
C PHE G 1118 9.61 3.49 23.87
N PHE G 1119 8.93 3.30 22.73
CA PHE G 1119 9.64 3.06 21.47
C PHE G 1119 10.43 4.28 21.02
N GLU G 1120 9.78 5.44 20.97
CA GLU G 1120 10.46 6.65 20.51
C GLU G 1120 11.57 7.07 21.47
N VAL G 1121 11.31 6.95 22.77
CA VAL G 1121 12.34 7.27 23.76
C VAL G 1121 13.55 6.37 23.59
N LYS G 1122 13.31 5.07 23.38
CA LYS G 1122 14.42 4.14 23.19
C LYS G 1122 15.23 4.47 21.95
N SER G 1123 14.54 4.77 20.83
CA SER G 1123 15.27 5.08 19.61
C SER G 1123 16.08 6.36 19.75
N ILE G 1124 15.49 7.40 20.34
CA ILE G 1124 16.21 8.65 20.53
C ILE G 1124 17.41 8.45 21.45
N SER G 1125 17.25 7.66 22.51
CA SER G 1125 18.35 7.41 23.42
C SER G 1125 19.50 6.68 22.73
N ASN G 1126 19.17 5.70 21.88
CA ASN G 1126 20.21 5.00 21.14
C ASN G 1126 20.98 5.96 20.23
N GLN G 1127 20.25 6.82 19.51
CA GLN G 1127 20.91 7.77 18.63
C GLN G 1127 21.81 8.73 19.40
N VAL G 1128 21.32 9.24 20.54
CA VAL G 1128 22.09 10.19 21.32
C VAL G 1128 23.34 9.53 21.90
N TRP G 1129 23.23 8.28 22.36
CA TRP G 1129 24.39 7.59 22.89
C TRP G 1129 25.45 7.37 21.81
N LYS G 1130 25.01 6.96 20.61
CA LYS G 1130 25.95 6.79 19.51
C LYS G 1130 26.62 8.10 19.15
N PHE G 1131 25.87 9.21 19.17
CA PHE G 1131 26.48 10.50 18.90
C PHE G 1131 27.49 10.88 19.98
N GLN G 1132 27.18 10.60 21.24
CA GLN G 1132 28.01 11.06 22.34
C GLN G 1132 29.24 10.19 22.59
N ARG G 1133 29.36 9.03 21.92
CA ARG G 1133 30.60 8.28 22.00
C ARG G 1133 31.82 9.12 21.61
N TYR G 1134 31.67 10.03 20.65
CA TYR G 1134 32.79 10.80 20.11
C TYR G 1134 33.44 11.65 21.20
N GLN G 1135 32.63 12.33 22.00
CA GLN G 1135 33.19 13.21 23.03
C GLN G 1135 33.90 12.41 24.11
N LEU G 1136 33.38 11.23 24.44
CA LEU G 1136 34.06 10.36 25.39
C LEU G 1136 35.43 9.96 24.87
N ILE G 1137 35.50 9.57 23.60
CA ILE G 1137 36.78 9.16 23.03
C ILE G 1137 37.76 10.32 23.00
N MET G 1138 37.29 11.52 22.62
CA MET G 1138 38.17 12.69 22.61
C MET G 1138 38.65 13.02 24.02
N THR G 1139 37.74 12.96 25.00
CA THR G 1139 38.10 13.29 26.38
C THR G 1139 39.17 12.36 26.91
N PHE G 1140 39.04 11.06 26.65
CA PHE G 1140 40.06 10.15 27.14
C PHE G 1140 41.31 10.13 26.26
N HIS G 1141 41.25 10.69 25.05
CA HIS G 1141 42.48 10.91 24.30
C HIS G 1141 43.26 12.11 24.82
N GLU G 1142 42.57 13.15 25.29
CA GLU G 1142 43.22 14.37 25.76
C GLU G 1142 43.59 14.34 27.23
N ARG G 1143 43.61 13.19 27.87
CA ARG G 1143 43.83 13.10 29.30
C ARG G 1143 45.19 12.50 29.62
N PRO G 1144 45.73 12.80 30.80
CA PRO G 1144 47.02 12.21 31.21
C PRO G 1144 46.89 10.70 31.38
N VAL G 1145 48.05 10.05 31.46
CA VAL G 1145 48.09 8.61 31.63
C VAL G 1145 47.62 8.21 33.02
N LEU G 1146 48.09 8.93 34.04
CA LEU G 1146 47.75 8.59 35.41
C LEU G 1146 46.35 8.99 35.80
N PRO G 1147 45.73 8.23 36.72
CA PRO G 1147 44.37 8.55 37.20
C PRO G 1147 44.37 9.68 38.22
N PRO G 1148 43.20 10.24 38.54
CA PRO G 1148 43.13 11.41 39.45
C PRO G 1148 43.87 11.33 40.78
N PRO G 1149 43.75 10.21 41.52
CA PRO G 1149 44.42 10.22 42.83
C PRO G 1149 45.90 10.62 42.73
N LEU G 1150 46.59 10.20 41.67
CA LEU G 1150 48.03 10.48 41.55
C LEU G 1150 48.43 11.31 40.32
N ILE G 1151 47.53 12.15 39.82
CA ILE G 1151 47.89 13.01 38.70
C ILE G 1151 48.54 14.29 39.19
N ILE G 1152 48.73 14.40 40.50
CA ILE G 1152 49.27 15.64 41.05
C ILE G 1152 50.62 15.97 40.44
N PHE G 1153 51.48 14.97 40.32
CA PHE G 1153 52.81 15.20 39.78
C PHE G 1153 52.72 15.74 38.36
N SER G 1154 51.82 15.18 37.58
CA SER G 1154 51.67 15.62 36.20
C SER G 1154 51.39 17.11 36.14
N HIS G 1155 50.58 17.59 37.08
CA HIS G 1155 50.25 19.01 37.11
C HIS G 1155 51.51 19.85 37.21
N MET G 1156 52.42 19.45 38.09
CA MET G 1156 53.67 20.20 38.24
C MET G 1156 54.55 20.07 37.02
N THR G 1157 54.70 18.84 36.51
CA THR G 1157 55.57 18.63 35.35
C THR G 1157 55.20 19.54 34.20
N MET G 1158 53.90 19.69 33.94
CA MET G 1158 53.47 20.60 32.88
C MET G 1158 53.87 22.04 33.18
N ARG G 1177 48.51 15.53 16.28
CA ARG G 1177 47.96 14.20 16.54
C ARG G 1177 48.12 13.30 15.31
N ASP G 1178 49.11 12.39 15.38
CA ASP G 1178 49.35 11.49 14.25
C ASP G 1178 48.12 10.64 13.97
N TYR G 1179 47.40 10.24 15.01
CA TYR G 1179 46.11 9.59 14.86
C TYR G 1179 45.36 9.77 16.17
N GLY G 1180 44.07 9.38 16.15
CA GLY G 1180 43.15 9.66 17.22
C GLY G 1180 42.39 10.95 17.02
N LEU G 1181 42.96 11.89 16.25
CA LEU G 1181 42.26 13.09 15.80
C LEU G 1181 42.27 13.23 14.29
N LYS G 1182 43.44 13.19 13.66
CA LYS G 1182 43.54 13.44 12.22
C LYS G 1182 44.29 12.34 11.49
N LEU G 1183 44.59 12.57 10.21
CA LEU G 1183 45.31 11.60 9.39
C LEU G 1183 46.00 12.39 8.27
N PHE G 1184 47.32 12.40 8.27
CA PHE G 1184 48.08 13.17 7.29
C PHE G 1184 48.43 12.28 6.11
N ILE G 1185 48.04 12.71 4.91
CA ILE G 1185 48.10 11.89 3.72
C ILE G 1185 49.01 12.55 2.69
N THR G 1186 49.58 11.72 1.82
CA THR G 1186 50.50 12.18 0.78
C THR G 1186 49.75 12.55 -0.49
N ASP G 1187 50.48 13.16 -1.42
CA ASP G 1187 49.85 13.69 -2.64
C ASP G 1187 49.25 12.59 -3.49
N ASP G 1188 49.97 11.48 -3.68
CA ASP G 1188 49.43 10.39 -4.48
C ASP G 1188 48.21 9.76 -3.82
N GLU G 1189 48.28 9.54 -2.51
CA GLU G 1189 47.12 9.00 -1.80
C GLU G 1189 45.99 10.00 -1.75
N LEU G 1190 46.30 11.30 -1.69
CA LEU G 1190 45.26 12.32 -1.74
C LEU G 1190 44.53 12.27 -3.08
N LYS G 1191 45.27 12.11 -4.18
CA LYS G 1191 44.64 11.99 -5.48
C LYS G 1191 43.82 10.72 -5.58
N LYS G 1192 44.30 9.64 -4.98
CA LYS G 1192 43.52 8.40 -4.94
C LYS G 1192 42.19 8.60 -4.22
N VAL G 1193 42.22 9.29 -3.08
CA VAL G 1193 41.00 9.56 -2.32
C VAL G 1193 40.05 10.44 -3.12
N HIS G 1194 40.60 11.45 -3.81
CA HIS G 1194 39.77 12.32 -4.64
C HIS G 1194 39.08 11.53 -5.76
N ASP G 1195 39.82 10.66 -6.43
CA ASP G 1195 39.24 9.85 -7.49
C ASP G 1195 38.17 8.92 -6.96
N PHE G 1196 38.42 8.31 -5.80
CA PHE G 1196 37.42 7.44 -5.18
C PHE G 1196 36.14 8.21 -4.88
N GLU G 1197 36.28 9.42 -4.34
CA GLU G 1197 35.10 10.23 -4.02
C GLU G 1197 34.33 10.61 -5.28
N GLU G 1198 35.03 10.98 -6.35
CA GLU G 1198 34.35 11.33 -7.59
C GLU G 1198 33.60 10.13 -8.17
N GLN G 1199 34.22 8.96 -8.16
CA GLN G 1199 33.52 7.77 -8.63
C GLN G 1199 32.28 7.49 -7.78
N CYS G 1200 32.39 7.67 -6.46
CA CYS G 1200 31.25 7.42 -5.59
C CYS G 1200 30.10 8.37 -5.88
N ILE G 1201 30.40 9.66 -6.08
CA ILE G 1201 29.30 10.61 -6.31
C ILE G 1201 28.67 10.36 -7.68
N GLU G 1202 29.47 10.01 -8.68
CA GLU G 1202 28.91 9.67 -9.98
C GLU G 1202 28.00 8.46 -9.89
N GLU G 1203 28.43 7.42 -9.17
CA GLU G 1203 27.58 6.24 -8.99
C GLU G 1203 26.31 6.57 -8.24
N TYR G 1204 26.40 7.44 -7.23
CA TYR G 1204 25.21 7.83 -6.49
C TYR G 1204 24.19 8.50 -7.40
N PHE G 1205 24.62 9.47 -8.20
CA PHE G 1205 23.68 10.15 -9.08
C PHE G 1205 23.10 9.20 -10.13
N ARG G 1206 23.94 8.33 -10.69
CA ARG G 1206 23.44 7.39 -11.69
C ARG G 1206 22.41 6.43 -11.10
N GLU G 1207 22.67 5.93 -9.89
CA GLU G 1207 21.71 5.03 -9.24
C GLU G 1207 20.41 5.74 -8.93
N LYS G 1208 20.49 7.00 -8.49
CA LYS G 1208 19.26 7.75 -8.21
C LYS G 1208 18.43 7.95 -9.47
N ASP G 1209 19.09 8.30 -10.58
CA ASP G 1209 18.36 8.46 -11.84
C ASP G 1209 17.73 7.15 -12.29
N ASP G 1210 18.47 6.04 -12.17
CA ASP G 1210 17.92 4.75 -12.57
C ASP G 1210 16.72 4.36 -11.72
N ARG G 1211 16.78 4.62 -10.41
CA ARG G 1211 15.64 4.32 -9.55
C ARG G 1211 14.44 5.18 -9.92
N PHE G 1212 14.67 6.46 -10.21
CA PHE G 1212 13.55 7.34 -10.54
C PHE G 1212 12.88 6.94 -11.85
N ASN G 1213 13.67 6.62 -12.88
CA ASN G 1213 13.09 6.36 -14.19
C ASN G 1213 12.28 5.08 -14.24
N SER G 1214 12.54 4.13 -13.34
CA SER G 1214 11.86 2.85 -13.37
C SER G 1214 10.73 2.75 -12.35
N SER G 1215 10.35 3.86 -11.73
CA SER G 1215 9.23 3.84 -10.79
C SER G 1215 7.92 3.68 -11.53
N ASN G 1216 6.91 3.17 -10.81
CA ASN G 1216 5.59 2.97 -11.42
C ASN G 1216 4.94 4.29 -11.80
N ASP G 1217 5.07 5.31 -10.94
CA ASP G 1217 4.43 6.59 -11.21
C ASP G 1217 4.97 7.24 -12.47
N GLU G 1218 6.29 7.23 -12.64
CA GLU G 1218 6.88 7.85 -13.82
C GLU G 1218 6.50 7.09 -15.09
N ARG G 1219 6.49 5.76 -15.03
CA ARG G 1219 6.08 4.97 -16.19
C ARG G 1219 4.63 5.24 -16.55
N ILE G 1220 3.76 5.34 -15.54
CA ILE G 1220 2.34 5.62 -15.80
C ILE G 1220 2.18 7.00 -16.44
N ARG G 1221 2.89 8.00 -15.92
CA ARG G 1221 2.79 9.35 -16.47
C ARG G 1221 3.27 9.39 -17.91
N VAL G 1222 4.43 8.79 -18.19
CA VAL G 1222 4.96 8.80 -19.55
C VAL G 1222 4.04 8.05 -20.50
N THR G 1223 3.51 6.91 -20.05
CA THR G 1223 2.58 6.15 -20.88
C THR G 1223 1.33 6.97 -21.21
N SER G 1224 0.79 7.67 -20.22
CA SER G 1224 -0.39 8.49 -20.47
C SER G 1224 -0.12 9.59 -21.47
N GLU G 1225 1.02 10.28 -21.33
CA GLU G 1225 1.37 11.34 -22.27
C GLU G 1225 1.54 10.80 -23.68
N ARG G 1226 2.25 9.68 -23.82
CA ARG G 1226 2.48 9.10 -25.13
C ARG G 1226 1.17 8.61 -25.74
N VAL G 1227 0.28 8.04 -24.93
CA VAL G 1227 -1.01 7.59 -25.44
C VAL G 1227 -1.83 8.76 -25.94
N GLU G 1228 -1.82 9.88 -25.21
CA GLU G 1228 -2.55 11.06 -25.66
C GLU G 1228 -2.01 11.58 -26.99
N ASN G 1229 -0.68 11.71 -27.08
CA ASN G 1229 -0.08 12.20 -28.33
C ASN G 1229 -0.35 11.24 -29.49
N MET G 1230 -0.26 9.93 -29.23
CA MET G 1230 -0.52 8.95 -30.27
C MET G 1230 -1.97 9.00 -30.72
N SER G 1231 -2.91 9.20 -29.79
CA SER G 1231 -4.31 9.32 -30.16
C SER G 1231 -4.55 10.53 -31.03
N MET G 1232 -3.93 11.67 -30.68
CA MET G 1232 -4.07 12.86 -31.53
C MET G 1232 -3.48 12.62 -32.92
N ARG G 1233 -2.31 11.98 -32.97
CA ARG G 1233 -1.67 11.72 -34.26
C ARG G 1233 -2.53 10.78 -35.12
N LEU G 1234 -3.08 9.74 -34.51
CA LEU G 1234 -3.93 8.81 -35.27
C LEU G 1234 -5.22 9.48 -35.72
N GLU G 1235 -5.78 10.36 -34.89
CA GLU G 1235 -6.95 11.11 -35.32
C GLU G 1235 -6.63 11.98 -36.53
N GLU G 1236 -5.48 12.64 -36.51
CA GLU G 1236 -5.07 13.44 -37.66
C GLU G 1236 -4.86 12.59 -38.90
N VAL G 1237 -4.26 11.40 -38.73
CA VAL G 1237 -4.03 10.49 -39.85
C VAL G 1237 -5.35 10.05 -40.46
N ASN G 1238 -6.31 9.66 -39.60
CA ASN G 1238 -7.62 9.26 -40.08
C ASN G 1238 -8.42 10.42 -40.64
N GLU G 1239 -8.05 11.66 -40.30
CA GLU G 1239 -8.78 12.83 -40.79
C GLU G 1239 -8.71 12.93 -42.31
N ARG G 1240 -7.54 12.63 -42.89
CA ARG G 1240 -7.37 12.75 -44.33
C ARG G 1240 -8.26 11.75 -45.07
N GLU G 1241 -8.68 12.14 -46.27
CA GLU G 1241 -9.54 11.32 -47.13
C GLU G 1241 -8.91 11.26 -48.51
N HIS G 1242 -8.01 10.31 -48.72
CA HIS G 1242 -7.34 10.14 -50.00
C HIS G 1242 -8.10 9.21 -50.94
N SER G 1243 -9.22 8.64 -50.50
CA SER G 1243 -10.00 7.74 -51.33
C SER G 1243 -11.16 8.48 -51.98
N UNK H 1 -5.36 64.44 -8.08
CA UNK H 1 -4.87 63.16 -8.56
C UNK H 1 -3.61 63.35 -9.42
N UNK H 2 -2.71 62.38 -9.35
CA UNK H 2 -1.49 62.43 -10.14
C UNK H 2 -1.79 62.16 -11.60
N UNK H 3 -2.94 61.54 -11.85
CA UNK H 3 -3.38 61.22 -13.20
C UNK H 3 -4.21 62.35 -13.79
N UNK H 4 -4.11 63.54 -13.20
CA UNK H 4 -4.81 64.71 -13.68
C UNK H 4 -3.95 65.46 -14.69
N UNK H 5 -2.92 64.78 -15.19
CA UNK H 5 -2.07 65.33 -16.24
C UNK H 5 -2.65 64.96 -17.60
N UNK H 6 -3.74 64.19 -17.55
CA UNK H 6 -4.42 63.74 -18.77
C UNK H 6 -5.70 64.53 -18.98
N UNK H 7 -6.07 64.72 -20.24
CA UNK H 7 -7.24 65.52 -20.57
C UNK H 7 -8.11 64.83 -21.61
N UNK H 8 -9.42 65.04 -21.52
CA UNK H 8 -10.36 64.48 -22.47
C UNK H 8 -10.86 65.56 -23.41
N UNK H 9 -11.84 65.24 -24.25
CA UNK H 9 -12.36 66.20 -25.22
C UNK H 9 -13.77 65.86 -25.66
N UNK H 10 -14.71 66.78 -25.39
CA UNK H 10 -16.11 66.61 -25.75
C UNK H 10 -16.55 67.62 -26.79
N UNK H 11 -17.48 67.23 -27.66
CA UNK H 11 -17.95 68.10 -28.73
C UNK H 11 -18.62 69.37 -28.18
N UNK H 12 -18.22 70.51 -28.74
CA UNK H 12 -18.78 71.79 -28.31
C UNK H 12 -19.95 72.18 -29.21
N UNK H 13 -19.99 73.45 -29.61
CA UNK H 13 -21.02 73.92 -30.51
C UNK H 13 -20.83 73.26 -31.87
N UNK H 14 -21.82 72.50 -32.30
CA UNK H 14 -21.71 71.70 -33.52
C UNK H 14 -22.91 71.84 -34.44
N UNK H 15 -22.65 71.87 -35.74
CA UNK H 15 -23.68 71.82 -36.75
C UNK H 15 -23.44 70.61 -37.65
N UNK H 16 -24.50 69.91 -38.04
CA UNK H 16 -24.34 68.71 -38.86
C UNK H 16 -25.55 68.48 -39.77
N UNK H 17 -26.29 67.42 -39.47
CA UNK H 17 -27.44 67.01 -40.28
C UNK H 17 -27.05 66.78 -41.73
#